data_8JAQ
#
_entry.id   8JAQ
#
_cell.length_a   1.00
_cell.length_b   1.00
_cell.length_c   1.00
_cell.angle_alpha   90.00
_cell.angle_beta   90.00
_cell.angle_gamma   90.00
#
_symmetry.space_group_name_H-M   'P 1'
#
loop_
_entity.id
_entity.type
_entity.pdbx_description
1 polymer 'Amyloid protein-binding protein 2'
2 polymer Cullin-2
3 polymer Elongin-B
4 polymer Elongin-C
5 polymer 'XP_211896 C-degron'
6 polymer 'E3 ubiquitin-protein ligase RBX1, N-terminally processed'
7 non-polymer 'ZINC ION'
#
loop_
_entity_poly.entity_id
_entity_poly.type
_entity_poly.pdbx_seq_one_letter_code
_entity_poly.pdbx_strand_id
1 'polypeptide(L)'
;MAAVELEWIPETLYNTAISAVVDNYIRSRRDIRSLPENIQFDVYYKLYQQGRLCQLGSEFCELEVFAKVLRALDKRHLLH
HCFQALMDHGVKVASVLAYSFSRRCSYIAESDAAVKEKAIQVGFVLGGFLSDAGWYSDAEKVFLSCLQLCTLHDEMLHWF
RAVECCVRLLHVRNGNCKYHLGEETFKLAQTYMDKLSKHGQQANKAALYGELCALLFAKSHYDEAYKWCIEAMKEITAGL
PVKVVVDVLRQASKACVVKREFKKAEQLIKHAVYLARDHFGSKHPKYSDTLLDYGFYLLNVDNICQSVAIYQAALDIRQS
VFGGKNIHVATAHEDLAYSSYVHQYSSGKFDNALFHAERAIGIITHILPEDHLLLASSKRVKALILEEIAIDCHNKETEQ
RLLQEAHDLHLSSLQLAKKAFGEFNVQTAKHYGNLGRLYQSMRKFKEAEEMHIKAIQIKEQLLGQEDYEVALSVGHLASL
YNYDMNQYENAEKLYLRSIAIGKKLFGEGYSGLEYDYRGLIKLYNSIGNYEKVFEYHNVLSNWNRLRDRQYSVTDALEDV
STSPQSTEEVVQSFLISQ
;
A,B,J,K
2 'polypeptide(L)'
;TSLKPRVVDFDETWNKLLTTIKAVVMLEYVERATWNDRFSDIYALCVAYPEPLGERLYTETKIFLENHVRHLHKRVLESE
EQVLVMYHRYWEEYSKGADYMDCLYRYLNTQFIKKNKLTEADLQYGYGGVDMNEPLMEIGELALDMWRKLMVEPLQAILI
RMLLREIKNDRGGEDPNQKVIHGVINSFVHVEQYKKKFPLKFYQEIFESPFLTETGEYYKQEASNLLQESNCSQYMEKVL
GRLKDEEIRCRKYLHPSSYTKVIHECQQRMVADHLQFLHAECHNIIRQEKKNDMANMYVLLRAVSTGLPHMIQELQNHIH
DEGLRATSNLTQENMPTLFVESVLEVHGKFVQLINTVLNGDQHFMSALDKALTSVVNYREPKSVCKAPELLAKYCDNLLK
KSAKGMTENEVEDRLTSFITVFKYIDDKDVFQKFYARMLAKRLIHGLSMSMDSEEAMINKLKQACGYEFTSKLHRMYTDM
SVSADLNNKFNNFIKNQDTVIDLGISFQIYVLQAGAWPLTQAPSSTFAIPQELEKSVQMFELFYSQHFSGRKLTWLHYLC
TGEVKMNYLGKPYVAMVTTYQMAVLLAFNNSETVSYKELQDSTQMNEKELTKTIKSLLDVKMINHDSEKEDIDAESSFSL
NMNFSSKRTKFKITTSMQKDTPQEMEQTRSAVDEDRKMYLQAAIVRIMKARKVLRHNALIQEVISQSRARFNPSISMIKK
CIEVLIDKQYIERSQASADEYSYVA
;
E,I,L,U
3 'polypeptide(L)'
;MDVFLMIRRHKTTIFTDAKESSTVFELKRIVEGILKRPPDEQRLYKDDQLLDDGKTLGECGFTSQTARPQAPATVGLAFR
ADDTFEALCIEPFSSPPELPDVMKPQDSGSSANEQAVQ
;
C,G,M,Q
4 'polypeptide(L)'
;MYVKLISSDGHEFIVKREHALTSGTIKAMLSGPGQFAENETNEVNFREIPSHVLSKVCMYFTYKVRYTNSSTEIPEFPIA
PEIALELLMAANFLDC
;
D,H,N,T
5 'polypeptide(L)' TVPTLTRGRLTRNKGP S,F,O,P
6 'polypeptide(L)'
;MAAAMDVDTPSGTNSGAGKKRFEVKKWNAVALWAWDIVVDNCAICRNHIMDLCIECQANQASATSEECTVAWGVCNHAFH
FHCISRWLKTRQVCPLDNREWEFQKYGH
;
R,V
#
loop_
_chem_comp.id
_chem_comp.type
_chem_comp.name
_chem_comp.formula
ZN non-polymer 'ZINC ION' 'Zn 2'
#
# COMPACT_ATOMS: atom_id res chain seq x y z
N GLU A 7 59.61 -13.52 33.22
CA GLU A 7 58.41 -13.22 32.43
C GLU A 7 57.19 -13.92 33.03
N TRP A 8 57.23 -15.25 33.02
CA TRP A 8 56.17 -16.05 33.62
C TRP A 8 56.69 -16.72 34.88
N ILE A 9 55.92 -16.60 35.96
CA ILE A 9 56.26 -17.18 37.26
C ILE A 9 55.36 -18.39 37.47
N PRO A 10 55.90 -19.55 37.87
CA PRO A 10 55.05 -20.72 38.08
C PRO A 10 54.04 -20.48 39.18
N GLU A 11 52.85 -21.03 38.99
CA GLU A 11 51.78 -20.88 39.97
C GLU A 11 52.08 -21.72 41.20
N THR A 12 51.73 -21.17 42.37
CA THR A 12 52.04 -21.81 43.64
C THR A 12 51.34 -23.17 43.72
N LEU A 13 52.03 -24.15 44.34
CA LEU A 13 51.42 -25.46 44.55
C LEU A 13 50.15 -25.35 45.37
N TYR A 14 50.11 -24.42 46.33
CA TYR A 14 48.90 -24.20 47.10
C TYR A 14 47.76 -23.74 46.20
N ASN A 15 48.02 -22.75 45.34
CA ASN A 15 46.99 -22.25 44.44
C ASN A 15 46.60 -23.29 43.39
N THR A 16 47.56 -24.08 42.93
CA THR A 16 47.24 -25.14 41.97
C THR A 16 46.36 -26.21 42.61
N ALA A 17 46.64 -26.56 43.88
CA ALA A 17 45.78 -27.49 44.59
C ALA A 17 44.41 -26.91 44.85
N ILE A 18 44.34 -25.60 45.14
CA ILE A 18 43.05 -24.93 45.30
C ILE A 18 42.24 -25.03 44.01
N SER A 19 42.89 -24.78 42.88
CA SER A 19 42.21 -24.94 41.59
C SER A 19 41.80 -26.38 41.35
N ALA A 20 42.60 -27.34 41.81
CA ALA A 20 42.27 -28.75 41.66
C ALA A 20 41.13 -29.17 42.59
N VAL A 21 41.14 -28.67 43.82
CA VAL A 21 40.09 -29.01 44.78
C VAL A 21 38.77 -28.41 44.36
N VAL A 22 38.79 -27.15 43.89
CA VAL A 22 37.56 -26.51 43.43
C VAL A 22 36.99 -27.24 42.22
N ASP A 23 37.83 -27.53 41.23
CA ASP A 23 37.37 -28.24 40.04
C ASP A 23 36.81 -29.61 40.40
N ASN A 24 37.40 -30.27 41.39
CA ASN A 24 36.85 -31.48 41.97
C ASN A 24 35.89 -31.16 43.11
N TYR A 25 34.92 -30.29 42.82
CA TYR A 25 34.05 -29.80 43.90
C TYR A 25 32.99 -30.82 44.28
N ILE A 26 32.31 -31.42 43.29
CA ILE A 26 31.18 -32.30 43.59
C ILE A 26 31.63 -33.50 44.39
N ARG A 27 32.76 -34.11 44.01
CA ARG A 27 33.27 -35.25 44.74
C ARG A 27 33.76 -34.89 46.14
N SER A 28 34.09 -33.62 46.39
CA SER A 28 34.67 -33.23 47.67
C SER A 28 34.10 -31.91 48.17
N ARG A 29 32.78 -31.73 48.08
CA ARG A 29 32.19 -30.49 48.56
C ARG A 29 32.12 -30.46 50.09
N ARG A 30 31.88 -31.61 50.72
CA ARG A 30 31.76 -31.67 52.17
C ARG A 30 33.09 -31.91 52.85
N ASP A 31 34.08 -32.45 52.14
CA ASP A 31 35.39 -32.66 52.73
C ASP A 31 36.16 -31.35 52.86
N ILE A 32 35.78 -30.34 52.08
CA ILE A 32 36.36 -29.01 52.24
C ILE A 32 36.00 -28.41 53.59
N ARG A 33 34.80 -28.70 54.08
CA ARG A 33 34.37 -28.17 55.38
C ARG A 33 35.22 -28.70 56.53
N SER A 34 35.94 -29.80 56.32
CA SER A 34 36.88 -30.30 57.31
C SER A 34 38.27 -29.69 57.18
N LEU A 35 38.52 -28.93 56.12
CA LEU A 35 39.82 -28.28 55.95
C LEU A 35 39.99 -27.16 56.96
N PRO A 36 41.23 -26.75 57.22
CA PRO A 36 41.44 -25.61 58.13
C PRO A 36 40.78 -24.35 57.60
N GLU A 37 40.42 -23.46 58.53
CA GLU A 37 39.71 -22.24 58.16
C GLU A 37 40.53 -21.35 57.24
N ASN A 38 41.86 -21.52 57.20
CA ASN A 38 42.67 -20.81 56.23
C ASN A 38 42.38 -21.30 54.82
N ILE A 39 42.38 -22.62 54.63
CA ILE A 39 42.17 -23.18 53.29
C ILE A 39 40.72 -23.01 52.85
N GLN A 40 39.78 -23.04 53.80
CA GLN A 40 38.36 -22.92 53.46
C GLN A 40 38.07 -21.60 52.78
N PHE A 41 38.61 -20.49 53.30
CA PHE A 41 38.37 -19.20 52.67
C PHE A 41 38.95 -19.17 51.27
N ASP A 42 40.12 -19.76 51.07
CA ASP A 42 40.75 -19.72 49.75
C ASP A 42 39.96 -20.56 48.76
N VAL A 43 39.43 -21.70 49.20
CA VAL A 43 38.59 -22.52 48.32
C VAL A 43 37.32 -21.77 47.94
N TYR A 44 36.68 -21.12 48.92
CA TYR A 44 35.45 -20.39 48.62
C TYR A 44 35.72 -19.13 47.79
N TYR A 45 36.86 -18.49 47.99
CA TYR A 45 37.24 -17.38 47.15
C TYR A 45 37.53 -17.84 45.72
N LYS A 46 38.05 -19.05 45.56
CA LYS A 46 38.22 -19.57 44.21
C LYS A 46 36.87 -19.94 43.58
N LEU A 47 35.92 -20.40 44.39
CA LEU A 47 34.56 -20.57 43.89
C LEU A 47 33.97 -19.24 43.42
N TYR A 48 34.21 -18.16 44.15
CA TYR A 48 33.77 -16.85 43.70
C TYR A 48 34.50 -16.38 42.45
N GLN A 49 35.83 -16.54 42.41
CA GLN A 49 36.63 -16.04 41.30
C GLN A 49 36.32 -16.78 40.01
N GLN A 50 36.09 -18.08 40.08
CA GLN A 50 35.80 -18.87 38.89
C GLN A 50 34.43 -18.57 38.31
N GLY A 51 33.60 -17.81 39.01
CA GLY A 51 32.24 -17.56 38.58
C GLY A 51 31.24 -18.50 39.17
N ARG A 52 31.64 -19.42 40.04
CA ARG A 52 30.74 -20.37 40.67
C ARG A 52 30.06 -19.71 41.86
N LEU A 53 29.26 -18.69 41.56
CA LEU A 53 28.51 -18.02 42.61
C LEU A 53 27.34 -18.88 43.09
N CYS A 54 26.79 -19.71 42.21
CA CYS A 54 25.70 -20.59 42.62
C CYS A 54 26.17 -21.70 43.55
N GLN A 55 27.39 -22.20 43.33
CA GLN A 55 27.96 -23.19 44.24
C GLN A 55 28.45 -22.56 45.54
N LEU A 56 28.67 -21.25 45.55
CA LEU A 56 29.16 -20.56 46.74
C LEU A 56 28.03 -20.04 47.61
N GLY A 57 26.91 -19.65 47.01
CA GLY A 57 25.78 -19.19 47.80
C GLY A 57 25.25 -20.29 48.70
N SER A 58 25.19 -21.52 48.20
CA SER A 58 24.76 -22.65 49.01
C SER A 58 25.72 -22.98 50.13
N GLU A 59 26.94 -22.45 50.10
CA GLU A 59 27.93 -22.67 51.15
C GLU A 59 28.02 -21.52 52.14
N PHE A 60 27.78 -20.29 51.70
CA PHE A 60 27.76 -19.17 52.64
C PHE A 60 26.40 -18.95 53.28
N CYS A 61 25.36 -19.66 52.84
CA CYS A 61 24.08 -19.61 53.52
C CYS A 61 23.99 -20.58 54.69
N GLU A 62 25.04 -21.35 54.95
CA GLU A 62 25.08 -22.23 56.10
C GLU A 62 25.92 -21.57 57.20
N LEU A 63 25.31 -21.40 58.38
CA LEU A 63 26.03 -20.76 59.47
C LEU A 63 27.22 -21.59 59.94
N GLU A 64 27.13 -22.92 59.80
CA GLU A 64 28.26 -23.76 60.16
C GLU A 64 29.48 -23.47 59.30
N VAL A 65 29.27 -23.34 57.99
CA VAL A 65 30.37 -22.98 57.09
C VAL A 65 30.76 -21.52 57.27
N PHE A 66 29.77 -20.63 57.40
CA PHE A 66 30.06 -19.20 57.44
C PHE A 66 30.69 -18.76 58.76
N ALA A 67 30.56 -19.55 59.82
CA ALA A 67 31.27 -19.22 61.05
C ALA A 67 32.76 -19.44 60.90
N LYS A 68 33.15 -20.47 60.16
CA LYS A 68 34.57 -20.75 59.97
C LYS A 68 35.22 -19.77 59.00
N VAL A 69 34.48 -19.33 57.98
CA VAL A 69 35.04 -18.41 56.99
C VAL A 69 35.08 -16.98 57.53
N LEU A 70 34.31 -16.69 58.58
CA LEU A 70 34.30 -15.34 59.15
C LEU A 70 35.51 -15.08 60.04
N ARG A 71 36.24 -16.12 60.42
CA ARG A 71 37.39 -15.96 61.30
C ARG A 71 38.69 -15.71 60.53
N ALA A 72 38.62 -15.60 59.20
CA ALA A 72 39.76 -15.17 58.39
C ALA A 72 39.78 -13.65 58.42
N LEU A 73 40.30 -13.10 59.52
CA LEU A 73 40.27 -11.66 59.72
C LEU A 73 41.22 -10.94 58.77
N ASP A 74 42.34 -11.57 58.40
CA ASP A 74 43.24 -10.95 57.43
C ASP A 74 42.57 -10.82 56.07
N LYS A 75 41.90 -11.87 55.61
CA LYS A 75 41.22 -11.87 54.33
C LYS A 75 39.73 -11.60 54.53
N ARG A 76 39.43 -10.40 55.03
CA ARG A 76 38.05 -9.97 55.22
C ARG A 76 37.57 -9.05 54.10
N HIS A 77 38.46 -8.23 53.56
CA HIS A 77 38.09 -7.34 52.45
C HIS A 77 37.64 -8.15 51.23
N LEU A 78 38.15 -9.36 51.07
CA LEU A 78 37.64 -10.24 50.03
C LEU A 78 36.28 -10.80 50.39
N LEU A 79 36.08 -11.16 51.66
CA LEU A 79 34.81 -11.72 52.10
C LEU A 79 33.68 -10.72 51.89
N HIS A 80 33.90 -9.47 52.26
CA HIS A 80 32.91 -8.42 52.02
C HIS A 80 32.59 -8.29 50.54
N HIS A 81 33.56 -8.59 49.67
CA HIS A 81 33.31 -8.50 48.24
C HIS A 81 32.79 -9.81 47.67
N CYS A 82 32.86 -10.91 48.43
CA CYS A 82 32.22 -12.15 48.02
C CYS A 82 30.77 -12.18 48.49
N PHE A 83 30.56 -11.87 49.77
CA PHE A 83 29.22 -11.80 50.34
C PHE A 83 28.33 -10.88 49.52
N GLN A 84 28.79 -9.66 49.25
CA GLN A 84 28.04 -8.75 48.40
C GLN A 84 27.81 -9.36 47.03
N ALA A 85 28.82 -10.04 46.49
CA ALA A 85 28.66 -10.68 45.18
C ALA A 85 27.53 -11.68 45.18
N LEU A 86 27.27 -12.34 46.32
CA LEU A 86 26.12 -13.23 46.39
C LEU A 86 24.83 -12.44 46.56
N MET A 87 24.85 -11.36 47.34
CA MET A 87 23.64 -10.60 47.56
C MET A 87 23.18 -9.91 46.28
N ASP A 88 24.12 -9.50 45.43
CA ASP A 88 23.77 -9.02 44.09
C ASP A 88 23.37 -10.17 43.19
N HIS A 89 23.89 -11.37 43.47
CA HIS A 89 23.63 -12.53 42.63
C HIS A 89 22.18 -12.97 42.72
N GLY A 90 21.48 -12.57 43.78
CA GLY A 90 20.13 -13.04 44.03
C GLY A 90 20.02 -14.03 45.17
N VAL A 91 21.11 -14.31 45.89
CA VAL A 91 21.07 -15.26 46.99
C VAL A 91 20.97 -14.45 48.28
N LYS A 92 19.87 -14.63 49.00
CA LYS A 92 19.62 -13.89 50.23
C LYS A 92 20.45 -14.49 51.36
N VAL A 93 21.76 -14.27 51.28
CA VAL A 93 22.68 -14.88 52.23
C VAL A 93 22.49 -14.28 53.62
N ALA A 94 22.26 -12.96 53.67
CA ALA A 94 22.09 -12.29 54.95
C ALA A 94 20.83 -12.77 55.67
N SER A 95 19.71 -12.86 54.94
CA SER A 95 18.46 -13.31 55.54
C SER A 95 18.55 -14.77 55.99
N VAL A 96 19.18 -15.61 55.17
CA VAL A 96 19.29 -17.03 55.51
C VAL A 96 20.21 -17.23 56.71
N LEU A 97 21.30 -16.46 56.78
CA LEU A 97 22.17 -16.54 57.95
C LEU A 97 21.47 -16.04 59.20
N ALA A 98 20.67 -14.98 59.08
CA ALA A 98 19.91 -14.50 60.23
C ALA A 98 18.90 -15.54 60.71
N TYR A 99 18.20 -16.19 59.77
CA TYR A 99 17.24 -17.22 60.14
C TYR A 99 17.93 -18.42 60.76
N SER A 100 19.09 -18.81 60.22
CA SER A 100 19.85 -19.91 60.80
C SER A 100 20.32 -19.59 62.21
N PHE A 101 20.77 -18.36 62.45
CA PHE A 101 21.16 -18.00 63.81
C PHE A 101 19.96 -17.93 64.74
N SER A 102 18.81 -17.48 64.25
CA SER A 102 17.61 -17.48 65.07
C SER A 102 17.22 -18.90 65.47
N ARG A 103 17.26 -19.83 64.52
CA ARG A 103 16.98 -21.23 64.85
C ARG A 103 18.00 -21.77 65.84
N ARG A 104 19.28 -21.46 65.64
CA ARG A 104 20.32 -21.95 66.53
C ARG A 104 20.14 -21.42 67.95
N CYS A 105 19.81 -20.14 68.10
CA CYS A 105 19.65 -19.59 69.45
C CYS A 105 18.39 -20.11 70.10
N SER A 106 17.30 -20.27 69.33
CA SER A 106 16.09 -20.84 69.90
C SER A 106 16.30 -22.29 70.33
N TYR A 107 17.23 -23.00 69.67
CA TYR A 107 17.51 -24.38 70.10
C TYR A 107 18.45 -24.43 71.30
N ILE A 108 19.44 -23.53 71.36
CA ILE A 108 20.48 -23.60 72.38
C ILE A 108 20.23 -22.61 73.52
N ALA A 109 19.03 -22.02 73.59
CA ALA A 109 18.72 -21.10 74.68
C ALA A 109 18.79 -21.78 76.04
N GLU A 110 18.28 -23.00 76.14
CA GLU A 110 18.19 -23.70 77.42
C GLU A 110 19.41 -24.56 77.72
N SER A 111 20.43 -24.53 76.87
CA SER A 111 21.62 -25.36 77.08
C SER A 111 22.56 -24.71 78.09
N ASP A 112 23.77 -25.24 78.19
CA ASP A 112 24.75 -24.73 79.14
C ASP A 112 25.19 -23.32 78.76
N ALA A 113 25.50 -22.51 79.79
CA ALA A 113 25.93 -21.14 79.56
C ALA A 113 27.27 -21.07 78.83
N ALA A 114 28.12 -22.09 79.01
CA ALA A 114 29.36 -22.12 78.25
C ALA A 114 29.09 -22.29 76.77
N VAL A 115 28.12 -23.14 76.41
CA VAL A 115 27.71 -23.26 75.02
C VAL A 115 27.02 -21.99 74.55
N LYS A 116 26.24 -21.36 75.44
CA LYS A 116 25.58 -20.11 75.09
C LYS A 116 26.61 -19.00 74.88
N GLU A 117 27.70 -19.02 75.64
CA GLU A 117 28.77 -18.05 75.43
C GLU A 117 29.42 -18.24 74.07
N LYS A 118 29.61 -19.49 73.65
CA LYS A 118 30.17 -19.75 72.32
C LYS A 118 29.19 -19.32 71.22
N ALA A 119 27.90 -19.54 71.43
CA ALA A 119 26.90 -19.10 70.46
C ALA A 119 26.70 -17.59 70.48
N ILE A 120 27.24 -16.88 71.45
CA ILE A 120 27.20 -15.43 71.47
C ILE A 120 28.40 -14.84 70.71
N GLN A 121 29.59 -15.43 70.90
CA GLN A 121 30.76 -14.96 70.17
C GLN A 121 30.59 -15.19 68.67
N VAL A 122 30.00 -16.31 68.28
CA VAL A 122 29.65 -16.51 66.87
C VAL A 122 28.58 -15.50 66.46
N GLY A 123 27.67 -15.19 67.37
CA GLY A 123 26.66 -14.18 67.08
C GLY A 123 27.25 -12.79 66.92
N PHE A 124 28.23 -12.44 67.76
CA PHE A 124 28.83 -11.12 67.66
C PHE A 124 29.59 -10.93 66.35
N VAL A 125 30.37 -11.94 65.92
CA VAL A 125 31.14 -11.78 64.69
C VAL A 125 30.22 -11.74 63.47
N LEU A 126 29.18 -12.57 63.46
CA LEU A 126 28.25 -12.56 62.33
C LEU A 126 27.44 -11.26 62.29
N GLY A 127 26.96 -10.80 63.44
CA GLY A 127 26.25 -9.54 63.48
C GLY A 127 27.12 -8.36 63.11
N GLY A 128 28.38 -8.37 63.57
CA GLY A 128 29.30 -7.32 63.20
C GLY A 128 29.63 -7.33 61.72
N PHE A 129 29.75 -8.52 61.13
CA PHE A 129 29.96 -8.59 59.69
C PHE A 129 28.76 -8.06 58.92
N LEU A 130 27.55 -8.48 59.31
CA LEU A 130 26.36 -8.03 58.58
C LEU A 130 26.07 -6.55 58.80
N SER A 131 26.52 -5.99 59.92
CA SER A 131 26.43 -4.54 60.10
C SER A 131 27.50 -3.82 59.28
N ASP A 132 28.71 -4.39 59.21
CA ASP A 132 29.75 -3.81 58.37
C ASP A 132 29.38 -3.88 56.90
N ALA A 133 28.78 -4.99 56.47
CA ALA A 133 28.42 -5.15 55.06
C ALA A 133 27.25 -4.26 54.66
N GLY A 134 26.56 -3.65 55.60
CA GLY A 134 25.44 -2.80 55.31
C GLY A 134 24.08 -3.46 55.34
N TRP A 135 24.00 -4.69 55.84
CA TRP A 135 22.72 -5.39 55.98
C TRP A 135 22.27 -5.23 57.43
N TYR A 136 21.79 -4.03 57.74
CA TYR A 136 21.44 -3.69 59.12
C TYR A 136 20.16 -4.38 59.56
N SER A 137 19.15 -4.45 58.70
CA SER A 137 17.92 -5.14 59.05
C SER A 137 18.17 -6.62 59.28
N ASP A 138 19.04 -7.22 58.45
CA ASP A 138 19.39 -8.62 58.59
C ASP A 138 20.36 -8.87 59.74
N ALA A 139 21.09 -7.85 60.17
CA ALA A 139 21.88 -7.94 61.40
C ALA A 139 21.08 -7.56 62.63
N GLU A 140 19.90 -6.95 62.46
CA GLU A 140 19.03 -6.70 63.59
C GLU A 140 18.52 -8.00 64.19
N LYS A 141 18.12 -8.95 63.34
CA LYS A 141 17.63 -10.23 63.84
C LYS A 141 18.71 -11.00 64.56
N VAL A 142 19.94 -11.00 64.04
CA VAL A 142 21.04 -11.70 64.69
C VAL A 142 21.33 -11.09 66.06
N PHE A 143 21.34 -9.76 66.13
CA PHE A 143 21.65 -9.10 67.40
C PHE A 143 20.53 -9.29 68.41
N LEU A 144 19.27 -9.25 67.96
CA LEU A 144 18.16 -9.53 68.86
C LEU A 144 18.21 -10.98 69.37
N SER A 145 18.55 -11.91 68.48
CA SER A 145 18.68 -13.31 68.88
C SER A 145 19.78 -13.50 69.90
N CYS A 146 20.91 -12.82 69.72
CA CYS A 146 21.97 -12.86 70.72
C CYS A 146 21.55 -12.17 72.01
N LEU A 147 20.73 -11.12 71.89
CA LEU A 147 20.23 -10.41 73.07
C LEU A 147 19.38 -11.31 73.94
N GLN A 148 18.51 -12.13 73.31
CA GLN A 148 17.72 -13.09 74.08
C GLN A 148 18.62 -14.05 74.84
N LEU A 149 19.66 -14.57 74.19
CA LEU A 149 20.55 -15.51 74.84
C LEU A 149 21.27 -14.88 76.03
N CYS A 150 21.75 -13.63 75.87
CA CYS A 150 22.48 -13.04 76.99
C CYS A 150 21.57 -12.46 78.06
N THR A 151 20.28 -12.27 77.77
CA THR A 151 19.36 -11.79 78.78
C THR A 151 18.62 -12.92 79.49
N LEU A 152 18.71 -14.16 78.99
CA LEU A 152 18.11 -15.28 79.70
C LEU A 152 18.78 -15.48 81.06
N HIS A 153 20.10 -15.37 81.11
CA HIS A 153 20.87 -15.54 82.34
C HIS A 153 21.07 -14.19 83.03
N ASP A 154 21.60 -14.24 84.25
CA ASP A 154 21.75 -13.02 85.05
C ASP A 154 23.07 -12.97 85.83
N GLU A 155 24.02 -13.85 85.58
CA GLU A 155 25.26 -13.81 86.33
C GLU A 155 26.19 -12.73 85.79
N MET A 156 27.29 -12.51 86.51
CA MET A 156 28.23 -11.43 86.19
C MET A 156 28.87 -11.60 84.82
N LEU A 157 28.98 -12.83 84.32
CA LEU A 157 29.66 -13.05 83.04
C LEU A 157 28.85 -12.50 81.88
N HIS A 158 27.53 -12.66 81.91
CA HIS A 158 26.67 -12.33 80.78
C HIS A 158 26.20 -10.88 80.79
N TRP A 159 26.42 -10.12 81.87
CA TRP A 159 26.02 -8.73 81.90
C TRP A 159 26.79 -7.91 80.86
N PHE A 160 28.10 -8.13 80.80
CA PHE A 160 28.93 -7.41 79.83
C PHE A 160 28.56 -7.80 78.40
N ARG A 161 28.28 -9.09 78.17
CA ARG A 161 27.84 -9.53 76.85
C ARG A 161 26.52 -8.87 76.47
N ALA A 162 25.60 -8.75 77.44
CA ALA A 162 24.32 -8.09 77.17
C ALA A 162 24.52 -6.62 76.80
N VAL A 163 25.38 -5.92 77.54
CA VAL A 163 25.61 -4.51 77.25
C VAL A 163 26.29 -4.34 75.89
N GLU A 164 27.25 -5.23 75.57
CA GLU A 164 27.91 -5.16 74.27
C GLU A 164 26.92 -5.44 73.15
N CYS A 165 26.02 -6.40 73.35
CA CYS A 165 25.00 -6.67 72.33
C CYS A 165 24.03 -5.51 72.20
N CYS A 166 23.75 -4.80 73.30
CA CYS A 166 22.87 -3.63 73.22
C CYS A 166 23.53 -2.48 72.46
N VAL A 167 24.82 -2.23 72.72
CA VAL A 167 25.48 -1.15 72.00
C VAL A 167 25.68 -1.50 70.53
N ARG A 168 25.93 -2.77 70.22
CA ARG A 168 25.99 -3.17 68.81
C ARG A 168 24.63 -3.11 68.15
N LEU A 169 23.57 -3.42 68.89
CA LEU A 169 22.22 -3.45 68.35
C LEU A 169 21.66 -2.05 68.13
N LEU A 170 22.15 -1.06 68.88
CA LEU A 170 21.74 0.32 68.62
C LEU A 170 22.31 0.82 67.30
N HIS A 171 23.48 0.33 66.90
CA HIS A 171 24.10 0.77 65.65
C HIS A 171 23.35 0.25 64.44
N VAL A 172 22.90 -1.01 64.48
CA VAL A 172 22.17 -1.58 63.35
C VAL A 172 20.76 -1.03 63.22
N ARG A 173 20.32 -0.21 64.18
CA ARG A 173 19.05 0.49 64.11
C ARG A 173 19.19 1.91 63.61
N ASN A 174 20.29 2.58 63.96
CA ASN A 174 20.54 3.93 63.43
C ASN A 174 20.79 3.87 61.93
N GLY A 175 21.62 2.93 61.48
CA GLY A 175 21.88 2.79 60.06
C GLY A 175 20.70 2.30 59.27
N ASN A 176 19.77 1.59 59.91
CA ASN A 176 18.56 1.11 59.26
C ASN A 176 17.44 2.14 59.31
N CYS A 177 17.69 3.32 59.90
CA CYS A 177 16.71 4.38 60.06
C CYS A 177 15.51 3.91 60.89
N LYS A 178 15.75 2.99 61.82
CA LYS A 178 14.76 2.60 62.80
C LYS A 178 15.00 3.35 64.11
N TYR A 179 14.87 4.68 64.03
CA TYR A 179 15.18 5.52 65.17
C TYR A 179 14.14 5.44 66.28
N HIS A 180 12.90 5.05 65.95
CA HIS A 180 11.88 4.93 66.98
C HIS A 180 12.17 3.81 67.97
N LEU A 181 12.97 2.82 67.57
CA LEU A 181 13.47 1.81 68.50
C LEU A 181 14.82 2.18 69.10
N GLY A 182 15.45 3.25 68.60
CA GLY A 182 16.77 3.62 69.11
C GLY A 182 16.75 4.05 70.56
N GLU A 183 15.79 4.90 70.92
CA GLU A 183 15.72 5.33 72.32
C GLU A 183 15.26 4.20 73.23
N GLU A 184 14.43 3.28 72.72
CA GLU A 184 14.04 2.12 73.51
C GLU A 184 15.25 1.23 73.81
N THR A 185 16.08 0.99 72.79
CA THR A 185 17.30 0.22 73.01
C THR A 185 18.27 0.96 73.93
N PHE A 186 18.33 2.29 73.82
CA PHE A 186 19.15 3.06 74.75
C PHE A 186 18.65 2.93 76.19
N LYS A 187 17.35 2.95 76.39
CA LYS A 187 16.81 2.78 77.75
C LYS A 187 17.12 1.38 78.27
N LEU A 188 17.03 0.38 77.41
CA LEU A 188 17.35 -0.99 77.81
C LEU A 188 18.82 -1.11 78.23
N ALA A 189 19.72 -0.56 77.41
CA ALA A 189 21.14 -0.56 77.77
C ALA A 189 21.41 0.31 78.99
N GLN A 190 20.62 1.37 79.18
CA GLN A 190 20.73 2.21 80.36
C GLN A 190 20.43 1.42 81.62
N THR A 191 19.35 0.64 81.59
CA THR A 191 19.04 -0.23 82.73
C THR A 191 20.15 -1.25 82.96
N TYR A 192 20.67 -1.84 81.88
CA TYR A 192 21.71 -2.85 82.01
C TYR A 192 22.99 -2.27 82.63
N MET A 193 23.42 -1.09 82.19
CA MET A 193 24.63 -0.52 82.76
C MET A 193 24.37 0.09 84.15
N ASP A 194 23.13 0.52 84.42
CA ASP A 194 22.79 0.96 85.76
C ASP A 194 22.89 -0.18 86.76
N LYS A 195 22.43 -1.37 86.38
CA LYS A 195 22.59 -2.51 87.27
C LYS A 195 23.99 -3.12 87.21
N LEU A 196 24.78 -2.80 86.17
CA LEU A 196 26.22 -3.03 86.27
C LEU A 196 26.84 -2.19 87.38
N SER A 197 26.47 -0.91 87.45
CA SER A 197 27.03 -0.02 88.45
C SER A 197 26.64 -0.43 89.87
N LYS A 198 25.57 -1.22 90.02
CA LYS A 198 25.16 -1.65 91.36
C LYS A 198 26.11 -2.70 91.93
N HIS A 199 26.58 -3.62 91.09
CA HIS A 199 27.42 -4.71 91.56
C HIS A 199 28.89 -4.34 91.70
N GLY A 200 29.29 -3.14 91.26
CA GLY A 200 30.65 -2.71 91.42
C GLY A 200 31.43 -2.61 90.12
N GLN A 201 31.21 -3.57 89.22
CA GLN A 201 31.90 -3.54 87.94
C GLN A 201 31.40 -2.38 87.09
N GLN A 202 32.35 -1.66 86.48
CA GLN A 202 32.05 -0.50 85.66
C GLN A 202 32.32 -0.80 84.21
N ALA A 203 31.54 -0.19 83.33
CA ALA A 203 31.65 -0.37 81.89
C ALA A 203 31.87 0.97 81.20
N ASN A 204 32.46 0.91 80.02
CA ASN A 204 32.71 2.11 79.23
C ASN A 204 31.43 2.56 78.54
N LYS A 205 31.12 3.85 78.67
CA LYS A 205 29.91 4.41 78.09
C LYS A 205 30.16 5.15 76.78
N ALA A 206 31.42 5.25 76.33
CA ALA A 206 31.72 6.01 75.12
C ALA A 206 31.10 5.35 73.89
N ALA A 207 31.20 4.02 73.79
CA ALA A 207 30.64 3.31 72.65
C ALA A 207 29.12 3.46 72.60
N LEU A 208 28.46 3.41 73.76
CA LEU A 208 27.01 3.56 73.79
C LEU A 208 26.60 5.00 73.48
N TYR A 209 27.29 5.98 74.07
CA TYR A 209 26.93 7.37 73.88
C TYR A 209 27.17 7.83 72.45
N GLY A 210 28.25 7.34 71.82
CA GLY A 210 28.51 7.67 70.44
C GLY A 210 27.45 7.18 69.47
N GLU A 211 26.69 6.16 69.85
CA GLU A 211 25.56 5.73 69.03
C GLU A 211 24.39 6.69 69.16
N LEU A 212 24.14 7.22 70.36
CA LEU A 212 23.14 8.27 70.50
C LEU A 212 23.56 9.52 69.76
N CYS A 213 24.86 9.78 69.67
CA CYS A 213 25.37 10.91 68.90
C CYS A 213 24.94 10.84 67.44
N ALA A 214 24.74 9.65 66.90
CA ALA A 214 24.19 9.48 65.55
C ALA A 214 22.67 9.36 65.55
N LEU A 215 22.10 8.77 66.60
CA LEU A 215 20.65 8.65 66.69
C LEU A 215 19.98 10.03 66.70
N LEU A 216 20.45 10.91 67.58
CA LEU A 216 19.86 12.24 67.69
C LEU A 216 20.27 13.14 66.52
N PHE A 217 21.46 12.92 65.96
CA PHE A 217 21.86 13.65 64.77
C PHE A 217 20.95 13.34 63.60
N ALA A 218 20.63 12.06 63.41
CA ALA A 218 19.72 11.69 62.34
C ALA A 218 18.29 12.11 62.65
N LYS A 219 17.96 12.24 63.94
CA LYS A 219 16.69 12.82 64.36
C LYS A 219 16.72 14.34 64.39
N SER A 220 17.86 14.94 64.04
CA SER A 220 18.05 16.39 64.00
C SER A 220 17.83 17.04 65.37
N HIS A 221 18.10 16.29 66.43
CA HIS A 221 18.14 16.86 67.78
C HIS A 221 19.57 17.28 68.12
N TYR A 222 20.05 18.29 67.38
CA TYR A 222 21.46 18.66 67.43
C TYR A 222 21.85 19.17 68.80
N ASP A 223 20.97 19.91 69.47
CA ASP A 223 21.27 20.44 70.79
C ASP A 223 21.48 19.32 71.81
N GLU A 224 20.67 18.27 71.75
CA GLU A 224 20.85 17.12 72.63
C GLU A 224 22.00 16.24 72.18
N ALA A 225 22.21 16.12 70.86
CA ALA A 225 23.31 15.32 70.35
C ALA A 225 24.66 15.89 70.79
N TYR A 226 24.77 17.21 70.82
CA TYR A 226 26.00 17.84 71.31
C TYR A 226 26.22 17.52 72.78
N LYS A 227 25.16 17.62 73.59
CA LYS A 227 25.31 17.34 75.02
C LYS A 227 25.66 15.88 75.27
N TRP A 228 25.20 14.97 74.41
CA TRP A 228 25.61 13.57 74.55
C TRP A 228 27.03 13.33 74.04
N CYS A 229 27.48 14.08 73.04
CA CYS A 229 28.83 13.83 72.54
C CYS A 229 29.87 14.39 73.51
N ILE A 230 29.50 15.40 74.30
CA ILE A 230 30.39 15.82 75.37
C ILE A 230 30.65 14.66 76.32
N GLU A 231 29.58 13.95 76.71
CA GLU A 231 29.69 12.81 77.59
C GLU A 231 30.47 11.68 76.93
N ALA A 232 30.23 11.48 75.64
CA ALA A 232 30.93 10.42 74.90
C ALA A 232 32.43 10.67 74.88
N MET A 233 32.84 11.92 74.64
CA MET A 233 34.26 12.25 74.66
C MET A 233 34.83 12.24 76.07
N LYS A 234 34.01 12.51 77.08
CA LYS A 234 34.48 12.35 78.45
C LYS A 234 34.71 10.89 78.80
N GLU A 235 33.96 9.97 78.19
CA GLU A 235 34.05 8.57 78.53
C GLU A 235 35.17 7.84 77.80
N ILE A 236 35.94 8.52 76.95
CA ILE A 236 37.04 7.87 76.26
C ILE A 236 38.16 7.58 77.25
N THR A 237 38.63 6.33 77.26
CA THR A 237 39.75 5.91 78.08
C THR A 237 40.93 5.55 77.17
N ALA A 238 42.04 5.18 77.80
CA ALA A 238 43.24 4.84 77.05
C ALA A 238 43.16 3.46 76.41
N GLY A 239 42.48 2.51 77.06
CA GLY A 239 42.44 1.15 76.60
C GLY A 239 41.35 0.80 75.61
N LEU A 240 40.59 1.78 75.14
CA LEU A 240 39.52 1.49 74.18
C LEU A 240 40.12 1.10 72.82
N PRO A 241 39.45 0.21 72.10
CA PRO A 241 39.90 -0.14 70.75
C PRO A 241 39.74 1.05 69.81
N VAL A 242 40.56 1.05 68.76
CA VAL A 242 40.56 2.13 67.78
C VAL A 242 39.23 2.22 67.06
N LYS A 243 38.49 1.11 66.95
CA LYS A 243 37.16 1.14 66.37
C LYS A 243 36.24 2.07 67.16
N VAL A 244 36.18 1.88 68.48
CA VAL A 244 35.31 2.69 69.32
C VAL A 244 35.74 4.14 69.32
N VAL A 245 37.06 4.38 69.43
CA VAL A 245 37.57 5.75 69.47
C VAL A 245 37.28 6.48 68.17
N VAL A 246 37.49 5.81 67.04
CA VAL A 246 37.22 6.42 65.74
C VAL A 246 35.74 6.73 65.60
N ASP A 247 34.87 5.79 66.02
CA ASP A 247 33.43 6.05 65.93
C ASP A 247 33.03 7.23 66.82
N VAL A 248 33.58 7.31 68.03
CA VAL A 248 33.23 8.38 68.94
C VAL A 248 33.69 9.73 68.40
N LEU A 249 34.93 9.80 67.90
CA LEU A 249 35.42 11.05 67.33
C LEU A 249 34.64 11.44 66.10
N ARG A 250 34.26 10.47 65.27
CA ARG A 250 33.49 10.75 64.06
C ARG A 250 32.13 11.33 64.39
N GLN A 251 31.42 10.71 65.35
CA GLN A 251 30.11 11.21 65.72
C GLN A 251 30.21 12.52 66.48
N ALA A 252 31.28 12.73 67.24
CA ALA A 252 31.50 14.02 67.88
C ALA A 252 31.71 15.13 66.85
N SER A 253 32.46 14.82 65.79
CA SER A 253 32.64 15.79 64.71
C SER A 253 31.30 16.11 64.04
N LYS A 254 30.51 15.07 63.78
CA LYS A 254 29.20 15.29 63.15
C LYS A 254 28.30 16.14 64.04
N ALA A 255 28.35 15.93 65.35
CA ALA A 255 27.53 16.72 66.26
C ALA A 255 28.05 18.16 66.38
N CYS A 256 29.37 18.33 66.35
CA CYS A 256 29.94 19.66 66.49
C CYS A 256 29.78 20.52 65.24
N VAL A 257 29.66 19.89 64.07
CA VAL A 257 29.46 20.66 62.85
C VAL A 257 28.13 21.41 62.90
N VAL A 258 27.05 20.70 63.22
CA VAL A 258 25.71 21.31 63.20
C VAL A 258 25.48 22.29 64.33
N LYS A 259 26.32 22.28 65.36
CA LYS A 259 26.31 23.32 66.38
C LYS A 259 27.20 24.49 66.02
N ARG A 260 27.78 24.49 64.82
CA ARG A 260 28.58 25.60 64.30
C ARG A 260 29.77 25.88 65.20
N GLU A 261 30.49 24.81 65.55
CA GLU A 261 31.67 24.88 66.39
C GLU A 261 32.85 24.35 65.59
N PHE A 262 33.01 24.86 64.37
CA PHE A 262 33.87 24.24 63.36
C PHE A 262 35.34 24.23 63.77
N LYS A 263 35.74 25.06 64.74
CA LYS A 263 37.14 25.10 65.15
C LYS A 263 37.57 23.77 65.78
N LYS A 264 36.73 23.20 66.63
CA LYS A 264 37.04 21.93 67.29
C LYS A 264 36.52 20.72 66.52
N ALA A 265 35.50 20.90 65.68
CA ALA A 265 35.04 19.80 64.83
C ALA A 265 36.14 19.34 63.90
N GLU A 266 36.92 20.28 63.36
CA GLU A 266 38.08 19.91 62.56
C GLU A 266 39.10 19.16 63.40
N GLN A 267 39.32 19.60 64.63
CA GLN A 267 40.28 18.93 65.50
C GLN A 267 39.90 17.49 65.74
N LEU A 268 38.59 17.23 65.93
CA LEU A 268 38.16 15.85 66.12
C LEU A 268 38.21 15.05 64.82
N ILE A 269 37.73 15.61 63.71
CA ILE A 269 37.58 14.82 62.49
C ILE A 269 38.94 14.52 61.86
N LYS A 270 39.88 15.47 61.94
CA LYS A 270 41.20 15.22 61.36
C LYS A 270 41.94 14.15 62.16
N HIS A 271 41.82 14.18 63.49
CA HIS A 271 42.40 13.12 64.31
C HIS A 271 41.72 11.78 64.04
N ALA A 272 40.41 11.78 63.84
CA ALA A 272 39.71 10.54 63.51
C ALA A 272 40.19 9.99 62.17
N VAL A 273 40.37 10.85 61.18
CA VAL A 273 40.86 10.42 59.88
C VAL A 273 42.25 9.84 60.00
N TYR A 274 43.13 10.53 60.73
CA TYR A 274 44.49 10.03 60.91
C TYR A 274 44.50 8.70 61.65
N LEU A 275 43.70 8.57 62.70
CA LEU A 275 43.70 7.35 63.50
C LEU A 275 43.15 6.17 62.73
N ALA A 276 42.05 6.38 61.99
CA ALA A 276 41.49 5.31 61.17
C ALA A 276 42.45 4.91 60.06
N ARG A 277 43.13 5.88 59.45
CA ARG A 277 44.09 5.58 58.40
C ARG A 277 45.32 4.88 58.96
N ASP A 278 45.68 5.17 60.20
CA ASP A 278 46.88 4.59 60.80
C ASP A 278 46.63 3.14 61.22
N HIS A 279 45.53 2.87 61.92
CA HIS A 279 45.29 1.52 62.38
C HIS A 279 44.73 0.64 61.27
N PHE A 280 43.58 1.01 60.72
CA PHE A 280 42.89 0.15 59.77
C PHE A 280 43.59 0.13 58.42
N GLY A 281 43.67 1.30 57.76
CA GLY A 281 44.34 1.37 56.48
C GLY A 281 43.68 2.31 55.51
N SER A 282 44.26 2.45 54.31
CA SER A 282 43.74 3.36 53.30
C SER A 282 42.65 2.73 52.44
N LYS A 283 42.37 1.44 52.60
CA LYS A 283 41.36 0.74 51.83
C LYS A 283 40.43 -0.04 52.74
N HIS A 284 40.16 0.49 53.92
CA HIS A 284 39.33 -0.14 54.93
C HIS A 284 37.96 0.53 54.98
N PRO A 285 36.87 -0.24 55.13
CA PRO A 285 35.53 0.37 55.16
C PRO A 285 35.32 1.36 56.29
N LYS A 286 35.91 1.13 57.46
CA LYS A 286 35.76 2.10 58.54
C LYS A 286 36.50 3.40 58.22
N TYR A 287 37.67 3.30 57.59
CA TYR A 287 38.34 4.50 57.12
C TYR A 287 37.53 5.19 56.03
N SER A 288 36.80 4.42 55.22
CA SER A 288 35.89 5.03 54.26
C SER A 288 34.76 5.78 54.96
N ASP A 289 34.23 5.22 56.05
CA ASP A 289 33.21 5.93 56.83
C ASP A 289 33.76 7.23 57.39
N THR A 290 34.98 7.17 57.92
CA THR A 290 35.61 8.36 58.49
C THR A 290 35.84 9.41 57.42
N LEU A 291 36.29 9.00 56.22
CA LEU A 291 36.43 9.94 55.12
C LEU A 291 35.09 10.50 54.69
N LEU A 292 34.03 9.68 54.71
CA LEU A 292 32.72 10.18 54.32
C LEU A 292 32.24 11.29 55.25
N ASP A 293 32.42 11.10 56.55
CA ASP A 293 32.05 12.17 57.48
C ASP A 293 33.03 13.34 57.48
N TYR A 294 34.31 13.10 57.12
CA TYR A 294 35.22 14.21 56.89
C TYR A 294 34.78 15.06 55.70
N GLY A 295 34.32 14.41 54.64
CA GLY A 295 33.77 15.14 53.51
C GLY A 295 32.50 15.87 53.88
N PHE A 296 31.69 15.29 54.78
CA PHE A 296 30.55 16.01 55.33
C PHE A 296 31.00 17.30 56.03
N TYR A 297 32.02 17.20 56.87
CA TYR A 297 32.56 18.38 57.54
C TYR A 297 33.03 19.42 56.53
N LEU A 298 33.87 19.00 55.57
CA LEU A 298 34.40 19.94 54.59
C LEU A 298 33.33 20.51 53.68
N LEU A 299 32.22 19.80 53.49
CA LEU A 299 31.10 20.37 52.76
C LEU A 299 30.35 21.40 53.60
N ASN A 300 30.35 21.23 54.92
CA ASN A 300 29.64 22.16 55.79
C ASN A 300 30.50 23.32 56.28
N VAL A 301 31.73 23.45 55.80
CA VAL A 301 32.57 24.61 56.12
C VAL A 301 32.85 25.44 54.87
N ASP A 302 32.04 25.27 53.83
CA ASP A 302 32.19 25.95 52.54
C ASP A 302 33.51 25.61 51.84
N ASN A 303 34.17 24.53 52.26
CA ASN A 303 35.36 24.02 51.59
C ASN A 303 34.97 22.88 50.64
N ILE A 304 34.14 23.22 49.65
CA ILE A 304 33.55 22.19 48.80
C ILE A 304 34.59 21.59 47.87
N CYS A 305 35.57 22.40 47.43
CA CYS A 305 36.61 21.88 46.53
C CYS A 305 37.41 20.77 47.18
N GLN A 306 37.62 20.84 48.49
CA GLN A 306 38.28 19.78 49.24
C GLN A 306 37.29 18.73 49.74
N SER A 307 35.99 18.91 49.53
CA SER A 307 35.00 17.97 50.01
C SER A 307 34.58 16.95 48.95
N VAL A 308 34.46 17.36 47.69
CA VAL A 308 34.14 16.42 46.62
C VAL A 308 35.28 15.43 46.40
N ALA A 309 36.52 15.82 46.72
CA ALA A 309 37.65 14.92 46.58
C ALA A 309 37.75 13.91 47.72
N ILE A 310 36.99 14.10 48.79
CA ILE A 310 36.98 13.16 49.91
C ILE A 310 35.81 12.17 49.80
N TYR A 311 34.66 12.62 49.30
CA TYR A 311 33.61 11.68 48.96
C TYR A 311 34.04 10.73 47.87
N GLN A 312 34.75 11.23 46.85
CA GLN A 312 35.30 10.36 45.82
C GLN A 312 36.34 9.41 46.41
N ALA A 313 37.08 9.86 47.42
CA ALA A 313 38.02 8.96 48.10
C ALA A 313 37.29 7.98 49.00
N ALA A 314 36.21 8.41 49.65
CA ALA A 314 35.43 7.53 50.50
C ALA A 314 34.55 6.56 49.72
N LEU A 315 34.11 6.94 48.53
CA LEU A 315 33.33 6.01 47.71
C LEU A 315 34.22 4.93 47.10
N ASP A 316 35.41 5.31 46.60
CA ASP A 316 36.29 4.34 45.97
C ASP A 316 36.75 3.27 46.92
N ILE A 317 36.76 3.55 48.23
CA ILE A 317 37.04 2.50 49.20
C ILE A 317 35.83 1.60 49.38
N ARG A 318 34.63 2.19 49.47
CA ARG A 318 33.42 1.39 49.63
C ARG A 318 33.00 0.69 48.35
N GLN A 319 33.23 1.29 47.19
CA GLN A 319 32.84 0.66 45.93
C GLN A 319 33.76 -0.47 45.54
N SER A 320 34.99 -0.48 46.03
CA SER A 320 35.91 -1.58 45.76
C SER A 320 35.83 -2.67 46.82
N VAL A 321 35.32 -2.35 48.00
CA VAL A 321 35.21 -3.35 49.06
C VAL A 321 33.82 -3.96 49.08
N PHE A 322 32.77 -3.16 48.91
CA PHE A 322 31.41 -3.60 49.12
C PHE A 322 30.68 -3.82 47.79
N GLY A 323 31.41 -4.21 46.75
CA GLY A 323 30.74 -4.62 45.53
C GLY A 323 29.96 -3.50 44.88
N GLY A 324 28.89 -3.88 44.17
CA GLY A 324 28.12 -2.93 43.40
C GLY A 324 26.89 -2.36 44.08
N LYS A 325 25.97 -3.22 44.53
CA LYS A 325 24.68 -2.77 45.05
C LYS A 325 24.65 -3.00 46.56
N ASN A 326 25.18 -2.02 47.29
CA ASN A 326 25.21 -2.05 48.74
C ASN A 326 24.77 -0.69 49.27
N ILE A 327 24.22 -0.68 50.48
CA ILE A 327 23.81 0.60 51.07
C ILE A 327 25.02 1.47 51.37
N HIS A 328 26.16 0.85 51.69
CA HIS A 328 27.36 1.64 51.94
C HIS A 328 27.84 2.33 50.67
N VAL A 329 27.80 1.62 49.54
CA VAL A 329 28.02 2.25 48.25
C VAL A 329 26.93 3.27 47.93
N ALA A 330 25.68 2.98 48.29
CA ALA A 330 24.58 3.89 48.02
C ALA A 330 24.70 5.19 48.80
N THR A 331 25.07 5.12 50.09
CA THR A 331 25.26 6.34 50.86
C THR A 331 26.44 7.14 50.33
N ALA A 332 27.50 6.47 49.89
CA ALA A 332 28.64 7.17 49.31
C ALA A 332 28.23 7.89 48.03
N HIS A 333 27.40 7.25 47.20
CA HIS A 333 26.90 7.92 45.99
C HIS A 333 26.02 9.11 46.34
N GLU A 334 25.05 8.93 47.25
CA GLU A 334 24.14 10.02 47.56
C GLU A 334 24.82 11.17 48.28
N ASP A 335 25.93 10.90 48.98
CA ASP A 335 26.73 11.99 49.51
C ASP A 335 27.54 12.66 48.42
N LEU A 336 28.16 11.87 47.54
CA LEU A 336 28.91 12.43 46.42
C LEU A 336 28.00 13.14 45.43
N ALA A 337 26.77 12.65 45.25
CA ALA A 337 25.85 13.32 44.36
C ALA A 337 25.39 14.66 44.92
N TYR A 338 25.60 14.90 46.22
CA TYR A 338 25.26 16.19 46.80
C TYR A 338 26.44 17.14 46.80
N SER A 339 27.65 16.64 47.04
CA SER A 339 28.82 17.51 47.00
C SER A 339 29.17 17.89 45.57
N SER A 340 29.06 16.95 44.63
CA SER A 340 29.24 17.29 43.22
C SER A 340 28.10 18.19 42.73
N TYR A 341 26.94 18.09 43.34
CA TYR A 341 25.87 19.07 43.10
C TYR A 341 26.30 20.46 43.56
N VAL A 342 26.84 20.56 44.76
CA VAL A 342 27.24 21.85 45.30
C VAL A 342 28.47 22.38 44.58
N HIS A 343 29.45 21.51 44.32
CA HIS A 343 30.69 21.95 43.68
C HIS A 343 30.44 22.46 42.27
N GLN A 344 29.58 21.77 41.51
CA GLN A 344 29.27 22.16 40.15
C GLN A 344 28.02 23.01 40.06
N TYR A 345 27.58 23.59 41.18
CA TYR A 345 26.38 24.42 41.17
C TYR A 345 26.60 25.69 40.35
N SER A 346 27.76 26.33 40.51
CA SER A 346 28.05 27.51 39.71
C SER A 346 28.43 27.13 38.28
N SER A 347 29.15 26.02 38.11
CA SER A 347 29.61 25.63 36.78
C SER A 347 28.46 25.10 35.93
N GLY A 348 27.54 24.36 36.53
CA GLY A 348 26.41 23.81 35.80
C GLY A 348 26.64 22.45 35.17
N LYS A 349 27.70 21.74 35.57
CA LYS A 349 28.02 20.43 35.03
C LYS A 349 27.46 19.37 35.97
N PHE A 350 26.24 18.92 35.68
CA PHE A 350 25.52 17.99 36.54
C PHE A 350 25.29 16.64 35.89
N ASP A 351 26.21 16.21 35.02
CA ASP A 351 26.14 14.83 34.54
C ASP A 351 26.82 13.86 35.50
N ASN A 352 27.90 14.31 36.16
CA ASN A 352 28.53 13.47 37.17
C ASN A 352 27.66 13.36 38.41
N ALA A 353 27.14 14.50 38.89
CA ALA A 353 26.32 14.50 40.10
C ALA A 353 25.00 13.78 39.92
N LEU A 354 24.48 13.73 38.68
CA LEU A 354 23.28 12.94 38.43
C LEU A 354 23.59 11.46 38.35
N PHE A 355 24.77 11.09 37.84
CA PHE A 355 25.15 9.68 37.79
C PHE A 355 25.25 9.08 39.19
N HIS A 356 25.88 9.80 40.13
CA HIS A 356 25.91 9.35 41.50
C HIS A 356 24.57 9.51 42.22
N ALA A 357 23.60 10.19 41.60
CA ALA A 357 22.28 10.31 42.19
C ALA A 357 21.32 9.24 41.67
N GLU A 358 21.41 8.91 40.39
CA GLU A 358 20.62 7.81 39.86
C GLU A 358 21.13 6.46 40.37
N ARG A 359 22.42 6.37 40.66
CA ARG A 359 22.99 5.12 41.13
C ARG A 359 22.55 4.82 42.57
N ALA A 360 22.60 5.83 43.44
CA ALA A 360 22.22 5.62 44.83
C ALA A 360 20.74 5.23 44.94
N ILE A 361 19.88 5.89 44.17
CA ILE A 361 18.47 5.51 44.16
C ILE A 361 18.30 4.11 43.58
N GLY A 362 19.02 3.80 42.50
CA GLY A 362 18.95 2.47 41.92
C GLY A 362 19.44 1.37 42.83
N ILE A 363 20.27 1.71 43.82
CA ILE A 363 20.73 0.72 44.79
C ILE A 363 19.77 0.60 45.95
N ILE A 364 19.31 1.74 46.49
CA ILE A 364 18.43 1.67 47.66
C ILE A 364 17.06 1.11 47.30
N THR A 365 16.54 1.48 46.13
CA THR A 365 15.24 0.95 45.72
C THR A 365 15.29 -0.54 45.42
N HIS A 366 16.48 -1.13 45.31
CA HIS A 366 16.61 -2.56 45.08
C HIS A 366 16.85 -3.34 46.36
N ILE A 367 17.57 -2.76 47.33
CA ILE A 367 17.94 -3.47 48.55
C ILE A 367 17.12 -3.03 49.75
N LEU A 368 16.29 -2.01 49.61
CA LEU A 368 15.45 -1.50 50.69
C LEU A 368 14.02 -1.39 50.19
N PRO A 369 13.03 -1.42 51.08
CA PRO A 369 11.63 -1.39 50.64
C PRO A 369 11.28 -0.07 49.99
N GLU A 370 10.06 -0.02 49.44
CA GLU A 370 9.60 1.17 48.73
C GLU A 370 9.52 2.38 49.66
N ASP A 371 9.18 2.17 50.92
CA ASP A 371 9.17 3.22 51.93
C ASP A 371 10.31 2.97 52.90
N HIS A 372 11.22 3.92 53.01
CA HIS A 372 12.34 3.86 53.94
C HIS A 372 12.99 5.24 54.00
N LEU A 373 13.46 5.61 55.19
CA LEU A 373 13.99 6.95 55.38
C LEU A 373 15.28 7.20 54.61
N LEU A 374 16.02 6.15 54.27
CA LEU A 374 17.23 6.34 53.47
C LEU A 374 16.90 6.79 52.04
N LEU A 375 15.67 6.56 51.59
CA LEU A 375 15.23 7.12 50.31
C LEU A 375 14.89 8.59 50.40
N ALA A 376 14.73 9.14 51.60
CA ALA A 376 14.45 10.57 51.72
C ALA A 376 15.65 11.40 51.26
N SER A 377 16.86 11.00 51.67
CA SER A 377 18.05 11.73 51.26
C SER A 377 18.45 11.42 49.82
N SER A 378 18.22 10.19 49.36
CA SER A 378 18.63 9.83 48.01
C SER A 378 17.72 10.45 46.96
N LYS A 379 16.40 10.44 47.20
CA LYS A 379 15.47 10.99 46.23
C LYS A 379 15.41 12.51 46.29
N ARG A 380 15.88 13.11 47.39
CA ARG A 380 15.99 14.56 47.43
C ARG A 380 17.13 15.06 46.56
N VAL A 381 18.29 14.39 46.65
CA VAL A 381 19.49 14.88 45.96
C VAL A 381 19.32 14.80 44.45
N LYS A 382 18.85 13.65 43.94
CA LYS A 382 18.59 13.53 42.51
C LYS A 382 17.60 14.60 42.05
N ALA A 383 16.63 14.93 42.89
CA ALA A 383 15.70 16.00 42.56
C ALA A 383 16.40 17.35 42.50
N LEU A 384 17.38 17.59 43.38
CA LEU A 384 18.13 18.84 43.33
C LEU A 384 18.91 18.97 42.03
N ILE A 385 19.59 17.89 41.61
CA ILE A 385 20.27 17.93 40.31
C ILE A 385 19.26 18.09 39.18
N LEU A 386 18.08 17.46 39.29
CA LEU A 386 17.07 17.65 38.25
C LEU A 386 16.57 19.09 38.17
N GLU A 387 16.67 19.86 39.24
CA GLU A 387 16.29 21.27 39.17
C GLU A 387 17.27 22.06 38.31
N GLU A 388 18.56 21.91 38.57
CA GLU A 388 19.56 22.77 37.93
C GLU A 388 19.79 22.41 36.47
N ILE A 389 19.66 21.14 36.11
CA ILE A 389 19.69 20.78 34.70
C ILE A 389 18.49 21.38 33.98
N ALA A 390 17.33 21.39 34.63
CA ALA A 390 16.11 21.89 34.01
C ALA A 390 16.19 23.39 33.76
N ILE A 391 16.59 24.16 34.78
CA ILE A 391 16.60 25.62 34.62
C ILE A 391 17.67 26.05 33.63
N ASP A 392 18.71 25.24 33.46
CA ASP A 392 19.76 25.52 32.48
C ASP A 392 19.55 24.77 31.17
N CYS A 393 18.45 24.03 31.03
CA CYS A 393 18.18 23.31 29.81
C CYS A 393 17.74 24.25 28.70
N HIS A 394 18.21 23.99 27.48
CA HIS A 394 17.83 24.83 26.35
C HIS A 394 16.42 24.53 25.88
N ASN A 395 15.94 23.31 26.11
CA ASN A 395 14.59 22.91 25.72
C ASN A 395 13.64 23.16 26.89
N LYS A 396 12.43 23.61 26.59
CA LYS A 396 11.47 23.93 27.65
C LYS A 396 10.55 22.76 27.96
N GLU A 397 10.16 22.00 26.94
CA GLU A 397 9.29 20.84 27.16
C GLU A 397 10.02 19.74 27.93
N THR A 398 11.34 19.62 27.76
CA THR A 398 12.10 18.64 28.53
C THR A 398 12.25 19.07 29.98
N GLU A 399 12.55 20.35 30.21
CA GLU A 399 12.69 20.81 31.58
C GLU A 399 11.35 20.86 32.31
N GLN A 400 10.23 20.94 31.59
CA GLN A 400 8.93 20.79 32.24
C GLN A 400 8.79 19.39 32.83
N ARG A 401 9.18 18.36 32.07
CA ARG A 401 9.15 17.00 32.60
C ARG A 401 10.15 16.82 33.73
N LEU A 402 11.31 17.49 33.62
CA LEU A 402 12.28 17.43 34.71
C LEU A 402 11.72 18.04 35.99
N LEU A 403 11.01 19.17 35.87
CA LEU A 403 10.30 19.75 37.00
C LEU A 403 9.27 18.79 37.56
N GLN A 404 8.54 18.09 36.69
CA GLN A 404 7.55 17.13 37.17
C GLN A 404 8.19 15.99 37.96
N GLU A 405 9.30 15.43 37.46
CA GLU A 405 9.97 14.36 38.18
C GLU A 405 10.57 14.86 39.49
N ALA A 406 11.12 16.07 39.49
CA ALA A 406 11.62 16.64 40.74
C ALA A 406 10.49 16.86 41.74
N HIS A 407 9.31 17.24 41.25
CA HIS A 407 8.15 17.36 42.12
C HIS A 407 7.78 16.02 42.73
N ASP A 408 7.76 14.97 41.92
CA ASP A 408 7.46 13.64 42.43
C ASP A 408 8.47 13.21 43.49
N LEU A 409 9.75 13.46 43.23
CA LEU A 409 10.79 13.08 44.17
C LEU A 409 10.69 13.86 45.47
N HIS A 410 10.45 15.18 45.39
CA HIS A 410 10.30 15.97 46.61
C HIS A 410 9.09 15.54 47.42
N LEU A 411 7.96 15.27 46.76
CA LEU A 411 6.79 14.80 47.49
C LEU A 411 7.03 13.46 48.15
N SER A 412 7.70 12.54 47.45
CA SER A 412 7.99 11.23 48.04
C SER A 412 8.93 11.36 49.24
N SER A 413 9.99 12.15 49.10
CA SER A 413 10.93 12.34 50.20
C SER A 413 10.27 13.04 51.38
N LEU A 414 9.40 14.02 51.10
CA LEU A 414 8.69 14.71 52.16
C LEU A 414 7.73 13.77 52.89
N GLN A 415 7.03 12.91 52.15
CA GLN A 415 6.15 11.94 52.79
C GLN A 415 6.94 10.98 53.67
N LEU A 416 8.09 10.52 53.19
CA LEU A 416 8.92 9.63 53.99
C LEU A 416 9.42 10.32 55.24
N ALA A 417 9.89 11.56 55.12
CA ALA A 417 10.38 12.30 56.28
C ALA A 417 9.26 12.57 57.27
N LYS A 418 8.07 12.91 56.78
CA LYS A 418 6.95 13.18 57.68
C LYS A 418 6.50 11.92 58.40
N LYS A 419 6.47 10.78 57.70
CA LYS A 419 6.14 9.53 58.36
C LYS A 419 7.19 9.14 59.38
N ALA A 420 8.47 9.41 59.09
CA ALA A 420 9.54 9.04 60.01
C ALA A 420 9.53 9.92 61.26
N PHE A 421 9.41 11.23 61.10
CA PHE A 421 9.53 12.15 62.23
C PHE A 421 8.23 12.91 62.49
N GLY A 422 7.72 13.63 61.51
CA GLY A 422 6.54 14.46 61.71
C GLY A 422 6.60 15.67 60.79
N GLU A 423 5.95 16.74 61.24
CA GLU A 423 5.81 17.95 60.43
C GLU A 423 6.72 19.08 60.90
N PHE A 424 7.26 19.00 62.12
CA PHE A 424 8.04 20.09 62.68
C PHE A 424 9.47 19.66 62.97
N ASN A 425 10.10 18.99 61.99
CA ASN A 425 11.47 18.53 62.13
C ASN A 425 12.39 19.32 61.19
N VAL A 426 13.67 19.36 61.53
CA VAL A 426 14.64 20.10 60.74
C VAL A 426 14.79 19.50 59.35
N GLN A 427 14.77 18.17 59.26
CA GLN A 427 14.82 17.52 57.95
C GLN A 427 13.58 17.84 57.13
N THR A 428 12.41 17.82 57.76
CA THR A 428 11.19 18.22 57.06
C THR A 428 11.22 19.70 56.70
N ALA A 429 11.88 20.52 57.51
CA ALA A 429 12.08 21.93 57.14
C ALA A 429 12.95 22.06 55.91
N LYS A 430 14.01 21.24 55.83
CA LYS A 430 14.86 21.23 54.63
C LYS A 430 14.07 20.79 53.41
N HIS A 431 13.21 19.78 53.56
CA HIS A 431 12.38 19.35 52.44
C HIS A 431 11.38 20.42 52.03
N TYR A 432 10.80 21.13 53.00
CA TYR A 432 9.92 22.26 52.70
C TYR A 432 10.65 23.33 51.91
N GLY A 433 11.86 23.70 52.37
CA GLY A 433 12.63 24.70 51.66
C GLY A 433 13.00 24.25 50.25
N ASN A 434 13.36 22.98 50.10
CA ASN A 434 13.71 22.47 48.77
C ASN A 434 12.50 22.45 47.85
N LEU A 435 11.33 22.09 48.37
CA LEU A 435 10.13 22.06 47.53
C LEU A 435 9.69 23.46 47.15
N GLY A 436 9.84 24.43 48.05
CA GLY A 436 9.58 25.82 47.70
C GLY A 436 10.56 26.35 46.67
N ARG A 437 11.84 25.97 46.82
CA ARG A 437 12.85 26.29 45.82
C ARG A 437 12.49 25.69 44.46
N LEU A 438 11.92 24.49 44.47
CA LEU A 438 11.42 23.88 43.25
C LEU A 438 10.29 24.70 42.65
N TYR A 439 9.33 25.11 43.48
CA TYR A 439 8.18 25.85 42.98
C TYR A 439 8.59 27.23 42.47
N GLN A 440 9.70 27.77 42.98
CA GLN A 440 10.22 29.03 42.46
C GLN A 440 10.53 28.96 40.97
N SER A 441 10.87 27.77 40.46
CA SER A 441 11.04 27.56 39.03
C SER A 441 9.86 26.84 38.40
N MET A 442 8.95 26.29 39.19
CA MET A 442 7.78 25.60 38.69
C MET A 442 6.58 26.53 38.49
N ARG A 443 6.75 27.84 38.76
CA ARG A 443 5.68 28.84 38.61
C ARG A 443 4.48 28.49 39.48
N LYS A 444 4.73 28.20 40.76
CA LYS A 444 3.70 27.89 41.74
C LYS A 444 4.00 28.67 43.02
N PHE A 445 4.20 29.98 42.86
CA PHE A 445 4.84 30.81 43.88
C PHE A 445 3.97 30.95 45.14
N LYS A 446 2.65 30.86 45.00
CA LYS A 446 1.75 31.23 46.09
C LYS A 446 1.84 30.25 47.26
N GLU A 447 2.07 28.96 46.99
CA GLU A 447 2.37 28.03 48.07
C GLU A 447 3.87 27.86 48.28
N ALA A 448 4.69 28.30 47.32
CA ALA A 448 6.13 28.32 47.54
C ALA A 448 6.49 29.24 48.70
N GLU A 449 5.88 30.42 48.76
CA GLU A 449 6.14 31.31 49.89
C GLU A 449 5.69 30.69 51.20
N GLU A 450 4.57 29.96 51.18
CA GLU A 450 4.10 29.29 52.39
C GLU A 450 5.08 28.22 52.85
N MET A 451 5.60 27.42 51.92
CA MET A 451 6.57 26.40 52.29
C MET A 451 7.87 27.02 52.81
N HIS A 452 8.30 28.12 52.21
CA HIS A 452 9.49 28.81 52.72
C HIS A 452 9.25 29.34 54.13
N ILE A 453 8.10 29.95 54.38
CA ILE A 453 7.78 30.44 55.73
C ILE A 453 7.74 29.30 56.72
N LYS A 454 7.16 28.16 56.33
CA LYS A 454 7.14 26.99 57.21
C LYS A 454 8.55 26.52 57.53
N ALA A 455 9.42 26.48 56.52
CA ALA A 455 10.81 26.10 56.76
C ALA A 455 11.49 27.06 57.72
N ILE A 456 11.28 28.36 57.53
CA ILE A 456 11.90 29.35 58.41
C ILE A 456 11.42 29.18 59.85
N GLN A 457 10.11 29.00 60.05
CA GLN A 457 9.62 28.92 61.43
C GLN A 457 10.05 27.62 62.09
N ILE A 458 10.04 26.50 61.35
CA ILE A 458 10.48 25.23 61.92
C ILE A 458 11.95 25.28 62.29
N LYS A 459 12.79 25.85 61.41
CA LYS A 459 14.21 25.93 61.71
C LYS A 459 14.49 26.90 62.85
N GLU A 460 13.79 28.03 62.89
CA GLU A 460 14.01 29.01 63.95
C GLU A 460 13.56 28.47 65.30
N GLN A 461 12.50 27.66 65.31
CA GLN A 461 12.01 27.09 66.56
C GLN A 461 13.05 26.18 67.20
N LEU A 462 13.73 25.37 66.38
CA LEU A 462 14.74 24.43 66.88
C LEU A 462 16.15 24.99 66.80
N LEU A 463 16.61 25.33 65.59
CA LEU A 463 17.99 25.78 65.41
C LEU A 463 18.19 27.19 65.96
N GLY A 464 17.27 28.10 65.66
CA GLY A 464 17.40 29.48 66.08
C GLY A 464 17.80 30.41 64.94
N GLN A 465 18.59 31.44 65.26
CA GLN A 465 19.04 32.41 64.28
C GLN A 465 20.56 32.60 64.32
N GLU A 466 21.29 31.51 64.57
CA GLU A 466 22.75 31.56 64.59
C GLU A 466 23.36 30.48 63.70
N ASP A 467 22.61 30.00 62.71
CA ASP A 467 23.04 28.90 61.86
C ASP A 467 22.87 29.29 60.40
N TYR A 468 23.64 28.66 59.52
CA TYR A 468 23.48 28.91 58.09
C TYR A 468 22.37 28.08 57.48
N GLU A 469 21.86 27.07 58.19
CA GLU A 469 20.75 26.28 57.68
C GLU A 469 19.51 27.14 57.52
N VAL A 470 19.25 28.04 58.48
CA VAL A 470 18.19 29.01 58.29
C VAL A 470 18.57 30.01 57.20
N ALA A 471 19.87 30.25 57.02
CA ALA A 471 20.30 31.27 56.05
C ALA A 471 20.02 30.85 54.62
N LEU A 472 20.19 29.55 54.32
CA LEU A 472 19.86 29.08 52.96
C LEU A 472 18.38 29.30 52.66
N SER A 473 17.50 29.01 53.61
CA SER A 473 16.07 29.22 53.39
C SER A 473 15.74 30.71 53.32
N VAL A 474 16.41 31.53 54.13
CA VAL A 474 16.19 32.99 54.06
C VAL A 474 16.59 33.52 52.69
N GLY A 475 17.76 33.09 52.20
CA GLY A 475 18.18 33.50 50.87
C GLY A 475 17.29 32.98 49.77
N HIS A 476 16.76 31.77 49.93
CA HIS A 476 15.83 31.22 48.96
C HIS A 476 14.54 32.02 48.91
N LEU A 477 14.00 32.39 50.07
CA LEU A 477 12.81 33.23 50.12
C LEU A 477 13.10 34.64 49.58
N ALA A 478 14.29 35.15 49.85
CA ALA A 478 14.67 36.47 49.35
C ALA A 478 14.76 36.47 47.83
N SER A 479 15.31 35.40 47.25
CA SER A 479 15.32 35.27 45.79
C SER A 479 13.91 35.04 45.24
N LEU A 480 13.04 34.39 46.02
CA LEU A 480 11.65 34.24 45.62
C LEU A 480 10.96 35.61 45.50
N TYR A 481 11.08 36.43 46.54
CA TYR A 481 10.50 37.76 46.51
C TYR A 481 11.13 38.63 45.42
N ASN A 482 12.46 38.58 45.32
CA ASN A 482 13.18 39.51 44.46
C ASN A 482 12.96 39.23 42.99
N TYR A 483 13.11 37.97 42.57
CA TYR A 483 13.25 37.67 41.15
C TYR A 483 11.92 37.44 40.44
N ASP A 484 10.91 36.95 41.14
CA ASP A 484 9.66 36.61 40.46
C ASP A 484 8.44 37.25 41.12
N MET A 485 8.43 37.32 42.45
CA MET A 485 7.23 37.75 43.16
C MET A 485 7.11 39.28 43.24
N ASN A 486 8.16 40.00 42.84
CA ASN A 486 8.18 41.46 42.67
C ASN A 486 8.03 42.22 43.99
N GLN A 487 8.10 41.54 45.14
CA GLN A 487 8.08 42.21 46.43
C GLN A 487 9.51 42.61 46.78
N TYR A 488 9.92 43.75 46.22
CA TYR A 488 11.33 44.17 46.32
C TYR A 488 11.66 44.70 47.71
N GLU A 489 10.70 45.35 48.37
CA GLU A 489 11.01 46.06 49.61
C GLU A 489 11.27 45.10 50.76
N ASN A 490 10.44 44.07 50.91
CA ASN A 490 10.55 43.17 52.06
C ASN A 490 11.65 42.13 51.91
N ALA A 491 12.22 41.97 50.71
CA ALA A 491 13.30 41.02 50.52
C ALA A 491 14.67 41.60 50.88
N GLU A 492 14.77 42.92 51.01
CA GLU A 492 16.06 43.53 51.33
C GLU A 492 16.53 43.12 52.73
N LYS A 493 15.60 43.06 53.69
CA LYS A 493 15.98 42.62 55.03
C LYS A 493 16.38 41.15 55.04
N LEU A 494 15.73 40.32 54.23
CA LEU A 494 16.11 38.92 54.14
C LEU A 494 17.50 38.76 53.54
N TYR A 495 17.79 39.53 52.48
CA TYR A 495 19.13 39.50 51.89
C TYR A 495 20.17 39.95 52.90
N LEU A 496 19.87 41.01 53.65
CA LEU A 496 20.82 41.51 54.66
C LEU A 496 21.04 40.48 55.75
N ARG A 497 19.97 39.81 56.19
CA ARG A 497 20.11 38.75 57.19
C ARG A 497 21.00 37.63 56.67
N SER A 498 20.78 37.20 55.41
CA SER A 498 21.57 36.13 54.83
C SER A 498 23.04 36.52 54.77
N ILE A 499 23.33 37.74 54.29
CA ILE A 499 24.71 38.17 54.17
C ILE A 499 25.38 38.30 55.54
N ALA A 500 24.67 38.86 56.52
CA ALA A 500 25.25 39.05 57.85
C ALA A 500 25.55 37.72 58.51
N ILE A 501 24.60 36.78 58.48
CA ILE A 501 24.84 35.52 59.17
C ILE A 501 25.79 34.63 58.38
N GLY A 502 25.90 34.83 57.06
CA GLY A 502 26.95 34.14 56.31
C GLY A 502 28.33 34.65 56.65
N LYS A 503 28.48 35.98 56.79
CA LYS A 503 29.75 36.53 57.23
C LYS A 503 30.08 36.19 58.67
N LYS A 504 29.06 35.90 59.49
CA LYS A 504 29.31 35.55 60.88
C LYS A 504 30.12 34.26 61.01
N LEU A 505 29.79 33.25 60.22
CA LEU A 505 30.40 31.93 60.37
C LEU A 505 31.53 31.67 59.37
N PHE A 506 31.24 31.76 58.08
CA PHE A 506 32.19 31.34 57.04
C PHE A 506 33.00 32.50 56.48
N GLY A 507 33.59 33.31 57.35
CA GLY A 507 34.48 34.39 56.96
C GLY A 507 33.79 35.40 56.05
N GLU A 508 34.60 36.03 55.19
CA GLU A 508 34.08 36.96 54.21
C GLU A 508 33.97 36.36 52.82
N GLY A 509 34.35 35.10 52.64
CA GLY A 509 34.32 34.47 51.33
C GLY A 509 33.40 33.27 51.26
N TYR A 510 32.26 33.34 51.94
CA TYR A 510 31.27 32.28 51.85
C TYR A 510 30.71 32.20 50.44
N SER A 511 30.65 30.97 49.90
CA SER A 511 30.24 30.78 48.52
C SER A 511 28.80 31.17 48.26
N GLY A 512 27.94 31.15 49.28
CA GLY A 512 26.56 31.56 49.09
C GLY A 512 26.33 33.05 49.05
N LEU A 513 27.37 33.85 49.32
CA LEU A 513 27.20 35.30 49.30
C LEU A 513 27.10 35.87 47.89
N GLU A 514 27.60 35.16 46.88
CA GLU A 514 27.47 35.63 45.51
C GLU A 514 26.02 35.66 45.06
N TYR A 515 25.26 34.62 45.41
CA TYR A 515 23.85 34.56 45.02
C TYR A 515 23.01 35.57 45.80
N ASP A 516 23.50 36.05 46.94
CA ASP A 516 22.84 37.14 47.64
C ASP A 516 23.22 38.49 47.06
N TYR A 517 24.50 38.66 46.68
CA TYR A 517 24.95 39.93 46.14
C TYR A 517 24.32 40.20 44.78
N ARG A 518 24.37 39.22 43.86
CA ARG A 518 23.82 39.45 42.53
C ARG A 518 22.30 39.48 42.54
N GLY A 519 21.67 39.04 43.63
CA GLY A 519 20.23 39.18 43.77
C GLY A 519 19.86 40.53 44.33
N LEU A 520 20.60 41.00 45.33
CA LEU A 520 20.27 42.28 45.95
C LEU A 520 20.64 43.44 45.05
N ILE A 521 21.69 43.29 44.22
CA ILE A 521 21.98 44.30 43.22
C ILE A 521 20.86 44.39 42.19
N LYS A 522 20.31 43.24 41.78
CA LYS A 522 19.16 43.26 40.88
C LYS A 522 17.94 43.87 41.56
N LEU A 523 17.78 43.62 42.86
CA LEU A 523 16.69 44.25 43.61
C LEU A 523 16.83 45.77 43.62
N TYR A 524 18.04 46.26 43.85
CA TYR A 524 18.28 47.70 43.88
C TYR A 524 18.18 48.35 42.51
N ASN A 525 18.59 47.65 41.45
CA ASN A 525 18.58 48.21 40.10
C ASN A 525 17.18 48.48 39.57
N SER A 526 16.13 48.11 40.31
CA SER A 526 14.76 48.39 39.92
C SER A 526 14.05 49.36 40.85
N ILE A 527 14.62 49.69 42.00
CA ILE A 527 14.02 50.63 42.94
C ILE A 527 14.96 51.78 43.29
N GLY A 528 15.94 52.06 42.42
CA GLY A 528 16.82 53.18 42.65
C GLY A 528 17.96 52.86 43.60
N ASN A 529 18.50 53.92 44.20
CA ASN A 529 19.65 53.85 45.11
C ASN A 529 20.85 53.21 44.40
N TYR A 530 21.32 53.91 43.37
CA TYR A 530 22.45 53.41 42.58
C TYR A 530 23.75 53.45 43.35
N GLU A 531 23.83 54.24 44.43
CA GLU A 531 25.05 54.29 45.23
C GLU A 531 25.34 52.94 45.89
N LYS A 532 24.31 52.28 46.42
CA LYS A 532 24.52 50.96 47.00
C LYS A 532 24.78 49.92 45.91
N VAL A 533 24.25 50.13 44.72
CA VAL A 533 24.59 49.26 43.58
C VAL A 533 26.09 49.35 43.30
N PHE A 534 26.62 50.57 43.26
CA PHE A 534 28.05 50.73 43.03
C PHE A 534 28.87 50.17 44.18
N GLU A 535 28.39 50.34 45.42
CA GLU A 535 29.10 49.81 46.57
C GLU A 535 29.17 48.29 46.55
N TYR A 536 28.06 47.64 46.21
CA TYR A 536 28.05 46.18 46.13
C TYR A 536 28.82 45.67 44.92
N HIS A 537 28.84 46.42 43.82
CA HIS A 537 29.72 46.05 42.71
C HIS A 537 31.18 46.18 43.09
N ASN A 538 31.50 47.13 43.98
CA ASN A 538 32.86 47.25 44.48
C ASN A 538 33.23 46.07 45.37
N VAL A 539 32.33 45.69 46.28
CA VAL A 539 32.65 44.58 47.19
C VAL A 539 32.53 43.22 46.53
N LEU A 540 31.81 43.11 45.40
CA LEU A 540 31.67 41.81 44.75
C LEU A 540 32.96 41.39 44.07
N SER A 541 33.72 42.33 43.51
CA SER A 541 35.04 42.01 42.99
C SER A 541 35.98 41.61 44.11
N ASN A 542 35.87 42.25 45.28
CA ASN A 542 36.66 41.85 46.44
C ASN A 542 36.33 40.43 46.85
N TRP A 543 35.05 40.08 46.88
CA TRP A 543 34.65 38.72 47.21
C TRP A 543 35.16 37.73 46.17
N ASN A 544 35.10 38.11 44.89
CA ASN A 544 35.60 37.23 43.83
C ASN A 544 37.10 36.96 43.99
N ARG A 545 37.88 38.00 44.24
CA ARG A 545 39.32 37.80 44.38
C ARG A 545 39.64 37.05 45.68
N LEU A 546 38.86 37.26 46.74
CA LEU A 546 39.05 36.51 47.97
C LEU A 546 38.80 35.02 47.75
N ARG A 547 37.70 34.69 47.07
CA ARG A 547 37.41 33.28 46.78
C ARG A 547 38.43 32.68 45.83
N ASP A 548 38.92 33.46 44.87
CA ASP A 548 39.95 32.97 43.96
C ASP A 548 41.25 32.69 44.69
N ARG A 549 41.61 33.54 45.66
CA ARG A 549 42.80 33.28 46.47
C ARG A 549 42.59 32.10 47.41
N GLN A 550 41.35 31.87 47.84
CA GLN A 550 41.03 30.81 48.79
C GLN A 550 40.65 29.50 48.12
N TYR A 551 41.23 29.18 46.95
CA TYR A 551 40.88 27.95 46.26
C TYR A 551 41.34 26.72 47.04
N SER A 552 42.39 26.85 47.85
CA SER A 552 42.90 25.78 48.73
C SER A 552 43.28 24.54 47.92
N VAL A 553 44.33 24.70 47.11
CA VAL A 553 44.79 23.65 46.22
C VAL A 553 45.24 22.40 46.97
N THR A 554 45.65 22.54 48.23
CA THR A 554 46.10 21.39 49.01
C THR A 554 44.91 20.52 49.39
N ASP A 555 45.02 19.22 49.16
CA ASP A 555 43.95 18.30 49.49
C ASP A 555 43.93 18.02 50.99
N ALA A 556 42.81 17.45 51.44
CA ALA A 556 42.62 17.19 52.87
C ALA A 556 43.52 16.08 53.39
N LEU A 557 43.97 15.18 52.51
CA LEU A 557 44.87 14.11 52.94
C LEU A 557 46.20 14.68 53.41
N GLU A 558 46.71 15.71 52.74
CA GLU A 558 47.87 16.42 53.23
C GLU A 558 47.54 17.36 54.37
N ASP A 559 46.27 17.73 54.53
CA ASP A 559 45.87 18.60 55.62
C ASP A 559 45.91 17.85 56.96
N VAL A 560 45.38 16.62 56.97
CA VAL A 560 45.38 15.85 58.20
C VAL A 560 46.79 15.42 58.61
N SER A 561 47.72 15.35 57.65
CA SER A 561 49.13 15.07 57.89
C SER A 561 49.35 13.75 58.61
N THR A 562 50.54 13.57 59.19
CA THR A 562 50.89 12.36 59.92
C THR A 562 51.31 12.74 61.33
N SER A 563 50.66 12.13 62.32
CA SER A 563 50.90 12.30 63.75
C SER A 563 50.87 13.76 64.18
N PRO A 564 49.72 14.44 64.12
CA PRO A 564 49.66 15.79 64.71
C PRO A 564 49.66 15.76 66.22
N GLN A 565 48.88 14.87 66.82
CA GLN A 565 48.81 14.71 68.27
C GLN A 565 48.13 13.38 68.57
N SER A 566 48.29 12.92 69.80
CA SER A 566 47.68 11.67 70.21
C SER A 566 46.21 11.90 70.61
N THR A 567 45.57 10.84 71.07
CA THR A 567 44.14 10.92 71.39
C THR A 567 43.90 11.75 72.64
N GLU A 568 44.81 11.67 73.62
CA GLU A 568 44.61 12.38 74.88
C GLU A 568 44.56 13.88 74.68
N GLU A 569 45.46 14.42 73.85
CA GLU A 569 45.47 15.86 73.60
C GLU A 569 44.15 16.31 72.96
N VAL A 570 43.66 15.54 71.98
CA VAL A 570 42.44 15.91 71.28
C VAL A 570 41.25 15.91 72.23
N VAL A 571 41.11 14.84 73.03
CA VAL A 571 39.94 14.73 73.89
C VAL A 571 39.98 15.78 74.99
N GLN A 572 41.16 16.00 75.60
CA GLN A 572 41.24 17.03 76.63
C GLN A 572 41.05 18.43 76.07
N SER A 573 41.57 18.70 74.87
CA SER A 573 41.33 20.01 74.26
C SER A 573 39.85 20.22 73.97
N PHE A 574 39.16 19.18 73.49
CA PHE A 574 37.74 19.32 73.21
C PHE A 574 36.93 19.53 74.48
N LEU A 575 37.29 18.84 75.57
CA LEU A 575 36.55 19.01 76.82
C LEU A 575 36.85 20.35 77.49
N ILE A 576 38.11 20.80 77.44
CA ILE A 576 38.45 22.10 78.02
C ILE A 576 37.79 23.22 77.22
N SER A 577 37.70 23.06 75.90
CA SER A 577 36.98 24.04 75.09
C SER A 577 35.51 24.12 75.48
N GLN A 578 34.97 23.06 76.07
CA GLN A 578 33.61 23.07 76.59
C GLN A 578 33.60 23.24 78.11
N THR B 1 47.50 -41.54 60.56
CA THR B 1 47.15 -40.14 60.73
C THR B 1 47.44 -39.34 59.46
N SER B 2 46.90 -38.12 59.41
CA SER B 2 47.08 -37.25 58.26
C SER B 2 47.15 -35.81 58.77
N LEU B 3 47.04 -34.86 57.85
CA LEU B 3 47.15 -33.44 58.19
C LEU B 3 45.82 -32.82 58.55
N LYS B 4 44.77 -33.61 58.66
CA LYS B 4 43.44 -33.07 58.93
C LYS B 4 43.38 -32.48 60.32
N PRO B 5 42.46 -31.54 60.56
CA PRO B 5 42.19 -31.11 61.94
C PRO B 5 41.63 -32.25 62.77
N ARG B 6 42.17 -32.38 63.99
CA ARG B 6 41.70 -33.36 64.96
C ARG B 6 41.43 -32.64 66.29
N VAL B 7 40.85 -33.38 67.24
CA VAL B 7 40.59 -32.86 68.57
C VAL B 7 41.79 -33.28 69.43
N VAL B 8 42.80 -32.42 69.47
CA VAL B 8 44.04 -32.70 70.19
C VAL B 8 43.95 -32.04 71.56
N ASP B 9 44.50 -32.71 72.58
CA ASP B 9 44.52 -32.18 73.93
C ASP B 9 45.66 -31.19 74.05
N PHE B 10 45.34 -29.95 74.44
CA PHE B 10 46.33 -28.88 74.42
C PHE B 10 47.38 -29.04 75.51
N ASP B 11 47.00 -29.62 76.65
CA ASP B 11 47.92 -29.68 77.78
C ASP B 11 49.10 -30.60 77.49
N GLU B 12 48.84 -31.81 76.97
CA GLU B 12 49.91 -32.76 76.74
C GLU B 12 50.86 -32.28 75.65
N THR B 13 50.33 -31.72 74.56
CA THR B 13 51.21 -31.20 73.51
C THR B 13 51.96 -29.97 73.97
N TRP B 14 51.36 -29.15 74.84
CA TRP B 14 52.09 -28.02 75.41
C TRP B 14 53.26 -28.50 76.26
N ASN B 15 53.03 -29.53 77.08
CA ASN B 15 54.11 -30.08 77.89
C ASN B 15 55.20 -30.69 77.01
N LYS B 16 54.82 -31.35 75.91
CA LYS B 16 55.81 -31.87 74.98
C LYS B 16 56.61 -30.75 74.32
N LEU B 17 55.95 -29.65 73.97
CA LEU B 17 56.64 -28.55 73.29
C LEU B 17 57.51 -27.73 74.23
N LEU B 18 57.17 -27.68 75.52
CA LEU B 18 57.93 -26.84 76.46
C LEU B 18 59.37 -27.30 76.59
N THR B 19 59.61 -28.63 76.57
CA THR B 19 60.98 -29.13 76.67
C THR B 19 61.82 -28.67 75.49
N THR B 20 61.27 -28.75 74.28
CA THR B 20 62.00 -28.31 73.09
C THR B 20 62.23 -26.80 73.12
N ILE B 21 61.22 -26.03 73.53
CA ILE B 21 61.37 -24.58 73.58
C ILE B 21 62.44 -24.20 74.61
N LYS B 22 62.46 -24.88 75.76
CA LYS B 22 63.52 -24.66 76.74
C LYS B 22 64.88 -25.03 76.18
N ALA B 23 64.96 -26.12 75.43
CA ALA B 23 66.23 -26.51 74.81
C ALA B 23 66.65 -25.58 73.69
N VAL B 24 65.73 -24.77 73.17
CA VAL B 24 66.05 -23.83 72.09
C VAL B 24 66.52 -22.49 72.63
N VAL B 25 65.84 -21.97 73.66
CA VAL B 25 66.07 -20.59 74.10
C VAL B 25 67.48 -20.45 74.70
N MET B 26 67.96 -21.47 75.40
CA MET B 26 69.30 -21.41 75.97
C MET B 26 70.33 -22.03 75.03
N LEU B 27 69.87 -22.53 73.88
CA LEU B 27 70.73 -23.03 72.81
C LEU B 27 71.62 -24.17 73.31
N GLU B 28 71.02 -25.12 74.02
CA GLU B 28 71.81 -26.26 74.49
C GLU B 28 71.96 -27.31 73.40
N TYR B 29 70.85 -27.96 73.03
CA TYR B 29 70.83 -28.96 71.97
C TYR B 29 69.39 -29.40 71.77
N VAL B 30 69.05 -29.70 70.51
CA VAL B 30 67.74 -30.24 70.15
C VAL B 30 67.93 -31.39 69.18
N GLU B 31 67.23 -32.49 69.43
CA GLU B 31 67.25 -33.60 68.48
C GLU B 31 66.48 -33.22 67.23
N ARG B 32 67.08 -33.49 66.07
CA ARG B 32 66.49 -33.06 64.80
C ARG B 32 65.20 -33.81 64.50
N ALA B 33 65.13 -35.10 64.84
CA ALA B 33 63.87 -35.82 64.70
C ALA B 33 62.81 -35.25 65.64
N THR B 34 63.21 -34.94 66.87
CA THR B 34 62.30 -34.24 67.79
C THR B 34 61.91 -32.87 67.25
N TRP B 35 62.85 -32.20 66.56
CA TRP B 35 62.55 -30.91 65.94
C TRP B 35 61.48 -31.04 64.86
N ASN B 36 61.59 -32.08 64.03
CA ASN B 36 60.56 -32.35 63.02
C ASN B 36 59.22 -32.69 63.67
N ASP B 37 59.27 -33.42 64.78
CA ASP B 37 58.04 -33.71 65.53
C ASP B 37 57.41 -32.42 66.06
N ARG B 38 58.25 -31.48 66.52
CA ARG B 38 57.72 -30.21 66.99
C ARG B 38 57.11 -29.39 65.86
N PHE B 39 57.68 -29.47 64.66
CA PHE B 39 57.01 -28.85 63.51
C PHE B 39 55.67 -29.51 63.23
N SER B 40 55.63 -30.85 63.25
CA SER B 40 54.39 -31.56 62.99
C SER B 40 53.33 -31.25 64.05
N ASP B 41 53.77 -30.89 65.25
CA ASP B 41 52.85 -30.55 66.33
C ASP B 41 52.45 -29.07 66.30
N ILE B 42 53.36 -28.18 65.90
CA ILE B 42 53.05 -26.77 65.80
C ILE B 42 52.06 -26.54 64.66
N TYR B 43 52.10 -27.39 63.63
CA TYR B 43 51.06 -27.33 62.61
C TYR B 43 49.71 -27.77 63.17
N ALA B 44 49.68 -28.91 63.85
CA ALA B 44 48.41 -29.49 64.30
C ALA B 44 47.76 -28.65 65.38
N LEU B 45 48.54 -27.93 66.18
CA LEU B 45 47.96 -27.11 67.23
C LEU B 45 47.25 -25.89 66.66
N CYS B 46 47.77 -25.31 65.57
CA CYS B 46 47.18 -24.11 65.00
C CYS B 46 45.86 -24.39 64.29
N VAL B 47 45.62 -25.63 63.85
CA VAL B 47 44.43 -25.98 63.10
C VAL B 47 43.57 -26.99 63.87
N ALA B 48 43.69 -27.01 65.20
CA ALA B 48 42.96 -27.97 66.01
C ALA B 48 41.45 -27.69 65.96
N TYR B 49 40.67 -28.77 66.03
CA TYR B 49 39.21 -28.84 66.01
C TYR B 49 38.68 -28.93 67.44
N PRO B 50 37.52 -28.30 67.75
CA PRO B 50 36.70 -27.43 66.90
C PRO B 50 37.25 -26.02 66.78
N GLU B 51 37.80 -25.48 67.87
CA GLU B 51 38.39 -24.16 67.85
C GLU B 51 39.89 -24.27 67.68
N PRO B 52 40.49 -23.52 66.76
CA PRO B 52 41.95 -23.51 66.65
C PRO B 52 42.60 -23.05 67.95
N LEU B 53 43.71 -23.71 68.30
CA LEU B 53 44.41 -23.45 69.55
C LEU B 53 45.61 -22.54 69.35
N GLY B 54 45.65 -21.78 68.27
CA GLY B 54 46.77 -20.88 68.04
C GLY B 54 46.81 -19.75 69.04
N GLU B 55 45.64 -19.23 69.44
CA GLU B 55 45.57 -18.13 70.39
C GLU B 55 46.09 -18.56 71.76
N ARG B 56 45.64 -19.72 72.24
CA ARG B 56 46.09 -20.26 73.52
C ARG B 56 47.58 -20.55 73.47
N LEU B 57 48.02 -21.11 72.34
CA LEU B 57 49.44 -21.41 72.16
C LEU B 57 50.28 -20.14 72.24
N TYR B 58 49.84 -19.07 71.58
CA TYR B 58 50.58 -17.81 71.62
C TYR B 58 50.57 -17.21 73.02
N THR B 59 49.40 -17.18 73.67
CA THR B 59 49.31 -16.54 74.98
C THR B 59 49.95 -17.37 76.09
N GLU B 60 50.30 -18.63 75.83
CA GLU B 60 51.09 -19.40 76.79
C GLU B 60 52.56 -19.43 76.43
N THR B 61 52.91 -19.33 75.14
CA THR B 61 54.29 -19.16 74.73
C THR B 61 54.84 -17.84 75.26
N LYS B 62 54.01 -16.79 75.27
CA LYS B 62 54.47 -15.53 75.83
C LYS B 62 54.66 -15.63 77.34
N ILE B 63 53.85 -16.43 78.04
CA ILE B 63 54.05 -16.62 79.46
C ILE B 63 55.36 -17.37 79.73
N PHE B 64 55.63 -18.42 78.96
CA PHE B 64 56.90 -19.12 79.09
C PHE B 64 58.06 -18.18 78.81
N LEU B 65 57.92 -17.35 77.77
CA LEU B 65 58.96 -16.41 77.42
C LEU B 65 59.22 -15.40 78.53
N GLU B 66 58.15 -14.85 79.12
CA GLU B 66 58.32 -13.83 80.14
C GLU B 66 58.92 -14.41 81.42
N ASN B 67 58.51 -15.62 81.81
CA ASN B 67 59.12 -16.19 83.01
C ASN B 67 60.57 -16.61 82.75
N HIS B 68 60.89 -17.06 81.53
CA HIS B 68 62.28 -17.35 81.21
C HIS B 68 63.15 -16.09 81.27
N VAL B 69 62.67 -14.99 80.68
CA VAL B 69 63.43 -13.75 80.70
C VAL B 69 63.52 -13.21 82.13
N ARG B 70 62.47 -13.39 82.93
CA ARG B 70 62.52 -12.97 84.33
C ARG B 70 63.55 -13.77 85.12
N HIS B 71 63.61 -15.09 84.90
CA HIS B 71 64.62 -15.91 85.57
C HIS B 71 66.03 -15.49 85.17
N LEU B 72 66.25 -15.27 83.87
CA LEU B 72 67.55 -14.81 83.42
C LEU B 72 67.89 -13.41 83.91
N HIS B 73 66.88 -12.55 84.09
CA HIS B 73 67.12 -11.22 84.64
C HIS B 73 67.48 -11.27 86.11
N LYS B 74 66.88 -12.20 86.87
CA LYS B 74 67.35 -12.43 88.23
C LYS B 74 68.78 -12.94 88.24
N ARG B 75 69.12 -13.81 87.28
CA ARG B 75 70.51 -14.25 87.14
C ARG B 75 71.44 -13.08 86.87
N VAL B 76 71.00 -12.12 86.05
CA VAL B 76 71.79 -10.91 85.81
C VAL B 76 71.95 -10.10 87.09
N LEU B 77 70.86 -9.97 87.86
CA LEU B 77 70.92 -9.18 89.09
C LEU B 77 71.89 -9.80 90.10
N GLU B 78 71.86 -11.13 90.25
CA GLU B 78 72.72 -11.75 91.26
C GLU B 78 74.18 -11.75 90.85
N SER B 79 74.47 -11.54 89.56
CA SER B 79 75.85 -11.54 89.07
C SER B 79 76.40 -10.12 89.11
N GLU B 80 76.93 -9.75 90.28
CA GLU B 80 77.48 -8.41 90.46
C GLU B 80 78.85 -8.31 89.81
N GLU B 81 79.14 -7.14 89.23
CA GLU B 81 80.41 -6.79 88.59
C GLU B 81 80.74 -7.67 87.39
N GLN B 82 79.77 -8.44 86.89
CA GLN B 82 79.96 -9.25 85.69
C GLN B 82 78.72 -9.20 84.81
N VAL B 83 77.97 -8.09 84.86
CA VAL B 83 76.72 -8.00 84.12
C VAL B 83 76.96 -7.94 82.61
N LEU B 84 78.03 -7.27 82.17
CA LEU B 84 78.23 -7.02 80.75
C LEU B 84 78.85 -8.20 80.02
N VAL B 85 79.88 -8.82 80.60
CA VAL B 85 80.52 -9.97 79.96
C VAL B 85 79.55 -11.14 79.86
N MET B 86 78.83 -11.42 80.95
CA MET B 86 77.81 -12.45 80.92
C MET B 86 76.61 -12.03 80.05
N TYR B 87 76.32 -10.73 80.01
CA TYR B 87 75.24 -10.22 79.18
C TYR B 87 75.50 -10.49 77.71
N HIS B 88 76.76 -10.33 77.27
CA HIS B 88 77.09 -10.57 75.87
C HIS B 88 76.81 -12.01 75.46
N ARG B 89 77.34 -12.97 76.22
CA ARG B 89 77.14 -14.38 75.86
C ARG B 89 75.68 -14.78 75.99
N TYR B 90 74.98 -14.30 77.03
CA TYR B 90 73.58 -14.65 77.20
C TYR B 90 72.73 -14.04 76.09
N TRP B 91 73.06 -12.82 75.65
CA TRP B 91 72.34 -12.20 74.56
C TRP B 91 72.58 -12.91 73.24
N GLU B 92 73.82 -13.37 73.00
CA GLU B 92 74.09 -14.13 71.78
C GLU B 92 73.31 -15.44 71.78
N GLU B 93 73.34 -16.17 72.90
CA GLU B 93 72.57 -17.41 73.00
C GLU B 93 71.08 -17.15 72.82
N TYR B 94 70.57 -16.09 73.44
CA TYR B 94 69.15 -15.77 73.35
C TYR B 94 68.76 -15.34 71.95
N SER B 95 69.63 -14.63 71.24
CA SER B 95 69.31 -14.21 69.87
C SER B 95 69.29 -15.40 68.92
N LYS B 96 70.26 -16.30 69.06
CA LYS B 96 70.23 -17.52 68.24
C LYS B 96 69.01 -18.37 68.58
N GLY B 97 68.67 -18.47 69.87
CA GLY B 97 67.47 -19.17 70.26
C GLY B 97 66.20 -18.51 69.76
N ALA B 98 66.20 -17.17 69.66
CA ALA B 98 65.04 -16.46 69.13
C ALA B 98 64.88 -16.71 67.64
N ASP B 99 66.00 -16.74 66.90
CA ASP B 99 65.92 -17.08 65.48
C ASP B 99 65.42 -18.51 65.30
N TYR B 100 65.93 -19.44 66.11
CA TYR B 100 65.46 -20.82 66.02
C TYR B 100 64.04 -20.97 66.51
N MET B 101 63.57 -20.04 67.36
CA MET B 101 62.18 -20.03 67.80
C MET B 101 61.26 -19.52 66.70
N ASP B 102 61.70 -18.49 65.97
CA ASP B 102 60.96 -18.04 64.80
C ASP B 102 60.87 -19.15 63.76
N CYS B 103 61.95 -19.90 63.57
CA CYS B 103 61.89 -21.08 62.72
C CYS B 103 60.97 -22.13 63.30
N LEU B 104 60.95 -22.29 64.63
CA LEU B 104 60.13 -23.31 65.27
C LEU B 104 58.64 -23.02 65.12
N TYR B 105 58.26 -21.74 65.23
CA TYR B 105 56.86 -21.32 65.19
C TYR B 105 56.49 -20.72 63.85
N ARG B 106 57.02 -21.28 62.76
CA ARG B 106 56.83 -20.70 61.45
C ARG B 106 55.37 -20.69 61.03
N TYR B 107 54.66 -21.80 61.25
CA TYR B 107 53.27 -21.88 60.83
C TYR B 107 52.38 -20.96 61.64
N LEU B 108 52.61 -20.87 62.95
CA LEU B 108 51.85 -19.93 63.76
C LEU B 108 52.18 -18.48 63.39
N ASN B 109 53.40 -18.23 62.95
CA ASN B 109 53.83 -16.88 62.59
C ASN B 109 53.34 -16.43 61.23
N THR B 110 52.79 -17.32 60.41
CA THR B 110 52.33 -16.95 59.08
C THR B 110 50.86 -17.25 58.82
N GLN B 111 50.16 -17.92 59.75
CA GLN B 111 48.76 -18.21 59.57
C GLN B 111 47.87 -17.70 60.68
N PHE B 112 48.42 -17.28 61.81
CA PHE B 112 47.60 -16.69 62.86
C PHE B 112 48.10 -15.31 63.29
N ILE B 113 49.42 -15.13 63.39
CA ILE B 113 49.95 -13.84 63.81
C ILE B 113 49.75 -12.79 62.71
N LYS B 114 50.05 -13.17 61.46
CA LYS B 114 49.79 -12.26 60.34
C LYS B 114 48.31 -12.04 60.11
N LYS B 115 47.46 -12.94 60.61
CA LYS B 115 46.02 -12.75 60.45
C LYS B 115 45.50 -11.65 61.37
N ASN B 116 46.26 -11.32 62.40
CA ASN B 116 45.85 -10.28 63.35
C ASN B 116 46.91 -9.19 63.45
N PRO B 135 48.97 -5.03 68.36
CA PRO B 135 48.29 -6.30 68.64
C PRO B 135 49.28 -7.45 68.85
N LEU B 136 49.03 -8.57 68.19
CA LEU B 136 49.92 -9.71 68.30
C LEU B 136 51.23 -9.46 67.57
N MET B 137 52.26 -10.19 67.98
CA MET B 137 53.61 -10.00 67.44
C MET B 137 54.17 -11.35 66.99
N GLU B 138 55.15 -11.27 66.09
CA GLU B 138 55.83 -12.47 65.60
C GLU B 138 56.58 -13.16 66.74
N ILE B 139 56.62 -14.49 66.69
CA ILE B 139 57.24 -15.26 67.76
C ILE B 139 58.72 -14.93 67.88
N GLY B 140 59.42 -14.86 66.75
CA GLY B 140 60.81 -14.46 66.79
C GLY B 140 60.99 -13.04 67.24
N GLU B 141 60.11 -12.14 66.80
CA GLU B 141 60.16 -10.75 67.23
C GLU B 141 59.59 -10.56 68.63
N LEU B 142 58.77 -11.50 69.12
CA LEU B 142 58.30 -11.40 70.50
C LEU B 142 59.42 -11.71 71.49
N ALA B 143 60.36 -12.57 71.11
CA ALA B 143 61.46 -12.89 72.02
C ALA B 143 62.35 -11.67 72.25
N LEU B 144 62.77 -11.01 71.18
CA LEU B 144 63.62 -9.82 71.33
C LEU B 144 62.86 -8.69 72.03
N ASP B 145 61.58 -8.51 71.68
CA ASP B 145 60.78 -7.47 72.31
C ASP B 145 60.62 -7.72 73.81
N MET B 146 60.38 -8.97 74.20
CA MET B 146 60.26 -9.29 75.61
C MET B 146 61.59 -9.15 76.32
N TRP B 147 62.69 -9.45 75.62
CA TRP B 147 64.03 -9.26 76.17
C TRP B 147 64.29 -7.79 76.48
N ARG B 148 63.93 -6.89 75.56
CA ARG B 148 64.19 -5.48 75.78
C ARG B 148 63.17 -4.81 76.69
N LYS B 149 61.95 -5.34 76.78
CA LYS B 149 60.90 -4.72 77.59
C LYS B 149 60.73 -5.37 78.96
N LEU B 150 61.48 -6.44 79.25
CA LEU B 150 61.38 -7.08 80.56
C LEU B 150 62.72 -7.20 81.28
N MET B 151 63.82 -7.30 80.54
CA MET B 151 65.15 -7.35 81.14
C MET B 151 65.90 -6.03 81.01
N VAL B 152 65.87 -5.41 79.83
CA VAL B 152 66.59 -4.17 79.62
C VAL B 152 65.94 -3.02 80.39
N GLU B 153 64.61 -2.99 80.42
CA GLU B 153 63.91 -1.90 81.10
C GLU B 153 64.26 -1.75 82.58
N PRO B 154 64.27 -2.81 83.39
CA PRO B 154 64.70 -2.61 84.79
C PRO B 154 66.15 -2.15 84.94
N LEU B 155 67.03 -2.51 84.01
CA LEU B 155 68.45 -2.25 84.14
C LEU B 155 69.01 -1.59 82.89
N GLN B 156 68.32 -0.57 82.37
CA GLN B 156 68.83 0.14 81.19
C GLN B 156 69.95 1.09 81.56
N ALA B 157 69.90 1.68 82.75
CA ALA B 157 70.92 2.66 83.13
C ALA B 157 72.25 1.98 83.45
N ILE B 158 72.21 0.88 84.20
CA ILE B 158 73.45 0.23 84.65
C ILE B 158 74.21 -0.37 83.48
N LEU B 159 73.51 -1.02 82.56
CA LEU B 159 74.17 -1.72 81.46
C LEU B 159 74.76 -0.76 80.42
N ILE B 160 74.45 0.53 80.49
CA ILE B 160 74.97 1.49 79.54
C ILE B 160 76.08 2.37 80.13
N ARG B 161 76.04 2.64 81.44
CA ARG B 161 77.11 3.44 82.06
C ARG B 161 78.47 2.77 81.90
N MET B 162 78.52 1.44 82.03
CA MET B 162 79.78 0.73 81.82
C MET B 162 80.21 0.77 80.37
N LEU B 163 79.25 0.76 79.43
CA LEU B 163 79.59 0.85 78.02
C LEU B 163 80.25 2.18 77.69
N LEU B 164 79.69 3.27 78.21
CA LEU B 164 80.28 4.58 77.98
C LEU B 164 81.61 4.74 78.69
N ARG B 165 81.72 4.18 79.91
CA ARG B 165 82.97 4.24 80.65
C ARG B 165 84.07 3.47 79.93
N GLU B 166 83.76 2.30 79.38
CA GLU B 166 84.77 1.50 78.70
C GLU B 166 85.27 2.18 77.43
N ILE B 167 84.36 2.74 76.63
CA ILE B 167 84.79 3.40 75.40
C ILE B 167 85.52 4.71 75.71
N LYS B 168 85.14 5.39 76.80
CA LYS B 168 85.90 6.57 77.21
C LYS B 168 87.27 6.18 77.75
N ASN B 169 87.36 5.05 78.44
CA ASN B 169 88.64 4.57 78.93
C ASN B 169 89.56 4.12 77.81
N ASP B 170 89.02 3.73 76.65
CA ASP B 170 89.85 3.38 75.52
C ASP B 170 90.66 4.58 75.04
N ARG B 171 90.04 5.77 74.99
CA ARG B 171 90.79 6.99 74.73
C ARG B 171 91.70 7.32 75.90
N GLY B 172 91.29 7.00 77.12
CA GLY B 172 92.12 7.23 78.29
C GLY B 172 93.23 6.22 78.50
N GLY B 173 93.23 5.13 77.75
CA GLY B 173 94.30 4.15 77.85
C GLY B 173 93.84 2.74 78.15
N GLU B 174 92.84 2.60 79.00
CA GLU B 174 92.32 1.28 79.40
C GLU B 174 91.38 0.79 78.31
N ASP B 175 91.91 -0.03 77.39
CA ASP B 175 91.07 -0.54 76.32
C ASP B 175 90.15 -1.65 76.83
N PRO B 176 88.92 -1.72 76.32
CA PRO B 176 88.03 -2.83 76.68
C PRO B 176 88.18 -3.99 75.71
N ASN B 177 87.58 -5.11 76.09
CA ASN B 177 87.57 -6.29 75.22
C ASN B 177 86.70 -6.03 74.00
N GLN B 178 87.11 -6.58 72.86
CA GLN B 178 86.42 -6.31 71.60
C GLN B 178 85.01 -6.91 71.61
N LYS B 179 84.89 -8.19 71.97
CA LYS B 179 83.59 -8.84 71.88
C LYS B 179 82.63 -8.37 72.97
N VAL B 180 83.17 -7.90 74.11
CA VAL B 180 82.31 -7.46 75.20
C VAL B 180 81.61 -6.16 74.84
N ILE B 181 82.32 -5.24 74.20
CA ILE B 181 81.74 -3.93 73.91
C ILE B 181 81.04 -3.90 72.54
N HIS B 182 81.50 -4.70 71.58
CA HIS B 182 80.88 -4.73 70.26
C HIS B 182 79.66 -5.65 70.18
N GLY B 183 79.52 -6.58 71.13
CA GLY B 183 78.37 -7.45 71.13
C GLY B 183 77.13 -6.87 71.76
N VAL B 184 77.23 -5.69 72.37
CA VAL B 184 76.09 -5.02 72.95
C VAL B 184 75.70 -3.77 72.16
N ILE B 185 76.65 -3.13 71.47
CA ILE B 185 76.34 -1.98 70.62
C ILE B 185 75.41 -2.38 69.49
N ASN B 186 75.46 -3.65 69.07
CA ASN B 186 74.53 -4.17 68.08
C ASN B 186 73.35 -4.91 68.70
N SER B 187 73.37 -5.15 70.01
CA SER B 187 72.22 -5.76 70.67
C SER B 187 71.01 -4.84 70.64
N PHE B 188 71.23 -3.54 70.85
CA PHE B 188 70.15 -2.57 70.74
C PHE B 188 69.65 -2.45 69.30
N VAL B 189 70.51 -2.75 68.32
CA VAL B 189 70.10 -2.74 66.93
C VAL B 189 69.14 -3.88 66.64
N HIS B 190 69.43 -5.06 67.18
CA HIS B 190 68.65 -6.26 66.84
C HIS B 190 67.31 -6.31 67.55
N VAL B 191 67.12 -5.57 68.64
CA VAL B 191 65.88 -5.66 69.40
C VAL B 191 64.85 -4.69 68.84
N GLU B 192 65.15 -4.09 67.69
CA GLU B 192 64.21 -3.21 67.00
C GLU B 192 64.12 -3.55 65.53
N GLN B 193 64.44 -4.79 65.16
CA GLN B 193 64.31 -5.21 63.76
C GLN B 193 62.86 -5.23 63.30
N TYR B 194 61.95 -5.66 64.19
CA TYR B 194 60.53 -5.66 63.83
C TYR B 194 60.00 -4.25 63.63
N LYS B 195 60.57 -3.28 64.35
CA LYS B 195 60.20 -1.88 64.16
C LYS B 195 60.88 -1.39 62.89
N LYS B 196 60.22 -1.62 61.75
CA LYS B 196 60.77 -1.19 60.47
C LYS B 196 60.81 0.33 60.35
N LYS B 197 59.93 1.03 61.04
CA LYS B 197 59.92 2.49 61.02
C LYS B 197 61.05 3.08 61.87
N PHE B 198 61.59 2.31 62.81
CA PHE B 198 62.70 2.76 63.67
C PHE B 198 63.80 1.70 63.64
N PRO B 199 64.54 1.60 62.54
CA PRO B 199 65.63 0.62 62.48
C PRO B 199 66.75 0.89 63.46
N LEU B 200 67.04 2.17 63.75
CA LEU B 200 68.14 2.52 64.64
C LEU B 200 67.79 3.63 65.62
N LYS B 201 66.52 4.06 65.69
CA LYS B 201 66.17 5.21 66.52
C LYS B 201 66.41 4.92 67.99
N PHE B 202 66.03 3.72 68.46
CA PHE B 202 66.20 3.40 69.87
C PHE B 202 67.67 3.31 70.25
N TYR B 203 68.51 2.74 69.38
CA TYR B 203 69.92 2.59 69.69
C TYR B 203 70.61 3.94 69.77
N GLN B 204 70.25 4.87 68.89
CA GLN B 204 70.88 6.20 68.90
C GLN B 204 70.54 6.96 70.17
N GLU B 205 69.28 6.93 70.59
CA GLU B 205 68.82 7.81 71.67
C GLU B 205 69.27 7.36 73.05
N ILE B 206 69.40 6.05 73.27
CA ILE B 206 69.66 5.55 74.61
C ILE B 206 71.15 5.30 74.87
N PHE B 207 71.95 5.08 73.84
CA PHE B 207 73.37 4.82 73.99
C PHE B 207 74.26 5.86 73.32
N GLU B 208 73.99 6.19 72.07
CA GLU B 208 74.81 7.16 71.34
C GLU B 208 74.35 8.59 71.64
N ASP C 2 65.97 -31.01 28.00
CA ASP C 2 66.45 -31.59 29.24
C ASP C 2 65.55 -32.75 29.67
N VAL C 3 66.06 -33.59 30.56
CA VAL C 3 65.34 -34.77 31.04
C VAL C 3 65.32 -34.73 32.56
N PHE C 4 64.13 -34.84 33.15
CA PHE C 4 63.96 -34.95 34.59
C PHE C 4 63.36 -36.31 34.88
N LEU C 5 64.04 -37.09 35.72
CA LEU C 5 63.60 -38.45 36.01
C LEU C 5 63.91 -38.78 37.47
N MET C 6 63.22 -39.80 37.97
CA MET C 6 63.38 -40.25 39.34
C MET C 6 64.01 -41.64 39.37
N ILE C 7 64.85 -41.88 40.37
CA ILE C 7 65.56 -43.15 40.53
C ILE C 7 65.19 -43.70 41.90
N ARG C 8 64.58 -44.88 41.93
CA ARG C 8 64.02 -45.45 43.14
C ARG C 8 64.69 -46.79 43.44
N ARG C 9 65.05 -47.00 44.72
CA ARG C 9 65.52 -48.31 45.18
C ARG C 9 64.65 -48.73 46.36
N HIS C 10 63.46 -49.24 46.04
CA HIS C 10 62.59 -50.03 46.90
C HIS C 10 62.01 -49.25 48.08
N LYS C 11 62.63 -48.13 48.44
CA LYS C 11 62.08 -47.19 49.41
C LYS C 11 62.42 -45.73 49.09
N THR C 12 63.23 -45.45 48.08
CA THR C 12 63.80 -44.12 47.88
C THR C 12 63.32 -43.54 46.56
N THR C 13 63.76 -42.32 46.29
CA THR C 13 63.47 -41.65 45.02
C THR C 13 64.51 -40.57 44.81
N ILE C 14 65.28 -40.68 43.74
CA ILE C 14 66.40 -39.78 43.46
C ILE C 14 65.96 -38.85 42.33
N PHE C 15 65.80 -37.58 42.63
CA PHE C 15 65.38 -36.60 41.63
C PHE C 15 66.61 -35.95 41.01
N THR C 16 66.80 -36.19 39.72
CA THR C 16 67.99 -35.74 38.99
C THR C 16 67.59 -34.75 37.90
N ASP C 17 68.61 -34.16 37.27
CA ASP C 17 68.44 -33.23 36.16
C ASP C 17 69.45 -33.56 35.07
N ALA C 18 69.61 -34.85 34.77
CA ALA C 18 70.56 -35.26 33.75
C ALA C 18 70.06 -34.88 32.36
N LYS C 19 70.92 -34.22 31.58
CA LYS C 19 70.54 -33.75 30.26
C LYS C 19 70.49 -34.92 29.28
N GLU C 20 70.07 -34.63 28.05
CA GLU C 20 70.00 -35.67 27.03
C GLU C 20 71.38 -36.08 26.55
N SER C 21 72.40 -35.25 26.78
CA SER C 21 73.75 -35.60 26.37
C SER C 21 74.35 -36.64 27.30
N SER C 22 74.07 -36.54 28.59
CA SER C 22 74.64 -37.46 29.56
C SER C 22 74.03 -38.84 29.43
N THR C 23 74.83 -39.87 29.68
CA THR C 23 74.41 -41.25 29.64
C THR C 23 74.35 -41.82 31.04
N VAL C 24 74.11 -43.14 31.13
CA VAL C 24 73.87 -43.87 32.37
C VAL C 24 74.99 -43.63 33.38
N PHE C 25 76.20 -43.45 32.89
CA PHE C 25 77.36 -43.30 33.77
C PHE C 25 77.24 -42.07 34.66
N GLU C 26 76.72 -40.97 34.10
CA GLU C 26 76.54 -39.75 34.90
C GLU C 26 75.51 -39.95 35.99
N LEU C 27 74.42 -40.67 35.71
CA LEU C 27 73.45 -40.96 36.76
C LEU C 27 74.02 -41.90 37.81
N LYS C 28 74.89 -42.83 37.38
CA LYS C 28 75.57 -43.67 38.36
C LYS C 28 76.45 -42.85 39.29
N ARG C 29 77.18 -41.87 38.72
CA ARG C 29 77.97 -40.97 39.55
C ARG C 29 77.09 -40.12 40.47
N ILE C 30 75.93 -39.70 39.97
CA ILE C 30 75.01 -38.92 40.79
C ILE C 30 74.52 -39.74 41.98
N VAL C 31 74.15 -41.00 41.74
CA VAL C 31 73.73 -41.89 42.82
C VAL C 31 74.88 -42.13 43.79
N GLU C 32 76.09 -42.31 43.26
CA GLU C 32 77.26 -42.50 44.13
C GLU C 32 77.51 -41.27 45.00
N GLY C 33 77.20 -40.08 44.48
CA GLY C 33 77.40 -38.86 45.24
C GLY C 33 76.50 -38.74 46.45
N ILE C 34 75.41 -39.49 46.51
CA ILE C 34 74.50 -39.43 47.63
C ILE C 34 74.28 -40.77 48.31
N LEU C 35 74.43 -41.90 47.60
CA LEU C 35 74.26 -43.21 48.21
C LEU C 35 75.57 -43.97 48.38
N LYS C 36 76.68 -43.44 47.86
CA LYS C 36 78.02 -44.00 48.05
C LYS C 36 78.11 -45.46 47.57
N ARG C 37 77.60 -45.73 46.39
CA ARG C 37 77.68 -47.07 45.82
C ARG C 37 78.31 -47.03 44.43
N PRO C 38 79.35 -47.82 44.19
CA PRO C 38 80.01 -47.81 42.88
C PRO C 38 79.09 -48.30 41.79
N PRO C 39 79.27 -47.83 40.56
CA PRO C 39 78.46 -48.35 39.44
C PRO C 39 78.67 -49.84 39.18
N ASP C 40 79.82 -50.40 39.59
CA ASP C 40 80.03 -51.83 39.43
C ASP C 40 79.14 -52.62 40.39
N GLU C 41 78.90 -52.09 41.59
CA GLU C 41 78.09 -52.80 42.58
C GLU C 41 76.61 -52.79 42.19
N GLN C 42 76.09 -51.66 41.76
CA GLN C 42 74.66 -51.47 41.54
C GLN C 42 74.38 -51.02 40.12
N ARG C 43 73.24 -51.47 39.59
CA ARG C 43 72.80 -51.14 38.25
C ARG C 43 71.34 -50.73 38.27
N LEU C 44 70.98 -49.81 37.39
CA LEU C 44 69.61 -49.31 37.32
C LEU C 44 68.78 -50.15 36.36
N TYR C 45 67.46 -50.13 36.58
CA TYR C 45 66.52 -50.93 35.80
C TYR C 45 65.35 -50.05 35.39
N LYS C 46 65.28 -49.70 34.10
CA LYS C 46 64.07 -49.07 33.57
C LYS C 46 63.06 -50.16 33.23
N ASP C 47 61.87 -50.06 33.84
CA ASP C 47 60.84 -51.09 33.76
C ASP C 47 61.42 -52.43 34.18
N ASP C 48 61.59 -53.34 33.21
CA ASP C 48 62.26 -54.61 33.42
C ASP C 48 63.37 -54.82 32.38
N GLN C 49 64.10 -53.76 32.05
CA GLN C 49 65.11 -53.80 31.01
C GLN C 49 66.40 -53.16 31.52
N LEU C 50 67.53 -53.75 31.10
CA LEU C 50 68.85 -53.31 31.54
C LEU C 50 69.45 -52.36 30.51
N LEU C 51 69.96 -51.23 30.98
CA LEU C 51 70.53 -50.21 30.11
C LEU C 51 72.05 -50.36 30.05
N ASP C 52 72.58 -50.31 28.83
CA ASP C 52 74.02 -50.30 28.65
C ASP C 52 74.61 -48.99 29.17
N ASP C 53 75.80 -49.08 29.77
CA ASP C 53 76.43 -47.90 30.34
C ASP C 53 76.78 -46.87 29.27
N GLY C 54 77.26 -47.32 28.11
CA GLY C 54 77.61 -46.40 27.04
C GLY C 54 76.41 -45.96 26.22
N LYS C 55 75.25 -46.58 26.46
CA LYS C 55 74.05 -46.23 25.73
C LYS C 55 73.39 -45.00 26.34
N THR C 56 73.25 -43.94 25.53
CA THR C 56 72.70 -42.69 26.02
C THR C 56 71.22 -42.84 26.35
N LEU C 57 70.79 -42.17 27.42
CA LEU C 57 69.41 -42.28 27.87
C LEU C 57 68.42 -41.70 26.85
N GLY C 58 68.92 -40.88 25.93
CA GLY C 58 68.05 -40.28 24.93
C GLY C 58 67.36 -41.28 24.04
N GLU C 59 68.07 -42.35 23.66
CA GLU C 59 67.48 -43.41 22.86
C GLU C 59 66.89 -44.53 23.71
N CYS C 60 66.89 -44.38 25.04
CA CYS C 60 66.33 -45.36 25.95
C CYS C 60 64.89 -45.03 26.33
N GLY C 61 64.22 -44.25 25.51
CA GLY C 61 62.84 -43.85 25.77
C GLY C 61 62.68 -42.66 26.69
N PHE C 62 63.76 -42.01 27.10
CA PHE C 62 63.69 -40.86 28.00
C PHE C 62 63.69 -39.55 27.19
N THR C 63 62.64 -39.38 26.41
CA THR C 63 62.47 -38.14 25.65
C THR C 63 62.03 -37.02 26.60
N SER C 64 62.11 -35.78 26.09
CA SER C 64 61.69 -34.63 26.90
C SER C 64 60.20 -34.68 27.21
N GLN C 65 59.38 -35.04 26.22
CA GLN C 65 57.93 -35.08 26.42
C GLN C 65 57.49 -36.24 27.29
N THR C 66 58.38 -37.20 27.58
CA THR C 66 58.07 -38.31 28.47
C THR C 66 58.56 -38.07 29.90
N ALA C 67 59.61 -37.28 30.07
CA ALA C 67 60.24 -37.11 31.37
C ALA C 67 60.28 -35.64 31.80
N ARG C 68 59.14 -34.96 31.68
CA ARG C 68 59.04 -33.59 32.18
C ARG C 68 59.08 -33.59 33.70
N PRO C 69 59.50 -32.47 34.31
CA PRO C 69 59.58 -32.42 35.78
C PRO C 69 58.23 -32.58 36.47
N GLN C 70 57.13 -32.33 35.75
CA GLN C 70 55.80 -32.53 36.31
C GLN C 70 55.57 -34.01 36.64
N ALA C 71 55.87 -34.89 35.69
CA ALA C 71 55.76 -36.34 35.88
C ALA C 71 57.07 -36.97 35.39
N PRO C 72 58.11 -36.92 36.22
CA PRO C 72 59.40 -37.47 35.80
C PRO C 72 59.36 -38.98 35.63
N ALA C 73 60.21 -39.47 34.73
CA ALA C 73 60.30 -40.89 34.47
C ALA C 73 60.87 -41.64 35.67
N THR C 74 60.43 -42.88 35.84
CA THR C 74 60.81 -43.72 36.97
C THR C 74 61.73 -44.83 36.49
N VAL C 75 62.86 -45.01 37.18
CA VAL C 75 63.78 -46.11 36.94
C VAL C 75 64.05 -46.81 38.26
N GLY C 76 64.08 -48.13 38.23
CA GLY C 76 64.36 -48.90 39.42
C GLY C 76 65.85 -49.13 39.62
N LEU C 77 66.27 -49.09 40.88
CA LEU C 77 67.67 -49.24 41.25
C LEU C 77 67.85 -50.54 42.02
N ALA C 78 68.79 -51.37 41.59
CA ALA C 78 69.09 -52.64 42.22
C ALA C 78 70.54 -52.62 42.70
N PHE C 79 70.74 -52.91 43.98
CA PHE C 79 72.08 -52.95 44.56
C PHE C 79 72.75 -54.30 44.31
N LEU C 88 62.02 -55.78 39.74
CA LEU C 88 62.43 -55.35 41.07
C LEU C 88 61.31 -55.58 42.09
N CYS C 89 61.46 -54.96 43.26
CA CYS C 89 60.48 -55.06 44.34
C CYS C 89 60.19 -53.67 44.91
N ILE C 90 59.93 -52.72 44.01
CA ILE C 90 59.65 -51.35 44.44
C ILE C 90 58.30 -51.29 45.13
N GLU C 91 58.29 -50.79 46.36
CA GLU C 91 57.04 -50.70 47.10
C GLU C 91 56.14 -49.63 46.48
N PRO C 92 54.84 -49.89 46.35
CA PRO C 92 53.94 -48.89 45.78
C PRO C 92 53.86 -47.63 46.63
N PHE C 93 53.52 -46.53 45.98
CA PHE C 93 53.49 -45.18 46.56
C PHE C 93 52.39 -44.98 47.57
N SER C 94 51.63 -45.99 48.02
CA SER C 94 50.52 -45.81 48.95
C SER C 94 49.48 -44.84 48.35
N SER C 95 48.84 -45.34 47.30
CA SER C 95 47.97 -44.53 46.46
C SER C 95 46.87 -43.88 47.30
N PRO C 96 46.47 -42.65 46.99
CA PRO C 96 45.47 -41.95 47.80
C PRO C 96 44.12 -42.63 47.72
N PRO C 97 43.26 -42.45 48.74
CA PRO C 97 41.96 -43.13 48.74
C PRO C 97 41.12 -42.72 47.54
N GLU C 98 40.37 -43.68 47.01
CA GLU C 98 39.55 -43.44 45.84
C GLU C 98 38.38 -42.53 46.19
N LEU C 99 37.85 -41.88 45.15
CA LEU C 99 36.73 -40.97 45.29
C LEU C 99 35.45 -41.62 44.77
N PRO C 100 34.29 -41.28 45.32
CA PRO C 100 33.04 -41.77 44.76
C PRO C 100 32.87 -41.29 43.33
N ASP C 101 32.26 -42.13 42.50
CA ASP C 101 32.12 -41.82 41.08
C ASP C 101 30.93 -40.90 40.81
N VAL C 102 30.20 -40.49 41.84
CA VAL C 102 29.09 -39.54 41.75
C VAL C 102 27.97 -40.11 40.89
N MET C 103 28.23 -40.26 39.59
CA MET C 103 27.22 -40.80 38.69
C MET C 103 27.02 -42.30 38.87
N LYS C 104 27.88 -42.96 39.64
CA LYS C 104 27.67 -44.36 39.98
C LYS C 104 26.42 -44.47 40.84
N PRO C 105 25.49 -45.37 40.50
CA PRO C 105 24.25 -45.48 41.30
C PRO C 105 24.49 -46.10 42.67
N GLN C 106 25.13 -45.34 43.56
CA GLN C 106 25.39 -45.74 44.93
C GLN C 106 26.13 -47.08 45.03
N MET D 1 74.25 -30.82 49.45
CA MET D 1 73.62 -30.43 48.19
C MET D 1 72.28 -31.14 48.03
N TYR D 2 72.17 -32.34 48.58
CA TYR D 2 70.95 -33.12 48.53
C TYR D 2 70.39 -33.29 49.93
N VAL D 3 69.06 -33.27 50.04
CA VAL D 3 68.37 -33.44 51.31
C VAL D 3 67.33 -34.55 51.14
N LYS D 4 67.15 -35.35 52.18
CA LYS D 4 66.22 -36.49 52.15
C LYS D 4 65.05 -36.23 53.08
N LEU D 5 63.86 -36.62 52.62
CA LEU D 5 62.61 -36.37 53.34
C LEU D 5 61.91 -37.71 53.59
N ILE D 6 61.34 -37.85 54.78
CA ILE D 6 60.71 -39.09 55.20
C ILE D 6 59.20 -38.87 55.28
N SER D 7 58.45 -39.73 54.60
CA SER D 7 57.00 -39.69 54.65
C SER D 7 56.50 -40.34 55.94
N SER D 8 55.19 -40.25 56.17
CA SER D 8 54.60 -40.95 57.31
C SER D 8 54.51 -42.45 57.09
N ASP D 9 54.64 -42.90 55.84
CA ASP D 9 54.59 -44.32 55.51
C ASP D 9 55.97 -44.96 55.42
N GLY D 10 57.02 -44.23 55.80
CA GLY D 10 58.37 -44.76 55.80
C GLY D 10 59.14 -44.54 54.52
N HIS D 11 58.51 -44.01 53.48
CA HIS D 11 59.22 -43.75 52.23
C HIS D 11 60.22 -42.61 52.42
N GLU D 12 61.31 -42.68 51.66
CA GLU D 12 62.36 -41.67 51.67
C GLU D 12 62.41 -40.99 50.31
N PHE D 13 62.42 -39.66 50.30
CA PHE D 13 62.51 -38.89 49.07
C PHE D 13 63.72 -37.96 49.16
N ILE D 14 64.65 -38.13 48.23
CA ILE D 14 65.89 -37.37 48.22
C ILE D 14 65.81 -36.37 47.07
N VAL D 15 65.93 -35.09 47.39
CA VAL D 15 65.87 -34.01 46.41
C VAL D 15 66.99 -33.03 46.74
N LYS D 16 67.39 -32.25 45.74
CA LYS D 16 68.44 -31.26 45.93
C LYS D 16 67.99 -30.20 46.93
N ARG D 17 68.96 -29.60 47.62
CA ARG D 17 68.64 -28.57 48.60
C ARG D 17 67.99 -27.36 47.94
N GLU D 18 68.48 -26.95 46.77
CA GLU D 18 67.92 -25.78 46.10
C GLU D 18 66.49 -26.01 45.65
N HIS D 19 66.13 -27.25 45.31
CA HIS D 19 64.74 -27.56 45.00
C HIS D 19 63.88 -27.53 46.27
N ALA D 20 64.39 -28.04 47.38
CA ALA D 20 63.60 -28.14 48.60
C ALA D 20 63.43 -26.79 49.30
N LEU D 21 64.24 -25.79 48.96
CA LEU D 21 64.08 -24.48 49.58
C LEU D 21 62.88 -23.71 49.06
N THR D 22 62.16 -24.26 48.08
CA THR D 22 60.93 -23.62 47.60
C THR D 22 59.89 -23.53 48.71
N SER D 23 59.76 -24.61 49.50
CA SER D 23 58.82 -24.60 50.61
C SER D 23 59.27 -23.65 51.70
N GLY D 24 58.32 -22.91 52.27
CA GLY D 24 58.64 -21.97 53.31
C GLY D 24 59.13 -22.63 54.59
N THR D 25 58.47 -23.71 55.01
CA THR D 25 58.82 -24.34 56.28
C THR D 25 59.89 -25.40 56.14
N ILE D 26 60.21 -25.86 54.93
CA ILE D 26 61.34 -26.76 54.77
C ILE D 26 62.65 -26.02 55.07
N LYS D 27 62.68 -24.71 54.81
CA LYS D 27 63.82 -23.91 55.21
C LYS D 27 64.01 -23.93 56.72
N ALA D 28 62.91 -23.86 57.48
CA ALA D 28 63.01 -24.00 58.93
C ALA D 28 63.32 -25.43 59.34
N MET D 29 62.88 -26.41 58.54
CA MET D 29 63.25 -27.80 58.79
C MET D 29 64.76 -27.99 58.70
N LEU D 30 65.39 -27.34 57.72
CA LEU D 30 66.84 -27.43 57.56
C LEU D 30 67.58 -26.49 58.49
N SER D 31 66.89 -25.52 59.09
CA SER D 31 67.51 -24.60 60.03
C SER D 31 67.42 -25.18 61.45
N GLY D 32 67.77 -24.38 62.44
CA GLY D 32 67.75 -24.82 63.81
C GLY D 32 68.88 -25.79 64.12
N PRO D 33 68.59 -26.83 64.89
CA PRO D 33 69.60 -27.84 65.17
C PRO D 33 70.01 -28.61 63.93
N GLY D 34 71.27 -29.04 63.92
CA GLY D 34 71.81 -29.77 62.79
C GLY D 34 71.72 -31.27 62.94
N THR D 41 73.54 -33.76 53.53
CA THR D 41 72.37 -34.57 53.81
C THR D 41 71.77 -34.22 55.17
N ASN D 42 70.52 -33.77 55.15
CA ASN D 42 69.80 -33.40 56.37
C ASN D 42 68.56 -34.28 56.50
N GLU D 43 68.23 -34.64 57.74
CA GLU D 43 67.11 -35.53 58.01
C GLU D 43 65.85 -34.71 58.28
N VAL D 44 64.78 -35.03 57.54
CA VAL D 44 63.49 -34.34 57.66
C VAL D 44 62.41 -35.41 57.72
N ASN D 45 61.55 -35.34 58.74
CA ASN D 45 60.51 -36.32 58.96
C ASN D 45 59.16 -35.64 59.12
N PHE D 46 58.15 -36.23 58.49
CA PHE D 46 56.76 -35.81 58.65
C PHE D 46 55.97 -36.98 59.17
N ARG D 47 55.33 -36.81 60.34
CA ARG D 47 54.47 -37.88 60.84
C ARG D 47 53.08 -37.85 60.23
N GLU D 48 52.69 -36.75 59.57
CA GLU D 48 51.37 -36.65 58.97
C GLU D 48 51.38 -36.91 57.47
N ILE D 49 52.39 -36.42 56.76
CA ILE D 49 52.43 -36.43 55.30
C ILE D 49 52.68 -37.84 54.78
N PRO D 50 51.77 -38.41 54.00
CA PRO D 50 52.00 -39.73 53.40
C PRO D 50 52.95 -39.63 52.22
N SER D 51 53.16 -40.77 51.57
CA SER D 51 54.18 -40.87 50.52
C SER D 51 53.73 -40.23 49.21
N HIS D 52 52.45 -40.35 48.85
CA HIS D 52 52.01 -39.87 47.54
C HIS D 52 52.00 -38.35 47.48
N VAL D 53 51.50 -37.68 48.53
CA VAL D 53 51.49 -36.22 48.52
C VAL D 53 52.90 -35.67 48.60
N LEU D 54 53.81 -36.34 49.33
CA LEU D 54 55.18 -35.88 49.38
C LEU D 54 55.89 -36.10 48.06
N SER D 55 55.56 -37.19 47.35
CA SER D 55 56.07 -37.36 46.00
C SER D 55 55.58 -36.24 45.08
N LYS D 56 54.31 -35.85 45.23
CA LYS D 56 53.78 -34.76 44.42
C LYS D 56 54.47 -33.44 44.73
N VAL D 57 54.74 -33.18 46.02
CA VAL D 57 55.45 -31.96 46.41
C VAL D 57 56.88 -31.98 45.86
N CYS D 58 57.53 -33.14 45.93
CA CYS D 58 58.90 -33.24 45.44
C CYS D 58 58.97 -33.05 43.93
N MET D 59 57.97 -33.57 43.20
CA MET D 59 57.89 -33.27 41.77
C MET D 59 57.60 -31.80 41.52
N TYR D 60 56.80 -31.17 42.39
CA TYR D 60 56.54 -29.74 42.25
C TYR D 60 57.80 -28.92 42.45
N PHE D 61 58.72 -29.39 43.30
CA PHE D 61 59.98 -28.67 43.46
C PHE D 61 60.74 -28.58 42.13
N THR D 62 60.90 -29.71 41.45
CA THR D 62 61.58 -29.70 40.16
C THR D 62 60.80 -28.93 39.12
N TYR D 63 59.46 -28.96 39.22
CA TYR D 63 58.65 -28.14 38.32
C TYR D 63 58.86 -26.65 38.57
N LYS D 64 58.98 -26.26 39.83
CA LYS D 64 59.09 -24.85 40.20
C LYS D 64 60.45 -24.29 39.82
N VAL D 65 61.51 -25.02 40.15
CA VAL D 65 62.87 -24.50 39.91
C VAL D 65 63.16 -24.44 38.41
N ARG D 66 62.78 -25.48 37.68
CA ARG D 66 63.03 -25.50 36.23
C ARG D 66 62.25 -24.39 35.52
N TYR D 67 60.99 -24.20 35.89
CA TYR D 67 60.13 -23.22 35.24
C TYR D 67 60.17 -21.84 35.89
N THR D 68 61.06 -21.64 36.87
CA THR D 68 61.20 -20.33 37.50
C THR D 68 61.58 -19.29 36.45
N ASN D 69 60.94 -18.13 36.54
CA ASN D 69 61.08 -16.94 35.69
C ASN D 69 61.32 -17.27 34.22
N SER D 70 60.59 -18.27 33.71
CA SER D 70 60.71 -18.66 32.32
C SER D 70 59.98 -17.66 31.42
N SER D 71 60.42 -17.59 30.16
CA SER D 71 59.82 -16.70 29.19
C SER D 71 58.75 -17.37 28.34
N THR D 72 58.44 -18.64 28.60
CA THR D 72 57.47 -19.39 27.82
C THR D 72 56.19 -19.59 28.64
N GLU D 73 55.22 -20.26 28.02
CA GLU D 73 53.95 -20.56 28.67
C GLU D 73 54.15 -21.76 29.59
N ILE D 74 54.16 -21.52 30.90
CA ILE D 74 54.41 -22.58 31.87
C ILE D 74 53.19 -23.48 31.96
N PRO D 75 53.33 -24.78 31.69
CA PRO D 75 52.20 -25.70 31.85
C PRO D 75 51.81 -25.84 33.32
N GLU D 76 50.54 -26.11 33.55
CA GLU D 76 50.02 -26.21 34.90
C GLU D 76 50.40 -27.55 35.52
N PHE D 77 50.69 -27.53 36.82
CA PHE D 77 51.10 -28.74 37.53
C PHE D 77 49.93 -29.71 37.63
N PRO D 78 50.06 -30.94 37.13
CA PRO D 78 48.92 -31.87 37.15
C PRO D 78 48.64 -32.49 38.51
N ILE D 79 47.88 -31.80 39.35
CA ILE D 79 47.46 -32.32 40.65
C ILE D 79 46.19 -33.13 40.44
N ALA D 80 46.30 -34.46 40.53
CA ALA D 80 45.22 -35.34 40.18
C ALA D 80 44.02 -35.15 41.11
N PRO D 81 42.79 -35.36 40.62
CA PRO D 81 41.60 -35.08 41.44
C PRO D 81 41.53 -35.88 42.72
N GLU D 82 41.99 -37.13 42.73
CA GLU D 82 41.91 -37.93 43.95
C GLU D 82 42.94 -37.44 44.98
N ILE D 83 44.15 -37.13 44.55
CA ILE D 83 45.15 -36.52 45.43
C ILE D 83 45.03 -35.01 45.24
N ALA D 84 44.01 -34.43 45.89
CA ALA D 84 43.83 -32.99 45.77
C ALA D 84 43.75 -32.31 47.13
N LEU D 85 42.98 -32.89 48.06
CA LEU D 85 42.83 -32.27 49.36
C LEU D 85 43.97 -32.64 50.30
N GLU D 86 44.43 -33.89 50.22
CA GLU D 86 45.60 -34.29 51.00
C GLU D 86 46.83 -33.52 50.56
N LEU D 87 46.93 -33.21 49.26
CA LEU D 87 48.04 -32.41 48.78
C LEU D 87 47.85 -30.93 49.09
N LEU D 88 46.60 -30.46 49.10
CA LEU D 88 46.33 -29.09 49.49
C LEU D 88 46.69 -28.85 50.95
N MET D 89 46.39 -29.81 51.82
CA MET D 89 46.82 -29.72 53.21
C MET D 89 48.34 -29.71 53.31
N ALA D 90 49.01 -30.55 52.52
CA ALA D 90 50.47 -30.56 52.50
C ALA D 90 51.02 -29.24 51.96
N ALA D 91 50.37 -28.68 50.94
CA ALA D 91 50.84 -27.42 50.37
C ALA D 91 50.74 -26.28 51.38
N ASN D 92 49.66 -26.27 52.19
CA ASN D 92 49.54 -25.26 53.22
C ASN D 92 50.57 -25.47 54.32
N PHE D 93 50.69 -26.70 54.81
CA PHE D 93 51.64 -26.98 55.89
C PHE D 93 53.08 -26.75 55.44
N LEU D 94 53.42 -27.19 54.24
CA LEU D 94 54.79 -27.01 53.76
C LEU D 94 55.07 -25.58 53.31
N ASP D 95 54.04 -24.75 53.16
CA ASP D 95 54.17 -23.40 52.59
C ASP D 95 54.91 -23.48 51.25
N CYS D 96 54.48 -24.44 50.45
CA CYS D 96 55.17 -24.79 49.22
C CYS D 96 54.62 -24.00 48.04
N LEU E 10 21.32 31.67 36.75
CA LEU E 10 21.72 31.42 38.13
C LEU E 10 21.19 32.50 39.07
N THR E 11 20.15 32.17 39.83
CA THR E 11 19.52 33.10 40.75
C THR E 11 19.47 32.60 42.18
N ARG E 12 19.26 31.31 42.38
CA ARG E 12 19.06 30.74 43.71
C ARG E 12 20.39 30.31 44.32
N ASN E 13 20.31 29.58 45.42
CA ASN E 13 21.48 29.01 46.09
C ASN E 13 21.37 27.48 46.05
N LYS E 14 22.35 26.83 46.66
CA LYS E 14 22.36 25.37 46.72
C LYS E 14 21.25 24.87 47.65
N GLY E 15 20.63 23.75 47.27
CA GLY E 15 19.61 23.14 48.08
C GLY E 15 20.15 22.68 49.42
N PRO E 16 19.43 22.99 50.51
CA PRO E 16 19.87 22.63 51.85
C PRO E 16 19.73 21.14 52.15
N GLU F 7 -11.07 -28.44 30.75
CA GLU F 7 -11.26 -29.89 30.76
C GLU F 7 -10.60 -30.51 31.98
N TRP F 8 -9.51 -29.90 32.44
CA TRP F 8 -8.77 -30.32 33.63
C TRP F 8 -8.29 -31.77 33.50
N ILE F 9 -7.43 -32.00 32.51
CA ILE F 9 -6.82 -33.32 32.34
C ILE F 9 -5.77 -33.52 33.43
N PRO F 10 -5.82 -34.61 34.19
CA PRO F 10 -4.81 -34.83 35.22
C PRO F 10 -3.43 -35.04 34.60
N GLU F 11 -2.41 -34.52 35.27
CA GLU F 11 -1.05 -34.67 34.79
C GLU F 11 -0.55 -36.09 35.02
N THR F 12 0.44 -36.48 34.22
CA THR F 12 0.95 -37.84 34.27
C THR F 12 1.69 -38.11 35.57
N LEU F 13 1.88 -39.40 35.88
CA LEU F 13 2.65 -39.75 37.06
C LEU F 13 4.11 -39.35 36.91
N TYR F 14 4.61 -39.29 35.67
CA TYR F 14 5.97 -38.81 35.45
C TYR F 14 6.11 -37.36 35.90
N ASN F 15 5.23 -36.49 35.41
CA ASN F 15 5.29 -35.08 35.80
C ASN F 15 4.98 -34.89 37.28
N THR F 16 4.08 -35.71 37.84
CA THR F 16 3.78 -35.61 39.26
C THR F 16 4.98 -35.99 40.11
N ALA F 17 5.69 -37.06 39.73
CA ALA F 17 6.88 -37.45 40.47
C ALA F 17 8.05 -36.52 40.20
N ILE F 18 8.08 -35.88 39.03
CA ILE F 18 9.09 -34.86 38.76
C ILE F 18 8.95 -33.72 39.75
N SER F 19 7.73 -33.25 39.96
CA SER F 19 7.51 -32.15 40.91
C SER F 19 7.76 -32.58 42.34
N ALA F 20 7.53 -33.85 42.66
CA ALA F 20 7.77 -34.33 44.02
C ALA F 20 9.25 -34.48 44.32
N VAL F 21 10.04 -34.94 43.33
CA VAL F 21 11.47 -35.07 43.53
C VAL F 21 12.14 -33.71 43.62
N VAL F 22 11.70 -32.76 42.79
CA VAL F 22 12.24 -31.40 42.85
C VAL F 22 11.95 -30.76 44.20
N ASP F 23 10.72 -30.94 44.71
CA ASP F 23 10.37 -30.38 46.01
C ASP F 23 11.20 -30.97 47.14
N ASN F 24 11.81 -32.13 46.94
CA ASN F 24 12.74 -32.71 47.90
C ASN F 24 14.12 -32.79 47.27
N TYR F 25 14.52 -31.74 46.55
CA TYR F 25 15.78 -31.78 45.80
C TYR F 25 16.99 -31.80 46.73
N ILE F 26 16.98 -30.98 47.78
CA ILE F 26 18.17 -30.80 48.59
C ILE F 26 18.59 -32.09 49.26
N ARG F 27 17.61 -32.84 49.81
CA ARG F 27 17.93 -34.10 50.47
C ARG F 27 18.42 -35.15 49.47
N SER F 28 17.80 -35.20 48.29
CA SER F 28 18.07 -36.24 47.30
C SER F 28 18.78 -35.69 46.07
N ARG F 29 19.70 -34.74 46.25
CA ARG F 29 20.45 -34.21 45.12
C ARG F 29 21.53 -35.18 44.66
N ARG F 30 22.01 -36.06 45.55
CA ARG F 30 23.04 -37.02 45.17
C ARG F 30 22.46 -38.17 44.36
N ASP F 31 21.26 -38.63 44.74
CA ASP F 31 20.64 -39.74 44.05
C ASP F 31 20.02 -39.35 42.71
N ILE F 32 19.75 -38.06 42.50
CA ILE F 32 19.24 -37.61 41.21
C ILE F 32 20.32 -37.78 40.14
N ARG F 33 21.58 -37.56 40.51
CA ARG F 33 22.68 -37.70 39.56
C ARG F 33 22.87 -39.13 39.08
N SER F 34 22.24 -40.12 39.73
CA SER F 34 22.29 -41.50 39.30
C SER F 34 21.06 -41.90 38.49
N LEU F 35 20.17 -40.97 38.20
CA LEU F 35 18.97 -41.28 37.43
C LEU F 35 19.32 -41.46 35.95
N PRO F 36 18.42 -42.09 35.18
CA PRO F 36 18.61 -42.14 33.73
C PRO F 36 18.70 -40.75 33.11
N GLU F 37 19.23 -40.71 31.88
CA GLU F 37 19.54 -39.45 31.24
C GLU F 37 18.28 -38.62 30.99
N ASN F 38 17.19 -39.28 30.59
CA ASN F 38 15.98 -38.55 30.25
C ASN F 38 15.29 -37.98 31.48
N ILE F 39 15.38 -38.68 32.63
CA ILE F 39 14.78 -38.14 33.85
C ILE F 39 15.58 -36.96 34.36
N GLN F 40 16.91 -37.04 34.31
CA GLN F 40 17.75 -36.02 34.90
C GLN F 40 17.52 -34.66 34.25
N PHE F 41 17.36 -34.64 32.93
CA PHE F 41 17.04 -33.39 32.26
C PHE F 41 15.70 -32.85 32.73
N ASP F 42 14.72 -33.73 32.94
CA ASP F 42 13.39 -33.28 33.34
C ASP F 42 13.38 -32.75 34.75
N VAL F 43 14.17 -33.36 35.65
CA VAL F 43 14.33 -32.80 37.00
C VAL F 43 15.01 -31.43 36.91
N TYR F 44 16.06 -31.33 36.10
CA TYR F 44 16.79 -30.08 35.99
C TYR F 44 15.97 -29.01 35.27
N TYR F 45 15.22 -29.39 34.24
CA TYR F 45 14.35 -28.42 33.60
C TYR F 45 13.19 -28.03 34.51
N LYS F 46 12.78 -28.90 35.42
CA LYS F 46 11.79 -28.51 36.40
C LYS F 46 12.36 -27.51 37.40
N LEU F 47 13.61 -27.71 37.81
CA LEU F 47 14.27 -26.71 38.66
C LEU F 47 14.38 -25.38 37.95
N TYR F 48 14.70 -25.39 36.65
CA TYR F 48 14.71 -24.15 35.89
C TYR F 48 13.33 -23.52 35.83
N GLN F 49 12.30 -24.33 35.58
CA GLN F 49 10.94 -23.80 35.48
C GLN F 49 10.46 -23.24 36.81
N GLN F 50 10.84 -23.87 37.91
CA GLN F 50 10.50 -23.37 39.24
C GLN F 50 11.30 -22.13 39.63
N GLY F 51 12.19 -21.65 38.78
CA GLY F 51 13.00 -20.50 39.08
C GLY F 51 14.19 -20.78 39.99
N ARG F 52 14.49 -22.04 40.25
CA ARG F 52 15.60 -22.40 41.11
C ARG F 52 16.90 -22.54 40.30
N LEU F 53 17.26 -21.43 39.65
CA LEU F 53 18.49 -21.41 38.86
C LEU F 53 19.71 -21.60 39.73
N CYS F 54 19.72 -21.00 40.92
CA CYS F 54 20.90 -21.08 41.77
C CYS F 54 21.06 -22.46 42.37
N GLN F 55 19.97 -23.19 42.57
CA GLN F 55 20.04 -24.59 42.95
C GLN F 55 20.43 -25.45 41.75
N LEU F 56 20.00 -25.05 40.56
CA LEU F 56 20.34 -25.76 39.33
C LEU F 56 21.76 -25.46 38.86
N GLY F 57 22.21 -24.22 39.01
CA GLY F 57 23.55 -23.86 38.59
C GLY F 57 24.64 -24.54 39.38
N SER F 58 24.32 -25.06 40.57
CA SER F 58 25.28 -25.81 41.35
C SER F 58 25.63 -27.15 40.70
N GLU F 59 24.80 -27.63 39.79
CA GLU F 59 25.03 -28.91 39.11
C GLU F 59 25.48 -28.77 37.67
N PHE F 60 25.04 -27.73 36.97
CA PHE F 60 25.50 -27.52 35.60
C PHE F 60 26.95 -27.08 35.55
N CYS F 61 27.50 -26.58 36.66
CA CYS F 61 28.91 -26.22 36.72
C CYS F 61 29.83 -27.44 36.80
N GLU F 62 29.27 -28.63 36.99
CA GLU F 62 30.05 -29.87 37.01
C GLU F 62 30.03 -30.48 35.61
N LEU F 63 31.21 -30.83 35.10
CA LEU F 63 31.31 -31.32 33.74
C LEU F 63 30.63 -32.68 33.58
N GLU F 64 30.74 -33.55 34.58
CA GLU F 64 30.14 -34.87 34.49
C GLU F 64 28.62 -34.78 34.41
N VAL F 65 28.01 -33.93 35.23
CA VAL F 65 26.56 -33.79 35.25
C VAL F 65 26.08 -33.17 33.94
N PHE F 66 26.75 -32.13 33.47
CA PHE F 66 26.32 -31.48 32.23
C PHE F 66 26.55 -32.37 31.02
N ALA F 67 27.56 -33.24 31.05
CA ALA F 67 27.80 -34.14 29.94
C ALA F 67 26.64 -35.12 29.77
N LYS F 68 26.06 -35.57 30.88
CA LYS F 68 24.89 -36.43 30.79
C LYS F 68 23.65 -35.64 30.37
N VAL F 69 23.57 -34.36 30.75
CA VAL F 69 22.46 -33.52 30.31
C VAL F 69 22.54 -33.27 28.81
N LEU F 70 23.77 -33.11 28.28
CA LEU F 70 23.95 -32.89 26.85
C LEU F 70 23.58 -34.11 26.02
N ARG F 71 23.56 -35.29 26.62
CA ARG F 71 23.27 -36.51 25.86
C ARG F 71 21.80 -36.63 25.48
N ALA F 72 20.93 -35.79 26.03
CA ALA F 72 19.51 -35.77 25.66
C ALA F 72 19.34 -34.74 24.55
N LEU F 73 19.49 -35.21 23.30
CA LEU F 73 19.44 -34.31 22.15
C LEU F 73 18.03 -33.93 21.74
N ASP F 74 17.00 -34.62 22.25
CA ASP F 74 15.63 -34.24 21.92
C ASP F 74 15.30 -32.87 22.47
N LYS F 75 15.69 -32.61 23.71
CA LYS F 75 15.35 -31.37 24.42
C LYS F 75 16.52 -30.41 24.47
N ARG F 76 17.31 -30.34 23.40
CA ARG F 76 18.40 -29.37 23.36
C ARG F 76 17.87 -27.95 23.24
N HIS F 77 16.69 -27.77 22.66
CA HIS F 77 16.06 -26.44 22.61
C HIS F 77 15.71 -25.95 24.01
N LEU F 78 15.36 -26.86 24.92
CA LEU F 78 15.14 -26.49 26.31
C LEU F 78 16.46 -26.25 27.03
N LEU F 79 17.48 -27.06 26.72
CA LEU F 79 18.77 -26.91 27.39
C LEU F 79 19.44 -25.59 27.01
N HIS F 80 19.31 -25.15 25.76
CA HIS F 80 19.90 -23.86 25.38
C HIS F 80 19.27 -22.72 26.15
N HIS F 81 17.94 -22.73 26.30
CA HIS F 81 17.27 -21.67 27.04
C HIS F 81 17.62 -21.74 28.53
N CYS F 82 17.69 -22.94 29.08
CA CYS F 82 18.09 -23.10 30.48
C CYS F 82 19.51 -22.59 30.71
N PHE F 83 20.43 -22.98 29.82
CA PHE F 83 21.82 -22.57 29.94
C PHE F 83 21.97 -21.06 29.81
N GLN F 84 21.22 -20.46 28.88
CA GLN F 84 21.24 -19.01 28.75
C GLN F 84 20.67 -18.33 29.99
N ALA F 85 19.66 -18.94 30.62
CA ALA F 85 19.16 -18.39 31.88
C ALA F 85 20.21 -18.45 32.97
N LEU F 86 20.97 -19.55 33.02
CA LEU F 86 22.05 -19.64 34.00
C LEU F 86 23.16 -18.62 33.73
N MET F 87 23.52 -18.42 32.45
CA MET F 87 24.56 -17.45 32.15
C MET F 87 24.11 -16.02 32.47
N ASP F 88 22.83 -15.73 32.35
CA ASP F 88 22.30 -14.44 32.79
C ASP F 88 22.05 -14.40 34.29
N HIS F 89 21.98 -15.56 34.94
CA HIS F 89 21.74 -15.62 36.37
C HIS F 89 22.90 -15.04 37.17
N GLY F 90 24.08 -14.94 36.57
CA GLY F 90 25.26 -14.45 37.26
C GLY F 90 26.35 -15.47 37.43
N VAL F 91 26.06 -16.75 37.19
CA VAL F 91 27.05 -17.80 37.24
C VAL F 91 27.63 -18.00 35.85
N LYS F 92 28.96 -18.06 35.76
CA LYS F 92 29.65 -18.25 34.48
C LYS F 92 29.84 -19.75 34.28
N VAL F 93 28.76 -20.39 33.82
CA VAL F 93 28.80 -21.84 33.63
C VAL F 93 29.68 -22.21 32.45
N ALA F 94 29.59 -21.44 31.36
CA ALA F 94 30.35 -21.77 30.15
C ALA F 94 31.84 -21.72 30.40
N SER F 95 32.32 -20.70 31.12
CA SER F 95 33.74 -20.63 31.45
C SER F 95 34.15 -21.78 32.36
N VAL F 96 33.29 -22.11 33.34
CA VAL F 96 33.60 -23.19 34.28
C VAL F 96 33.66 -24.53 33.56
N LEU F 97 32.71 -24.80 32.67
CA LEU F 97 32.71 -26.06 31.94
C LEU F 97 33.93 -26.19 31.04
N ALA F 98 34.28 -25.12 30.33
CA ALA F 98 35.46 -25.16 29.46
C ALA F 98 36.74 -25.35 30.26
N TYR F 99 36.85 -24.66 31.39
CA TYR F 99 38.04 -24.83 32.23
C TYR F 99 38.12 -26.24 32.79
N SER F 100 37.00 -26.79 33.25
CA SER F 100 36.99 -28.15 33.78
C SER F 100 37.37 -29.15 32.71
N PHE F 101 36.82 -28.99 31.50
CA PHE F 101 37.13 -29.91 30.42
C PHE F 101 38.60 -29.83 30.02
N SER F 102 39.16 -28.62 29.93
CA SER F 102 40.56 -28.47 29.57
C SER F 102 41.47 -29.07 30.64
N ARG F 103 41.14 -28.83 31.91
CA ARG F 103 41.94 -29.39 33.00
C ARG F 103 41.89 -30.92 32.98
N ARG F 104 40.71 -31.48 32.79
CA ARG F 104 40.58 -32.93 32.74
C ARG F 104 41.28 -33.55 31.54
N CYS F 105 41.25 -32.87 30.39
CA CYS F 105 41.99 -33.37 29.23
C CYS F 105 43.49 -33.30 29.45
N SER F 106 43.98 -32.21 30.04
CA SER F 106 45.40 -32.14 30.37
C SER F 106 45.79 -33.24 31.35
N TYR F 107 44.86 -33.67 32.20
CA TYR F 107 45.10 -34.79 33.09
C TYR F 107 45.12 -36.14 32.39
N ILE F 108 44.16 -36.40 31.50
CA ILE F 108 44.01 -37.74 30.94
C ILE F 108 44.66 -37.83 29.57
N ALA F 109 45.49 -36.85 29.23
CA ALA F 109 46.24 -36.92 27.97
C ALA F 109 47.17 -38.13 27.95
N GLU F 110 47.83 -38.41 29.07
CA GLU F 110 48.74 -39.57 29.17
C GLU F 110 48.01 -40.84 29.56
N SER F 111 46.93 -41.15 28.84
CA SER F 111 46.17 -42.37 29.09
C SER F 111 45.92 -43.14 27.80
N ASP F 112 45.11 -44.19 27.88
CA ASP F 112 44.83 -45.03 26.72
C ASP F 112 43.89 -44.33 25.74
N ALA F 113 43.70 -44.96 24.59
CA ALA F 113 42.91 -44.36 23.52
C ALA F 113 41.41 -44.42 23.76
N ALA F 114 40.93 -45.32 24.62
CA ALA F 114 39.49 -45.40 24.88
C ALA F 114 39.01 -44.19 25.68
N VAL F 115 39.73 -43.84 26.74
CA VAL F 115 39.36 -42.67 27.52
C VAL F 115 39.54 -41.39 26.71
N LYS F 116 40.56 -41.35 25.85
CA LYS F 116 40.73 -40.19 24.99
C LYS F 116 39.61 -40.09 23.96
N GLU F 117 39.13 -41.22 23.45
CA GLU F 117 37.96 -41.22 22.57
C GLU F 117 36.73 -40.69 23.30
N LYS F 118 36.52 -41.15 24.53
CA LYS F 118 35.38 -40.67 25.30
C LYS F 118 35.49 -39.17 25.58
N ALA F 119 36.69 -38.70 25.93
CA ALA F 119 36.90 -37.28 26.20
C ALA F 119 36.70 -36.45 24.94
N ILE F 120 37.15 -36.94 23.79
CA ILE F 120 36.95 -36.19 22.55
C ILE F 120 35.47 -36.15 22.19
N GLN F 121 34.73 -37.23 22.45
CA GLN F 121 33.29 -37.18 22.20
C GLN F 121 32.58 -36.18 23.12
N VAL F 122 32.96 -36.18 24.40
CA VAL F 122 32.38 -35.21 25.35
C VAL F 122 32.73 -33.79 24.93
N GLY F 123 33.96 -33.57 24.50
CA GLY F 123 34.35 -32.26 24.04
C GLY F 123 33.64 -31.85 22.76
N PHE F 124 33.39 -32.80 21.88
CA PHE F 124 32.65 -32.49 20.66
C PHE F 124 31.24 -32.04 20.98
N VAL F 125 30.53 -32.79 21.83
CA VAL F 125 29.15 -32.40 22.15
C VAL F 125 29.13 -31.09 22.94
N LEU F 126 30.05 -30.92 23.89
CA LEU F 126 30.04 -29.74 24.74
C LEU F 126 30.45 -28.50 23.95
N GLY F 127 31.52 -28.59 23.16
CA GLY F 127 31.93 -27.46 22.35
C GLY F 127 30.93 -27.12 21.26
N GLY F 128 30.29 -28.13 20.68
CA GLY F 128 29.22 -27.86 19.73
C GLY F 128 28.05 -27.17 20.39
N PHE F 129 27.74 -27.54 21.63
CA PHE F 129 26.67 -26.85 22.35
C PHE F 129 27.05 -25.40 22.63
N LEU F 130 28.28 -25.16 23.10
CA LEU F 130 28.68 -23.80 23.42
C LEU F 130 28.79 -22.94 22.17
N SER F 131 29.25 -23.51 21.06
CA SER F 131 29.27 -22.78 19.80
C SER F 131 27.85 -22.51 19.30
N ASP F 132 26.94 -23.47 19.52
CA ASP F 132 25.53 -23.23 19.20
C ASP F 132 24.93 -22.20 20.16
N ALA F 133 25.37 -22.21 21.42
CA ALA F 133 24.89 -21.23 22.39
C ALA F 133 25.48 -19.85 22.17
N GLY F 134 26.62 -19.74 21.51
CA GLY F 134 27.24 -18.46 21.26
C GLY F 134 28.43 -18.12 22.14
N TRP F 135 28.92 -19.07 22.94
CA TRP F 135 30.09 -18.82 23.79
C TRP F 135 31.35 -19.27 23.06
N TYR F 136 31.67 -18.54 22.00
CA TYR F 136 32.80 -18.90 21.14
C TYR F 136 34.12 -18.80 21.89
N SER F 137 34.30 -17.77 22.70
CA SER F 137 35.53 -17.65 23.48
C SER F 137 35.67 -18.79 24.48
N ASP F 138 34.54 -19.32 24.95
CA ASP F 138 34.51 -20.44 25.87
C ASP F 138 34.39 -21.78 25.16
N ALA F 139 34.26 -21.78 23.84
CA ALA F 139 34.25 -23.00 23.05
C ALA F 139 35.58 -23.27 22.37
N GLU F 140 36.42 -22.26 22.18
CA GLU F 140 37.77 -22.51 21.68
C GLU F 140 38.56 -23.36 22.66
N LYS F 141 38.42 -23.09 23.96
CA LYS F 141 39.17 -23.82 24.97
C LYS F 141 38.83 -25.30 24.95
N VAL F 142 37.55 -25.64 24.83
CA VAL F 142 37.14 -27.03 24.70
C VAL F 142 37.70 -27.64 23.42
N PHE F 143 37.57 -26.91 22.30
CA PHE F 143 38.04 -27.44 21.03
C PHE F 143 39.56 -27.49 20.96
N LEU F 144 40.25 -26.51 21.57
CA LEU F 144 41.69 -26.60 21.64
C LEU F 144 42.13 -27.78 22.49
N SER F 145 41.40 -28.08 23.56
CA SER F 145 41.72 -29.27 24.35
C SER F 145 41.52 -30.55 23.54
N CYS F 146 40.43 -30.62 22.78
CA CYS F 146 40.19 -31.79 21.93
C CYS F 146 41.30 -31.93 20.88
N LEU F 147 41.67 -30.82 20.24
CA LEU F 147 42.72 -30.85 19.24
C LEU F 147 44.05 -31.27 19.85
N GLN F 148 44.34 -30.79 21.07
CA GLN F 148 45.54 -31.24 21.78
C GLN F 148 45.49 -32.73 22.04
N LEU F 149 44.31 -33.26 22.42
CA LEU F 149 44.18 -34.70 22.59
C LEU F 149 44.39 -35.45 21.28
N CYS F 150 44.13 -34.81 20.14
CA CYS F 150 44.32 -35.49 18.86
C CYS F 150 45.79 -35.62 18.47
N THR F 151 46.68 -34.82 19.06
CA THR F 151 48.06 -34.77 18.59
C THR F 151 49.02 -35.71 19.33
N LEU F 152 48.66 -36.20 20.51
CA LEU F 152 49.60 -37.05 21.25
C LEU F 152 49.89 -38.36 20.51
N HIS F 153 48.87 -38.95 19.90
CA HIS F 153 49.04 -40.17 19.10
C HIS F 153 48.71 -39.85 17.65
N ASP F 154 49.58 -40.32 16.74
CA ASP F 154 49.46 -40.02 15.32
C ASP F 154 48.77 -41.13 14.54
N GLU F 155 47.80 -41.80 15.14
CA GLU F 155 47.11 -42.91 14.50
C GLU F 155 46.12 -42.39 13.46
N MET F 156 45.33 -43.30 12.89
CA MET F 156 44.40 -42.94 11.83
C MET F 156 43.21 -42.14 12.37
N LEU F 157 42.63 -42.59 13.48
CA LEU F 157 41.43 -41.95 14.01
C LEU F 157 41.73 -40.55 14.56
N HIS F 158 42.89 -40.39 15.21
CA HIS F 158 43.28 -39.07 15.69
C HIS F 158 43.55 -38.11 14.55
N TRP F 159 44.19 -38.61 13.47
CA TRP F 159 44.39 -37.80 12.28
C TRP F 159 43.06 -37.42 11.64
N PHE F 160 42.07 -38.31 11.71
CA PHE F 160 40.77 -38.02 11.14
C PHE F 160 40.02 -36.97 11.95
N ARG F 161 40.06 -37.09 13.29
CA ARG F 161 39.32 -36.19 14.15
C ARG F 161 40.04 -34.86 14.40
N ALA F 162 41.34 -34.76 14.09
CA ALA F 162 41.99 -33.46 14.16
C ALA F 162 41.40 -32.48 13.16
N VAL F 163 40.99 -32.98 11.99
CA VAL F 163 40.32 -32.13 11.01
C VAL F 163 38.96 -31.66 11.54
N GLU F 164 38.25 -32.53 12.28
CA GLU F 164 36.98 -32.12 12.88
C GLU F 164 37.20 -31.07 13.95
N CYS F 165 38.22 -31.26 14.80
CA CYS F 165 38.53 -30.25 15.80
C CYS F 165 38.97 -28.94 15.15
N CYS F 166 39.63 -29.00 13.99
CA CYS F 166 40.10 -27.79 13.32
C CYS F 166 39.03 -27.13 12.45
N VAL F 167 37.95 -27.83 12.12
CA VAL F 167 36.84 -27.16 11.45
C VAL F 167 35.85 -26.59 12.46
N ARG F 168 35.67 -27.25 13.61
CA ARG F 168 34.87 -26.65 14.66
C ARG F 168 35.62 -25.54 15.37
N LEU F 169 36.95 -25.64 15.42
CA LEU F 169 37.77 -24.56 15.97
C LEU F 169 37.78 -23.35 15.06
N LEU F 170 37.64 -23.57 13.76
CA LEU F 170 37.55 -22.46 12.82
C LEU F 170 36.20 -21.75 12.91
N HIS F 171 35.14 -22.49 13.26
CA HIS F 171 33.82 -21.88 13.37
C HIS F 171 33.70 -21.02 14.62
N VAL F 172 34.41 -21.37 15.69
CA VAL F 172 34.33 -20.62 16.94
C VAL F 172 35.37 -19.52 16.93
N ARG F 173 36.04 -19.33 15.79
CA ARG F 173 36.98 -18.23 15.61
C ARG F 173 36.56 -17.25 14.52
N ASN F 174 35.54 -17.57 13.74
CA ASN F 174 34.93 -16.59 12.84
C ASN F 174 33.78 -15.85 13.51
N GLY F 175 33.03 -16.53 14.37
CA GLY F 175 32.02 -15.86 15.17
C GLY F 175 32.59 -15.05 16.30
N ASN F 176 33.80 -15.39 16.74
CA ASN F 176 34.53 -14.63 17.74
C ASN F 176 35.41 -13.55 17.14
N CYS F 177 35.43 -13.45 15.81
CA CYS F 177 36.25 -12.48 15.07
C CYS F 177 37.73 -12.59 15.42
N LYS F 178 38.20 -13.82 15.55
CA LYS F 178 39.64 -14.10 15.58
C LYS F 178 40.11 -14.54 14.19
N TYR F 179 40.01 -13.61 13.25
CA TYR F 179 40.35 -13.93 11.87
C TYR F 179 41.84 -14.16 11.68
N HIS F 180 42.67 -13.54 12.53
CA HIS F 180 44.11 -13.76 12.43
C HIS F 180 44.47 -15.19 12.82
N LEU F 181 43.77 -15.76 13.81
CA LEU F 181 43.99 -17.15 14.17
C LEU F 181 43.26 -18.12 13.24
N GLY F 182 42.29 -17.63 12.47
CA GLY F 182 41.55 -18.51 11.58
C GLY F 182 42.41 -19.08 10.47
N GLU F 183 43.29 -18.25 9.90
CA GLU F 183 44.17 -18.74 8.84
C GLU F 183 45.16 -19.77 9.38
N GLU F 184 45.68 -19.55 10.58
CA GLU F 184 46.58 -20.54 11.20
C GLU F 184 45.84 -21.84 11.46
N THR F 185 44.61 -21.75 11.96
CA THR F 185 43.81 -22.96 12.19
C THR F 185 43.56 -23.70 10.89
N PHE F 186 43.26 -22.97 9.81
CA PHE F 186 43.03 -23.62 8.54
C PHE F 186 44.30 -24.23 7.95
N LYS F 187 45.45 -23.59 8.16
CA LYS F 187 46.70 -24.21 7.71
C LYS F 187 46.97 -25.50 8.47
N LEU F 188 46.67 -25.52 9.77
CA LEU F 188 46.79 -26.76 10.54
C LEU F 188 45.80 -27.81 10.03
N ALA F 189 44.60 -27.36 9.65
CA ALA F 189 43.61 -28.27 9.09
C ALA F 189 44.08 -28.88 7.78
N GLN F 190 44.67 -28.07 6.90
CA GLN F 190 45.30 -28.64 5.69
C GLN F 190 46.44 -29.58 6.03
N THR F 191 47.20 -29.31 7.08
CA THR F 191 48.29 -30.21 7.46
C THR F 191 47.75 -31.60 7.76
N TYR F 192 46.75 -31.68 8.65
CA TYR F 192 46.16 -32.99 8.95
C TYR F 192 45.42 -33.59 7.76
N MET F 193 44.73 -32.76 6.96
CA MET F 193 44.00 -33.28 5.81
C MET F 193 44.96 -33.86 4.76
N ASP F 194 46.08 -33.19 4.54
CA ASP F 194 47.07 -33.68 3.58
C ASP F 194 47.71 -34.97 4.07
N LYS F 195 48.11 -35.02 5.36
CA LYS F 195 48.70 -36.27 5.83
C LYS F 195 47.68 -37.40 5.93
N LEU F 196 46.39 -37.09 6.03
CA LEU F 196 45.38 -38.13 5.92
C LEU F 196 45.23 -38.59 4.47
N SER F 197 45.32 -37.66 3.52
CA SER F 197 45.22 -38.04 2.11
C SER F 197 46.43 -38.84 1.65
N LYS F 198 47.57 -38.68 2.31
CA LYS F 198 48.74 -39.48 1.97
C LYS F 198 48.51 -40.95 2.29
N HIS F 199 47.70 -41.26 3.28
CA HIS F 199 47.41 -42.64 3.67
C HIS F 199 46.27 -43.26 2.89
N GLY F 200 45.95 -42.72 1.72
CA GLY F 200 44.90 -43.29 0.88
C GLY F 200 43.52 -43.20 1.49
N GLN F 201 43.22 -42.11 2.21
CA GLN F 201 41.91 -41.92 2.80
C GLN F 201 41.62 -40.42 2.80
N GLN F 202 40.90 -39.96 1.78
CA GLN F 202 40.55 -38.55 1.70
C GLN F 202 39.44 -38.22 2.68
N ALA F 203 39.52 -37.04 3.29
CA ALA F 203 38.49 -36.53 4.18
C ALA F 203 37.72 -35.43 3.47
N ASN F 204 36.40 -35.44 3.63
CA ASN F 204 35.57 -34.47 2.92
C ASN F 204 35.81 -33.07 3.45
N LYS F 205 35.90 -32.11 2.52
CA LYS F 205 36.35 -30.76 2.82
C LYS F 205 35.25 -29.72 2.68
N ALA F 206 33.98 -30.14 2.74
CA ALA F 206 32.88 -29.19 2.56
C ALA F 206 32.79 -28.23 3.74
N ALA F 207 32.82 -28.76 4.97
CA ALA F 207 32.66 -27.91 6.15
C ALA F 207 33.82 -26.94 6.31
N LEU F 208 35.05 -27.42 6.11
CA LEU F 208 36.23 -26.57 6.29
C LEU F 208 36.25 -25.45 5.26
N TYR F 209 35.94 -25.77 4.01
CA TYR F 209 35.94 -24.73 2.98
C TYR F 209 34.77 -23.77 3.17
N GLY F 210 33.64 -24.25 3.71
CA GLY F 210 32.58 -23.33 4.09
C GLY F 210 32.98 -22.40 5.21
N GLU F 211 33.76 -22.90 6.17
CA GLU F 211 34.29 -22.03 7.22
C GLU F 211 35.21 -20.98 6.64
N LEU F 212 36.03 -21.35 5.65
CA LEU F 212 36.83 -20.34 4.95
C LEU F 212 35.95 -19.33 4.24
N CYS F 213 34.86 -19.79 3.63
CA CYS F 213 33.94 -18.88 2.97
C CYS F 213 33.40 -17.85 3.96
N ALA F 214 32.96 -18.32 5.13
CA ALA F 214 32.45 -17.39 6.15
C ALA F 214 33.55 -16.46 6.64
N LEU F 215 34.76 -16.98 6.84
CA LEU F 215 35.88 -16.16 7.30
C LEU F 215 36.21 -15.06 6.30
N LEU F 216 36.39 -15.43 5.03
CA LEU F 216 36.83 -14.47 4.04
C LEU F 216 35.71 -13.53 3.61
N PHE F 217 34.45 -13.91 3.82
CA PHE F 217 33.38 -12.94 3.64
C PHE F 217 33.35 -11.96 4.79
N ALA F 218 33.53 -12.46 6.03
CA ALA F 218 33.62 -11.58 7.18
C ALA F 218 34.86 -10.69 7.11
N LYS F 219 35.99 -11.27 6.70
CA LYS F 219 37.20 -10.50 6.46
C LYS F 219 37.08 -9.63 5.21
N SER F 220 36.01 -9.83 4.42
CA SER F 220 35.74 -9.06 3.20
C SER F 220 36.79 -9.30 2.13
N HIS F 221 37.26 -10.54 2.03
CA HIS F 221 38.02 -10.99 0.87
C HIS F 221 37.08 -11.73 -0.07
N TYR F 222 36.20 -10.95 -0.70
CA TYR F 222 35.10 -11.52 -1.48
C TYR F 222 35.61 -12.34 -2.67
N ASP F 223 36.68 -11.87 -3.31
CA ASP F 223 37.20 -12.55 -4.49
C ASP F 223 37.69 -13.96 -4.14
N GLU F 224 38.36 -14.12 -3.00
CA GLU F 224 38.81 -15.42 -2.56
C GLU F 224 37.71 -16.20 -1.81
N ALA F 225 36.76 -15.49 -1.20
CA ALA F 225 35.62 -16.15 -0.59
C ALA F 225 34.79 -16.89 -1.64
N TYR F 226 34.61 -16.27 -2.81
CA TYR F 226 33.90 -16.96 -3.89
C TYR F 226 34.65 -18.21 -4.34
N LYS F 227 35.97 -18.12 -4.48
CA LYS F 227 36.75 -19.29 -4.85
C LYS F 227 36.60 -20.40 -3.83
N TRP F 228 36.62 -20.05 -2.55
CA TRP F 228 36.53 -21.09 -1.53
C TRP F 228 35.12 -21.64 -1.38
N CYS F 229 34.07 -20.86 -1.68
CA CYS F 229 32.73 -21.47 -1.66
C CYS F 229 32.53 -22.36 -2.89
N ILE F 230 33.15 -22.02 -4.01
CA ILE F 230 33.17 -22.93 -5.15
C ILE F 230 33.84 -24.25 -4.76
N GLU F 231 35.01 -24.15 -4.10
CA GLU F 231 35.72 -25.35 -3.65
C GLU F 231 34.90 -26.13 -2.63
N ALA F 232 34.13 -25.43 -1.79
CA ALA F 232 33.28 -26.10 -0.82
C ALA F 232 32.17 -26.88 -1.49
N MET F 233 31.44 -26.25 -2.40
CA MET F 233 30.31 -26.90 -3.04
C MET F 233 30.74 -27.91 -4.11
N LYS F 234 32.01 -27.92 -4.50
CA LYS F 234 32.50 -29.06 -5.27
C LYS F 234 32.63 -30.32 -4.41
N GLU F 235 32.55 -30.18 -3.08
CA GLU F 235 32.76 -31.29 -2.17
C GLU F 235 31.50 -31.69 -1.40
N ILE F 236 30.32 -31.23 -1.82
CA ILE F 236 29.08 -31.62 -1.18
C ILE F 236 28.60 -32.94 -1.77
N THR F 237 28.44 -33.94 -0.91
CA THR F 237 27.96 -35.26 -1.30
C THR F 237 26.58 -35.49 -0.67
N ALA F 238 26.06 -36.70 -0.86
CA ALA F 238 24.76 -37.07 -0.31
C ALA F 238 24.86 -37.60 1.12
N GLY F 239 25.99 -38.17 1.49
CA GLY F 239 26.17 -38.73 2.83
C GLY F 239 26.56 -37.74 3.90
N LEU F 240 26.69 -36.47 3.56
CA LEU F 240 27.06 -35.45 4.54
C LEU F 240 25.92 -35.22 5.54
N PRO F 241 26.26 -34.83 6.76
CA PRO F 241 25.22 -34.37 7.69
C PRO F 241 24.53 -33.14 7.14
N VAL F 242 23.26 -32.98 7.48
CA VAL F 242 22.48 -31.87 6.96
C VAL F 242 23.01 -30.54 7.47
N LYS F 243 23.57 -30.52 8.69
CA LYS F 243 24.12 -29.28 9.22
C LYS F 243 25.26 -28.76 8.35
N VAL F 244 26.15 -29.64 7.91
CA VAL F 244 27.27 -29.23 7.07
C VAL F 244 26.78 -28.70 5.74
N VAL F 245 25.82 -29.40 5.12
CA VAL F 245 25.29 -28.99 3.82
C VAL F 245 24.61 -27.63 3.94
N VAL F 246 23.81 -27.45 4.98
CA VAL F 246 23.13 -26.17 5.20
C VAL F 246 24.14 -25.05 5.41
N ASP F 247 25.19 -25.32 6.21
CA ASP F 247 26.21 -24.30 6.45
C ASP F 247 26.90 -23.89 5.15
N VAL F 248 27.28 -24.88 4.34
CA VAL F 248 27.96 -24.56 3.08
C VAL F 248 27.04 -23.79 2.14
N LEU F 249 25.78 -24.20 2.03
CA LEU F 249 24.85 -23.50 1.14
C LEU F 249 24.61 -22.07 1.60
N ARG F 250 24.42 -21.85 2.90
CA ARG F 250 24.13 -20.49 3.36
C ARG F 250 25.37 -19.61 3.26
N GLN F 251 26.55 -20.17 3.53
CA GLN F 251 27.78 -19.39 3.39
C GLN F 251 28.06 -19.04 1.94
N ALA F 252 27.81 -19.97 1.02
CA ALA F 252 27.97 -19.69 -0.40
C ALA F 252 26.93 -18.69 -0.90
N SER F 253 25.72 -18.73 -0.35
CA SER F 253 24.73 -17.71 -0.68
C SER F 253 25.19 -16.33 -0.21
N LYS F 254 25.78 -16.26 0.98
CA LYS F 254 26.30 -14.98 1.47
C LYS F 254 27.46 -14.50 0.61
N ALA F 255 28.31 -15.41 0.15
CA ALA F 255 29.45 -15.04 -0.68
C ALA F 255 29.06 -14.69 -2.12
N CYS F 256 27.97 -15.25 -2.64
CA CYS F 256 27.56 -14.93 -4.00
C CYS F 256 26.92 -13.55 -4.08
N VAL F 257 26.33 -13.08 -2.99
CA VAL F 257 25.74 -11.75 -2.96
C VAL F 257 26.81 -10.68 -3.14
N VAL F 258 27.91 -10.78 -2.38
CA VAL F 258 28.94 -9.76 -2.42
C VAL F 258 29.74 -9.79 -3.72
N LYS F 259 29.65 -10.88 -4.48
CA LYS F 259 30.25 -10.98 -5.80
C LYS F 259 29.29 -10.47 -6.88
N ARG F 260 28.08 -10.07 -6.50
CA ARG F 260 27.07 -9.49 -7.40
C ARG F 260 26.65 -10.49 -8.48
N GLU F 261 26.39 -11.73 -8.05
CA GLU F 261 25.79 -12.76 -8.91
C GLU F 261 24.50 -13.19 -8.22
N PHE F 262 23.42 -12.44 -8.47
CA PHE F 262 22.18 -12.65 -7.74
C PHE F 262 21.21 -13.55 -8.51
N LYS F 263 21.69 -14.68 -9.02
CA LYS F 263 20.85 -15.70 -9.60
C LYS F 263 21.03 -17.05 -8.93
N LYS F 264 22.27 -17.47 -8.74
CA LYS F 264 22.56 -18.73 -8.06
C LYS F 264 22.33 -18.63 -6.56
N ALA F 265 22.58 -17.46 -5.98
CA ALA F 265 22.43 -17.29 -4.54
C ALA F 265 20.98 -17.44 -4.10
N GLU F 266 20.03 -17.02 -4.96
CA GLU F 266 18.62 -17.26 -4.67
C GLU F 266 18.34 -18.75 -4.49
N GLN F 267 18.79 -19.57 -5.43
CA GLN F 267 18.56 -21.02 -5.33
C GLN F 267 19.30 -21.61 -4.13
N LEU F 268 20.53 -21.15 -3.89
CA LEU F 268 21.31 -21.67 -2.77
C LEU F 268 20.61 -21.39 -1.44
N ILE F 269 20.19 -20.14 -1.22
CA ILE F 269 19.57 -19.80 0.05
C ILE F 269 18.18 -20.42 0.16
N LYS F 270 17.47 -20.59 -0.96
CA LYS F 270 16.18 -21.27 -0.92
C LYS F 270 16.33 -22.72 -0.50
N HIS F 271 17.31 -23.42 -1.08
CA HIS F 271 17.54 -24.81 -0.70
C HIS F 271 18.02 -24.91 0.74
N ALA F 272 18.85 -23.96 1.18
CA ALA F 272 19.33 -23.96 2.56
C ALA F 272 18.19 -23.76 3.54
N VAL F 273 17.29 -22.81 3.26
CA VAL F 273 16.15 -22.56 4.13
C VAL F 273 15.21 -23.76 4.14
N TYR F 274 15.02 -24.38 2.98
CA TYR F 274 14.17 -25.58 2.91
C TYR F 274 14.76 -26.72 3.73
N LEU F 275 16.06 -26.95 3.61
CA LEU F 275 16.69 -28.01 4.41
C LEU F 275 16.61 -27.70 5.90
N ALA F 276 16.83 -26.43 6.28
CA ALA F 276 16.75 -26.07 7.69
C ALA F 276 15.35 -26.26 8.24
N ARG F 277 14.33 -25.87 7.48
CA ARG F 277 12.96 -26.00 7.93
C ARG F 277 12.44 -27.43 7.84
N ASP F 278 13.12 -28.29 7.08
CA ASP F 278 12.68 -29.68 6.96
C ASP F 278 13.26 -30.56 8.07
N HIS F 279 14.58 -30.64 8.16
CA HIS F 279 15.20 -31.52 9.15
C HIS F 279 15.04 -30.96 10.55
N PHE F 280 15.36 -29.69 10.75
CA PHE F 280 15.42 -29.12 12.09
C PHE F 280 14.06 -28.63 12.57
N GLY F 281 13.44 -27.74 11.82
CA GLY F 281 12.14 -27.20 12.16
C GLY F 281 12.11 -25.70 12.02
N SER F 282 10.96 -25.13 12.37
CA SER F 282 10.74 -23.69 12.30
C SER F 282 11.15 -22.96 13.58
N LYS F 283 11.58 -23.68 14.61
CA LYS F 283 11.99 -23.10 15.88
C LYS F 283 13.32 -23.68 16.32
N HIS F 284 14.28 -23.72 15.38
CA HIS F 284 15.62 -24.22 15.62
C HIS F 284 16.64 -23.12 15.36
N PRO F 285 17.70 -23.03 16.16
CA PRO F 285 18.70 -21.98 15.94
C PRO F 285 19.37 -22.05 14.58
N LYS F 286 19.57 -23.25 14.02
CA LYS F 286 20.15 -23.35 12.69
C LYS F 286 19.20 -22.77 11.65
N TYR F 287 17.90 -23.02 11.79
CA TYR F 287 16.93 -22.40 10.91
C TYR F 287 16.94 -20.89 11.06
N SER F 288 17.18 -20.39 12.27
CA SER F 288 17.30 -18.95 12.47
C SER F 288 18.54 -18.39 11.78
N ASP F 289 19.64 -19.16 11.78
CA ASP F 289 20.83 -18.72 11.06
C ASP F 289 20.57 -18.63 9.56
N THR F 290 19.88 -19.64 9.02
CA THR F 290 19.52 -19.60 7.60
C THR F 290 18.57 -18.45 7.31
N LEU F 291 17.65 -18.15 8.23
CA LEU F 291 16.77 -17.01 8.05
C LEU F 291 17.55 -15.70 8.08
N LEU F 292 18.58 -15.60 8.92
CA LEU F 292 19.41 -14.39 8.91
C LEU F 292 20.14 -14.22 7.58
N ASP F 293 20.69 -15.30 7.05
CA ASP F 293 21.37 -15.18 5.75
C ASP F 293 20.38 -14.89 4.63
N TYR F 294 19.18 -15.47 4.70
CA TYR F 294 18.14 -15.17 3.72
C TYR F 294 17.69 -13.72 3.80
N GLY F 295 17.56 -13.19 5.02
CA GLY F 295 17.26 -11.78 5.20
C GLY F 295 18.37 -10.89 4.71
N PHE F 296 19.62 -11.33 4.84
CA PHE F 296 20.74 -10.61 4.22
C PHE F 296 20.55 -10.54 2.72
N TYR F 297 20.21 -11.67 2.10
CA TYR F 297 19.94 -11.69 0.66
C TYR F 297 18.84 -10.70 0.28
N LEU F 298 17.71 -10.77 0.98
CA LEU F 298 16.58 -9.88 0.65
C LEU F 298 16.94 -8.42 0.88
N LEU F 299 17.64 -8.12 1.98
CA LEU F 299 18.04 -6.76 2.29
C LEU F 299 18.97 -6.21 1.22
N ASN F 300 19.79 -7.06 0.60
CA ASN F 300 20.71 -6.58 -0.42
C ASN F 300 19.97 -6.23 -1.71
N VAL F 301 19.26 -7.18 -2.31
CA VAL F 301 18.54 -6.93 -3.57
C VAL F 301 17.13 -6.50 -3.21
N ASP F 302 16.99 -5.23 -2.81
CA ASP F 302 15.77 -4.45 -2.93
C ASP F 302 14.55 -5.03 -2.22
N ASN F 303 14.69 -6.17 -1.57
CA ASN F 303 13.55 -6.88 -0.98
C ASN F 303 13.45 -6.57 0.51
N ILE F 304 13.33 -5.28 0.80
CA ILE F 304 13.42 -4.81 2.18
C ILE F 304 12.20 -5.23 2.98
N CYS F 305 11.01 -5.17 2.36
CA CYS F 305 9.76 -5.39 3.08
C CYS F 305 9.67 -6.82 3.60
N GLN F 306 10.26 -7.78 2.89
CA GLN F 306 10.34 -9.14 3.38
C GLN F 306 11.62 -9.43 4.14
N SER F 307 12.68 -8.66 3.90
CA SER F 307 13.90 -8.81 4.70
C SER F 307 13.65 -8.48 6.15
N VAL F 308 12.86 -7.42 6.41
CA VAL F 308 12.52 -7.08 7.78
C VAL F 308 11.61 -8.15 8.40
N ALA F 309 10.81 -8.83 7.58
CA ALA F 309 9.93 -9.87 8.09
C ALA F 309 10.71 -11.14 8.44
N ILE F 310 11.69 -11.50 7.61
CA ILE F 310 12.48 -12.71 7.88
C ILE F 310 13.35 -12.53 9.11
N TYR F 311 13.94 -11.34 9.28
CA TYR F 311 14.72 -11.06 10.48
C TYR F 311 13.87 -11.13 11.73
N GLN F 312 12.62 -10.65 11.66
CA GLN F 312 11.72 -10.79 12.79
C GLN F 312 11.43 -12.26 13.07
N ALA F 313 11.27 -13.07 12.02
CA ALA F 313 11.14 -14.50 12.20
C ALA F 313 12.41 -15.11 12.76
N ALA F 314 13.58 -14.66 12.29
CA ALA F 314 14.85 -15.17 12.79
C ALA F 314 15.08 -14.78 14.24
N LEU F 315 14.75 -13.53 14.60
CA LEU F 315 14.94 -13.07 15.97
C LEU F 315 14.02 -13.79 16.94
N ASP F 316 12.77 -14.05 16.52
CA ASP F 316 11.81 -14.72 17.40
C ASP F 316 12.24 -16.14 17.72
N ILE F 317 12.94 -16.80 16.80
CA ILE F 317 13.49 -18.13 17.10
C ILE F 317 14.58 -18.01 18.16
N ARG F 318 15.50 -17.07 17.98
CA ARG F 318 16.61 -16.92 18.91
C ARG F 318 16.19 -16.29 20.23
N GLN F 319 15.11 -15.52 20.24
CA GLN F 319 14.61 -14.96 21.50
C GLN F 319 13.96 -16.02 22.38
N SER F 320 13.66 -17.20 21.83
CA SER F 320 13.10 -18.31 22.60
C SER F 320 14.12 -19.39 22.93
N VAL F 321 14.94 -19.80 21.96
CA VAL F 321 15.99 -20.77 22.23
C VAL F 321 17.08 -20.16 23.11
N PHE F 322 17.39 -18.89 22.90
CA PHE F 322 18.43 -18.19 23.65
C PHE F 322 17.89 -16.98 24.41
N GLY F 323 16.77 -17.13 25.12
CA GLY F 323 16.16 -16.00 25.79
C GLY F 323 17.04 -15.32 26.81
N GLY F 324 17.52 -14.13 26.50
CA GLY F 324 18.36 -13.34 27.38
C GLY F 324 19.50 -12.71 26.65
N LYS F 325 20.52 -12.32 27.42
CA LYS F 325 21.71 -11.68 26.86
C LYS F 325 22.60 -12.71 26.19
N ASN F 326 22.37 -12.97 24.89
CA ASN F 326 23.18 -13.89 24.13
C ASN F 326 23.69 -13.20 22.87
N ILE F 327 24.85 -13.66 22.39
CA ILE F 327 25.43 -13.05 21.20
C ILE F 327 24.63 -13.39 19.95
N HIS F 328 23.87 -14.49 19.96
CA HIS F 328 23.05 -14.80 18.81
C HIS F 328 21.82 -13.90 18.76
N VAL F 329 21.20 -13.62 19.91
CA VAL F 329 20.12 -12.66 19.97
C VAL F 329 20.62 -11.27 19.61
N ALA F 330 21.84 -10.93 20.05
CA ALA F 330 22.43 -9.65 19.71
C ALA F 330 22.70 -9.54 18.21
N THR F 331 23.17 -10.61 17.59
CA THR F 331 23.38 -10.62 16.14
C THR F 331 22.06 -10.46 15.40
N ALA F 332 21.01 -11.16 15.87
CA ALA F 332 19.69 -11.00 15.26
C ALA F 332 19.18 -9.58 15.42
N HIS F 333 19.42 -8.97 16.57
CA HIS F 333 18.99 -7.59 16.80
C HIS F 333 19.72 -6.62 15.89
N GLU F 334 21.04 -6.75 15.78
CA GLU F 334 21.80 -5.81 14.97
C GLU F 334 21.55 -6.03 13.47
N ASP F 335 21.19 -7.25 13.08
CA ASP F 335 20.82 -7.47 11.68
C ASP F 335 19.42 -6.92 11.40
N LEU F 336 18.50 -7.10 12.33
CA LEU F 336 17.14 -6.60 12.14
C LEU F 336 17.11 -5.08 12.21
N ALA F 337 17.92 -4.48 13.08
CA ALA F 337 17.91 -3.03 13.24
C ALA F 337 18.33 -2.33 11.95
N TYR F 338 19.34 -2.87 11.26
CA TYR F 338 19.73 -2.30 9.98
C TYR F 338 18.64 -2.48 8.94
N SER F 339 17.99 -3.66 8.94
CA SER F 339 16.89 -3.87 7.99
C SER F 339 15.70 -2.97 8.30
N SER F 340 15.38 -2.80 9.57
CA SER F 340 14.33 -1.84 9.93
C SER F 340 14.78 -0.41 9.67
N TYR F 341 16.09 -0.14 9.77
CA TYR F 341 16.63 1.15 9.37
C TYR F 341 16.35 1.43 7.90
N VAL F 342 16.58 0.43 7.04
CA VAL F 342 16.35 0.62 5.61
C VAL F 342 14.86 0.72 5.32
N HIS F 343 14.05 -0.14 5.96
CA HIS F 343 12.61 -0.17 5.69
C HIS F 343 11.93 1.12 6.14
N GLN F 344 12.32 1.64 7.31
CA GLN F 344 11.73 2.86 7.84
C GLN F 344 12.52 4.10 7.44
N TYR F 345 13.49 3.97 6.55
CA TYR F 345 14.25 5.13 6.09
C TYR F 345 13.36 6.12 5.37
N SER F 346 12.48 5.62 4.49
CA SER F 346 11.55 6.51 3.80
C SER F 346 10.58 7.18 4.75
N SER F 347 10.05 6.42 5.72
CA SER F 347 9.15 7.01 6.70
C SER F 347 9.90 7.94 7.65
N GLY F 348 11.13 7.59 8.00
CA GLY F 348 11.92 8.41 8.90
C GLY F 348 11.61 8.22 10.37
N LYS F 349 10.77 7.26 10.73
CA LYS F 349 10.40 7.02 12.12
C LYS F 349 11.15 5.79 12.60
N PHE F 350 12.09 6.00 13.53
CA PHE F 350 12.94 4.93 14.05
C PHE F 350 12.75 4.84 15.56
N ASP F 351 11.77 4.05 15.98
CA ASP F 351 11.57 3.72 17.38
C ASP F 351 11.72 2.24 17.66
N ASN F 352 11.23 1.38 16.76
CA ASN F 352 11.51 -0.05 16.86
C ASN F 352 12.94 -0.36 16.44
N ALA F 353 13.41 0.29 15.37
CA ALA F 353 14.77 0.06 14.90
C ALA F 353 15.80 0.52 15.92
N LEU F 354 15.60 1.68 16.54
CA LEU F 354 16.53 2.13 17.57
C LEU F 354 16.47 1.24 18.80
N PHE F 355 15.27 0.75 19.16
CA PHE F 355 15.15 -0.14 20.29
C PHE F 355 15.90 -1.45 20.04
N HIS F 356 15.81 -1.99 18.83
CA HIS F 356 16.52 -3.22 18.51
C HIS F 356 18.02 -2.99 18.35
N ALA F 357 18.43 -1.80 17.90
CA ALA F 357 19.85 -1.51 17.80
C ALA F 357 20.47 -1.32 19.17
N GLU F 358 19.72 -0.74 20.10
CA GLU F 358 20.24 -0.56 21.46
C GLU F 358 20.33 -1.88 22.21
N ARG F 359 19.39 -2.81 21.95
CA ARG F 359 19.47 -4.12 22.57
C ARG F 359 20.70 -4.88 22.10
N ALA F 360 21.03 -4.76 20.82
CA ALA F 360 22.22 -5.44 20.28
C ALA F 360 23.48 -4.96 20.98
N ILE F 361 23.62 -3.65 21.15
CA ILE F 361 24.78 -3.13 21.86
C ILE F 361 24.66 -3.40 23.35
N GLY F 362 23.45 -3.39 23.90
CA GLY F 362 23.25 -3.67 25.30
C GLY F 362 23.61 -5.09 25.69
N ILE F 363 23.64 -6.01 24.72
CA ILE F 363 24.04 -7.38 24.98
C ILE F 363 25.53 -7.60 24.76
N ILE F 364 26.05 -7.07 23.65
CA ILE F 364 27.45 -7.31 23.30
C ILE F 364 28.38 -6.65 24.31
N THR F 365 28.06 -5.44 24.76
CA THR F 365 28.88 -4.80 25.79
C THR F 365 28.80 -5.53 27.12
N HIS F 366 27.80 -6.40 27.31
CA HIS F 366 27.67 -7.12 28.57
C HIS F 366 28.47 -8.42 28.55
N ILE F 367 28.53 -9.10 27.40
CA ILE F 367 29.13 -10.42 27.31
C ILE F 367 30.50 -10.38 26.64
N LEU F 368 30.74 -9.43 25.76
CA LEU F 368 32.01 -9.32 25.06
C LEU F 368 32.78 -8.10 25.54
N PRO F 369 34.10 -8.09 25.38
CA PRO F 369 34.88 -6.92 25.78
C PRO F 369 34.52 -5.70 24.93
N GLU F 370 34.81 -4.53 25.49
CA GLU F 370 34.52 -3.26 24.82
C GLU F 370 35.41 -2.99 23.62
N ASP F 371 36.45 -3.80 23.41
CA ASP F 371 37.37 -3.66 22.29
C ASP F 371 37.25 -4.85 21.36
N HIS F 372 36.02 -5.28 21.07
CA HIS F 372 35.76 -6.47 20.29
C HIS F 372 35.09 -6.08 18.97
N LEU F 373 35.29 -6.90 17.95
CA LEU F 373 34.92 -6.49 16.59
C LEU F 373 33.42 -6.47 16.36
N LEU F 374 32.65 -7.33 17.04
CA LEU F 374 31.21 -7.34 16.81
C LEU F 374 30.53 -6.06 17.25
N LEU F 375 31.18 -5.26 18.10
CA LEU F 375 30.63 -3.95 18.42
C LEU F 375 30.71 -3.00 17.23
N ALA F 376 31.71 -3.19 16.36
CA ALA F 376 31.85 -2.33 15.19
C ALA F 376 30.65 -2.46 14.26
N SER F 377 30.13 -3.68 14.10
CA SER F 377 28.93 -3.86 13.30
C SER F 377 27.67 -3.46 14.06
N SER F 378 27.76 -3.29 15.38
CA SER F 378 26.60 -2.91 16.18
C SER F 378 26.51 -1.40 16.36
N LYS F 379 27.54 -0.80 16.95
CA LYS F 379 27.52 0.63 17.22
C LYS F 379 27.45 1.46 15.95
N ARG F 380 27.87 0.90 14.81
CA ARG F 380 27.65 1.58 13.55
C ARG F 380 26.16 1.69 13.25
N VAL F 381 25.43 0.58 13.37
CA VAL F 381 24.03 0.54 12.97
C VAL F 381 23.21 1.55 13.77
N LYS F 382 23.35 1.51 15.10
CA LYS F 382 22.70 2.51 15.96
C LYS F 382 23.07 3.92 15.52
N ALA F 383 24.34 4.14 15.19
CA ALA F 383 24.76 5.46 14.75
C ALA F 383 24.03 5.87 13.49
N LEU F 384 23.84 4.93 12.55
CA LEU F 384 23.06 5.23 11.35
C LEU F 384 21.64 5.66 11.72
N ILE F 385 21.09 5.08 12.78
CA ILE F 385 19.80 5.54 13.26
C ILE F 385 19.92 6.91 13.92
N LEU F 386 20.97 7.09 14.74
CA LEU F 386 21.05 8.30 15.56
C LEU F 386 21.17 9.56 14.71
N GLU F 387 21.93 9.50 13.62
CA GLU F 387 21.96 10.62 12.70
C GLU F 387 20.60 10.81 12.02
N GLU F 388 19.95 9.72 11.62
CA GLU F 388 18.68 9.84 10.90
C GLU F 388 17.56 10.32 11.81
N ILE F 389 17.64 10.01 13.10
CA ILE F 389 16.73 10.65 14.06
C ILE F 389 17.11 12.13 14.20
N ALA F 390 18.41 12.43 14.21
CA ALA F 390 18.85 13.81 14.34
C ALA F 390 18.48 14.63 13.11
N ILE F 391 18.59 14.03 11.92
CA ILE F 391 18.18 14.71 10.70
C ILE F 391 16.68 14.96 10.70
N ASP F 392 15.90 13.99 11.17
CA ASP F 392 14.44 14.09 11.15
C ASP F 392 13.85 14.61 12.45
N CYS F 393 14.57 15.47 13.17
CA CYS F 393 14.03 16.13 14.36
C CYS F 393 14.26 17.62 14.26
N HIS F 394 13.42 18.38 14.95
CA HIS F 394 13.43 19.83 14.87
C HIS F 394 14.33 20.50 15.89
N ASN F 395 14.56 19.87 17.04
CA ASN F 395 15.36 20.48 18.09
C ASN F 395 16.82 20.55 17.68
N LYS F 396 17.43 21.72 17.88
CA LYS F 396 18.84 21.90 17.55
C LYS F 396 19.75 21.22 18.56
N GLU F 397 19.44 21.35 19.86
CA GLU F 397 20.27 20.73 20.89
C GLU F 397 20.23 19.21 20.80
N THR F 398 19.02 18.65 20.63
CA THR F 398 18.89 17.20 20.48
C THR F 398 19.62 16.71 19.23
N GLU F 399 19.48 17.45 18.12
CA GLU F 399 20.19 17.07 16.90
C GLU F 399 21.68 17.08 17.11
N GLN F 400 22.20 18.12 17.77
CA GLN F 400 23.65 18.21 18.01
C GLN F 400 24.13 17.07 18.89
N ARG F 401 23.38 16.76 19.96
CA ARG F 401 23.80 15.71 20.88
C ARG F 401 23.79 14.34 20.20
N LEU F 402 22.72 14.04 19.46
CA LEU F 402 22.67 12.74 18.78
C LEU F 402 23.68 12.65 17.65
N LEU F 403 23.97 13.75 16.96
CA LEU F 403 25.01 13.71 15.93
C LEU F 403 26.38 13.49 16.54
N GLN F 404 26.64 14.08 17.70
CA GLN F 404 27.91 13.81 18.38
C GLN F 404 27.99 12.36 18.86
N GLU F 405 26.87 11.81 19.33
CA GLU F 405 26.85 10.41 19.72
C GLU F 405 27.14 9.50 18.53
N ALA F 406 26.52 9.79 17.39
CA ALA F 406 26.80 9.02 16.18
C ALA F 406 28.24 9.20 15.73
N HIS F 407 28.81 10.40 15.96
CA HIS F 407 30.23 10.61 15.67
C HIS F 407 31.10 9.68 16.49
N ASP F 408 30.83 9.59 17.79
CA ASP F 408 31.60 8.69 18.65
C ASP F 408 31.46 7.24 18.21
N LEU F 409 30.23 6.81 17.90
CA LEU F 409 30.02 5.43 17.50
C LEU F 409 30.71 5.11 16.17
N HIS F 410 30.60 6.01 15.20
CA HIS F 410 31.25 5.78 13.91
C HIS F 410 32.76 5.76 14.02
N LEU F 411 33.35 6.65 14.82
CA LEU F 411 34.81 6.63 14.95
C LEU F 411 35.28 5.40 15.70
N SER F 412 34.54 4.97 16.73
CA SER F 412 34.91 3.74 17.43
C SER F 412 34.80 2.53 16.52
N SER F 413 33.72 2.44 15.72
CA SER F 413 33.57 1.33 14.79
C SER F 413 34.67 1.34 13.74
N LEU F 414 35.02 2.54 13.24
CA LEU F 414 36.10 2.66 12.28
C LEU F 414 37.42 2.20 12.87
N GLN F 415 37.68 2.56 14.12
CA GLN F 415 38.91 2.10 14.77
C GLN F 415 38.93 0.58 14.92
N LEU F 416 37.79 -0.01 15.31
CA LEU F 416 37.74 -1.46 15.45
C LEU F 416 38.00 -2.14 14.11
N ALA F 417 37.37 -1.65 13.04
CA ALA F 417 37.58 -2.25 11.72
C ALA F 417 39.00 -2.04 11.23
N LYS F 418 39.58 -0.86 11.48
CA LYS F 418 40.94 -0.59 11.04
C LYS F 418 41.95 -1.46 11.79
N LYS F 419 41.73 -1.68 13.08
CA LYS F 419 42.64 -2.53 13.84
C LYS F 419 42.50 -3.99 13.42
N ALA F 420 41.26 -4.46 13.20
CA ALA F 420 41.06 -5.86 12.88
C ALA F 420 41.46 -6.17 11.43
N PHE F 421 40.81 -5.54 10.47
CA PHE F 421 41.05 -5.81 9.05
C PHE F 421 42.24 -5.02 8.52
N GLY F 422 42.15 -3.71 8.55
CA GLY F 422 43.20 -2.86 8.02
C GLY F 422 42.61 -1.61 7.40
N GLU F 423 43.51 -0.78 6.88
CA GLU F 423 43.07 0.46 6.23
C GLU F 423 42.33 0.19 4.94
N PHE F 424 42.89 -0.66 4.09
CA PHE F 424 42.33 -0.94 2.76
C PHE F 424 41.49 -2.21 2.86
N ASN F 425 40.20 -2.04 3.18
CA ASN F 425 39.26 -3.14 3.16
C ASN F 425 37.86 -2.57 3.00
N VAL F 426 36.91 -3.46 2.70
CA VAL F 426 35.56 -3.02 2.37
C VAL F 426 34.86 -2.40 3.57
N GLN F 427 34.97 -3.02 4.75
CA GLN F 427 34.26 -2.53 5.92
C GLN F 427 34.79 -1.19 6.40
N THR F 428 36.12 -1.01 6.31
CA THR F 428 36.69 0.29 6.64
C THR F 428 36.13 1.37 5.71
N ALA F 429 35.94 1.03 4.43
CA ALA F 429 35.31 1.96 3.50
C ALA F 429 33.84 2.18 3.85
N LYS F 430 33.16 1.17 4.38
CA LYS F 430 31.78 1.35 4.84
C LYS F 430 31.73 2.40 5.94
N HIS F 431 32.63 2.29 6.92
CA HIS F 431 32.67 3.27 7.99
C HIS F 431 33.10 4.65 7.49
N TYR F 432 33.99 4.69 6.49
CA TYR F 432 34.34 5.98 5.89
C TYR F 432 33.15 6.64 5.22
N GLY F 433 32.34 5.85 4.49
CA GLY F 433 31.15 6.41 3.87
C GLY F 433 30.13 6.87 4.89
N ASN F 434 29.98 6.10 5.98
CA ASN F 434 29.07 6.51 7.05
C ASN F 434 29.54 7.79 7.70
N LEU F 435 30.86 7.93 7.92
CA LEU F 435 31.40 9.16 8.47
C LEU F 435 31.21 10.32 7.51
N GLY F 436 31.30 10.06 6.20
CA GLY F 436 31.05 11.12 5.24
C GLY F 436 29.61 11.60 5.27
N ARG F 437 28.66 10.66 5.33
CA ARG F 437 27.25 11.03 5.46
C ARG F 437 27.01 11.81 6.75
N LEU F 438 27.65 11.39 7.83
CA LEU F 438 27.47 12.07 9.11
C LEU F 438 28.07 13.47 9.09
N TYR F 439 29.23 13.63 8.46
CA TYR F 439 29.83 14.95 8.30
C TYR F 439 28.94 15.86 7.46
N GLN F 440 28.35 15.31 6.40
CA GLN F 440 27.38 16.07 5.63
C GLN F 440 26.17 16.46 6.50
N SER F 441 25.82 15.62 7.47
CA SER F 441 24.73 15.94 8.37
C SER F 441 25.11 16.97 9.43
N MET F 442 26.36 16.95 9.91
CA MET F 442 26.80 17.87 10.95
C MET F 442 27.29 19.20 10.39
N ARG F 443 26.91 19.53 9.16
CA ARG F 443 27.26 20.78 8.48
C ARG F 443 28.77 20.94 8.26
N LYS F 444 29.54 19.86 8.40
CA LYS F 444 30.98 19.90 8.11
C LYS F 444 31.19 19.26 6.73
N PHE F 445 30.96 20.07 5.69
CA PHE F 445 31.06 19.58 4.33
C PHE F 445 32.50 19.53 3.82
N LYS F 446 33.45 20.13 4.53
CA LYS F 446 34.82 20.19 4.04
C LYS F 446 35.44 18.80 3.97
N GLU F 447 35.35 18.04 5.07
CA GLU F 447 35.96 16.72 5.13
C GLU F 447 34.99 15.58 4.83
N ALA F 448 33.70 15.89 4.64
CA ALA F 448 32.77 14.87 4.14
C ALA F 448 33.18 14.41 2.75
N GLU F 449 33.60 15.36 1.91
CA GLU F 449 34.12 15.01 0.59
C GLU F 449 35.38 14.15 0.70
N GLU F 450 36.27 14.50 1.62
CA GLU F 450 37.47 13.69 1.83
C GLU F 450 37.09 12.26 2.24
N MET F 451 36.12 12.12 3.14
CA MET F 451 35.65 10.80 3.52
C MET F 451 35.06 10.04 2.34
N HIS F 452 34.30 10.73 1.49
CA HIS F 452 33.63 10.04 0.40
C HIS F 452 34.61 9.53 -0.64
N ILE F 453 35.55 10.39 -1.08
CA ILE F 453 36.58 9.88 -2.00
C ILE F 453 37.48 8.85 -1.32
N LYS F 454 37.74 8.98 -0.01
CA LYS F 454 38.52 7.96 0.69
C LYS F 454 37.82 6.61 0.67
N ALA F 455 36.49 6.62 0.83
CA ALA F 455 35.74 5.37 0.78
C ALA F 455 35.68 4.82 -0.63
N ILE F 456 35.47 5.69 -1.63
CA ILE F 456 35.35 5.23 -3.01
C ILE F 456 36.65 4.65 -3.52
N GLN F 457 37.78 5.27 -3.19
CA GLN F 457 39.07 4.79 -3.68
C GLN F 457 39.43 3.42 -3.12
N ILE F 458 38.75 2.95 -2.08
CA ILE F 458 38.99 1.63 -1.53
C ILE F 458 37.91 0.68 -2.03
N LYS F 459 36.69 1.19 -2.21
CA LYS F 459 35.61 0.34 -2.70
C LYS F 459 35.83 -0.06 -4.16
N GLU F 460 36.13 0.91 -5.03
CA GLU F 460 36.30 0.61 -6.44
C GLU F 460 37.62 -0.08 -6.74
N GLN F 461 38.60 -0.03 -5.83
CA GLN F 461 39.86 -0.72 -6.04
C GLN F 461 39.72 -2.21 -5.77
N LEU F 462 39.24 -2.57 -4.59
CA LEU F 462 39.09 -3.97 -4.24
C LEU F 462 37.92 -4.63 -4.95
N LEU F 463 36.77 -3.94 -5.01
CA LEU F 463 35.53 -4.53 -5.52
C LEU F 463 35.27 -4.19 -6.98
N GLY F 464 36.17 -3.49 -7.65
CA GLY F 464 35.93 -3.12 -9.04
C GLY F 464 35.24 -1.79 -9.16
N GLN F 465 35.45 -1.14 -10.32
CA GLN F 465 34.95 0.21 -10.52
C GLN F 465 33.42 0.26 -10.50
N GLU F 466 32.77 -0.77 -11.03
CA GLU F 466 31.31 -0.85 -11.05
C GLU F 466 30.89 -1.87 -10.00
N ASP F 467 30.25 -1.39 -8.93
CA ASP F 467 29.76 -2.27 -7.87
C ASP F 467 28.67 -1.54 -7.10
N TYR F 468 27.89 -2.34 -6.35
CA TYR F 468 26.77 -1.80 -5.58
C TYR F 468 27.21 -0.75 -4.57
N GLU F 469 28.21 -1.07 -3.74
CA GLU F 469 28.61 -0.14 -2.70
C GLU F 469 29.36 1.04 -3.28
N VAL F 470 30.07 0.85 -4.39
CA VAL F 470 30.65 1.99 -5.09
C VAL F 470 29.56 2.93 -5.57
N ALA F 471 28.46 2.37 -6.10
CA ALA F 471 27.34 3.20 -6.52
C ALA F 471 26.72 3.93 -5.34
N LEU F 472 26.58 3.26 -4.20
CA LEU F 472 25.99 3.90 -3.03
C LEU F 472 26.87 5.04 -2.52
N SER F 473 28.19 4.83 -2.52
CA SER F 473 29.10 5.87 -2.05
C SER F 473 29.14 7.05 -3.02
N VAL F 474 29.14 6.80 -4.32
CA VAL F 474 29.14 7.93 -5.25
C VAL F 474 27.78 8.62 -5.23
N GLY F 475 26.71 7.91 -4.87
CA GLY F 475 25.43 8.57 -4.65
C GLY F 475 25.47 9.51 -3.47
N HIS F 476 26.09 9.07 -2.36
CA HIS F 476 26.28 9.97 -1.23
C HIS F 476 27.14 11.18 -1.61
N LEU F 477 28.19 10.94 -2.39
CA LEU F 477 29.05 12.05 -2.81
C LEU F 477 28.29 13.04 -3.69
N ALA F 478 27.48 12.54 -4.61
CA ALA F 478 26.68 13.42 -5.47
C ALA F 478 25.66 14.20 -4.65
N SER F 479 25.02 13.54 -3.68
CA SER F 479 24.08 14.24 -2.81
C SER F 479 24.78 15.31 -1.98
N LEU F 480 26.00 15.05 -1.54
CA LEU F 480 26.78 16.06 -0.85
C LEU F 480 27.10 17.23 -1.77
N TYR F 481 27.46 16.95 -3.02
CA TYR F 481 27.82 18.01 -3.96
C TYR F 481 26.63 18.90 -4.28
N ASN F 482 25.51 18.31 -4.67
CA ASN F 482 24.46 19.10 -5.33
C ASN F 482 23.46 19.71 -4.36
N TYR F 483 23.56 19.44 -3.06
CA TYR F 483 22.59 20.01 -2.13
C TYR F 483 23.08 21.28 -1.46
N ASP F 484 24.25 21.22 -0.79
CA ASP F 484 24.69 22.38 -0.05
C ASP F 484 26.10 22.81 -0.45
N MET F 485 26.95 21.84 -0.84
CA MET F 485 28.30 22.20 -1.27
C MET F 485 28.27 22.99 -2.57
N ASN F 486 27.22 22.84 -3.39
CA ASN F 486 27.02 23.60 -4.62
C ASN F 486 28.14 23.37 -5.62
N GLN F 487 28.62 22.13 -5.71
CA GLN F 487 29.52 21.70 -6.78
C GLN F 487 28.68 20.97 -7.82
N TYR F 488 27.93 21.76 -8.61
CA TYR F 488 26.96 21.19 -9.53
C TYR F 488 27.61 20.56 -10.76
N GLU F 489 28.86 20.91 -11.06
CA GLU F 489 29.54 20.34 -12.23
C GLU F 489 30.10 18.95 -11.97
N ASN F 490 30.07 18.49 -10.72
CA ASN F 490 30.62 17.18 -10.37
C ASN F 490 29.56 16.17 -9.98
N ALA F 491 28.39 16.62 -9.51
CA ALA F 491 27.37 15.69 -9.05
C ALA F 491 26.69 14.95 -10.19
N GLU F 492 26.71 15.53 -11.39
CA GLU F 492 25.99 14.93 -12.52
C GLU F 492 26.59 13.58 -12.91
N LYS F 493 27.92 13.53 -13.08
CA LYS F 493 28.57 12.29 -13.47
C LYS F 493 28.43 11.23 -12.39
N LEU F 494 28.49 11.63 -11.13
CA LEU F 494 28.32 10.68 -10.02
C LEU F 494 26.90 10.12 -9.99
N TYR F 495 25.89 10.97 -10.23
CA TYR F 495 24.51 10.49 -10.28
C TYR F 495 24.30 9.54 -11.44
N LEU F 496 24.89 9.86 -12.60
CA LEU F 496 24.81 8.96 -13.75
C LEU F 496 25.49 7.63 -13.47
N ARG F 497 26.64 7.67 -12.79
CA ARG F 497 27.31 6.43 -12.41
C ARG F 497 26.44 5.61 -11.45
N SER F 498 25.81 6.27 -10.48
CA SER F 498 24.93 5.59 -9.54
C SER F 498 23.79 4.88 -10.26
N ILE F 499 23.10 5.60 -11.14
CA ILE F 499 21.95 5.00 -11.82
C ILE F 499 22.42 3.92 -12.80
N ALA F 500 23.56 4.11 -13.46
CA ALA F 500 24.06 3.11 -14.38
C ALA F 500 24.42 1.81 -13.67
N ILE F 501 25.03 1.89 -12.49
CA ILE F 501 25.32 0.69 -11.73
C ILE F 501 24.04 0.08 -11.17
N GLY F 502 23.09 0.92 -10.74
CA GLY F 502 21.85 0.40 -10.17
C GLY F 502 21.03 -0.38 -11.17
N LYS F 503 20.85 0.17 -12.36
CA LYS F 503 20.10 -0.54 -13.40
C LYS F 503 20.89 -1.72 -13.96
N LYS F 504 22.20 -1.76 -13.74
CA LYS F 504 23.00 -2.89 -14.22
C LYS F 504 22.61 -4.18 -13.53
N LEU F 505 22.36 -4.13 -12.22
CA LEU F 505 22.06 -5.33 -11.44
C LEU F 505 20.58 -5.42 -11.04
N PHE F 506 19.98 -4.31 -10.60
CA PHE F 506 18.64 -4.35 -10.04
C PHE F 506 17.59 -3.75 -10.98
N GLY F 507 17.98 -3.30 -12.17
CA GLY F 507 17.03 -2.69 -13.06
C GLY F 507 16.55 -1.35 -12.54
N GLU F 508 15.33 -0.99 -12.94
CA GLU F 508 14.72 0.28 -12.55
C GLU F 508 13.94 0.18 -11.25
N GLY F 509 13.96 -0.97 -10.58
CA GLY F 509 13.29 -1.15 -9.31
C GLY F 509 14.14 -0.86 -8.09
N TYR F 510 15.31 -0.27 -8.27
CA TYR F 510 16.20 0.01 -7.14
C TYR F 510 15.61 1.09 -6.24
N SER F 511 15.79 0.94 -4.94
CA SER F 511 15.20 1.85 -3.97
C SER F 511 15.88 3.21 -3.93
N GLY F 512 17.19 3.26 -4.21
CA GLY F 512 17.90 4.52 -4.19
C GLY F 512 17.68 5.39 -5.41
N LEU F 513 16.98 4.87 -6.42
CA LEU F 513 16.68 5.66 -7.61
C LEU F 513 15.82 6.86 -7.28
N GLU F 514 14.89 6.73 -6.32
CA GLU F 514 14.10 7.88 -5.91
C GLU F 514 14.99 8.99 -5.36
N TYR F 515 15.94 8.63 -4.50
CA TYR F 515 16.83 9.63 -3.91
C TYR F 515 17.75 10.26 -4.95
N ASP F 516 18.32 9.46 -5.85
CA ASP F 516 19.20 10.08 -6.85
C ASP F 516 18.42 10.86 -7.90
N TYR F 517 17.16 10.49 -8.17
CA TYR F 517 16.34 11.29 -9.08
C TYR F 517 15.97 12.62 -8.44
N ARG F 518 15.62 12.62 -7.16
CA ARG F 518 15.36 13.89 -6.48
C ARG F 518 16.63 14.75 -6.42
N GLY F 519 17.78 14.12 -6.22
CA GLY F 519 19.03 14.84 -6.31
C GLY F 519 19.27 15.44 -7.68
N LEU F 520 18.91 14.70 -8.73
CA LEU F 520 19.02 15.24 -10.09
C LEU F 520 18.07 16.41 -10.31
N ILE F 521 16.87 16.34 -9.74
CA ILE F 521 15.94 17.46 -9.85
C ILE F 521 16.51 18.69 -9.16
N LYS F 522 17.07 18.52 -7.97
CA LYS F 522 17.71 19.63 -7.28
C LYS F 522 18.90 20.17 -8.06
N LEU F 523 19.67 19.27 -8.68
CA LEU F 523 20.82 19.69 -9.48
C LEU F 523 20.39 20.52 -10.69
N TYR F 524 19.34 20.07 -11.38
CA TYR F 524 18.88 20.74 -12.60
C TYR F 524 18.03 21.96 -12.32
N ASN F 525 17.56 22.14 -11.09
CA ASN F 525 16.80 23.34 -10.75
C ASN F 525 17.67 24.55 -10.48
N SER F 526 18.99 24.46 -10.70
CA SER F 526 19.87 25.59 -10.44
C SER F 526 20.95 25.80 -11.49
N ILE F 527 20.96 25.01 -12.57
CA ILE F 527 21.97 25.17 -13.62
C ILE F 527 21.28 25.30 -14.98
N GLY F 528 20.05 25.81 -14.98
CA GLY F 528 19.31 25.82 -16.22
C GLY F 528 18.89 24.40 -16.61
N ASN F 529 18.83 24.15 -17.92
CA ASN F 529 18.43 22.86 -18.47
C ASN F 529 17.07 22.42 -17.92
N TYR F 530 16.13 23.38 -17.93
CA TYR F 530 14.80 23.13 -17.37
C TYR F 530 13.99 22.15 -18.20
N GLU F 531 14.42 21.85 -19.43
CA GLU F 531 13.73 20.87 -20.25
C GLU F 531 13.95 19.44 -19.77
N LYS F 532 14.91 19.23 -18.86
CA LYS F 532 15.22 17.90 -18.35
C LYS F 532 14.66 17.68 -16.95
N VAL F 533 14.22 18.73 -16.27
CA VAL F 533 13.64 18.57 -14.94
C VAL F 533 12.39 17.70 -14.99
N PHE F 534 11.47 17.99 -15.91
CA PHE F 534 10.32 17.12 -16.07
C PHE F 534 10.66 15.82 -16.78
N GLU F 535 11.69 15.82 -17.63
CA GLU F 535 12.17 14.60 -18.27
C GLU F 535 12.68 13.59 -17.25
N TYR F 536 13.12 14.04 -16.08
CA TYR F 536 13.41 13.14 -14.98
C TYR F 536 12.27 13.03 -13.96
N HIS F 537 11.38 14.02 -13.89
CA HIS F 537 10.23 13.92 -13.00
C HIS F 537 9.27 12.82 -13.45
N ASN F 538 9.07 12.68 -14.76
CA ASN F 538 8.22 11.59 -15.24
C ASN F 538 8.89 10.23 -15.02
N VAL F 539 10.23 10.18 -15.08
CA VAL F 539 10.93 8.95 -14.74
C VAL F 539 10.77 8.64 -13.25
N LEU F 540 10.77 9.67 -12.41
CA LEU F 540 10.48 9.48 -10.99
C LEU F 540 9.07 8.95 -10.78
N SER F 541 8.10 9.45 -11.55
CA SER F 541 6.74 8.94 -11.47
C SER F 541 6.66 7.49 -11.92
N ASN F 542 7.42 7.14 -12.97
CA ASN F 542 7.49 5.76 -13.42
C ASN F 542 8.09 4.86 -12.33
N TRP F 543 9.13 5.34 -11.66
CA TRP F 543 9.69 4.61 -10.53
C TRP F 543 8.67 4.43 -9.42
N ASN F 544 7.90 5.48 -9.13
CA ASN F 544 6.89 5.41 -8.07
C ASN F 544 5.83 4.37 -8.39
N ARG F 545 5.34 4.37 -9.64
CA ARG F 545 4.32 3.37 -9.98
C ARG F 545 4.92 1.97 -10.08
N LEU F 546 6.20 1.85 -10.46
CA LEU F 546 6.85 0.56 -10.46
C LEU F 546 6.97 0.00 -9.04
N ARG F 547 7.32 0.84 -8.08
CA ARG F 547 7.37 0.40 -6.69
C ARG F 547 5.98 0.11 -6.14
N ASP F 548 4.96 0.85 -6.61
CA ASP F 548 3.59 0.55 -6.21
C ASP F 548 3.16 -0.82 -6.72
N ARG F 549 3.52 -1.16 -7.96
CA ARG F 549 3.14 -2.46 -8.50
C ARG F 549 3.97 -3.59 -7.90
N GLN F 550 5.24 -3.34 -7.61
CA GLN F 550 6.13 -4.36 -7.08
C GLN F 550 6.06 -4.48 -5.57
N TYR F 551 5.26 -3.64 -4.90
CA TYR F 551 5.13 -3.72 -3.44
C TYR F 551 4.40 -4.97 -3.00
N SER F 552 3.56 -5.55 -3.86
CA SER F 552 2.74 -6.71 -3.50
C SER F 552 3.46 -7.97 -3.99
N VAL F 553 4.26 -8.55 -3.11
CA VAL F 553 4.97 -9.80 -3.38
C VAL F 553 4.64 -10.76 -2.24
N THR F 554 4.58 -12.05 -2.57
CA THR F 554 4.27 -13.07 -1.57
C THR F 554 5.31 -13.06 -0.46
N ASP F 555 4.87 -13.38 0.75
CA ASP F 555 5.76 -13.38 1.90
C ASP F 555 6.89 -14.37 1.71
N ALA F 556 8.10 -13.96 2.12
CA ALA F 556 9.29 -14.74 1.82
C ALA F 556 9.39 -16.00 2.66
N LEU F 557 8.62 -16.12 3.74
CA LEU F 557 8.69 -17.31 4.58
C LEU F 557 8.21 -18.55 3.84
N GLU F 558 7.12 -18.42 3.08
CA GLU F 558 6.61 -19.54 2.29
C GLU F 558 7.10 -19.52 0.85
N ASP F 559 7.99 -18.60 0.50
CA ASP F 559 8.54 -18.55 -0.86
C ASP F 559 9.31 -19.83 -1.17
N VAL F 560 10.03 -20.37 -0.19
CA VAL F 560 10.71 -21.64 -0.38
C VAL F 560 9.71 -22.77 -0.55
N SER F 561 8.55 -22.66 0.09
CA SER F 561 7.45 -23.63 0.02
C SER F 561 7.95 -24.97 0.55
N THR F 562 7.37 -26.07 0.07
CA THR F 562 7.75 -27.41 0.48
C THR F 562 8.24 -28.18 -0.75
N SER F 563 9.44 -28.74 -0.63
CA SER F 563 10.10 -29.49 -1.69
C SER F 563 10.18 -28.73 -3.01
N PRO F 564 10.89 -27.59 -3.05
CA PRO F 564 11.05 -26.89 -4.33
C PRO F 564 12.04 -27.59 -5.24
N GLN F 565 13.17 -28.03 -4.67
CA GLN F 565 14.19 -28.78 -5.40
C GLN F 565 14.62 -29.98 -4.57
N SER F 566 15.72 -30.62 -4.98
CA SER F 566 16.27 -31.76 -4.27
C SER F 566 17.77 -31.54 -4.08
N THR F 567 18.33 -32.29 -3.13
CA THR F 567 19.76 -32.20 -2.87
C THR F 567 20.55 -32.80 -4.03
N GLU F 568 21.81 -32.39 -4.12
CA GLU F 568 22.73 -32.74 -5.21
C GLU F 568 22.21 -32.30 -6.58
N GLU F 569 21.28 -31.34 -6.59
CA GLU F 569 20.76 -30.75 -7.82
C GLU F 569 21.01 -29.26 -7.88
N VAL F 570 20.71 -28.54 -6.79
CA VAL F 570 21.03 -27.12 -6.72
C VAL F 570 22.54 -26.93 -6.68
N VAL F 571 23.25 -27.86 -6.02
CA VAL F 571 24.71 -27.81 -6.00
C VAL F 571 25.27 -27.97 -7.40
N GLN F 572 24.75 -28.94 -8.16
CA GLN F 572 25.23 -29.17 -9.52
C GLN F 572 24.88 -28.01 -10.44
N SER F 573 23.67 -27.44 -10.29
CA SER F 573 23.29 -26.29 -11.10
C SER F 573 24.20 -25.09 -10.80
N PHE F 574 24.50 -24.87 -9.52
CA PHE F 574 25.42 -23.80 -9.15
C PHE F 574 26.81 -24.03 -9.73
N LEU F 575 27.28 -25.29 -9.70
CA LEU F 575 28.61 -25.59 -10.20
C LEU F 575 28.70 -25.43 -11.71
N ILE F 576 27.70 -25.91 -12.44
CA ILE F 576 27.74 -25.82 -13.90
C ILE F 576 27.37 -24.43 -14.40
N SER F 577 26.76 -23.59 -13.58
CA SER F 577 26.43 -22.24 -13.99
C SER F 577 27.66 -21.34 -14.09
N GLN F 578 28.81 -21.78 -13.58
CA GLN F 578 30.04 -21.01 -13.70
C GLN F 578 30.56 -21.02 -15.12
N LEU G 10 15.63 11.25 3.21
CA LEU G 10 15.70 12.47 2.43
C LEU G 10 17.12 13.03 2.43
N THR G 11 17.45 13.76 1.36
CA THR G 11 18.68 14.54 1.19
C THR G 11 19.88 13.62 0.96
N ARG G 12 19.68 12.31 1.10
CA ARG G 12 20.75 11.33 0.91
C ARG G 12 20.11 9.95 0.82
N ASN G 13 20.96 8.95 0.59
CA ASN G 13 20.52 7.57 0.54
C ASN G 13 20.88 6.87 1.85
N LYS G 14 20.54 5.59 1.94
CA LYS G 14 20.78 4.83 3.16
C LYS G 14 22.26 4.60 3.39
N GLY G 15 22.64 4.48 4.66
CA GLY G 15 24.01 4.24 5.02
C GLY G 15 24.48 2.85 4.66
N PRO G 16 25.72 2.74 4.15
CA PRO G 16 26.32 1.45 3.80
C PRO G 16 26.51 0.54 5.00
N ASP H 2 -18.06 -41.41 45.52
CA ASP H 2 -17.56 -42.77 45.30
C ASP H 2 -16.48 -43.12 46.31
N VAL H 3 -16.37 -44.40 46.63
CA VAL H 3 -15.43 -44.91 47.61
C VAL H 3 -14.54 -45.96 46.94
N PHE H 4 -13.24 -45.71 46.92
CA PHE H 4 -12.27 -46.61 46.32
C PHE H 4 -11.57 -47.39 47.41
N LEU H 5 -11.49 -48.70 47.25
CA LEU H 5 -11.05 -49.60 48.30
C LEU H 5 -9.92 -50.50 47.81
N MET H 6 -9.17 -51.01 48.78
CA MET H 6 -7.92 -51.72 48.59
C MET H 6 -7.98 -53.08 49.28
N ILE H 7 -9.05 -53.83 49.01
CA ILE H 7 -9.29 -55.14 49.60
C ILE H 7 -8.07 -56.03 49.40
N ARG H 8 -7.45 -56.46 50.50
CA ARG H 8 -6.19 -57.16 50.43
C ARG H 8 -6.20 -58.35 51.38
N ARG H 9 -5.46 -59.38 50.99
CA ARG H 9 -5.23 -60.56 51.83
C ARG H 9 -3.86 -61.12 51.50
N HIS H 10 -3.02 -61.26 52.52
CA HIS H 10 -1.64 -61.73 52.36
C HIS H 10 -0.90 -60.87 51.35
N LYS H 11 -0.77 -61.37 50.12
CA LYS H 11 -0.07 -60.67 49.07
C LYS H 11 -1.00 -59.96 48.09
N THR H 12 -2.20 -60.52 47.85
CA THR H 12 -3.13 -59.91 46.92
C THR H 12 -3.64 -58.58 47.48
N THR H 13 -3.74 -57.58 46.60
CA THR H 13 -4.05 -56.20 47.01
C THR H 13 -5.08 -55.61 46.04
N ILE H 14 -6.21 -56.30 45.88
CA ILE H 14 -7.25 -55.91 44.93
C ILE H 14 -7.61 -54.44 45.07
N PHE H 15 -7.80 -53.78 43.93
CA PHE H 15 -8.17 -52.36 43.86
C PHE H 15 -9.54 -52.26 43.22
N THR H 16 -10.56 -51.94 44.02
CA THR H 16 -11.92 -51.86 43.49
C THR H 16 -12.57 -50.56 43.94
N ASP H 17 -13.85 -50.40 43.59
CA ASP H 17 -14.61 -49.23 44.00
C ASP H 17 -16.06 -49.61 44.21
N ALA H 18 -16.74 -48.80 45.03
CA ALA H 18 -18.16 -48.98 45.33
C ALA H 18 -18.68 -47.66 45.87
N LYS H 19 -20.00 -47.49 45.79
CA LYS H 19 -20.61 -46.24 46.21
C LYS H 19 -20.66 -46.14 47.73
N GLU H 20 -21.03 -44.96 48.22
CA GLU H 20 -21.14 -44.75 49.66
C GLU H 20 -22.26 -45.59 50.25
N SER H 21 -23.37 -45.73 49.52
CA SER H 21 -24.50 -46.53 49.96
C SER H 21 -24.38 -48.00 49.60
N SER H 22 -23.25 -48.41 49.03
CA SER H 22 -23.05 -49.80 48.65
C SER H 22 -22.99 -50.70 49.89
N THR H 23 -23.52 -51.91 49.74
CA THR H 23 -23.51 -52.90 50.81
C THR H 23 -22.24 -53.73 50.75
N VAL H 24 -21.81 -54.21 51.92
CA VAL H 24 -20.60 -55.03 52.00
C VAL H 24 -20.79 -56.34 51.24
N PHE H 25 -22.04 -56.80 51.11
CA PHE H 25 -22.29 -58.05 50.41
C PHE H 25 -21.88 -57.98 48.95
N GLU H 26 -22.18 -56.87 48.28
CA GLU H 26 -21.79 -56.79 46.87
C GLU H 26 -20.30 -56.55 46.70
N LEU H 27 -19.63 -55.99 47.73
CA LEU H 27 -18.17 -56.00 47.72
C LEU H 27 -17.63 -57.42 47.79
N LYS H 28 -18.25 -58.27 48.63
CA LYS H 28 -17.85 -59.68 48.65
C LYS H 28 -18.17 -60.36 47.33
N ARG H 29 -19.25 -59.96 46.66
CA ARG H 29 -19.54 -60.49 45.33
C ARG H 29 -18.49 -60.03 44.31
N ILE H 30 -17.98 -58.81 44.47
CA ILE H 30 -16.92 -58.33 43.59
C ILE H 30 -15.66 -59.16 43.79
N VAL H 31 -15.30 -59.43 45.04
CA VAL H 31 -14.13 -60.26 45.31
C VAL H 31 -14.37 -61.69 44.80
N GLU H 32 -15.61 -62.18 44.87
CA GLU H 32 -15.95 -63.43 44.21
C GLU H 32 -15.71 -63.34 42.71
N GLY H 33 -16.01 -62.20 42.11
CA GLY H 33 -15.63 -61.95 40.74
C GLY H 33 -14.14 -61.89 40.50
N ILE H 34 -13.35 -61.67 41.54
CA ILE H 34 -11.89 -61.63 41.44
C ILE H 34 -11.27 -63.01 41.66
N LEU H 35 -11.47 -63.60 42.85
CA LEU H 35 -10.81 -64.85 43.21
C LEU H 35 -11.69 -66.09 43.06
N LYS H 36 -12.95 -65.94 42.61
CA LYS H 36 -13.88 -67.06 42.47
C LYS H 36 -14.08 -67.79 43.79
N ARG H 37 -14.26 -67.02 44.87
CA ARG H 37 -14.53 -67.56 46.20
C ARG H 37 -15.90 -67.12 46.69
N PRO H 38 -16.67 -68.02 47.30
CA PRO H 38 -18.03 -67.68 47.70
C PRO H 38 -18.03 -66.60 48.76
N PRO H 39 -19.06 -65.74 48.79
CA PRO H 39 -19.09 -64.66 49.78
C PRO H 39 -19.14 -65.15 51.21
N ASP H 40 -19.79 -66.29 51.47
CA ASP H 40 -19.79 -66.83 52.83
C ASP H 40 -18.44 -67.43 53.19
N GLU H 41 -17.69 -67.91 52.20
CA GLU H 41 -16.35 -68.46 52.45
C GLU H 41 -15.39 -67.37 52.90
N GLN H 42 -15.52 -66.17 52.35
CA GLN H 42 -14.61 -65.07 52.61
C GLN H 42 -15.18 -64.13 53.67
N ARG H 43 -14.30 -63.58 54.50
CA ARG H 43 -14.68 -62.68 55.58
C ARG H 43 -13.72 -61.50 55.61
N LEU H 44 -14.28 -60.29 55.66
CA LEU H 44 -13.49 -59.06 55.59
C LEU H 44 -13.11 -58.62 56.99
N TYR H 45 -11.82 -58.69 57.30
CA TYR H 45 -11.29 -58.13 58.55
C TYR H 45 -10.88 -56.67 58.36
N LYS H 46 -11.89 -55.86 58.05
CA LYS H 46 -11.64 -54.45 57.73
C LYS H 46 -11.22 -53.70 58.99
N ASP H 47 -10.09 -53.00 58.90
CA ASP H 47 -9.54 -52.18 60.00
C ASP H 47 -9.38 -53.00 61.28
N ASP H 48 -8.98 -54.27 61.11
CA ASP H 48 -8.82 -55.27 62.17
C ASP H 48 -9.94 -55.18 63.21
N GLN H 49 -11.18 -55.10 62.73
CA GLN H 49 -12.35 -55.06 63.59
C GLN H 49 -13.50 -55.78 62.88
N LEU H 50 -14.63 -55.89 63.57
CA LEU H 50 -15.76 -56.65 63.08
C LEU H 50 -16.49 -55.90 61.96
N LEU H 51 -17.02 -56.66 61.01
CA LEU H 51 -17.86 -56.13 59.94
C LEU H 51 -18.69 -57.26 59.38
N ASP H 52 -20.00 -57.17 59.51
CA ASP H 52 -20.88 -58.27 59.12
C ASP H 52 -21.01 -58.37 57.61
N ASP H 53 -21.61 -59.47 57.16
CA ASP H 53 -21.82 -59.69 55.74
C ASP H 53 -22.82 -58.69 55.15
N GLY H 54 -23.78 -58.25 55.96
CA GLY H 54 -24.76 -57.30 55.49
C GLY H 54 -24.28 -55.86 55.59
N LYS H 55 -25.08 -55.02 56.26
CA LYS H 55 -24.77 -53.60 56.47
C LYS H 55 -24.57 -52.85 55.16
N THR H 56 -23.93 -51.70 55.24
CA THR H 56 -23.58 -50.92 54.05
C THR H 56 -22.38 -50.05 54.38
N LEU H 57 -21.74 -49.54 53.33
CA LEU H 57 -20.46 -48.85 53.47
C LEU H 57 -20.57 -47.51 54.18
N GLY H 58 -21.79 -46.99 54.39
CA GLY H 58 -21.93 -45.68 55.02
C GLY H 58 -21.42 -45.64 56.45
N GLU H 59 -21.81 -46.65 57.24
CA GLU H 59 -21.46 -46.69 58.66
C GLU H 59 -20.32 -47.66 58.97
N CYS H 60 -19.67 -48.20 57.95
CA CYS H 60 -18.56 -49.12 58.18
C CYS H 60 -17.41 -48.43 58.91
N GLY H 61 -17.11 -47.19 58.54
CA GLY H 61 -16.04 -46.45 59.20
C GLY H 61 -15.26 -45.57 58.27
N PHE H 62 -15.51 -45.70 56.96
CA PHE H 62 -14.85 -44.86 55.96
C PHE H 62 -15.89 -44.28 55.01
N THR H 63 -15.65 -43.06 54.57
CA THR H 63 -16.52 -42.34 53.64
C THR H 63 -15.75 -42.01 52.37
N SER H 64 -16.36 -41.23 51.49
CA SER H 64 -15.72 -40.85 50.25
C SER H 64 -14.52 -39.94 50.48
N GLN H 65 -14.49 -39.21 51.61
CA GLN H 65 -13.40 -38.28 51.86
C GLN H 65 -12.13 -39.03 52.26
N THR H 66 -12.25 -40.03 53.12
CA THR H 66 -11.10 -40.75 53.65
C THR H 66 -10.75 -42.00 52.86
N ALA H 67 -11.45 -42.28 51.77
CA ALA H 67 -11.16 -43.41 50.89
C ALA H 67 -11.02 -42.94 49.46
N ARG H 68 -10.25 -41.87 49.27
CA ARG H 68 -10.02 -41.29 47.96
C ARG H 68 -9.18 -42.23 47.10
N PRO H 69 -9.23 -42.07 45.78
CA PRO H 69 -8.30 -42.82 44.92
C PRO H 69 -6.84 -42.49 45.20
N GLN H 70 -6.56 -41.32 45.76
CA GLN H 70 -5.20 -40.95 46.10
C GLN H 70 -4.61 -41.92 47.14
N ALA H 71 -5.33 -42.12 48.24
CA ALA H 71 -4.94 -43.06 49.29
C ALA H 71 -6.16 -43.90 49.65
N PRO H 72 -6.43 -44.97 48.91
CA PRO H 72 -7.60 -45.81 49.22
C PRO H 72 -7.48 -46.46 50.58
N ALA H 73 -8.63 -46.61 51.23
CA ALA H 73 -8.68 -47.24 52.55
C ALA H 73 -8.50 -48.74 52.42
N THR H 74 -7.57 -49.29 53.21
CA THR H 74 -7.31 -50.72 53.17
C THR H 74 -8.46 -51.50 53.79
N VAL H 75 -8.67 -52.70 53.28
CA VAL H 75 -9.69 -53.63 53.79
C VAL H 75 -9.07 -55.01 53.87
N GLY H 76 -9.07 -55.60 55.05
CA GLY H 76 -8.54 -56.94 55.22
C GLY H 76 -9.47 -57.99 54.65
N LEU H 77 -8.92 -59.19 54.47
CA LEU H 77 -9.71 -60.31 53.98
C LEU H 77 -9.06 -61.61 54.44
N ALA H 78 -9.90 -62.60 54.73
CA ALA H 78 -9.44 -63.94 55.09
C ALA H 78 -10.56 -64.93 54.80
N PHE H 79 -10.18 -66.13 54.41
CA PHE H 79 -11.12 -67.20 54.11
C PHE H 79 -11.28 -68.09 55.35
N ARG H 80 -11.96 -69.22 55.17
CA ARG H 80 -12.13 -70.22 56.23
C ARG H 80 -11.29 -71.43 55.86
N ALA H 81 -10.36 -71.79 56.75
CA ALA H 81 -9.43 -72.90 56.53
C ALA H 81 -9.80 -74.04 57.47
N ASP H 82 -10.31 -75.13 56.90
CA ASP H 82 -10.69 -76.33 57.64
C ASP H 82 -11.71 -76.00 58.74
N ASP H 83 -12.86 -75.49 58.29
CA ASP H 83 -14.04 -75.16 59.10
C ASP H 83 -13.77 -73.99 60.05
N THR H 84 -12.57 -73.42 60.06
CA THR H 84 -12.24 -72.28 60.90
C THR H 84 -11.71 -71.15 60.04
N PHE H 85 -12.13 -69.93 60.36
CA PHE H 85 -11.67 -68.75 59.65
C PHE H 85 -10.28 -68.36 60.16
N GLU H 86 -9.30 -68.31 59.26
CA GLU H 86 -7.96 -67.92 59.66
C GLU H 86 -7.91 -66.43 59.97
N ALA H 87 -6.95 -66.05 60.81
CA ALA H 87 -6.77 -64.65 61.14
C ALA H 87 -6.20 -63.89 59.96
N LEU H 88 -6.31 -62.56 60.02
CA LEU H 88 -5.77 -61.73 58.96
C LEU H 88 -4.24 -61.81 58.96
N CYS H 89 -3.67 -61.92 57.77
CA CYS H 89 -2.23 -62.05 57.60
C CYS H 89 -1.73 -61.13 56.51
N ILE H 90 -2.27 -59.91 56.46
CA ILE H 90 -1.82 -58.92 55.49
C ILE H 90 -0.47 -58.38 55.94
N GLU H 91 0.48 -58.34 55.02
CA GLU H 91 1.79 -57.81 55.33
C GLU H 91 1.97 -56.43 54.70
N PRO H 92 2.84 -55.58 55.27
CA PRO H 92 3.16 -54.32 54.60
C PRO H 92 3.82 -54.58 53.26
N PHE H 93 3.62 -53.64 52.33
CA PHE H 93 4.13 -53.78 50.97
C PHE H 93 5.64 -54.00 50.96
N SER H 94 6.38 -53.00 51.41
CA SER H 94 7.83 -53.10 51.51
C SER H 94 8.31 -51.95 52.39
N SER H 95 9.51 -52.09 52.92
CA SER H 95 10.11 -51.04 53.74
C SER H 95 10.92 -50.13 52.83
N PRO H 96 10.53 -48.86 52.66
CA PRO H 96 11.34 -47.96 51.83
C PRO H 96 12.69 -47.72 52.46
N PRO H 97 13.72 -47.44 51.66
CA PRO H 97 15.06 -47.22 52.23
C PRO H 97 15.18 -45.93 53.01
N GLU H 98 16.38 -45.62 53.49
CA GLU H 98 16.61 -44.36 54.18
C GLU H 98 16.45 -43.19 53.23
N LEU H 99 15.84 -42.11 53.71
CA LEU H 99 15.68 -40.91 52.89
C LEU H 99 16.99 -40.32 52.39
N PRO H 100 18.06 -40.20 53.20
CA PRO H 100 19.31 -39.72 52.58
C PRO H 100 19.89 -40.72 51.58
N MET I 1 -8.84 -58.81 31.18
CA MET I 1 -9.65 -58.00 32.09
C MET I 1 -9.39 -58.47 33.52
N TYR I 2 -9.40 -57.54 34.47
CA TYR I 2 -8.94 -57.77 35.85
C TYR I 2 -7.49 -58.25 35.85
N VAL I 3 -6.62 -57.36 35.38
CA VAL I 3 -5.19 -57.66 35.28
C VAL I 3 -4.57 -57.70 36.67
N LYS I 4 -3.66 -58.66 36.87
CA LYS I 4 -2.98 -58.84 38.14
C LYS I 4 -1.53 -58.41 37.99
N LEU I 5 -1.12 -57.43 38.78
CA LEU I 5 0.22 -56.86 38.72
C LEU I 5 1.04 -57.40 39.87
N ILE I 6 2.19 -58.00 39.55
CA ILE I 6 3.06 -58.63 40.53
C ILE I 6 4.34 -57.82 40.63
N SER I 7 4.71 -57.45 41.86
CA SER I 7 5.91 -56.66 42.10
C SER I 7 7.12 -57.56 42.22
N SER I 8 8.25 -56.99 42.64
CA SER I 8 9.48 -57.77 42.75
C SER I 8 9.40 -58.77 43.90
N ASP I 9 8.80 -58.37 45.02
CA ASP I 9 8.73 -59.21 46.21
C ASP I 9 7.59 -60.22 46.19
N GLY I 10 6.76 -60.21 45.14
CA GLY I 10 5.69 -61.18 45.01
C GLY I 10 4.31 -60.67 45.34
N HIS I 11 4.16 -59.39 45.66
CA HIS I 11 2.84 -58.85 45.97
C HIS I 11 2.00 -58.72 44.70
N GLU I 12 0.80 -59.27 44.74
CA GLU I 12 -0.15 -59.12 43.63
C GLU I 12 -1.01 -57.88 43.84
N PHE I 13 -1.32 -57.20 42.75
CA PHE I 13 -1.97 -55.89 42.78
C PHE I 13 -3.12 -55.85 41.78
N ILE I 14 -4.03 -56.83 41.88
CA ILE I 14 -5.13 -57.01 40.94
C ILE I 14 -5.92 -55.72 40.77
N VAL I 15 -5.94 -55.19 39.55
CA VAL I 15 -6.65 -53.96 39.23
C VAL I 15 -7.36 -54.17 37.91
N LYS I 16 -8.36 -53.33 37.63
CA LYS I 16 -9.09 -53.42 36.37
C LYS I 16 -8.13 -53.15 35.21
N ARG I 17 -8.37 -53.85 34.10
CA ARG I 17 -7.50 -53.71 32.93
C ARG I 17 -7.55 -52.30 32.36
N GLU I 18 -8.70 -51.64 32.45
CA GLU I 18 -8.80 -50.27 31.95
C GLU I 18 -7.89 -49.34 32.74
N HIS I 19 -7.76 -49.58 34.05
CA HIS I 19 -6.83 -48.79 34.85
C HIS I 19 -5.38 -49.00 34.42
N ALA I 20 -5.01 -50.24 34.12
CA ALA I 20 -3.61 -50.54 33.80
C ALA I 20 -3.26 -50.31 32.34
N LEU I 21 -4.23 -50.05 31.47
CA LEU I 21 -3.92 -49.71 30.09
C LEU I 21 -3.63 -48.23 29.89
N THR I 22 -3.70 -47.42 30.95
CA THR I 22 -3.26 -46.03 30.84
C THR I 22 -1.75 -45.95 30.65
N SER I 23 -1.01 -46.84 31.31
CA SER I 23 0.44 -46.89 31.15
C SER I 23 0.79 -47.63 29.85
N GLY I 24 1.67 -47.03 29.06
CA GLY I 24 2.05 -47.63 27.80
C GLY I 24 2.80 -48.94 27.94
N THR I 25 3.63 -49.07 28.98
CA THR I 25 4.45 -50.26 29.11
C THR I 25 3.64 -51.47 29.54
N ILE I 26 2.70 -51.31 30.46
CA ILE I 26 1.83 -52.44 30.82
C ILE I 26 0.94 -52.82 29.64
N LYS I 27 0.52 -51.83 28.86
CA LYS I 27 -0.24 -52.11 27.63
C LYS I 27 0.60 -52.92 26.65
N ALA I 28 1.88 -52.58 26.51
CA ALA I 28 2.77 -53.33 25.63
C ALA I 28 3.04 -54.73 26.18
N MET I 29 3.17 -54.84 27.50
CA MET I 29 3.41 -56.13 28.13
C MET I 29 2.23 -57.06 27.94
N LEU I 30 1.01 -56.52 28.04
CA LEU I 30 -0.18 -57.30 27.74
C LEU I 30 -0.24 -57.70 26.28
N SER I 31 0.15 -56.79 25.39
CA SER I 31 0.15 -57.07 23.96
C SER I 31 1.23 -58.09 23.63
N GLY I 32 1.10 -58.68 22.44
CA GLY I 32 2.00 -59.74 22.03
C GLY I 32 1.71 -61.02 22.79
N PRO I 33 2.72 -61.84 22.99
CA PRO I 33 2.52 -63.06 23.80
C PRO I 33 2.34 -62.76 25.28
N GLY I 34 1.38 -61.88 25.59
CA GLY I 34 0.99 -61.58 26.94
C GLY I 34 -0.48 -61.82 27.13
N GLN I 35 -1.06 -62.62 26.23
CA GLN I 35 -2.45 -63.05 26.21
C GLN I 35 -3.44 -61.88 26.10
N PHE I 36 -2.94 -60.69 25.74
CA PHE I 36 -3.78 -59.52 25.49
C PHE I 36 -4.72 -59.17 26.64
N GLU I 40 -9.47 -65.91 32.12
CA GLU I 40 -8.21 -65.98 32.84
C GLU I 40 -7.63 -64.58 33.04
N THR I 41 -7.23 -64.28 34.28
CA THR I 41 -6.67 -62.98 34.59
C THR I 41 -5.27 -62.84 33.98
N ASN I 42 -4.87 -61.59 33.75
CA ASN I 42 -3.56 -61.29 33.21
C ASN I 42 -2.54 -61.18 34.34
N GLU I 43 -1.30 -61.53 34.03
CA GLU I 43 -0.27 -61.77 35.05
C GLU I 43 1.02 -61.05 34.67
N VAL I 44 0.93 -59.75 34.40
CA VAL I 44 2.13 -58.96 34.17
C VAL I 44 2.97 -58.95 35.45
N ASN I 45 4.26 -59.24 35.29
CA ASN I 45 5.18 -59.39 36.41
C ASN I 45 6.32 -58.39 36.24
N PHE I 46 6.55 -57.57 37.26
CA PHE I 46 7.64 -56.60 37.26
C PHE I 46 8.76 -57.15 38.14
N ARG I 47 9.87 -57.52 37.52
CA ARG I 47 10.97 -58.12 38.26
C ARG I 47 11.70 -57.10 39.11
N GLU I 48 11.68 -55.82 38.71
CA GLU I 48 12.46 -54.79 39.36
C GLU I 48 11.66 -53.85 40.24
N ILE I 49 10.38 -53.64 39.93
CA ILE I 49 9.56 -52.68 40.69
C ILE I 49 9.18 -53.28 42.04
N PRO I 50 9.51 -52.61 43.15
CA PRO I 50 9.07 -53.10 44.47
C PRO I 50 7.58 -52.84 44.68
N SER I 51 7.07 -53.43 45.76
CA SER I 51 5.63 -53.37 46.06
C SER I 51 5.21 -52.01 46.61
N HIS I 52 6.04 -51.40 47.45
CA HIS I 52 5.67 -50.14 48.07
C HIS I 52 5.52 -49.02 47.05
N VAL I 53 6.08 -49.17 45.86
CA VAL I 53 5.92 -48.21 44.79
C VAL I 53 4.91 -48.68 43.73
N LEU I 54 4.80 -49.99 43.51
CA LEU I 54 3.77 -50.48 42.60
C LEU I 54 2.37 -50.23 43.15
N SER I 55 2.23 -50.21 44.49
CA SER I 55 0.97 -49.82 45.09
C SER I 55 0.60 -48.39 44.71
N LYS I 56 1.56 -47.47 44.78
CA LYS I 56 1.29 -46.10 44.36
C LYS I 56 1.05 -45.99 42.86
N VAL I 57 1.68 -46.87 42.07
CA VAL I 57 1.40 -46.90 40.64
C VAL I 57 -0.05 -47.26 40.38
N CYS I 58 -0.54 -48.31 41.04
CA CYS I 58 -1.95 -48.69 40.89
C CYS I 58 -2.88 -47.61 41.42
N MET I 59 -2.50 -46.97 42.53
CA MET I 59 -3.27 -45.85 43.05
C MET I 59 -3.36 -44.73 42.03
N TYR I 60 -2.24 -44.45 41.35
CA TYR I 60 -2.28 -43.47 40.26
C TYR I 60 -3.13 -43.93 39.10
N PHE I 61 -3.18 -45.24 38.82
CA PHE I 61 -4.05 -45.73 37.76
C PHE I 61 -5.50 -45.40 38.07
N THR I 62 -5.93 -45.67 39.30
CA THR I 62 -7.29 -45.30 39.71
C THR I 62 -7.48 -43.79 39.66
N TYR I 63 -6.46 -43.04 40.10
CA TYR I 63 -6.51 -41.57 40.06
C TYR I 63 -6.69 -41.06 38.63
N LYS I 64 -5.98 -41.66 37.68
CA LYS I 64 -6.03 -41.21 36.30
C LYS I 64 -7.36 -41.56 35.65
N VAL I 65 -7.86 -42.78 35.89
CA VAL I 65 -9.10 -43.18 35.25
C VAL I 65 -10.30 -42.42 35.84
N ARG I 66 -10.33 -42.26 37.16
CA ARG I 66 -11.47 -41.58 37.77
C ARG I 66 -11.49 -40.10 37.40
N TYR I 67 -10.34 -39.43 37.48
CA TYR I 67 -10.28 -37.99 37.30
C TYR I 67 -10.01 -37.58 35.86
N THR I 68 -10.13 -38.50 34.91
CA THR I 68 -9.97 -38.15 33.50
C THR I 68 -11.05 -37.15 33.08
N ASN I 69 -10.61 -36.12 32.35
CA ASN I 69 -11.41 -35.05 31.73
C ASN I 69 -12.64 -34.65 32.53
N SER I 70 -12.47 -34.43 33.82
CA SER I 70 -13.56 -34.01 34.70
C SER I 70 -13.53 -32.50 34.88
N SER I 71 -14.72 -31.89 34.88
CA SER I 71 -14.82 -30.44 35.00
C SER I 71 -14.43 -29.94 36.39
N THR I 72 -14.38 -30.81 37.38
CA THR I 72 -14.00 -30.41 38.73
C THR I 72 -12.50 -30.16 38.81
N GLU I 73 -12.08 -29.49 39.88
CA GLU I 73 -10.67 -29.24 40.12
C GLU I 73 -9.99 -30.55 40.49
N ILE I 74 -8.91 -30.88 39.79
CA ILE I 74 -8.23 -32.15 39.93
C ILE I 74 -7.27 -32.05 41.11
N PRO I 75 -7.43 -32.87 42.15
CA PRO I 75 -6.47 -32.85 43.26
C PRO I 75 -5.11 -33.38 42.83
N GLU I 76 -4.08 -32.91 43.51
CA GLU I 76 -2.72 -33.37 43.24
C GLU I 76 -2.49 -34.74 43.86
N PHE I 77 -1.77 -35.59 43.14
CA PHE I 77 -1.45 -36.92 43.64
C PHE I 77 -0.46 -36.80 44.80
N PRO I 78 -0.76 -37.35 45.96
CA PRO I 78 0.08 -37.19 47.17
C PRO I 78 1.22 -38.21 47.24
N ILE I 79 2.29 -37.91 46.53
CA ILE I 79 3.47 -38.77 46.53
C ILE I 79 4.24 -38.55 47.81
N ALA I 80 4.57 -39.64 48.50
CA ALA I 80 5.38 -39.54 49.70
C ALA I 80 6.75 -39.00 49.35
N PRO I 81 7.33 -38.13 50.20
CA PRO I 81 8.63 -37.52 49.84
C PRO I 81 9.76 -38.51 49.73
N GLU I 82 9.65 -39.70 50.33
CA GLU I 82 10.75 -40.66 50.28
C GLU I 82 10.71 -41.49 49.00
N ILE I 83 9.52 -41.95 48.62
CA ILE I 83 9.39 -42.84 47.46
C ILE I 83 9.14 -42.02 46.21
N ALA I 84 9.33 -40.71 46.30
CA ALA I 84 9.16 -39.85 45.13
C ALA I 84 10.17 -40.20 44.04
N LEU I 85 11.42 -40.50 44.45
CA LEU I 85 12.44 -40.85 43.48
C LEU I 85 12.16 -42.20 42.83
N GLU I 86 11.89 -43.23 43.65
CA GLU I 86 11.70 -44.57 43.13
C GLU I 86 10.44 -44.66 42.28
N LEU I 87 9.43 -43.85 42.59
CA LEU I 87 8.27 -43.77 41.72
C LEU I 87 8.61 -43.10 40.40
N LEU I 88 9.47 -42.08 40.45
CA LEU I 88 9.88 -41.39 39.23
C LEU I 88 10.59 -42.35 38.27
N MET I 89 11.48 -43.18 38.81
CA MET I 89 12.13 -44.19 38.00
C MET I 89 11.12 -45.20 37.45
N ALA I 90 10.03 -45.43 38.18
CA ALA I 90 8.96 -46.29 37.72
C ALA I 90 7.90 -45.52 36.96
N ALA I 91 8.11 -44.23 36.72
CA ALA I 91 7.16 -43.41 35.99
C ALA I 91 7.46 -43.31 34.50
N ASN I 92 8.72 -43.47 34.10
CA ASN I 92 9.03 -43.58 32.68
C ASN I 92 9.13 -45.03 32.21
N PHE I 93 9.58 -45.93 33.09
CA PHE I 93 9.62 -47.35 32.72
C PHE I 93 8.23 -47.86 32.40
N LEU I 94 7.23 -47.45 33.18
CA LEU I 94 5.85 -47.82 32.91
C LEU I 94 5.16 -46.86 31.95
N ASP I 95 5.70 -45.66 31.77
CA ASP I 95 5.14 -44.65 30.86
C ASP I 95 3.68 -44.37 31.24
N CYS I 96 3.49 -43.92 32.48
CA CYS I 96 2.16 -43.61 32.98
C CYS I 96 2.07 -42.17 33.45
N THR J 1 16.39 -56.88 42.64
CA THR J 1 17.13 -55.65 42.47
C THR J 1 16.19 -54.45 42.40
N SER J 2 16.62 -53.40 41.68
CA SER J 2 15.82 -52.21 41.49
C SER J 2 16.01 -51.72 40.06
N LEU J 3 15.05 -50.91 39.60
CA LEU J 3 15.04 -50.42 38.24
C LEU J 3 15.87 -49.15 38.07
N LYS J 4 16.78 -48.87 38.98
CA LYS J 4 17.75 -47.82 38.79
C LYS J 4 18.80 -48.26 37.79
N PRO J 5 19.54 -47.32 37.19
CA PRO J 5 20.63 -47.70 36.28
C PRO J 5 21.64 -48.60 36.97
N ARG J 6 22.20 -49.52 36.19
CA ARG J 6 23.19 -50.45 36.71
C ARG J 6 24.07 -50.92 35.56
N VAL J 7 25.24 -51.45 35.90
CA VAL J 7 26.19 -51.92 34.90
C VAL J 7 25.80 -53.33 34.49
N VAL J 8 25.52 -53.52 33.20
CA VAL J 8 25.18 -54.81 32.64
C VAL J 8 26.07 -55.08 31.44
N ASP J 9 26.45 -56.34 31.26
CA ASP J 9 27.20 -56.75 30.07
C ASP J 9 26.22 -56.95 28.92
N PHE J 10 26.51 -56.28 27.80
CA PHE J 10 25.57 -56.32 26.67
C PHE J 10 25.52 -57.70 26.02
N ASP J 11 26.61 -58.46 26.10
CA ASP J 11 26.63 -59.76 25.43
C ASP J 11 25.64 -60.74 26.06
N GLU J 12 25.68 -60.87 27.40
CA GLU J 12 24.77 -61.79 28.08
C GLU J 12 23.31 -61.34 27.93
N THR J 13 23.04 -60.05 28.12
CA THR J 13 21.67 -59.57 28.04
C THR J 13 21.13 -59.68 26.62
N TRP J 14 21.97 -59.41 25.61
CA TRP J 14 21.53 -59.55 24.24
C TRP J 14 21.33 -61.01 23.86
N ASN J 15 22.16 -61.92 24.41
CA ASN J 15 21.93 -63.34 24.18
C ASN J 15 20.63 -63.80 24.81
N LYS J 16 20.29 -63.26 25.98
CA LYS J 16 18.99 -63.56 26.60
C LYS J 16 17.84 -63.01 25.76
N LEU J 17 17.99 -61.79 25.23
CA LEU J 17 16.96 -61.21 24.39
C LEU J 17 16.84 -61.89 23.04
N LEU J 18 17.90 -62.54 22.56
CA LEU J 18 17.90 -63.07 21.20
C LEU J 18 16.97 -64.27 21.07
N THR J 19 16.97 -65.16 22.06
CA THR J 19 16.10 -66.33 22.02
C THR J 19 14.63 -65.95 22.08
N THR J 20 14.29 -64.77 22.58
CA THR J 20 12.92 -64.29 22.58
C THR J 20 12.59 -63.46 21.35
N ILE J 21 13.56 -62.69 20.84
CA ILE J 21 13.32 -61.86 19.68
C ILE J 21 13.27 -62.70 18.40
N LYS J 22 13.91 -63.87 18.39
CA LYS J 22 13.73 -64.78 17.25
C LYS J 22 12.49 -65.63 17.40
N ALA J 23 11.76 -65.51 18.51
CA ALA J 23 10.51 -66.22 18.70
C ALA J 23 9.29 -65.33 18.56
N VAL J 24 9.41 -64.02 18.85
CA VAL J 24 8.29 -63.12 18.61
C VAL J 24 8.06 -62.94 17.12
N VAL J 25 9.13 -62.86 16.33
CA VAL J 25 9.01 -63.03 14.89
C VAL J 25 9.01 -64.52 14.58
N MET J 26 8.49 -64.88 13.40
CA MET J 26 8.18 -66.25 13.01
C MET J 26 7.54 -67.01 14.18
N LEU J 27 6.37 -66.49 14.57
CA LEU J 27 5.71 -66.70 15.86
C LEU J 27 5.91 -68.06 16.50
N GLU J 28 6.31 -68.05 17.78
CA GLU J 28 6.43 -69.24 18.59
C GLU J 28 5.83 -68.94 19.96
N TYR J 29 6.05 -69.83 20.91
CA TYR J 29 5.53 -69.67 22.26
C TYR J 29 6.66 -69.26 23.20
N VAL J 30 6.45 -68.15 23.92
CA VAL J 30 7.34 -67.73 24.98
C VAL J 30 6.51 -67.51 26.24
N GLU J 31 7.09 -67.84 27.38
CA GLU J 31 6.37 -67.78 28.65
C GLU J 31 6.03 -66.33 29.00
N ARG J 32 4.99 -66.18 29.83
CA ARG J 32 4.61 -64.85 30.29
C ARG J 32 5.72 -64.22 31.12
N ALA J 33 6.33 -65.00 32.01
CA ALA J 33 7.43 -64.49 32.83
C ALA J 33 8.61 -64.08 31.96
N THR J 34 8.92 -64.88 30.93
CA THR J 34 10.01 -64.54 30.01
C THR J 34 9.72 -63.24 29.26
N TRP J 35 8.51 -63.11 28.73
CA TRP J 35 8.17 -61.91 27.96
C TRP J 35 8.12 -60.67 28.85
N ASN J 36 7.73 -60.81 30.12
CA ASN J 36 7.75 -59.69 31.03
C ASN J 36 9.16 -59.37 31.52
N ASP J 37 10.05 -60.36 31.57
CA ASP J 37 11.43 -60.12 31.95
C ASP J 37 12.21 -59.45 30.83
N ARG J 38 11.85 -59.74 29.58
CA ARG J 38 12.54 -59.10 28.47
C ARG J 38 12.30 -57.59 28.45
N PHE J 39 11.15 -57.14 28.97
CA PHE J 39 10.92 -55.70 29.09
C PHE J 39 11.92 -55.06 30.05
N SER J 40 12.16 -55.71 31.19
CA SER J 40 13.16 -55.20 32.12
C SER J 40 14.55 -55.25 31.52
N ASP J 41 14.83 -56.27 30.72
CA ASP J 41 16.12 -56.35 30.04
C ASP J 41 16.30 -55.19 29.05
N ILE J 42 15.25 -54.88 28.28
CA ILE J 42 15.33 -53.74 27.36
C ILE J 42 15.52 -52.44 28.12
N TYR J 43 14.79 -52.27 29.22
CA TYR J 43 14.95 -51.07 30.03
C TYR J 43 16.36 -50.95 30.57
N ALA J 44 16.91 -52.05 31.07
CA ALA J 44 18.28 -52.05 31.58
C ALA J 44 19.29 -51.71 30.49
N LEU J 45 19.12 -52.25 29.28
CA LEU J 45 20.05 -51.90 28.21
C LEU J 45 19.94 -50.44 27.81
N CYS J 46 18.72 -49.91 27.69
CA CYS J 46 18.56 -48.51 27.32
C CYS J 46 18.87 -47.55 28.45
N VAL J 47 19.14 -48.01 29.66
CA VAL J 47 19.34 -47.09 30.77
C VAL J 47 20.58 -47.46 31.55
N ALA J 48 21.50 -48.20 30.93
CA ALA J 48 22.66 -48.69 31.66
C ALA J 48 23.64 -47.64 32.02
N TYR J 49 24.61 -47.98 32.86
CA TYR J 49 25.67 -47.06 33.25
C TYR J 49 26.97 -47.76 32.97
N PRO J 50 27.97 -47.07 32.41
CA PRO J 50 28.11 -45.61 32.24
C PRO J 50 27.45 -45.09 30.97
N GLU J 51 27.51 -45.84 29.88
CA GLU J 51 26.93 -45.43 28.62
C GLU J 51 25.68 -46.23 28.33
N PRO J 52 24.55 -45.58 28.06
CA PRO J 52 23.34 -46.33 27.73
C PRO J 52 23.51 -47.11 26.44
N LEU J 53 23.20 -48.40 26.50
CA LEU J 53 23.33 -49.28 25.33
C LEU J 53 22.06 -49.25 24.48
N GLY J 54 21.64 -48.05 24.10
CA GLY J 54 20.52 -47.90 23.21
C GLY J 54 20.97 -48.04 21.77
N GLU J 55 22.10 -47.42 21.42
CA GLU J 55 22.65 -47.56 20.08
C GLU J 55 23.07 -48.99 19.79
N ARG J 56 23.73 -49.64 20.76
CA ARG J 56 24.12 -51.04 20.57
C ARG J 56 22.92 -51.94 20.40
N LEU J 57 21.89 -51.73 21.22
CA LEU J 57 20.66 -52.52 21.10
C LEU J 57 20.00 -52.30 19.75
N TYR J 58 19.94 -51.04 19.29
CA TYR J 58 19.35 -50.74 18.00
C TYR J 58 20.12 -51.41 16.87
N THR J 59 21.45 -51.31 16.90
CA THR J 59 22.24 -51.90 15.82
C THR J 59 22.14 -53.42 15.82
N GLU J 60 22.18 -54.05 17.00
CA GLU J 60 22.07 -55.50 17.05
C GLU J 60 20.69 -55.97 16.61
N THR J 61 19.63 -55.26 17.00
CA THR J 61 18.29 -55.62 16.54
C THR J 61 18.17 -55.43 15.02
N LYS J 62 18.74 -54.34 14.49
CA LYS J 62 18.69 -54.11 13.05
C LYS J 62 19.43 -55.22 12.30
N ILE J 63 20.60 -55.61 12.78
CA ILE J 63 21.35 -56.69 12.14
C ILE J 63 20.59 -58.01 12.24
N PHE J 64 19.98 -58.28 13.39
CA PHE J 64 19.23 -59.52 13.56
C PHE J 64 18.02 -59.57 12.62
N LEU J 65 17.29 -58.46 12.51
CA LEU J 65 16.14 -58.44 11.62
C LEU J 65 16.56 -58.51 10.15
N GLU J 66 17.67 -57.86 9.80
CA GLU J 66 18.18 -57.96 8.44
C GLU J 66 18.55 -59.40 8.09
N ASN J 67 19.25 -60.08 9.01
CA ASN J 67 19.57 -61.49 8.81
C ASN J 67 18.31 -62.33 8.71
N HIS J 68 17.31 -62.05 9.55
CA HIS J 68 16.07 -62.82 9.54
C HIS J 68 15.30 -62.65 8.24
N VAL J 69 15.19 -61.41 7.73
CA VAL J 69 14.44 -61.22 6.51
C VAL J 69 15.20 -61.77 5.30
N ARG J 70 16.54 -61.69 5.30
CA ARG J 70 17.24 -62.31 4.18
C ARG J 70 17.21 -63.83 4.26
N HIS J 71 17.14 -64.39 5.47
CA HIS J 71 16.93 -65.83 5.62
C HIS J 71 15.56 -66.23 5.08
N LEU J 72 14.53 -65.45 5.39
CA LEU J 72 13.20 -65.71 4.83
C LEU J 72 13.21 -65.56 3.31
N HIS J 73 13.98 -64.58 2.81
CA HIS J 73 14.08 -64.40 1.37
C HIS J 73 14.72 -65.61 0.70
N LYS J 74 15.76 -66.16 1.32
CA LYS J 74 16.36 -67.38 0.79
C LYS J 74 15.37 -68.54 0.82
N ARG J 75 14.65 -68.69 1.94
CA ARG J 75 13.72 -69.82 2.07
C ARG J 75 12.54 -69.70 1.11
N VAL J 76 12.19 -68.48 0.69
CA VAL J 76 11.12 -68.32 -0.29
C VAL J 76 11.65 -68.48 -1.71
N LEU J 77 12.79 -67.87 -2.02
CA LEU J 77 13.32 -67.92 -3.38
C LEU J 77 13.78 -69.33 -3.74
N GLU J 78 14.18 -70.14 -2.75
CA GLU J 78 14.57 -71.51 -3.06
C GLU J 78 13.38 -72.35 -3.50
N SER J 79 12.18 -72.03 -3.02
CA SER J 79 10.97 -72.78 -3.35
C SER J 79 10.26 -72.06 -4.49
N GLU J 80 10.35 -72.62 -5.68
CA GLU J 80 9.68 -72.05 -6.84
C GLU J 80 8.24 -72.57 -6.94
N GLU J 81 7.42 -71.83 -7.69
CA GLU J 81 6.02 -72.15 -7.99
C GLU J 81 5.15 -71.99 -6.74
N GLN J 82 5.76 -71.72 -5.60
CA GLN J 82 5.05 -71.41 -4.36
C GLN J 82 5.64 -70.18 -3.71
N VAL J 83 6.05 -69.21 -4.53
CA VAL J 83 6.57 -67.96 -4.00
C VAL J 83 5.48 -67.21 -3.25
N LEU J 84 4.26 -67.19 -3.81
CA LEU J 84 3.16 -66.49 -3.17
C LEU J 84 2.76 -67.15 -1.85
N VAL J 85 2.65 -68.49 -1.84
CA VAL J 85 2.22 -69.19 -0.64
C VAL J 85 3.24 -69.02 0.48
N MET J 86 4.52 -69.22 0.17
CA MET J 86 5.56 -69.05 1.17
C MET J 86 5.67 -67.59 1.61
N TYR J 87 5.53 -66.65 0.68
CA TYR J 87 5.58 -65.24 1.04
C TYR J 87 4.49 -64.88 2.02
N HIS J 88 3.25 -65.32 1.75
CA HIS J 88 2.17 -64.99 2.66
C HIS J 88 2.29 -65.73 3.98
N ARG J 89 2.77 -66.98 3.95
CA ARG J 89 2.94 -67.75 5.17
C ARG J 89 3.97 -67.09 6.09
N TYR J 90 5.06 -66.58 5.51
CA TYR J 90 6.05 -65.89 6.32
C TYR J 90 5.61 -64.47 6.66
N TRP J 91 4.77 -63.85 5.83
CA TRP J 91 4.35 -62.47 6.09
C TRP J 91 3.34 -62.41 7.22
N GLU J 92 2.41 -63.36 7.27
CA GLU J 92 1.44 -63.37 8.36
C GLU J 92 2.11 -63.62 9.71
N GLU J 93 3.31 -64.18 9.71
CA GLU J 93 4.10 -64.33 10.92
C GLU J 93 4.95 -63.10 11.21
N TYR J 94 5.59 -62.54 10.17
CA TYR J 94 6.52 -61.43 10.36
C TYR J 94 5.82 -60.11 10.63
N SER J 95 4.62 -59.89 10.10
CA SER J 95 3.89 -58.67 10.44
C SER J 95 3.51 -58.65 11.92
N LYS J 96 3.03 -59.77 12.43
CA LYS J 96 2.75 -59.88 13.85
C LYS J 96 4.03 -59.84 14.68
N GLY J 97 5.12 -60.39 14.16
CA GLY J 97 6.39 -60.26 14.85
C GLY J 97 6.86 -58.83 14.96
N ALA J 98 6.71 -58.06 13.89
CA ALA J 98 7.06 -56.63 13.93
C ALA J 98 6.16 -55.88 14.89
N ASP J 99 4.85 -56.16 14.87
CA ASP J 99 3.93 -55.46 15.76
C ASP J 99 4.11 -55.88 17.21
N TYR J 100 4.70 -57.05 17.46
CA TYR J 100 5.03 -57.46 18.82
C TYR J 100 6.36 -56.89 19.29
N MET J 101 7.32 -56.76 18.38
CA MET J 101 8.58 -56.10 18.72
C MET J 101 8.39 -54.61 18.96
N ASP J 102 7.44 -53.98 18.25
CA ASP J 102 7.14 -52.59 18.53
C ASP J 102 6.55 -52.39 19.92
N CYS J 103 6.08 -53.46 20.55
CA CYS J 103 5.65 -53.43 21.94
C CYS J 103 6.78 -53.82 22.89
N LEU J 104 7.53 -54.87 22.56
CA LEU J 104 8.66 -55.27 23.40
C LEU J 104 9.74 -54.20 23.43
N TYR J 105 10.02 -53.59 22.28
CA TYR J 105 11.01 -52.52 22.19
C TYR J 105 10.39 -51.14 22.33
N ARG J 106 9.31 -51.02 23.11
CA ARG J 106 8.63 -49.74 23.22
C ARG J 106 9.48 -48.73 23.97
N TYR J 107 10.22 -49.17 24.99
CA TYR J 107 11.11 -48.24 25.71
C TYR J 107 12.22 -47.74 24.81
N LEU J 108 12.80 -48.61 23.99
CA LEU J 108 13.79 -48.17 23.03
C LEU J 108 13.18 -47.22 22.02
N ASN J 109 11.93 -47.47 21.62
CA ASN J 109 11.25 -46.62 20.67
C ASN J 109 11.00 -45.23 21.24
N THR J 110 10.53 -45.15 22.49
CA THR J 110 10.07 -43.90 23.05
C THR J 110 11.14 -43.13 23.82
N GLN J 111 12.30 -43.73 24.08
CA GLN J 111 13.36 -43.07 24.84
C GLN J 111 14.67 -42.96 24.10
N PHE J 112 14.86 -43.68 23.00
CA PHE J 112 16.07 -43.55 22.20
C PHE J 112 15.79 -43.14 20.76
N ILE J 113 14.84 -43.80 20.10
CA ILE J 113 14.63 -43.56 18.68
C ILE J 113 13.88 -42.25 18.44
N LYS J 114 12.79 -42.02 19.17
CA LYS J 114 12.05 -40.77 19.00
C LYS J 114 12.84 -39.58 19.53
N LYS J 115 13.67 -39.78 20.55
CA LYS J 115 14.47 -38.69 21.09
C LYS J 115 15.51 -38.21 20.08
N ASN J 116 16.15 -39.13 19.38
CA ASN J 116 17.15 -38.77 18.38
C ASN J 116 16.49 -38.13 17.16
N PRO J 135 17.10 -39.61 11.57
CA PRO J 135 17.48 -40.73 10.70
C PRO J 135 17.01 -42.07 11.24
N LEU J 136 16.94 -42.20 12.56
CA LEU J 136 16.52 -43.44 13.18
C LEU J 136 15.02 -43.65 12.99
N MET J 137 14.63 -44.90 12.79
CA MET J 137 13.24 -45.28 12.65
C MET J 137 12.88 -46.32 13.69
N GLU J 138 11.57 -46.47 13.93
CA GLU J 138 11.08 -47.29 15.03
C GLU J 138 11.46 -48.75 14.83
N ILE J 139 11.53 -49.49 15.94
CA ILE J 139 11.86 -50.90 15.86
C ILE J 139 10.77 -51.66 15.11
N GLY J 140 9.50 -51.37 15.41
CA GLY J 140 8.43 -51.96 14.63
C GLY J 140 8.26 -51.38 13.25
N GLU J 141 8.94 -50.28 12.95
CA GLU J 141 8.94 -49.72 11.61
C GLU J 141 10.13 -50.21 10.80
N LEU J 142 11.30 -50.36 11.42
CA LEU J 142 12.44 -50.88 10.67
C LEU J 142 12.29 -52.35 10.35
N ALA J 143 11.48 -53.08 11.11
CA ALA J 143 11.20 -54.47 10.73
C ALA J 143 10.47 -54.52 9.39
N LEU J 144 9.46 -53.66 9.23
CA LEU J 144 8.78 -53.56 7.95
C LEU J 144 9.68 -52.96 6.88
N ASP J 145 10.62 -52.10 7.27
CA ASP J 145 11.56 -51.54 6.30
C ASP J 145 12.53 -52.61 5.80
N MET J 146 12.98 -53.50 6.69
CA MET J 146 13.81 -54.62 6.27
C MET J 146 13.02 -55.61 5.42
N TRP J 147 11.74 -55.81 5.74
CA TRP J 147 10.90 -56.63 4.88
C TRP J 147 10.71 -55.99 3.51
N ARG J 148 10.62 -54.67 3.45
CA ARG J 148 10.53 -53.99 2.17
C ARG J 148 11.82 -54.13 1.38
N LYS J 149 12.95 -53.82 2.00
CA LYS J 149 14.20 -53.73 1.27
C LYS J 149 14.86 -55.08 1.00
N LEU J 150 14.44 -56.14 1.71
CA LEU J 150 15.10 -57.43 1.56
C LEU J 150 14.16 -58.58 1.23
N MET J 151 12.86 -58.35 1.22
CA MET J 151 11.94 -59.46 1.01
C MET J 151 10.95 -59.23 -0.13
N VAL J 152 10.49 -58.00 -0.33
CA VAL J 152 9.53 -57.72 -1.38
C VAL J 152 10.12 -56.90 -2.52
N GLU J 153 11.13 -56.06 -2.25
CA GLU J 153 11.75 -55.32 -3.34
C GLU J 153 12.74 -56.19 -4.10
N PRO J 154 13.56 -57.02 -3.45
CA PRO J 154 14.28 -58.04 -4.24
C PRO J 154 13.36 -59.00 -4.96
N LEU J 155 12.25 -59.39 -4.34
CA LEU J 155 11.23 -60.20 -5.00
C LEU J 155 10.15 -59.33 -5.61
N GLN J 156 10.56 -58.35 -6.43
CA GLN J 156 9.59 -57.43 -7.03
C GLN J 156 9.03 -58.00 -8.33
N ALA J 157 9.90 -58.25 -9.30
CA ALA J 157 9.48 -58.79 -10.58
C ALA J 157 9.05 -60.26 -10.49
N ILE J 158 9.29 -60.92 -9.37
CA ILE J 158 8.86 -62.29 -9.20
C ILE J 158 7.51 -62.38 -8.51
N LEU J 159 7.21 -61.45 -7.60
CA LEU J 159 5.94 -61.48 -6.89
C LEU J 159 4.80 -60.98 -7.77
N ILE J 160 4.95 -59.79 -8.36
CA ILE J 160 3.85 -59.21 -9.13
C ILE J 160 3.60 -60.03 -10.40
N ARG J 161 4.66 -60.60 -10.99
CA ARG J 161 4.46 -61.45 -12.16
C ARG J 161 3.66 -62.69 -11.79
N MET J 162 3.95 -63.28 -10.63
CA MET J 162 3.16 -64.41 -10.16
C MET J 162 1.81 -63.97 -9.60
N LEU J 163 1.74 -62.76 -9.04
CA LEU J 163 0.47 -62.24 -8.54
C LEU J 163 -0.51 -62.00 -9.69
N LEU J 164 -0.07 -61.27 -10.71
CA LEU J 164 -0.96 -60.92 -11.81
C LEU J 164 -1.33 -62.14 -12.63
N ARG J 165 -0.42 -63.13 -12.72
CA ARG J 165 -0.76 -64.38 -13.38
C ARG J 165 -1.88 -65.11 -12.66
N GLU J 166 -1.84 -65.11 -11.32
CA GLU J 166 -2.90 -65.75 -10.56
C GLU J 166 -4.20 -64.95 -10.61
N ILE J 167 -4.11 -63.63 -10.80
CA ILE J 167 -5.32 -62.82 -10.96
C ILE J 167 -5.97 -63.11 -12.30
N LYS J 168 -5.17 -63.25 -13.36
CA LYS J 168 -5.72 -63.62 -14.66
C LYS J 168 -6.35 -64.99 -14.65
N ASN J 169 -5.90 -65.87 -13.73
CA ASN J 169 -6.57 -67.15 -13.54
C ASN J 169 -8.00 -66.94 -13.05
N ASP J 170 -8.20 -65.98 -12.14
CA ASP J 170 -9.56 -65.64 -11.74
C ASP J 170 -10.34 -65.03 -12.91
N ARG J 171 -9.68 -64.24 -13.75
CA ARG J 171 -10.33 -63.69 -14.92
C ARG J 171 -10.56 -64.74 -16.00
N GLY J 172 -9.88 -65.88 -15.91
CA GLY J 172 -10.12 -67.01 -16.78
C GLY J 172 -11.14 -68.00 -16.26
N GLY J 173 -11.78 -67.71 -15.12
CA GLY J 173 -12.76 -68.58 -14.54
C GLY J 173 -12.25 -69.46 -13.42
N GLU J 174 -10.94 -69.60 -13.26
CA GLU J 174 -10.39 -70.42 -12.20
C GLU J 174 -10.55 -69.72 -10.85
N ASP J 175 -10.46 -70.51 -9.78
CA ASP J 175 -10.58 -70.00 -8.42
C ASP J 175 -9.25 -70.12 -7.70
N PRO J 176 -8.46 -69.06 -7.62
CA PRO J 176 -7.18 -69.15 -6.91
C PRO J 176 -7.34 -68.95 -5.41
N ASN J 177 -6.22 -68.92 -4.68
CA ASN J 177 -6.27 -68.73 -3.24
C ASN J 177 -6.58 -67.27 -2.93
N GLN J 178 -7.74 -67.02 -2.33
CA GLN J 178 -8.15 -65.65 -2.05
C GLN J 178 -7.32 -65.05 -0.92
N LYS J 179 -7.12 -65.80 0.16
CA LYS J 179 -6.40 -65.26 1.32
C LYS J 179 -4.94 -65.01 1.01
N VAL J 180 -4.31 -65.86 0.19
CA VAL J 180 -2.90 -65.69 -0.12
C VAL J 180 -2.68 -64.48 -1.00
N ILE J 181 -3.48 -64.34 -2.05
CA ILE J 181 -3.29 -63.23 -3.00
C ILE J 181 -3.69 -61.90 -2.35
N HIS J 182 -4.77 -61.89 -1.57
CA HIS J 182 -5.14 -60.67 -0.87
C HIS J 182 -4.12 -60.30 0.20
N GLY J 183 -3.55 -61.31 0.87
CA GLY J 183 -2.54 -61.02 1.87
C GLY J 183 -1.27 -60.45 1.27
N VAL J 184 -0.85 -60.97 0.13
CA VAL J 184 0.37 -60.48 -0.51
C VAL J 184 0.15 -59.07 -1.04
N ILE J 185 -1.03 -58.80 -1.61
CA ILE J 185 -1.34 -57.46 -2.09
C ILE J 185 -1.41 -56.48 -0.92
N ASN J 186 -2.02 -56.90 0.20
CA ASN J 186 -2.06 -56.06 1.39
C ASN J 186 -0.67 -55.80 1.94
N SER J 187 0.25 -56.75 1.78
CA SER J 187 1.61 -56.59 2.29
C SER J 187 2.35 -55.44 1.63
N PHE J 188 1.92 -54.99 0.46
CA PHE J 188 2.51 -53.79 -0.15
C PHE J 188 2.06 -52.52 0.56
N VAL J 189 0.93 -52.55 1.25
CA VAL J 189 0.45 -51.42 2.03
C VAL J 189 0.89 -51.49 3.48
N HIS J 190 0.84 -52.67 4.10
CA HIS J 190 1.15 -52.82 5.52
C HIS J 190 2.62 -52.55 5.85
N VAL J 191 3.51 -52.59 4.85
CA VAL J 191 4.91 -52.25 5.08
C VAL J 191 5.10 -50.76 4.87
N GLU J 192 4.00 -50.04 4.64
CA GLU J 192 4.03 -48.61 4.43
C GLU J 192 3.20 -47.83 5.45
N GLN J 193 2.66 -48.49 6.47
CA GLN J 193 1.78 -47.82 7.41
C GLN J 193 2.55 -46.85 8.29
N TYR J 194 3.83 -47.12 8.53
CA TYR J 194 4.64 -46.21 9.31
C TYR J 194 5.16 -45.03 8.50
N LYS J 195 5.08 -45.10 7.17
CA LYS J 195 5.41 -43.96 6.34
C LYS J 195 4.29 -42.93 6.40
N LYS J 196 4.66 -41.67 6.62
CA LYS J 196 3.69 -40.59 6.78
C LYS J 196 3.52 -39.76 5.52
N LYS J 197 4.52 -39.71 4.64
CA LYS J 197 4.43 -38.94 3.41
C LYS J 197 3.33 -39.50 2.51
N PHE J 198 3.48 -40.74 2.07
CA PHE J 198 2.50 -41.42 1.24
C PHE J 198 2.47 -42.89 1.60
N PRO J 199 1.49 -43.34 2.39
CA PRO J 199 1.39 -44.78 2.70
C PRO J 199 0.94 -45.62 1.51
N LEU J 200 0.46 -45.00 0.44
CA LEU J 200 -0.01 -45.70 -0.75
C LEU J 200 0.81 -45.29 -1.97
N LYS J 201 2.13 -45.25 -1.82
CA LYS J 201 3.02 -44.98 -2.94
C LYS J 201 3.79 -46.20 -3.38
N PHE J 202 4.26 -47.03 -2.42
CA PHE J 202 4.88 -48.29 -2.77
C PHE J 202 3.88 -49.23 -3.43
N TYR J 203 2.67 -49.31 -2.86
CA TYR J 203 1.65 -50.19 -3.44
C TYR J 203 1.19 -49.69 -4.79
N GLN J 204 1.09 -48.38 -4.97
CA GLN J 204 0.60 -47.80 -6.21
C GLN J 204 1.64 -47.82 -7.33
N GLU J 205 2.91 -48.11 -7.02
CA GLU J 205 3.95 -48.12 -8.03
C GLU J 205 4.60 -49.49 -8.22
N ILE J 206 4.36 -50.43 -7.33
CA ILE J 206 4.93 -51.77 -7.45
C ILE J 206 3.88 -52.80 -7.88
N PHE J 207 2.65 -52.69 -7.36
CA PHE J 207 1.59 -53.60 -7.73
C PHE J 207 0.55 -52.96 -8.63
N GLU J 208 -0.06 -51.84 -8.22
CA GLU J 208 -1.20 -51.31 -8.96
C GLU J 208 -0.79 -50.81 -10.33
N SER J 209 0.35 -50.13 -10.44
CA SER J 209 0.80 -49.66 -11.75
C SER J 209 1.06 -50.80 -12.72
N PRO J 210 1.74 -51.89 -12.36
CA PRO J 210 1.70 -53.07 -13.24
C PRO J 210 0.32 -53.68 -13.40
N PHE J 211 -0.52 -53.62 -12.36
CA PHE J 211 -1.87 -54.16 -12.48
C PHE J 211 -2.73 -53.30 -13.41
N LEU J 212 -2.71 -51.98 -13.21
CA LEU J 212 -3.53 -51.10 -14.04
C LEU J 212 -3.09 -51.13 -15.50
N THR J 213 -1.78 -51.22 -15.73
CA THR J 213 -1.29 -51.32 -17.11
C THR J 213 -1.76 -52.61 -17.76
N GLU J 214 -1.64 -53.73 -17.05
CA GLU J 214 -2.00 -55.01 -17.65
C GLU J 214 -3.52 -55.22 -17.72
N THR J 215 -4.28 -54.75 -16.73
CA THR J 215 -5.72 -54.88 -16.82
C THR J 215 -6.31 -53.98 -17.90
N GLY J 216 -5.60 -52.91 -18.27
CA GLY J 216 -6.00 -52.13 -19.43
C GLY J 216 -5.83 -52.90 -20.72
N GLU J 217 -4.72 -53.64 -20.85
CA GLU J 217 -4.50 -54.44 -22.04
C GLU J 217 -5.36 -55.70 -22.05
N TYR J 218 -5.63 -56.27 -20.87
CA TYR J 218 -6.44 -57.49 -20.82
C TYR J 218 -7.87 -57.22 -21.26
N TYR J 219 -8.44 -56.08 -20.86
CA TYR J 219 -9.77 -55.71 -21.29
C TYR J 219 -9.78 -54.88 -22.58
N LYS J 220 -8.61 -54.49 -23.09
CA LYS J 220 -8.58 -53.97 -24.46
C LYS J 220 -8.76 -55.11 -25.46
N GLN J 221 -8.12 -56.25 -25.20
CA GLN J 221 -8.32 -57.42 -26.05
C GLN J 221 -9.66 -58.08 -25.77
N GLU J 222 -10.10 -58.07 -24.51
CA GLU J 222 -11.38 -58.68 -24.16
C GLU J 222 -12.54 -57.94 -24.81
N ALA J 223 -12.51 -56.60 -24.77
CA ALA J 223 -13.57 -55.82 -25.41
C ALA J 223 -13.57 -56.00 -26.92
N SER J 224 -12.38 -56.07 -27.52
CA SER J 224 -12.30 -56.33 -28.95
C SER J 224 -12.77 -57.74 -29.29
N ASN J 225 -12.54 -58.70 -28.40
CA ASN J 225 -12.96 -60.07 -28.64
C ASN J 225 -14.48 -60.24 -28.55
N LEU J 226 -15.13 -59.53 -27.64
CA LEU J 226 -16.55 -59.72 -27.42
C LEU J 226 -17.38 -59.17 -28.58
N LEU J 227 -16.95 -58.06 -29.19
CA LEU J 227 -17.73 -57.47 -30.27
C LEU J 227 -17.71 -58.36 -31.51
N GLN J 228 -16.62 -59.09 -31.74
CA GLN J 228 -16.52 -59.94 -32.91
C GLN J 228 -17.48 -61.11 -32.86
N GLU J 229 -17.95 -61.49 -31.67
CA GLU J 229 -18.87 -62.61 -31.52
C GLU J 229 -20.28 -62.19 -31.19
N SER J 230 -20.47 -61.06 -30.50
CA SER J 230 -21.77 -60.63 -30.03
C SER J 230 -22.12 -59.27 -30.60
N ASN J 231 -23.41 -59.09 -30.92
CA ASN J 231 -23.89 -57.80 -31.39
C ASN J 231 -24.11 -56.86 -30.21
N CYS J 232 -24.47 -55.61 -30.53
CA CYS J 232 -24.54 -54.57 -29.51
C CYS J 232 -25.66 -54.81 -28.50
N SER J 233 -26.69 -55.55 -28.90
CA SER J 233 -27.81 -55.81 -27.99
C SER J 233 -27.38 -56.67 -26.82
N GLN J 234 -26.69 -57.78 -27.09
CA GLN J 234 -26.19 -58.65 -26.04
C GLN J 234 -24.78 -58.30 -25.59
N TYR J 235 -24.13 -57.33 -26.24
CA TYR J 235 -22.85 -56.84 -25.76
C TYR J 235 -22.99 -56.11 -24.43
N MET J 236 -24.16 -55.52 -24.18
CA MET J 236 -24.38 -54.80 -22.93
C MET J 236 -24.36 -55.74 -21.73
N GLU J 237 -25.02 -56.89 -21.85
CA GLU J 237 -25.06 -57.84 -20.73
C GLU J 237 -23.69 -58.45 -20.48
N LYS J 238 -22.90 -58.65 -21.54
CA LYS J 238 -21.58 -59.24 -21.38
C LYS J 238 -20.62 -58.27 -20.70
N VAL J 239 -20.70 -56.98 -21.05
CA VAL J 239 -19.87 -55.98 -20.39
C VAL J 239 -20.30 -55.83 -18.94
N LEU J 240 -21.61 -55.68 -18.69
CA LEU J 240 -22.10 -55.64 -17.33
C LEU J 240 -21.91 -56.96 -16.60
N GLY J 241 -21.81 -58.07 -17.34
CA GLY J 241 -21.45 -59.33 -16.72
C GLY J 241 -20.01 -59.39 -16.27
N ARG J 242 -19.17 -58.48 -16.79
CA ARG J 242 -17.77 -58.38 -16.37
C ARG J 242 -17.58 -57.37 -15.25
N LEU J 243 -18.14 -56.17 -15.39
CA LEU J 243 -18.00 -55.15 -14.36
C LEU J 243 -18.64 -55.58 -13.04
N LYS J 244 -19.78 -56.29 -13.11
CA LYS J 244 -20.37 -56.83 -11.90
C LYS J 244 -19.44 -57.86 -11.25
N ASP J 245 -18.79 -58.70 -12.07
CA ASP J 245 -17.81 -59.64 -11.54
C ASP J 245 -16.49 -58.97 -11.21
N GLU J 246 -16.08 -57.95 -11.98
CA GLU J 246 -14.85 -57.24 -11.68
C GLU J 246 -14.93 -56.53 -10.34
N GLU J 247 -16.08 -55.91 -10.05
CA GLU J 247 -16.25 -55.24 -8.76
C GLU J 247 -16.17 -56.22 -7.59
N ILE J 248 -16.49 -57.50 -7.82
CA ILE J 248 -16.37 -58.51 -6.78
C ILE J 248 -14.94 -58.99 -6.63
N ARG J 249 -14.28 -59.32 -7.76
CA ARG J 249 -12.91 -59.81 -7.68
C ARG J 249 -11.92 -58.70 -7.36
N CYS J 250 -12.30 -57.44 -7.53
CA CYS J 250 -11.42 -56.34 -7.12
C CYS J 250 -11.43 -56.14 -5.62
N ARG J 251 -12.56 -56.40 -4.97
CA ARG J 251 -12.65 -56.25 -3.52
C ARG J 251 -12.26 -57.51 -2.77
N LYS J 252 -11.97 -58.61 -3.47
CA LYS J 252 -11.44 -59.79 -2.82
C LYS J 252 -9.92 -59.80 -2.76
N TYR J 253 -9.25 -59.06 -3.64
CA TYR J 253 -7.79 -59.06 -3.72
C TYR J 253 -7.17 -57.72 -3.39
N LEU J 254 -7.62 -56.65 -4.04
CA LEU J 254 -6.89 -55.39 -4.03
C LEU J 254 -7.24 -54.55 -2.80
N HIS J 255 -6.42 -53.51 -2.59
CA HIS J 255 -6.68 -52.53 -1.56
C HIS J 255 -7.93 -51.72 -1.92
N PRO J 256 -8.68 -51.25 -0.91
CA PRO J 256 -9.87 -50.43 -1.21
C PRO J 256 -9.57 -49.14 -1.95
N SER J 257 -8.32 -48.66 -1.92
CA SER J 257 -7.98 -47.45 -2.66
C SER J 257 -8.01 -47.66 -4.17
N SER J 258 -7.88 -48.90 -4.64
CA SER J 258 -7.83 -49.19 -6.07
C SER J 258 -9.18 -49.62 -6.63
N TYR J 259 -10.25 -49.57 -5.83
CA TYR J 259 -11.55 -50.02 -6.32
C TYR J 259 -12.06 -49.13 -7.45
N THR J 260 -11.88 -47.82 -7.32
CA THR J 260 -12.39 -46.90 -8.34
C THR J 260 -11.42 -46.74 -9.50
N LYS J 261 -10.12 -46.98 -9.28
CA LYS J 261 -9.15 -46.85 -10.36
C LYS J 261 -9.18 -48.04 -11.30
N VAL J 262 -9.45 -49.24 -10.77
CA VAL J 262 -9.52 -50.42 -11.63
C VAL J 262 -10.73 -50.36 -12.53
N ILE J 263 -11.90 -50.02 -11.97
CA ILE J 263 -13.13 -49.95 -12.76
C ILE J 263 -13.02 -48.82 -13.79
N HIS J 264 -12.41 -47.71 -13.41
CA HIS J 264 -12.16 -46.63 -14.36
C HIS J 264 -11.28 -47.10 -15.52
N GLU J 265 -10.44 -48.10 -15.29
CA GLU J 265 -9.67 -48.72 -16.36
C GLU J 265 -10.43 -49.87 -17.03
N CYS J 266 -11.36 -50.49 -16.32
CA CYS J 266 -12.20 -51.55 -16.89
C CYS J 266 -13.37 -51.00 -17.69
N GLN J 267 -13.53 -49.68 -17.76
CA GLN J 267 -14.50 -49.04 -18.64
C GLN J 267 -13.86 -48.19 -19.71
N GLN J 268 -12.70 -47.60 -19.44
CA GLN J 268 -12.01 -46.80 -20.45
C GLN J 268 -11.53 -47.65 -21.61
N ARG J 269 -11.10 -48.88 -21.32
CA ARG J 269 -10.63 -49.80 -22.35
C ARG J 269 -11.69 -50.81 -22.77
N MET J 270 -12.90 -50.75 -22.21
CA MET J 270 -13.95 -51.70 -22.52
C MET J 270 -15.24 -51.03 -23.00
N VAL J 271 -15.59 -49.87 -22.46
CA VAL J 271 -16.79 -49.14 -22.86
C VAL J 271 -16.42 -47.89 -23.63
N ALA J 272 -15.50 -47.07 -23.10
CA ALA J 272 -15.07 -45.88 -23.81
C ALA J 272 -14.21 -46.20 -25.02
N ASP J 273 -13.67 -47.42 -25.10
CA ASP J 273 -12.83 -47.78 -26.24
C ASP J 273 -13.66 -47.89 -27.52
N HIS J 274 -14.78 -48.59 -27.46
CA HIS J 274 -15.74 -48.62 -28.57
C HIS J 274 -16.85 -47.60 -28.35
N LEU J 275 -16.45 -46.33 -28.21
CA LEU J 275 -17.44 -45.28 -28.02
C LEU J 275 -18.27 -45.06 -29.27
N GLN J 276 -17.64 -45.08 -30.44
CA GLN J 276 -18.38 -44.90 -31.68
C GLN J 276 -19.24 -46.11 -32.00
N PHE J 277 -18.82 -47.31 -31.60
CA PHE J 277 -19.65 -48.50 -31.79
C PHE J 277 -20.93 -48.41 -30.97
N LEU J 278 -20.83 -47.88 -29.74
CA LEU J 278 -22.03 -47.68 -28.93
C LEU J 278 -22.96 -46.66 -29.55
N HIS J 279 -22.41 -45.55 -30.06
CA HIS J 279 -23.22 -44.50 -30.66
C HIS J 279 -23.72 -44.86 -32.04
N ALA J 280 -23.12 -45.85 -32.70
CA ALA J 280 -23.63 -46.28 -34.00
C ALA J 280 -24.91 -47.10 -33.85
N GLU J 281 -24.97 -47.95 -32.83
CA GLU J 281 -26.12 -48.81 -32.59
C GLU J 281 -27.10 -48.22 -31.59
N CYS J 282 -26.86 -47.01 -31.10
CA CYS J 282 -27.78 -46.41 -30.14
C CYS J 282 -29.07 -45.91 -30.78
N HIS J 283 -29.11 -45.80 -32.11
CA HIS J 283 -30.30 -45.32 -32.78
C HIS J 283 -31.45 -46.30 -32.65
N ASN J 284 -31.19 -47.58 -32.88
CA ASN J 284 -32.26 -48.57 -32.91
C ASN J 284 -32.80 -48.86 -31.50
N ILE J 285 -32.00 -48.57 -30.47
CA ILE J 285 -32.41 -48.89 -29.10
C ILE J 285 -33.55 -47.97 -28.66
N ILE J 286 -33.44 -46.68 -28.98
CA ILE J 286 -34.42 -45.73 -28.48
C ILE J 286 -35.71 -45.78 -29.29
N ARG J 287 -35.61 -46.18 -30.57
CA ARG J 287 -36.80 -46.18 -31.43
C ARG J 287 -37.80 -47.23 -30.98
N GLN J 288 -37.31 -48.40 -30.54
CA GLN J 288 -38.18 -49.53 -30.22
C GLN J 288 -38.58 -49.57 -28.75
N GLU J 289 -38.17 -48.59 -27.97
CA GLU J 289 -38.44 -48.53 -26.53
C GLU J 289 -38.03 -49.82 -25.82
N LYS J 290 -36.81 -50.27 -26.12
CA LYS J 290 -36.28 -51.49 -25.53
C LYS J 290 -35.91 -51.20 -24.07
N LYS J 291 -36.63 -51.81 -23.13
CA LYS J 291 -36.42 -51.53 -21.72
C LYS J 291 -35.07 -52.06 -21.25
N ASN J 292 -34.77 -53.33 -21.56
CA ASN J 292 -33.55 -53.95 -21.07
C ASN J 292 -32.31 -53.49 -21.83
N ASP J 293 -32.42 -53.26 -23.13
CA ASP J 293 -31.28 -52.91 -23.95
C ASP J 293 -30.91 -51.43 -23.88
N MET J 294 -31.72 -50.62 -23.18
CA MET J 294 -31.42 -49.20 -23.00
C MET J 294 -30.96 -48.86 -21.60
N ALA J 295 -31.53 -49.51 -20.58
CA ALA J 295 -31.02 -49.31 -19.22
C ALA J 295 -29.58 -49.78 -19.11
N ASN J 296 -29.26 -50.93 -19.70
CA ASN J 296 -27.89 -51.39 -19.78
C ASN J 296 -27.05 -50.47 -20.65
N MET J 297 -27.67 -49.87 -21.67
CA MET J 297 -26.96 -48.93 -22.54
C MET J 297 -26.65 -47.63 -21.79
N TYR J 298 -27.52 -47.23 -20.88
CA TYR J 298 -27.31 -45.99 -20.14
C TYR J 298 -26.18 -46.12 -19.12
N VAL J 299 -26.16 -47.23 -18.37
CA VAL J 299 -25.17 -47.38 -17.30
C VAL J 299 -23.76 -47.51 -17.86
N LEU J 300 -23.62 -47.90 -19.12
CA LEU J 300 -22.29 -47.92 -19.74
C LEU J 300 -21.81 -46.51 -20.07
N LEU J 301 -22.71 -45.65 -20.58
CA LEU J 301 -22.32 -44.31 -20.98
C LEU J 301 -22.15 -43.35 -19.81
N ARG J 302 -22.85 -43.59 -18.69
CA ARG J 302 -22.77 -42.64 -17.57
C ARG J 302 -21.38 -42.62 -16.95
N ALA J 303 -20.63 -43.73 -17.04
CA ALA J 303 -19.28 -43.74 -16.54
C ALA J 303 -18.33 -42.98 -17.46
N VAL J 304 -18.51 -43.14 -18.77
CA VAL J 304 -17.67 -42.43 -19.74
C VAL J 304 -18.02 -40.95 -19.74
N SER J 305 -16.99 -40.10 -19.76
CA SER J 305 -17.20 -38.66 -19.64
C SER J 305 -17.93 -38.10 -20.85
N THR J 306 -17.48 -38.42 -22.05
CA THR J 306 -18.00 -37.84 -23.28
C THR J 306 -18.96 -38.76 -24.02
N GLY J 307 -19.38 -39.86 -23.41
CA GLY J 307 -20.27 -40.80 -24.06
C GLY J 307 -21.74 -40.47 -23.85
N LEU J 308 -22.09 -40.07 -22.63
CA LEU J 308 -23.49 -39.80 -22.29
C LEU J 308 -24.14 -38.68 -23.11
N PRO J 309 -23.49 -37.52 -23.34
CA PRO J 309 -24.22 -36.42 -24.03
C PRO J 309 -24.71 -36.76 -25.42
N HIS J 310 -24.12 -37.73 -26.10
CA HIS J 310 -24.66 -38.15 -27.39
C HIS J 310 -26.00 -38.85 -27.23
N MET J 311 -26.18 -39.58 -26.13
CA MET J 311 -27.43 -40.31 -25.94
C MET J 311 -28.59 -39.37 -25.64
N ILE J 312 -28.38 -38.36 -24.81
CA ILE J 312 -29.47 -37.46 -24.44
C ILE J 312 -29.90 -36.62 -25.62
N GLN J 313 -28.96 -36.18 -26.45
CA GLN J 313 -29.31 -35.43 -27.66
C GLN J 313 -30.07 -36.31 -28.65
N GLU J 314 -29.63 -37.56 -28.81
CA GLU J 314 -30.32 -38.47 -29.71
C GLU J 314 -31.67 -38.91 -29.16
N LEU J 315 -31.78 -39.07 -27.84
CA LEU J 315 -33.08 -39.36 -27.24
C LEU J 315 -34.01 -38.16 -27.32
N GLN J 316 -33.45 -36.95 -27.31
CA GLN J 316 -34.26 -35.75 -27.47
C GLN J 316 -34.94 -35.72 -28.84
N ASN J 317 -34.27 -36.26 -29.87
CA ASN J 317 -34.89 -36.35 -31.18
C ASN J 317 -36.01 -37.37 -31.23
N HIS J 318 -36.02 -38.34 -30.31
CA HIS J 318 -37.05 -39.38 -30.36
C HIS J 318 -38.41 -38.84 -29.91
N ILE J 319 -38.43 -38.03 -28.85
CA ILE J 319 -39.68 -37.36 -28.47
C ILE J 319 -40.09 -36.36 -29.55
N HIS J 320 -39.12 -35.62 -30.09
CA HIS J 320 -39.41 -34.66 -31.16
C HIS J 320 -39.95 -35.34 -32.41
N ASP J 321 -39.70 -36.64 -32.59
CA ASP J 321 -40.27 -37.39 -33.70
C ASP J 321 -41.55 -38.13 -33.32
N GLU J 322 -41.58 -38.73 -32.13
CA GLU J 322 -42.79 -39.41 -31.69
C GLU J 322 -43.88 -38.41 -31.29
N GLY J 323 -43.48 -37.24 -30.78
CA GLY J 323 -44.46 -36.24 -30.40
C GLY J 323 -45.21 -35.65 -31.58
N LEU J 324 -44.49 -35.38 -32.68
CA LEU J 324 -45.13 -34.82 -33.86
C LEU J 324 -46.17 -35.77 -34.45
N ARG J 325 -45.87 -37.07 -34.45
CA ARG J 325 -46.83 -38.04 -34.96
C ARG J 325 -48.10 -38.08 -34.11
N ALA J 326 -47.99 -37.77 -32.81
CA ALA J 326 -49.17 -37.66 -31.98
C ALA J 326 -50.01 -36.44 -32.38
N THR J 327 -49.36 -35.29 -32.53
CA THR J 327 -50.04 -34.06 -32.94
C THR J 327 -49.95 -33.85 -34.46
N SER J 328 -50.34 -34.87 -35.21
CA SER J 328 -50.36 -34.79 -36.67
C SER J 328 -51.73 -35.06 -37.26
N ASN J 329 -52.45 -36.05 -36.73
CA ASN J 329 -53.80 -36.36 -37.20
C ASN J 329 -54.84 -35.56 -36.42
N LEU J 330 -54.70 -34.24 -36.49
CA LEU J 330 -55.59 -33.33 -35.78
C LEU J 330 -56.96 -33.36 -36.44
N THR J 331 -57.94 -33.92 -35.74
CA THR J 331 -59.30 -33.97 -36.26
C THR J 331 -59.90 -32.56 -36.33
N GLN J 332 -60.75 -32.35 -37.32
CA GLN J 332 -61.35 -31.05 -37.58
C GLN J 332 -62.57 -30.77 -36.72
N GLU J 333 -62.82 -31.58 -35.69
CA GLU J 333 -63.96 -31.38 -34.80
C GLU J 333 -63.62 -31.43 -33.32
N ASN J 334 -62.48 -32.00 -32.93
CA ASN J 334 -62.08 -32.11 -31.54
C ASN J 334 -60.62 -31.72 -31.37
N MET J 335 -60.27 -30.55 -31.91
CA MET J 335 -58.88 -30.08 -31.88
C MET J 335 -58.30 -29.92 -30.48
N PRO J 336 -58.94 -29.23 -29.52
CA PRO J 336 -58.21 -28.93 -28.29
C PRO J 336 -58.00 -30.12 -27.37
N THR J 337 -58.99 -31.01 -27.26
CA THR J 337 -58.85 -32.15 -26.36
C THR J 337 -57.75 -33.11 -26.81
N LEU J 338 -57.69 -33.37 -28.12
CA LEU J 338 -56.69 -34.31 -28.64
C LEU J 338 -55.27 -33.78 -28.48
N PHE J 339 -55.09 -32.46 -28.66
CA PHE J 339 -53.75 -31.89 -28.55
C PHE J 339 -53.19 -32.05 -27.14
N VAL J 340 -54.01 -31.79 -26.13
CA VAL J 340 -53.56 -31.94 -24.75
C VAL J 340 -53.39 -33.42 -24.41
N GLU J 341 -54.35 -34.25 -24.79
CA GLU J 341 -54.30 -35.67 -24.44
C GLU J 341 -53.13 -36.37 -25.09
N SER J 342 -52.82 -36.03 -26.34
CA SER J 342 -51.67 -36.64 -27.02
C SER J 342 -50.36 -36.27 -26.34
N VAL J 343 -50.26 -35.03 -25.85
CA VAL J 343 -49.05 -34.62 -25.13
C VAL J 343 -48.92 -35.41 -23.83
N LEU J 344 -50.03 -35.57 -23.09
CA LEU J 344 -50.01 -36.40 -21.90
C LEU J 344 -49.69 -37.85 -22.23
N GLU J 345 -50.10 -38.32 -23.40
CA GLU J 345 -49.69 -39.65 -23.83
C GLU J 345 -48.17 -39.70 -24.04
N VAL J 346 -47.61 -38.67 -24.67
CA VAL J 346 -46.16 -38.61 -24.84
C VAL J 346 -45.47 -38.34 -23.52
N HIS J 347 -45.97 -37.37 -22.75
CA HIS J 347 -45.32 -37.01 -21.50
C HIS J 347 -45.49 -38.09 -20.45
N GLY J 348 -46.70 -38.64 -20.31
CA GLY J 348 -46.95 -39.65 -19.29
C GLY J 348 -46.23 -40.96 -19.55
N LYS J 349 -45.76 -41.18 -20.77
CA LYS J 349 -45.00 -42.38 -21.09
C LYS J 349 -43.49 -42.14 -21.01
N PHE J 350 -43.02 -41.01 -21.54
CA PHE J 350 -41.58 -40.77 -21.56
C PHE J 350 -41.03 -40.46 -20.18
N VAL J 351 -41.82 -39.86 -19.30
CA VAL J 351 -41.41 -39.71 -17.90
C VAL J 351 -41.25 -41.08 -17.26
N GLN J 352 -42.14 -42.03 -17.59
CA GLN J 352 -42.02 -43.38 -17.06
C GLN J 352 -40.74 -44.04 -17.53
N LEU J 353 -40.43 -43.93 -18.84
CA LEU J 353 -39.21 -44.54 -19.37
C LEU J 353 -37.95 -43.98 -18.72
N ILE J 354 -37.88 -42.67 -18.51
CA ILE J 354 -36.76 -42.07 -17.80
C ILE J 354 -36.72 -42.51 -16.34
N ASN J 355 -37.86 -42.95 -15.78
CA ASN J 355 -37.93 -43.27 -14.37
C ASN J 355 -38.04 -44.76 -14.06
N THR J 356 -38.35 -45.63 -15.02
CA THR J 356 -38.50 -47.06 -14.72
C THR J 356 -37.30 -47.90 -15.13
N VAL J 357 -36.54 -47.49 -16.15
CA VAL J 357 -35.32 -48.18 -16.55
C VAL J 357 -34.10 -47.29 -16.40
N LEU J 358 -34.23 -46.01 -16.69
CA LEU J 358 -33.17 -45.05 -16.45
C LEU J 358 -33.30 -44.50 -15.03
N ASN J 359 -32.23 -43.89 -14.54
CA ASN J 359 -32.32 -43.21 -13.26
C ASN J 359 -33.01 -41.85 -13.45
N GLY J 360 -33.30 -41.19 -12.33
CA GLY J 360 -33.91 -39.88 -12.38
C GLY J 360 -32.92 -38.81 -12.83
N ASP J 361 -32.42 -38.94 -14.04
CA ASP J 361 -31.39 -38.05 -14.54
C ASP J 361 -32.02 -36.78 -15.08
N GLN J 362 -31.56 -35.63 -14.59
CA GLN J 362 -32.08 -34.35 -15.07
C GLN J 362 -31.63 -34.05 -16.49
N HIS J 363 -30.58 -34.73 -16.98
CA HIS J 363 -30.16 -34.54 -18.37
C HIS J 363 -31.21 -35.08 -19.34
N PHE J 364 -31.73 -36.28 -19.06
CA PHE J 364 -32.82 -36.81 -19.88
C PHE J 364 -34.10 -36.03 -19.66
N MET J 365 -34.35 -35.59 -18.42
CA MET J 365 -35.54 -34.81 -18.14
C MET J 365 -35.49 -33.46 -18.85
N SER J 366 -34.31 -32.83 -18.89
CA SER J 366 -34.16 -31.60 -19.67
C SER J 366 -34.30 -31.87 -21.16
N ALA J 367 -33.83 -33.03 -21.63
CA ALA J 367 -34.03 -33.39 -23.03
C ALA J 367 -35.50 -33.58 -23.36
N LEU J 368 -36.24 -34.24 -22.46
CA LEU J 368 -37.67 -34.40 -22.66
C LEU J 368 -38.40 -33.06 -22.60
N ASP J 369 -37.99 -32.19 -21.68
CA ASP J 369 -38.59 -30.86 -21.59
C ASP J 369 -38.29 -30.04 -22.84
N LYS J 370 -37.05 -30.12 -23.34
CA LYS J 370 -36.71 -29.39 -24.56
C LYS J 370 -37.41 -29.97 -25.77
N ALA J 371 -37.55 -31.30 -25.83
CA ALA J 371 -38.20 -31.93 -26.97
C ALA J 371 -39.69 -31.65 -26.97
N LEU J 372 -40.33 -31.76 -25.81
CA LEU J 372 -41.76 -31.47 -25.72
C LEU J 372 -42.06 -29.99 -25.96
N THR J 373 -41.09 -29.11 -25.71
CA THR J 373 -41.25 -27.70 -26.04
C THR J 373 -41.36 -27.51 -27.54
N SER J 374 -40.52 -28.22 -28.31
CA SER J 374 -40.50 -28.04 -29.76
C SER J 374 -41.79 -28.53 -30.41
N VAL J 375 -42.30 -29.68 -29.97
CA VAL J 375 -43.51 -30.23 -30.58
C VAL J 375 -44.73 -29.38 -30.22
N VAL J 376 -44.78 -28.86 -28.99
CA VAL J 376 -45.89 -28.00 -28.61
C VAL J 376 -45.83 -26.67 -29.36
N ASN J 377 -44.65 -26.06 -29.39
CA ASN J 377 -44.45 -24.80 -30.11
C ASN J 377 -44.11 -25.05 -31.58
N TYR J 378 -44.95 -25.83 -32.26
CA TYR J 378 -44.74 -26.16 -33.66
C TYR J 378 -45.28 -25.03 -34.53
N ARG J 379 -44.43 -24.45 -35.37
CA ARG J 379 -44.80 -23.37 -36.26
C ARG J 379 -44.84 -23.87 -37.69
N GLU J 380 -45.99 -23.75 -38.33
CA GLU J 380 -46.10 -24.06 -39.74
C GLU J 380 -45.34 -23.03 -40.57
N PRO J 381 -44.85 -23.42 -41.75
CA PRO J 381 -44.13 -22.46 -42.60
C PRO J 381 -45.01 -21.27 -42.97
N LYS J 382 -44.48 -20.07 -42.71
CA LYS J 382 -45.18 -18.81 -42.96
C LYS J 382 -46.54 -18.77 -42.25
N SER J 383 -46.58 -19.28 -41.02
CA SER J 383 -47.80 -19.32 -40.24
C SER J 383 -47.45 -19.25 -38.77
N VAL J 384 -48.44 -18.85 -37.96
CA VAL J 384 -48.24 -18.77 -36.53
C VAL J 384 -48.36 -20.15 -35.89
N CYS J 385 -47.79 -20.29 -34.70
CA CYS J 385 -47.88 -21.54 -33.97
C CYS J 385 -49.31 -21.82 -33.52
N LYS J 386 -49.71 -23.09 -33.60
CA LYS J 386 -51.08 -23.49 -33.28
C LYS J 386 -51.29 -23.74 -31.80
N ALA J 387 -50.24 -23.67 -30.98
CA ALA J 387 -50.37 -24.00 -29.56
C ALA J 387 -51.31 -23.08 -28.77
N PRO J 388 -51.19 -21.73 -28.82
CA PRO J 388 -51.91 -20.92 -27.82
C PRO J 388 -53.42 -21.06 -27.84
N GLU J 389 -54.04 -21.13 -29.01
CA GLU J 389 -55.50 -21.13 -29.06
C GLU J 389 -56.08 -22.49 -28.65
N LEU J 390 -55.42 -23.58 -29.06
CA LEU J 390 -55.92 -24.91 -28.71
C LEU J 390 -55.89 -25.13 -27.20
N LEU J 391 -54.83 -24.69 -26.53
CA LEU J 391 -54.82 -24.75 -25.07
C LEU J 391 -55.83 -23.79 -24.46
N ALA J 392 -56.02 -22.63 -25.10
CA ALA J 392 -57.06 -21.70 -24.64
C ALA J 392 -58.45 -22.31 -24.83
N LYS J 393 -58.68 -22.95 -25.98
CA LYS J 393 -59.98 -23.59 -26.21
C LYS J 393 -60.19 -24.80 -25.30
N TYR J 394 -59.10 -25.48 -24.92
CA TYR J 394 -59.23 -26.66 -24.07
C TYR J 394 -59.80 -26.30 -22.71
N CYS J 395 -59.36 -25.18 -22.13
CA CYS J 395 -59.86 -24.77 -20.83
C CYS J 395 -61.35 -24.41 -20.90
N ASP J 396 -61.73 -23.62 -21.92
CA ASP J 396 -63.12 -23.19 -22.02
C ASP J 396 -64.04 -24.37 -22.37
N ASN J 397 -63.55 -25.29 -23.20
CA ASN J 397 -64.32 -26.50 -23.49
C ASN J 397 -64.45 -27.42 -22.28
N LEU J 398 -63.68 -27.18 -21.23
CA LEU J 398 -63.69 -28.02 -20.03
C LEU J 398 -64.31 -27.34 -18.83
N LEU J 399 -64.31 -26.02 -18.78
CA LEU J 399 -64.89 -25.28 -17.66
C LEU J 399 -66.37 -24.95 -17.86
N LYS J 400 -66.94 -25.25 -19.03
CA LYS J 400 -68.36 -25.04 -19.23
C LYS J 400 -69.18 -26.06 -18.46
N LYS J 401 -70.43 -25.70 -18.18
CA LYS J 401 -71.42 -26.63 -17.65
C LYS J 401 -72.29 -27.24 -18.75
N SER J 402 -71.98 -26.95 -20.01
CA SER J 402 -72.79 -27.44 -21.12
C SER J 402 -72.68 -28.97 -21.24
N ALA J 403 -73.77 -29.58 -21.70
CA ALA J 403 -73.91 -31.03 -21.86
C ALA J 403 -73.66 -31.67 -20.50
N LYS J 404 -72.88 -32.74 -20.40
CA LYS J 404 -72.56 -33.37 -19.13
C LYS J 404 -71.08 -33.16 -18.84
N GLY J 405 -70.78 -32.56 -17.68
CA GLY J 405 -69.42 -32.32 -17.27
C GLY J 405 -68.79 -33.53 -16.63
N MET J 406 -67.51 -33.39 -16.30
CA MET J 406 -66.75 -34.43 -15.66
C MET J 406 -66.71 -34.31 -14.14
N THR J 407 -67.41 -33.31 -13.58
CA THR J 407 -67.50 -33.03 -12.14
C THR J 407 -66.16 -32.52 -11.60
N GLU J 408 -66.22 -31.60 -10.63
CA GLU J 408 -65.01 -30.92 -10.15
C GLU J 408 -64.00 -31.88 -9.54
N ASN J 409 -64.42 -33.08 -9.13
CA ASN J 409 -63.46 -34.07 -8.64
C ASN J 409 -62.52 -34.52 -9.75
N GLU J 410 -62.97 -34.51 -10.99
CA GLU J 410 -62.14 -34.85 -12.14
C GLU J 410 -61.67 -33.63 -12.92
N VAL J 411 -62.44 -32.52 -12.87
CA VAL J 411 -62.03 -31.28 -13.51
C VAL J 411 -60.69 -30.80 -12.95
N GLU J 412 -60.53 -30.88 -11.62
CA GLU J 412 -59.26 -30.50 -11.00
C GLU J 412 -58.11 -31.42 -11.39
N ASP J 413 -58.39 -32.62 -11.89
CA ASP J 413 -57.34 -33.52 -12.36
C ASP J 413 -56.92 -33.23 -13.79
N ARG J 414 -57.90 -33.00 -14.68
CA ARG J 414 -57.56 -32.68 -16.06
C ARG J 414 -56.84 -31.34 -16.17
N LEU J 415 -57.27 -30.36 -15.38
CA LEU J 415 -56.63 -29.05 -15.40
C LEU J 415 -55.22 -29.11 -14.82
N THR J 416 -54.99 -29.98 -13.83
CA THR J 416 -53.64 -30.16 -13.32
C THR J 416 -52.72 -30.74 -14.38
N SER J 417 -53.22 -31.70 -15.17
CA SER J 417 -52.44 -32.22 -16.28
C SER J 417 -52.31 -31.21 -17.41
N PHE J 418 -53.21 -30.23 -17.47
CA PHE J 418 -53.09 -29.18 -18.49
C PHE J 418 -51.87 -28.29 -18.23
N ILE J 419 -51.47 -28.15 -16.96
CA ILE J 419 -50.34 -27.29 -16.61
C ILE J 419 -49.06 -27.81 -17.24
N THR J 420 -48.91 -29.13 -17.35
CA THR J 420 -47.73 -29.70 -17.98
C THR J 420 -47.63 -29.29 -19.45
N VAL J 421 -48.77 -29.30 -20.17
CA VAL J 421 -48.77 -28.83 -21.54
C VAL J 421 -48.49 -27.34 -21.61
N PHE J 422 -49.12 -26.57 -20.72
CA PHE J 422 -48.94 -25.12 -20.74
C PHE J 422 -47.54 -24.70 -20.30
N LYS J 423 -46.85 -25.53 -19.53
CA LYS J 423 -45.51 -25.18 -19.06
C LYS J 423 -44.53 -25.06 -20.22
N TYR J 424 -44.76 -25.79 -21.30
CA TYR J 424 -43.87 -25.79 -22.46
C TYR J 424 -44.23 -24.73 -23.49
N ILE J 425 -45.22 -23.88 -23.22
CA ILE J 425 -45.61 -22.85 -24.18
C ILE J 425 -44.53 -21.78 -24.24
N ASP J 426 -44.08 -21.45 -25.45
CA ASP J 426 -43.07 -20.40 -25.60
C ASP J 426 -43.71 -19.03 -25.41
N ASP J 427 -44.68 -18.69 -26.24
CA ASP J 427 -45.36 -17.40 -26.15
C ASP J 427 -46.60 -17.59 -25.27
N LYS J 428 -46.40 -17.51 -23.95
CA LYS J 428 -47.52 -17.63 -23.03
C LYS J 428 -48.36 -16.37 -23.01
N ASP J 429 -47.77 -15.23 -23.36
CA ASP J 429 -48.49 -13.96 -23.30
C ASP J 429 -49.63 -13.91 -24.31
N VAL J 430 -49.40 -14.42 -25.53
CA VAL J 430 -50.45 -14.42 -26.54
C VAL J 430 -51.56 -15.39 -26.15
N PHE J 431 -51.22 -16.46 -25.41
CA PHE J 431 -52.25 -17.37 -24.93
C PHE J 431 -53.19 -16.67 -23.96
N GLN J 432 -52.65 -15.76 -23.14
CA GLN J 432 -53.50 -15.01 -22.22
C GLN J 432 -54.51 -14.16 -22.97
N LYS J 433 -54.09 -13.54 -24.08
CA LYS J 433 -55.02 -12.78 -24.91
C LYS J 433 -56.13 -13.68 -25.45
N PHE J 434 -55.78 -14.89 -25.90
CA PHE J 434 -56.80 -15.85 -26.28
C PHE J 434 -57.62 -16.29 -25.08
N TYR J 435 -57.00 -16.48 -23.92
CA TYR J 435 -57.73 -16.93 -22.75
C TYR J 435 -58.60 -15.84 -22.17
N ALA J 436 -58.06 -14.62 -22.04
CA ALA J 436 -58.81 -13.53 -21.42
C ALA J 436 -60.05 -13.17 -22.23
N ARG J 437 -59.92 -13.13 -23.56
CA ARG J 437 -61.08 -12.91 -24.41
C ARG J 437 -62.08 -14.05 -24.27
N MET J 438 -61.59 -15.28 -24.16
CA MET J 438 -62.46 -16.45 -24.06
C MET J 438 -62.97 -16.64 -22.64
N LEU J 439 -62.20 -16.21 -21.63
CA LEU J 439 -62.73 -16.17 -20.27
C LEU J 439 -63.83 -15.11 -20.14
N ALA J 440 -63.67 -13.99 -20.86
CA ALA J 440 -64.66 -12.93 -20.79
C ALA J 440 -66.02 -13.43 -21.30
N LYS J 441 -66.02 -14.18 -22.40
CA LYS J 441 -67.28 -14.68 -22.96
C LYS J 441 -67.96 -15.64 -21.99
N ARG J 442 -67.19 -16.52 -21.34
CA ARG J 442 -67.79 -17.53 -20.49
C ARG J 442 -68.31 -16.92 -19.19
N LEU J 443 -67.59 -15.95 -18.63
CA LEU J 443 -67.96 -15.42 -17.32
C LEU J 443 -69.21 -14.55 -17.40
N ILE J 444 -69.34 -13.75 -18.44
CA ILE J 444 -70.44 -12.79 -18.51
C ILE J 444 -71.76 -13.42 -18.96
N HIS J 445 -71.72 -14.51 -19.73
CA HIS J 445 -72.97 -15.10 -20.22
C HIS J 445 -73.65 -15.97 -19.19
N GLY J 446 -73.03 -16.21 -18.04
CA GLY J 446 -73.63 -16.97 -16.98
C GLY J 446 -73.30 -18.45 -16.95
N LEU J 447 -72.68 -18.98 -18.00
CA LEU J 447 -72.33 -20.39 -18.05
C LEU J 447 -70.99 -20.62 -17.36
N SER J 448 -70.97 -21.59 -16.45
CA SER J 448 -69.77 -21.97 -15.71
C SER J 448 -70.06 -23.27 -14.99
N MET J 449 -69.07 -24.17 -14.97
CA MET J 449 -69.22 -25.41 -14.21
C MET J 449 -69.35 -25.12 -12.71
N SER J 450 -68.48 -24.26 -12.19
CA SER J 450 -68.52 -23.80 -10.81
C SER J 450 -67.55 -22.63 -10.67
N MET J 451 -67.91 -21.69 -9.80
CA MET J 451 -67.02 -20.55 -9.54
C MET J 451 -65.74 -20.99 -8.84
N ASP J 452 -65.82 -22.04 -8.03
CA ASP J 452 -64.63 -22.52 -7.33
C ASP J 452 -63.59 -23.09 -8.30
N SER J 453 -64.05 -23.80 -9.33
CA SER J 453 -63.12 -24.37 -10.31
C SER J 453 -62.41 -23.27 -11.09
N GLU J 454 -63.14 -22.24 -11.52
CA GLU J 454 -62.51 -21.14 -12.24
C GLU J 454 -61.60 -20.32 -11.34
N GLU J 455 -61.92 -20.23 -10.05
CA GLU J 455 -61.01 -19.60 -9.10
C GLU J 455 -59.70 -20.37 -8.99
N ALA J 456 -59.79 -21.70 -8.90
CA ALA J 456 -58.60 -22.53 -8.83
C ALA J 456 -57.90 -22.67 -10.17
N MET J 457 -58.62 -22.52 -11.28
CA MET J 457 -58.00 -22.59 -12.59
C MET J 457 -57.04 -21.42 -12.80
N ILE J 458 -57.52 -20.20 -12.51
CA ILE J 458 -56.66 -19.03 -12.56
C ILE J 458 -55.57 -19.09 -11.49
N ASN J 459 -55.88 -19.67 -10.32
CA ASN J 459 -54.90 -19.74 -9.25
C ASN J 459 -53.69 -20.59 -9.64
N LYS J 460 -53.93 -21.70 -10.34
CA LYS J 460 -52.80 -22.55 -10.73
C LYS J 460 -51.93 -21.89 -11.80
N LEU J 461 -52.52 -21.07 -12.68
CA LEU J 461 -51.72 -20.31 -13.63
C LEU J 461 -50.82 -19.32 -12.89
N LYS J 462 -51.34 -18.69 -11.84
CA LYS J 462 -50.53 -17.79 -11.02
C LYS J 462 -49.37 -18.52 -10.36
N GLN J 463 -49.64 -19.74 -9.87
CA GLN J 463 -48.58 -20.52 -9.22
C GLN J 463 -47.57 -21.03 -10.24
N ALA J 464 -48.02 -21.37 -11.44
CA ALA J 464 -47.16 -22.00 -12.44
C ALA J 464 -46.50 -20.95 -13.35
N CYS J 465 -47.30 -20.15 -14.05
CA CYS J 465 -46.75 -19.24 -15.05
C CYS J 465 -46.06 -18.05 -14.41
N GLY J 466 -46.80 -17.24 -13.68
CA GLY J 466 -46.21 -16.06 -13.07
C GLY J 466 -47.25 -15.35 -12.22
N TYR J 467 -46.76 -14.41 -11.42
CA TYR J 467 -47.60 -13.69 -10.48
C TYR J 467 -48.30 -12.50 -11.14
N GLU J 468 -47.68 -11.90 -12.15
CA GLU J 468 -48.30 -10.83 -12.92
C GLU J 468 -49.01 -11.33 -14.17
N PHE J 469 -48.90 -12.63 -14.47
CA PHE J 469 -49.58 -13.19 -15.64
C PHE J 469 -51.09 -13.15 -15.46
N THR J 470 -51.58 -13.63 -14.31
CA THR J 470 -53.01 -13.57 -14.00
C THR J 470 -53.31 -12.34 -13.16
N SER J 471 -52.88 -11.19 -13.67
CA SER J 471 -53.22 -9.92 -13.05
C SER J 471 -54.59 -9.43 -13.52
N LYS J 472 -54.80 -9.45 -14.84
CA LYS J 472 -56.11 -9.09 -15.38
C LYS J 472 -57.10 -10.23 -15.19
N LEU J 473 -56.63 -11.47 -15.31
CA LEU J 473 -57.53 -12.63 -15.22
C LEU J 473 -58.16 -12.75 -13.84
N HIS J 474 -57.38 -12.54 -12.78
CA HIS J 474 -57.94 -12.58 -11.43
C HIS J 474 -58.86 -11.39 -11.18
N ARG J 475 -58.61 -10.27 -11.85
CA ARG J 475 -59.48 -9.11 -11.73
C ARG J 475 -60.87 -9.41 -12.28
N MET J 476 -60.94 -10.22 -13.33
CA MET J 476 -62.23 -10.61 -13.90
C MET J 476 -63.05 -11.43 -12.91
N TYR J 477 -62.40 -12.37 -12.23
CA TYR J 477 -63.11 -13.22 -11.28
C TYR J 477 -63.59 -12.43 -10.08
N THR J 478 -62.76 -11.54 -9.56
CA THR J 478 -63.13 -10.82 -8.34
C THR J 478 -64.29 -9.87 -8.60
N ASP J 479 -64.39 -9.34 -9.82
CA ASP J 479 -65.55 -8.52 -10.19
C ASP J 479 -66.83 -9.34 -10.15
N MET J 480 -66.75 -10.62 -10.54
CA MET J 480 -67.92 -11.49 -10.44
C MET J 480 -68.22 -11.86 -8.99
N SER J 481 -67.20 -11.85 -8.13
CA SER J 481 -67.38 -12.18 -6.73
C SER J 481 -68.14 -11.06 -6.03
N VAL J 482 -67.87 -9.82 -6.44
CA VAL J 482 -68.52 -8.66 -5.84
C VAL J 482 -69.72 -8.25 -6.68
N SER J 483 -70.04 -9.06 -7.70
CA SER J 483 -71.24 -8.82 -8.49
C SER J 483 -72.50 -8.95 -7.64
N ALA J 484 -72.55 -9.97 -6.79
CA ALA J 484 -73.65 -10.07 -5.83
C ALA J 484 -73.53 -8.99 -4.76
N ASP J 485 -72.30 -8.63 -4.39
CA ASP J 485 -72.09 -7.58 -3.40
C ASP J 485 -72.51 -6.22 -3.95
N LEU J 486 -72.38 -6.02 -5.27
CA LEU J 486 -72.86 -4.78 -5.87
C LEU J 486 -74.37 -4.79 -6.03
N ASN J 487 -74.95 -5.95 -6.36
CA ASN J 487 -76.39 -6.00 -6.65
C ASN J 487 -77.22 -5.84 -5.39
N ASN J 488 -76.87 -6.56 -4.33
CA ASN J 488 -77.69 -6.52 -3.11
C ASN J 488 -77.64 -5.13 -2.46
N LYS J 489 -76.48 -4.47 -2.51
CA LYS J 489 -76.40 -3.09 -2.04
C LYS J 489 -77.24 -2.17 -2.91
N PHE J 490 -77.25 -2.41 -4.23
CA PHE J 490 -78.13 -1.65 -5.12
C PHE J 490 -79.59 -1.90 -4.78
N ASN J 491 -79.96 -3.15 -4.53
CA ASN J 491 -81.31 -3.45 -4.08
C ASN J 491 -81.55 -2.94 -2.66
N ASN J 492 -80.51 -2.87 -1.84
CA ASN J 492 -80.63 -2.21 -0.55
C ASN J 492 -80.80 -0.70 -0.73
N PHE J 493 -80.13 -0.13 -1.74
CA PHE J 493 -80.24 1.30 -2.00
C PHE J 493 -81.66 1.69 -2.43
N ILE J 494 -82.29 0.86 -3.27
CA ILE J 494 -83.61 1.22 -3.76
C ILE J 494 -84.67 1.07 -2.67
N LYS J 495 -84.42 0.22 -1.68
CA LYS J 495 -85.33 0.12 -0.54
C LYS J 495 -85.16 1.28 0.43
N ASN J 496 -83.96 1.83 0.55
CA ASN J 496 -83.72 2.99 1.39
C ASN J 496 -84.04 4.30 0.70
N GLN J 497 -84.47 4.25 -0.56
CA GLN J 497 -84.88 5.46 -1.27
C GLN J 497 -86.13 6.04 -0.61
N ASP J 498 -86.16 7.37 -0.49
CA ASP J 498 -87.29 8.04 0.14
C ASP J 498 -88.58 7.82 -0.63
N THR J 499 -88.62 8.29 -1.88
CA THR J 499 -89.78 8.05 -2.72
C THR J 499 -89.77 6.61 -3.25
N VAL J 500 -90.95 6.11 -3.59
CA VAL J 500 -91.10 4.75 -4.08
C VAL J 500 -90.67 4.73 -5.55
N ILE J 501 -89.54 4.11 -5.83
CA ILE J 501 -89.00 4.01 -7.18
C ILE J 501 -88.87 2.53 -7.52
N ASP J 502 -89.51 2.12 -8.62
CA ASP J 502 -89.42 0.75 -9.11
C ASP J 502 -88.90 0.76 -10.54
N LEU J 503 -87.99 -0.16 -10.83
CA LEU J 503 -87.39 -0.22 -12.16
C LEU J 503 -88.27 -0.93 -13.18
N GLY J 504 -89.27 -1.67 -12.72
CA GLY J 504 -90.22 -2.34 -13.61
C GLY J 504 -89.73 -3.63 -14.21
N ILE J 505 -88.52 -4.08 -13.90
CA ILE J 505 -87.97 -5.31 -14.46
C ILE J 505 -86.94 -5.85 -13.49
N SER J 506 -86.59 -7.13 -13.64
CA SER J 506 -85.56 -7.76 -12.83
C SER J 506 -84.20 -7.30 -13.35
N PHE J 507 -83.79 -6.13 -12.85
CA PHE J 507 -82.55 -5.50 -13.32
C PHE J 507 -81.35 -6.13 -12.63
N GLN J 508 -80.52 -6.81 -13.41
CA GLN J 508 -79.30 -7.43 -12.92
C GLN J 508 -78.09 -6.71 -13.52
N ILE J 509 -77.20 -6.22 -12.66
CA ILE J 509 -76.07 -5.43 -13.10
C ILE J 509 -74.83 -5.85 -12.33
N TYR J 510 -73.68 -5.77 -13.02
CA TYR J 510 -72.37 -6.03 -12.42
C TYR J 510 -71.33 -5.21 -13.15
N VAL J 511 -70.50 -4.50 -12.39
CA VAL J 511 -69.53 -3.58 -12.97
C VAL J 511 -68.26 -4.33 -13.34
N LEU J 512 -67.61 -3.87 -14.42
CA LEU J 512 -66.41 -4.50 -14.93
C LEU J 512 -65.30 -3.46 -15.02
N GLN J 513 -64.12 -3.82 -14.52
CA GLN J 513 -62.97 -2.93 -14.62
C GLN J 513 -62.56 -2.76 -16.08
N ALA J 514 -62.42 -1.52 -16.52
CA ALA J 514 -62.10 -1.25 -17.92
C ALA J 514 -60.65 -1.57 -18.24
N GLY J 515 -59.75 -1.45 -17.27
CA GLY J 515 -58.35 -1.68 -17.49
C GLY J 515 -57.93 -3.13 -17.53
N ALA J 516 -58.83 -4.06 -17.26
CA ALA J 516 -58.52 -5.49 -17.27
C ALA J 516 -59.35 -6.27 -18.27
N TRP J 517 -60.64 -5.99 -18.38
CA TRP J 517 -61.48 -6.74 -19.29
C TRP J 517 -61.18 -6.38 -20.74
N PRO J 518 -61.22 -7.34 -21.65
CA PRO J 518 -61.00 -7.06 -23.08
C PRO J 518 -62.24 -6.73 -23.87
N LEU J 519 -63.36 -6.46 -23.21
CA LEU J 519 -64.65 -6.22 -23.85
C LEU J 519 -64.79 -4.80 -24.39
N THR J 520 -63.69 -4.04 -24.48
CA THR J 520 -63.78 -2.64 -24.89
C THR J 520 -64.03 -2.51 -26.39
N GLN J 521 -63.09 -3.00 -27.18
CA GLN J 521 -63.20 -2.86 -28.61
C GLN J 521 -63.28 -1.40 -28.98
N ALA J 522 -64.16 -1.07 -29.91
CA ALA J 522 -64.36 0.31 -30.35
C ALA J 522 -65.84 0.63 -30.27
N PRO J 523 -66.33 1.07 -29.10
CA PRO J 523 -67.75 1.40 -28.98
C PRO J 523 -68.11 2.67 -29.73
N SER J 524 -68.19 2.58 -31.06
CA SER J 524 -68.50 3.73 -31.89
C SER J 524 -69.99 3.91 -32.12
N SER J 525 -70.83 3.03 -31.58
CA SER J 525 -72.27 3.10 -31.77
C SER J 525 -72.91 3.74 -30.55
N THR J 526 -73.56 4.89 -30.75
CA THR J 526 -74.28 5.56 -29.68
C THR J 526 -75.68 4.97 -29.54
N PHE J 527 -76.06 4.69 -28.30
CA PHE J 527 -77.34 4.04 -28.03
C PHE J 527 -78.21 4.97 -27.20
N ALA J 528 -79.49 5.03 -27.53
CA ALA J 528 -80.50 5.79 -26.80
C ALA J 528 -81.59 4.81 -26.39
N ILE J 529 -81.45 4.23 -25.19
CA ILE J 529 -82.41 3.25 -24.70
C ILE J 529 -83.74 3.93 -24.43
N PRO J 530 -84.88 3.34 -24.81
CA PRO J 530 -86.17 3.97 -24.51
C PRO J 530 -86.55 3.89 -23.04
N GLN J 531 -87.76 4.34 -22.71
CA GLN J 531 -88.17 4.52 -21.33
C GLN J 531 -88.40 3.22 -20.57
N GLU J 532 -88.39 2.07 -21.25
CA GLU J 532 -88.52 0.80 -20.54
C GLU J 532 -87.35 0.57 -19.59
N LEU J 533 -86.13 0.87 -20.04
CA LEU J 533 -84.94 0.68 -19.24
C LEU J 533 -84.23 1.99 -18.93
N GLU J 534 -84.78 3.13 -19.37
CA GLU J 534 -84.18 4.42 -19.07
C GLU J 534 -84.21 4.71 -17.57
N LYS J 535 -85.30 4.33 -16.90
CA LYS J 535 -85.40 4.53 -15.46
C LYS J 535 -84.35 3.71 -14.70
N SER J 536 -84.13 2.46 -15.14
CA SER J 536 -83.18 1.59 -14.45
C SER J 536 -81.74 2.07 -14.64
N VAL J 537 -81.38 2.43 -15.87
CA VAL J 537 -80.01 2.86 -16.13
C VAL J 537 -79.71 4.20 -15.46
N GLN J 538 -80.70 5.10 -15.40
CA GLN J 538 -80.47 6.39 -14.76
C GLN J 538 -80.35 6.26 -13.25
N MET J 539 -81.20 5.42 -12.64
CA MET J 539 -81.18 5.27 -11.19
C MET J 539 -79.88 4.61 -10.71
N PHE J 540 -79.34 3.68 -11.49
CA PHE J 540 -78.10 3.01 -11.09
C PHE J 540 -76.92 3.97 -11.05
N GLU J 541 -76.94 5.02 -11.89
CA GLU J 541 -75.86 5.99 -11.87
C GLU J 541 -75.79 6.74 -10.55
N LEU J 542 -76.95 7.11 -9.98
CA LEU J 542 -76.97 7.79 -8.69
C LEU J 542 -76.41 6.89 -7.59
N PHE J 543 -76.79 5.61 -7.61
CA PHE J 543 -76.26 4.69 -6.60
C PHE J 543 -74.77 4.48 -6.77
N TYR J 544 -74.30 4.29 -8.00
CA TYR J 544 -72.90 3.93 -8.21
C TYR J 544 -71.99 5.13 -8.03
N SER J 545 -72.50 6.35 -8.22
CA SER J 545 -71.68 7.54 -8.00
C SER J 545 -71.47 7.83 -6.52
N GLN J 546 -72.43 7.46 -5.67
CA GLN J 546 -72.29 7.70 -4.24
C GLN J 546 -71.63 6.55 -3.50
N HIS J 547 -71.84 5.30 -3.96
CA HIS J 547 -71.14 4.18 -3.35
C HIS J 547 -69.65 4.23 -3.66
N PHE J 548 -69.29 4.52 -4.90
CA PHE J 548 -67.90 4.67 -5.32
C PHE J 548 -67.74 6.06 -5.93
N SER J 549 -66.82 6.84 -5.38
CA SER J 549 -66.65 8.25 -5.76
C SER J 549 -65.54 8.37 -6.80
N GLY J 550 -65.87 8.93 -7.95
CA GLY J 550 -64.91 9.15 -9.00
C GLY J 550 -64.89 8.12 -10.11
N ARG J 551 -65.84 7.21 -10.15
CA ARG J 551 -65.92 6.17 -11.17
C ARG J 551 -67.07 6.47 -12.12
N LYS J 552 -66.79 6.44 -13.42
CA LYS J 552 -67.80 6.65 -14.44
C LYS J 552 -68.12 5.31 -15.11
N LEU J 553 -69.39 5.13 -15.48
CA LEU J 553 -69.88 3.88 -16.02
C LEU J 553 -69.98 3.99 -17.54
N THR J 554 -69.30 3.08 -18.23
CA THR J 554 -69.39 2.95 -19.68
C THR J 554 -70.19 1.68 -19.97
N TRP J 555 -71.42 1.85 -20.45
CA TRP J 555 -72.35 0.74 -20.61
C TRP J 555 -72.11 0.06 -21.95
N LEU J 556 -71.84 -1.25 -21.91
CA LEU J 556 -71.72 -2.06 -23.13
C LEU J 556 -73.12 -2.57 -23.45
N HIS J 557 -73.87 -1.79 -24.24
CA HIS J 557 -75.26 -2.11 -24.52
C HIS J 557 -75.44 -3.34 -25.41
N TYR J 558 -74.38 -3.85 -26.02
CA TYR J 558 -74.48 -4.98 -26.92
C TYR J 558 -74.10 -6.30 -26.26
N LEU J 559 -73.98 -6.32 -24.92
CA LEU J 559 -73.90 -7.55 -24.17
C LEU J 559 -75.06 -7.72 -23.19
N CYS J 560 -75.99 -6.78 -23.16
CA CYS J 560 -77.06 -6.79 -22.16
C CYS J 560 -78.20 -7.70 -22.65
N THR J 561 -78.13 -8.97 -22.27
CA THR J 561 -79.23 -9.88 -22.53
C THR J 561 -80.43 -9.51 -21.68
N GLY J 562 -81.60 -9.43 -22.30
CA GLY J 562 -82.80 -8.95 -21.64
C GLY J 562 -83.87 -10.01 -21.54
N GLU J 563 -84.60 -10.00 -20.42
CA GLU J 563 -85.74 -10.88 -20.21
C GLU J 563 -86.98 -9.99 -20.25
N VAL J 564 -87.49 -9.77 -21.46
CA VAL J 564 -88.60 -8.84 -21.69
C VAL J 564 -89.88 -9.65 -21.85
N LYS J 565 -90.98 -9.07 -21.36
CA LYS J 565 -92.28 -9.69 -21.54
C LYS J 565 -92.65 -9.75 -23.03
N MET J 566 -93.24 -10.86 -23.44
CA MET J 566 -93.58 -11.10 -24.84
C MET J 566 -95.00 -11.67 -24.86
N ASN J 567 -95.99 -10.78 -24.81
CA ASN J 567 -97.37 -11.21 -24.64
C ASN J 567 -98.33 -10.41 -25.54
N TYR J 568 -97.88 -10.00 -26.72
CA TYR J 568 -98.75 -9.27 -27.62
C TYR J 568 -99.67 -10.18 -28.41
N LEU J 569 -99.45 -11.49 -28.37
CA LEU J 569 -100.23 -12.46 -29.13
C LEU J 569 -100.96 -13.39 -28.15
N GLY J 570 -101.56 -14.44 -28.72
CA GLY J 570 -102.41 -15.32 -27.91
C GLY J 570 -101.64 -16.06 -26.82
N LYS J 571 -100.44 -16.55 -27.15
CA LYS J 571 -99.66 -17.30 -26.18
C LYS J 571 -98.47 -16.47 -25.72
N PRO J 572 -98.26 -16.33 -24.41
CA PRO J 572 -97.10 -15.57 -23.89
C PRO J 572 -95.78 -16.34 -23.97
N TYR J 573 -95.15 -16.27 -25.14
CA TYR J 573 -93.85 -16.91 -25.33
C TYR J 573 -92.78 -16.17 -24.54
N VAL J 574 -91.69 -16.87 -24.25
CA VAL J 574 -90.55 -16.32 -23.53
C VAL J 574 -89.33 -16.46 -24.43
N ALA J 575 -88.67 -15.33 -24.71
CA ALA J 575 -87.52 -15.29 -25.61
C ALA J 575 -86.40 -14.48 -24.97
N MET J 576 -85.17 -14.87 -25.30
CA MET J 576 -83.98 -14.18 -24.82
C MET J 576 -83.40 -13.32 -25.94
N VAL J 577 -83.38 -12.01 -25.73
CA VAL J 577 -82.85 -11.06 -26.70
C VAL J 577 -81.93 -10.08 -25.98
N THR J 578 -81.05 -9.46 -26.76
CA THR J 578 -80.15 -8.45 -26.25
C THR J 578 -80.80 -7.06 -26.32
N THR J 579 -80.12 -6.08 -25.71
CA THR J 579 -80.61 -4.71 -25.77
C THR J 579 -80.59 -4.17 -27.19
N TYR J 580 -79.59 -4.57 -27.99
CA TYR J 580 -79.60 -4.23 -29.41
C TYR J 580 -80.83 -4.80 -30.11
N GLN J 581 -81.19 -6.04 -29.77
CA GLN J 581 -82.42 -6.64 -30.29
C GLN J 581 -83.66 -6.15 -29.57
N MET J 582 -83.51 -5.56 -28.38
CA MET J 582 -84.67 -5.09 -27.64
C MET J 582 -85.25 -3.81 -28.26
N ALA J 583 -84.40 -2.96 -28.83
CA ALA J 583 -84.87 -1.71 -29.41
C ALA J 583 -85.84 -1.96 -30.56
N VAL J 584 -85.56 -2.97 -31.38
CA VAL J 584 -86.49 -3.34 -32.45
C VAL J 584 -87.75 -3.94 -31.87
N LEU J 585 -87.62 -4.82 -30.87
CA LEU J 585 -88.77 -5.51 -30.31
C LEU J 585 -89.65 -4.57 -29.51
N LEU J 586 -89.05 -3.75 -28.65
CA LEU J 586 -89.83 -2.85 -27.80
C LEU J 586 -90.59 -1.82 -28.62
N ALA J 587 -89.97 -1.33 -29.71
CA ALA J 587 -90.67 -0.42 -30.59
C ALA J 587 -91.88 -1.08 -31.24
N PHE J 588 -91.86 -2.40 -31.38
CA PHE J 588 -92.98 -3.13 -31.96
C PHE J 588 -94.00 -3.58 -30.94
N ASN J 589 -93.63 -3.71 -29.66
CA ASN J 589 -94.60 -4.11 -28.64
C ASN J 589 -95.66 -3.05 -28.46
N ASN J 590 -95.27 -1.77 -28.45
CA ASN J 590 -96.24 -0.69 -28.28
C ASN J 590 -97.12 -0.54 -29.51
N SER J 591 -96.51 -0.52 -30.70
CA SER J 591 -97.23 -0.41 -31.96
C SER J 591 -96.74 -1.49 -32.91
N GLU J 592 -97.69 -2.30 -33.41
CA GLU J 592 -97.34 -3.44 -34.25
C GLU J 592 -96.88 -3.04 -35.65
N THR J 593 -97.05 -1.78 -36.04
CA THR J 593 -96.68 -1.30 -37.38
C THR J 593 -95.60 -0.24 -37.23
N VAL J 594 -94.34 -0.64 -37.36
CA VAL J 594 -93.20 0.26 -37.26
C VAL J 594 -92.33 0.08 -38.50
N SER J 595 -91.95 1.19 -39.12
CA SER J 595 -91.13 1.16 -40.32
C SER J 595 -89.64 1.14 -39.98
N TYR J 596 -88.84 0.73 -40.96
CA TYR J 596 -87.39 0.70 -40.78
C TYR J 596 -86.82 2.11 -40.65
N LYS J 597 -87.40 3.09 -41.33
CA LYS J 597 -86.88 4.46 -41.28
C LYS J 597 -86.98 5.03 -39.87
N GLU J 598 -88.09 4.78 -39.19
CA GLU J 598 -88.20 5.17 -37.79
C GLU J 598 -87.28 4.34 -36.91
N LEU J 599 -87.10 3.06 -37.25
CA LEU J 599 -86.27 2.18 -36.44
C LEU J 599 -84.79 2.60 -36.50
N GLN J 600 -84.32 2.97 -37.68
CA GLN J 600 -82.91 3.35 -37.82
C GLN J 600 -82.61 4.71 -37.20
N ASP J 601 -83.64 5.53 -36.96
CA ASP J 601 -83.44 6.84 -36.36
C ASP J 601 -83.70 6.86 -34.86
N SER J 602 -84.56 5.98 -34.36
CA SER J 602 -84.81 5.92 -32.92
C SER J 602 -83.60 5.40 -32.17
N THR J 603 -82.88 4.43 -32.75
CA THR J 603 -81.72 3.86 -32.07
C THR J 603 -80.53 4.80 -32.10
N GLN J 604 -80.47 5.71 -33.09
CA GLN J 604 -79.42 6.72 -33.21
C GLN J 604 -78.04 6.07 -33.30
N MET J 605 -77.94 5.04 -34.14
CA MET J 605 -76.70 4.28 -34.30
C MET J 605 -76.61 3.80 -35.75
N ASN J 606 -75.64 2.94 -36.02
CA ASN J 606 -75.28 2.62 -37.39
C ASN J 606 -76.37 1.78 -38.08
N GLU J 607 -76.18 1.58 -39.38
CA GLU J 607 -77.19 0.96 -40.23
C GLU J 607 -76.87 -0.47 -40.63
N LYS J 608 -75.59 -0.81 -40.82
CA LYS J 608 -75.23 -2.14 -41.29
C LYS J 608 -75.45 -3.20 -40.21
N GLU J 609 -75.40 -2.80 -38.94
CA GLU J 609 -75.59 -3.75 -37.85
C GLU J 609 -77.03 -4.24 -37.76
N LEU J 610 -77.99 -3.42 -38.19
CA LEU J 610 -79.39 -3.82 -38.19
C LEU J 610 -79.76 -4.68 -39.39
N THR J 611 -78.90 -4.79 -40.40
CA THR J 611 -79.17 -5.69 -41.52
C THR J 611 -79.15 -7.15 -41.10
N LYS J 612 -78.49 -7.47 -39.98
CA LYS J 612 -78.53 -8.80 -39.41
C LYS J 612 -79.25 -8.89 -38.08
N THR J 613 -79.44 -7.75 -37.40
CA THR J 613 -80.14 -7.76 -36.12
C THR J 613 -81.61 -8.11 -36.30
N ILE J 614 -82.30 -7.44 -37.22
CA ILE J 614 -83.69 -7.78 -37.50
C ILE J 614 -83.76 -9.08 -38.30
N LYS J 615 -82.72 -9.39 -39.07
CA LYS J 615 -82.70 -10.63 -39.84
C LYS J 615 -82.69 -11.84 -38.91
N SER J 616 -82.02 -11.72 -37.76
CA SER J 616 -82.03 -12.80 -36.78
C SER J 616 -83.44 -13.01 -36.21
N LEU J 617 -84.20 -11.93 -36.05
CA LEU J 617 -85.58 -12.07 -35.59
C LEU J 617 -86.44 -12.77 -36.65
N LEU J 618 -86.21 -12.46 -37.93
CA LEU J 618 -86.90 -13.18 -39.00
C LEU J 618 -86.43 -14.63 -39.11
N ASP J 619 -85.21 -14.94 -38.66
CA ASP J 619 -84.77 -16.32 -38.64
C ASP J 619 -85.60 -17.16 -37.67
N VAL J 620 -85.93 -16.60 -36.51
CA VAL J 620 -86.80 -17.26 -35.54
C VAL J 620 -88.25 -16.81 -35.70
N LYS J 621 -88.54 -15.99 -36.71
CA LYS J 621 -89.90 -15.54 -37.05
C LYS J 621 -90.52 -14.73 -35.90
N MET J 622 -89.74 -13.79 -35.36
CA MET J 622 -90.30 -12.82 -34.43
C MET J 622 -91.14 -11.77 -35.17
N ILE J 623 -90.66 -11.31 -36.32
CA ILE J 623 -91.28 -10.23 -37.07
C ILE J 623 -91.47 -10.69 -38.51
N ASN J 624 -92.70 -10.58 -39.01
CA ASN J 624 -92.95 -10.89 -40.42
C ASN J 624 -92.32 -9.82 -41.30
N HIS J 625 -91.91 -10.24 -42.50
CA HIS J 625 -91.37 -9.33 -43.51
C HIS J 625 -92.54 -8.76 -44.30
N ASP J 626 -93.06 -7.63 -43.83
CA ASP J 626 -94.20 -7.00 -44.49
C ASP J 626 -93.82 -6.54 -45.89
N SER J 627 -92.62 -5.98 -46.05
CA SER J 627 -92.16 -5.55 -47.36
C SER J 627 -91.87 -6.76 -48.25
N GLU J 628 -91.96 -6.53 -49.56
CA GLU J 628 -91.75 -7.59 -50.54
C GLU J 628 -90.30 -7.81 -50.90
N LYS J 629 -89.46 -6.78 -50.73
CA LYS J 629 -88.04 -6.90 -51.09
C LYS J 629 -87.34 -7.88 -50.16
N GLU J 630 -86.56 -8.79 -50.75
CA GLU J 630 -85.82 -9.76 -49.95
C GLU J 630 -84.73 -9.09 -49.12
N ASP J 631 -84.00 -8.15 -49.71
CA ASP J 631 -82.96 -7.44 -48.98
C ASP J 631 -83.59 -6.43 -48.02
N ILE J 632 -83.10 -6.42 -46.79
CA ILE J 632 -83.62 -5.53 -45.75
C ILE J 632 -82.89 -4.20 -45.85
N ASP J 633 -83.64 -3.12 -46.02
CA ASP J 633 -83.06 -1.78 -46.18
C ASP J 633 -83.99 -0.77 -45.50
N ALA J 634 -83.74 0.51 -45.75
CA ALA J 634 -84.52 1.57 -45.12
C ALA J 634 -85.95 1.59 -45.62
N GLU J 635 -86.15 1.35 -46.92
CA GLU J 635 -87.48 1.46 -47.49
C GLU J 635 -88.41 0.35 -47.00
N SER J 636 -87.85 -0.80 -46.63
CA SER J 636 -88.65 -1.95 -46.23
C SER J 636 -89.43 -1.67 -44.95
N SER J 637 -90.64 -2.23 -44.88
CA SER J 637 -91.50 -2.12 -43.71
C SER J 637 -91.73 -3.50 -43.13
N PHE J 638 -91.88 -3.56 -41.81
CA PHE J 638 -91.99 -4.82 -41.09
C PHE J 638 -93.16 -4.77 -40.10
N SER J 639 -93.71 -5.94 -39.81
CA SER J 639 -94.79 -6.07 -38.84
C SER J 639 -94.63 -7.38 -38.10
N LEU J 640 -95.14 -7.42 -36.86
CA LEU J 640 -94.95 -8.57 -35.99
C LEU J 640 -95.65 -9.81 -36.53
N ASN J 641 -95.17 -10.98 -36.08
CA ASN J 641 -95.69 -12.26 -36.53
C ASN J 641 -96.81 -12.68 -35.60
N MET J 642 -98.06 -12.57 -36.09
CA MET J 642 -99.21 -12.89 -35.25
C MET J 642 -99.34 -14.39 -35.01
N ASN J 643 -98.95 -15.22 -35.97
CA ASN J 643 -99.13 -16.66 -35.90
C ASN J 643 -97.83 -17.39 -35.56
N PHE J 644 -96.99 -16.80 -34.72
CA PHE J 644 -95.76 -17.46 -34.33
C PHE J 644 -96.04 -18.63 -33.40
N SER J 645 -95.32 -19.72 -33.60
CA SER J 645 -95.44 -20.92 -32.77
C SER J 645 -94.05 -21.40 -32.36
N SER J 646 -93.94 -21.86 -31.12
CA SER J 646 -92.69 -22.37 -30.59
C SER J 646 -92.94 -23.70 -29.87
N LYS J 647 -91.96 -24.59 -29.96
CA LYS J 647 -92.08 -25.88 -29.30
C LYS J 647 -91.89 -25.76 -27.79
N ARG J 648 -91.02 -24.85 -27.35
CA ARG J 648 -90.72 -24.65 -25.95
C ARG J 648 -91.22 -23.28 -25.49
N THR J 649 -91.70 -23.23 -24.24
CA THR J 649 -92.16 -21.96 -23.69
C THR J 649 -91.02 -20.97 -23.55
N LYS J 650 -89.86 -21.42 -23.09
CA LYS J 650 -88.69 -20.57 -22.90
C LYS J 650 -87.62 -21.00 -23.89
N PHE J 651 -87.15 -20.05 -24.70
CA PHE J 651 -86.12 -20.33 -25.69
C PHE J 651 -85.20 -19.12 -25.83
N LYS J 652 -84.00 -19.38 -26.31
CA LYS J 652 -82.99 -18.35 -26.54
C LYS J 652 -82.83 -18.13 -28.03
N ILE J 653 -82.88 -16.87 -28.46
CA ILE J 653 -82.73 -16.52 -29.86
C ILE J 653 -81.25 -16.36 -30.18
N THR J 654 -80.77 -17.11 -31.18
CA THR J 654 -79.37 -17.06 -31.56
C THR J 654 -79.20 -16.34 -32.90
N TRP K 27 -83.65 -7.57 -16.51
CA TRP K 27 -82.78 -7.19 -17.62
C TRP K 27 -81.31 -7.24 -17.21
N ASN K 28 -80.61 -8.29 -17.63
CA ASN K 28 -79.18 -8.37 -17.40
C ASN K 28 -78.46 -7.30 -18.22
N ALA K 29 -77.49 -6.63 -17.60
CA ALA K 29 -76.79 -5.54 -18.25
C ALA K 29 -75.31 -5.59 -17.93
N VAL K 30 -74.50 -5.03 -18.82
CA VAL K 30 -73.06 -5.04 -18.71
C VAL K 30 -72.58 -3.59 -18.74
N ALA K 31 -71.78 -3.20 -17.74
CA ALA K 31 -71.30 -1.84 -17.60
C ALA K 31 -69.84 -1.84 -17.21
N LEU K 32 -69.00 -1.27 -18.08
CA LEU K 32 -67.58 -1.09 -17.79
C LEU K 32 -67.42 0.15 -16.92
N TRP K 33 -66.81 -0.02 -15.75
CA TRP K 33 -66.52 1.12 -14.89
C TRP K 33 -65.07 1.52 -15.06
N ALA K 34 -64.83 2.83 -15.07
CA ALA K 34 -63.48 3.36 -15.17
C ALA K 34 -63.45 4.72 -14.49
N TRP K 35 -62.26 5.15 -14.10
CA TRP K 35 -62.08 6.47 -13.53
C TRP K 35 -62.17 7.52 -14.64
N ASP K 36 -62.90 8.60 -14.37
CA ASP K 36 -63.26 9.55 -15.41
C ASP K 36 -62.14 10.50 -15.80
N ILE K 37 -60.89 10.22 -15.41
CA ILE K 37 -59.76 10.99 -15.92
C ILE K 37 -59.57 10.68 -17.41
N VAL K 38 -59.17 11.71 -18.17
CA VAL K 38 -58.86 11.53 -19.58
C VAL K 38 -57.38 11.35 -19.84
N VAL K 39 -56.53 11.63 -18.85
CA VAL K 39 -55.09 11.44 -19.01
C VAL K 39 -54.75 9.95 -19.08
N ASP K 40 -55.55 9.12 -18.40
CA ASP K 40 -55.50 7.66 -18.30
C ASP K 40 -54.08 7.09 -18.22
N ASN K 41 -53.20 7.82 -17.53
CA ASN K 41 -51.85 7.36 -17.20
C ASN K 41 -51.38 8.15 -15.98
N CYS K 42 -50.94 7.44 -14.94
CA CYS K 42 -50.27 8.10 -13.85
C CYS K 42 -48.98 8.72 -14.34
N ALA K 43 -48.60 9.86 -13.79
CA ALA K 43 -47.40 10.55 -14.24
C ALA K 43 -46.22 10.38 -13.29
N ILE K 44 -46.35 9.55 -12.26
CA ILE K 44 -45.24 9.26 -11.37
C ILE K 44 -44.76 7.85 -11.65
N CYS K 45 -45.64 6.88 -11.46
CA CYS K 45 -45.34 5.49 -11.77
C CYS K 45 -45.33 5.21 -13.27
N ARG K 46 -46.05 6.02 -14.04
CA ARG K 46 -46.18 5.92 -15.50
C ARG K 46 -46.86 4.64 -15.96
N ASN K 47 -47.59 3.96 -15.08
CA ASN K 47 -48.44 2.85 -15.49
C ASN K 47 -49.79 3.39 -15.95
N HIS K 48 -50.68 2.49 -16.33
CA HIS K 48 -52.03 2.89 -16.66
C HIS K 48 -52.75 3.36 -15.40
N ILE K 49 -53.68 4.32 -15.57
CA ILE K 49 -54.39 4.83 -14.42
C ILE K 49 -55.34 3.79 -13.84
N MET K 50 -55.72 2.78 -14.63
CA MET K 50 -56.60 1.73 -14.15
C MET K 50 -55.84 0.52 -13.62
N ASP K 51 -54.55 0.42 -13.89
CA ASP K 51 -53.73 -0.67 -13.39
C ASP K 51 -53.26 -0.33 -11.97
N LEU K 52 -52.36 -1.14 -11.44
CA LEU K 52 -51.78 -0.88 -10.14
C LEU K 52 -50.60 0.09 -10.26
N CYS K 53 -50.31 0.78 -9.17
CA CYS K 53 -49.12 1.61 -9.15
C CYS K 53 -47.87 0.74 -9.12
N ILE K 54 -46.73 1.35 -9.41
CA ILE K 54 -45.48 0.60 -9.42
C ILE K 54 -45.12 0.09 -8.03
N GLU K 55 -45.64 0.72 -6.97
CA GLU K 55 -45.40 0.20 -5.63
C GLU K 55 -46.20 -1.07 -5.37
N CYS K 56 -47.48 -1.08 -5.76
CA CYS K 56 -48.35 -2.22 -5.54
C CYS K 56 -48.26 -3.26 -6.65
N GLN K 57 -47.55 -2.97 -7.74
CA GLN K 57 -47.33 -3.94 -8.80
C GLN K 57 -45.97 -4.62 -8.68
N ALA K 58 -45.20 -4.31 -7.66
CA ALA K 58 -43.86 -4.87 -7.49
C ALA K 58 -43.76 -5.85 -6.34
N ASN K 59 -44.38 -5.56 -5.19
CA ASN K 59 -44.27 -6.45 -4.04
C ASN K 59 -45.45 -7.43 -3.97
N GLN K 60 -46.66 -6.92 -3.85
CA GLN K 60 -47.87 -7.74 -3.72
C GLN K 60 -48.96 -7.17 -4.61
N ALA K 61 -49.30 -7.89 -5.67
CA ALA K 61 -50.34 -7.48 -6.60
C ALA K 61 -51.68 -8.15 -6.33
N SER K 62 -51.81 -8.88 -5.22
CA SER K 62 -53.07 -9.51 -4.88
C SER K 62 -53.49 -9.19 -3.46
N ALA K 63 -52.52 -9.01 -2.57
CA ALA K 63 -52.79 -8.66 -1.18
C ALA K 63 -52.80 -7.16 -0.94
N THR K 64 -52.51 -6.35 -1.95
CA THR K 64 -52.47 -4.90 -1.82
C THR K 64 -53.22 -4.23 -2.96
N SER K 65 -53.66 -4.99 -3.96
CA SER K 65 -54.31 -4.41 -5.14
C SER K 65 -55.70 -3.85 -4.81
N GLU K 66 -56.32 -4.32 -3.73
CA GLU K 66 -57.71 -3.95 -3.48
C GLU K 66 -57.85 -2.50 -3.02
N GLU K 67 -56.85 -1.96 -2.33
CA GLU K 67 -56.92 -0.59 -1.80
C GLU K 67 -55.99 0.37 -2.54
N CYS K 68 -55.47 -0.03 -3.70
CA CYS K 68 -54.62 0.86 -4.51
C CYS K 68 -55.52 1.76 -5.34
N THR K 69 -55.96 2.84 -4.70
CA THR K 69 -56.92 3.76 -5.29
C THR K 69 -56.21 4.93 -5.97
N VAL K 70 -57.01 5.84 -6.54
CA VAL K 70 -56.48 7.03 -7.19
C VAL K 70 -57.05 8.26 -6.51
N ALA K 71 -56.28 9.34 -6.55
CA ALA K 71 -56.63 10.61 -5.92
C ALA K 71 -56.49 11.73 -6.92
N TRP K 72 -57.46 12.66 -6.90
CA TRP K 72 -57.46 13.81 -7.78
C TRP K 72 -56.76 14.98 -7.09
N GLY K 73 -56.88 16.17 -7.67
CA GLY K 73 -56.32 17.36 -7.08
C GLY K 73 -57.08 18.58 -7.55
N VAL K 74 -56.72 19.72 -6.96
CA VAL K 74 -57.34 20.99 -7.36
C VAL K 74 -57.02 21.29 -8.82
N CYS K 75 -55.80 20.95 -9.25
CA CYS K 75 -55.41 21.10 -10.65
C CYS K 75 -56.03 20.05 -11.56
N ASN K 76 -56.91 19.20 -11.02
CA ASN K 76 -57.64 18.18 -11.80
C ASN K 76 -56.68 17.25 -12.54
N HIS K 77 -55.65 16.78 -11.84
CA HIS K 77 -54.70 15.81 -12.37
C HIS K 77 -54.69 14.63 -11.42
N ALA K 78 -55.47 13.59 -11.72
CA ALA K 78 -55.56 12.44 -10.85
C ALA K 78 -54.36 11.53 -11.06
N PHE K 79 -53.86 10.98 -9.95
CA PHE K 79 -52.75 10.03 -9.98
C PHE K 79 -53.13 8.85 -9.10
N HIS K 80 -52.30 7.82 -9.09
CA HIS K 80 -52.45 6.78 -8.08
C HIS K 80 -52.21 7.38 -6.71
N PHE K 81 -53.08 7.04 -5.75
CA PHE K 81 -52.95 7.62 -4.42
C PHE K 81 -51.62 7.24 -3.77
N HIS K 82 -51.20 5.98 -3.97
CA HIS K 82 -49.88 5.57 -3.52
C HIS K 82 -48.80 6.40 -4.19
N CYS K 83 -48.90 6.57 -5.51
CA CYS K 83 -47.90 7.35 -6.24
C CYS K 83 -47.89 8.81 -5.81
N ILE K 84 -49.06 9.42 -5.65
CA ILE K 84 -49.08 10.84 -5.31
C ILE K 84 -48.61 11.06 -3.87
N SER K 85 -48.92 10.14 -2.95
CA SER K 85 -48.40 10.26 -1.60
C SER K 85 -46.88 10.06 -1.56
N ARG K 86 -46.39 9.06 -2.31
CA ARG K 86 -44.95 8.83 -2.43
C ARG K 86 -44.25 10.03 -3.06
N TRP K 87 -44.96 10.75 -3.95
CA TRP K 87 -44.40 11.95 -4.54
C TRP K 87 -44.39 13.11 -3.55
N LEU K 88 -45.47 13.25 -2.77
CA LEU K 88 -45.55 14.31 -1.76
C LEU K 88 -44.58 14.10 -0.62
N LYS K 89 -44.09 12.87 -0.42
CA LYS K 89 -43.07 12.66 0.59
C LYS K 89 -41.74 13.33 0.25
N THR K 90 -41.55 13.77 -1.00
CA THR K 90 -40.35 14.48 -1.41
C THR K 90 -40.63 15.91 -1.85
N ARG K 91 -41.56 16.11 -2.78
CA ARG K 91 -41.87 17.43 -3.30
C ARG K 91 -43.37 17.68 -3.18
N GLN K 92 -43.74 18.92 -2.85
CA GLN K 92 -45.12 19.27 -2.50
C GLN K 92 -45.87 19.89 -3.67
N VAL K 93 -45.60 19.48 -4.91
CA VAL K 93 -46.25 20.04 -6.07
C VAL K 93 -46.76 18.94 -6.97
N CYS K 94 -47.74 19.29 -7.81
CA CYS K 94 -48.24 18.36 -8.81
C CYS K 94 -47.16 18.10 -9.84
N PRO K 95 -46.89 16.83 -10.20
CA PRO K 95 -45.78 16.54 -11.13
C PRO K 95 -45.93 17.18 -12.50
N LEU K 96 -47.15 17.27 -13.02
CA LEU K 96 -47.34 17.77 -14.37
C LEU K 96 -47.18 19.28 -14.44
N ASP K 97 -48.03 20.01 -13.72
CA ASP K 97 -47.93 21.46 -13.61
C ASP K 97 -47.52 21.84 -12.20
N ASN K 98 -46.51 22.70 -12.08
CA ASN K 98 -45.93 23.02 -10.78
C ASN K 98 -46.85 23.97 -10.02
N ARG K 99 -47.93 23.40 -9.50
CA ARG K 99 -48.87 24.10 -8.65
C ARG K 99 -48.85 23.48 -7.25
N GLU K 100 -49.40 24.21 -6.29
CA GLU K 100 -49.58 23.65 -4.96
C GLU K 100 -50.61 22.54 -5.02
N TRP K 101 -50.27 21.39 -4.42
CA TRP K 101 -51.06 20.18 -4.56
C TRP K 101 -52.01 20.05 -3.38
N GLU K 102 -53.30 19.90 -3.68
CA GLU K 102 -54.33 19.70 -2.67
C GLU K 102 -55.37 18.73 -3.22
N PHE K 103 -55.62 17.65 -2.50
CA PHE K 103 -56.59 16.66 -2.93
C PHE K 103 -58.00 17.25 -2.89
N GLN K 104 -58.80 16.93 -3.90
CA GLN K 104 -60.21 17.30 -3.90
C GLN K 104 -61.16 16.13 -3.72
N LYS K 105 -60.78 14.94 -4.18
CA LYS K 105 -61.61 13.76 -3.97
C LYS K 105 -60.76 12.52 -4.11
N TYR K 106 -61.22 11.43 -3.52
CA TYR K 106 -60.59 10.11 -3.58
C TYR K 106 -61.60 9.12 -4.14
N GLY K 107 -61.23 7.84 -4.12
CA GLY K 107 -62.12 6.77 -4.54
C GLY K 107 -62.18 5.74 -3.41
N HIS K 108 -63.40 5.35 -3.02
CA HIS K 108 -63.60 4.39 -1.96
C HIS K 108 -65.04 3.94 -1.84
N GLU L 7 -59.41 11.11 -37.77
CA GLU L 7 -58.58 9.93 -37.92
C GLU L 7 -57.69 10.04 -39.16
N TRP L 8 -56.50 10.62 -38.98
CA TRP L 8 -55.51 10.78 -40.05
C TRP L 8 -56.08 11.56 -41.22
N ILE L 9 -56.40 12.83 -40.96
CA ILE L 9 -56.88 13.74 -41.99
C ILE L 9 -55.69 14.05 -42.91
N PRO L 10 -55.91 14.24 -44.20
CA PRO L 10 -54.79 14.60 -45.09
C PRO L 10 -54.24 15.98 -44.77
N GLU L 11 -52.94 16.14 -45.03
CA GLU L 11 -52.30 17.44 -44.85
C GLU L 11 -52.80 18.43 -45.88
N THR L 12 -52.93 19.69 -45.47
CA THR L 12 -53.35 20.74 -46.39
C THR L 12 -52.29 20.96 -47.47
N LEU L 13 -52.73 21.30 -48.68
CA LEU L 13 -51.80 21.62 -49.74
C LEU L 13 -50.93 22.81 -49.38
N TYR L 14 -51.50 23.78 -48.66
CA TYR L 14 -50.70 24.91 -48.19
C TYR L 14 -49.60 24.44 -47.25
N ASN L 15 -49.95 23.67 -46.22
CA ASN L 15 -48.94 23.20 -45.27
C ASN L 15 -47.99 22.20 -45.91
N THR L 16 -48.43 21.49 -46.95
CA THR L 16 -47.52 20.60 -47.66
C THR L 16 -46.53 21.39 -48.50
N ALA L 17 -47.00 22.49 -49.11
CA ALA L 17 -46.10 23.34 -49.88
C ALA L 17 -45.17 24.13 -48.97
N ILE L 18 -45.63 24.49 -47.76
CA ILE L 18 -44.76 25.16 -46.80
C ILE L 18 -43.59 24.26 -46.42
N SER L 19 -43.87 22.97 -46.16
CA SER L 19 -42.80 22.04 -45.82
C SER L 19 -41.84 21.84 -46.99
N ALA L 20 -42.35 21.81 -48.21
CA ALA L 20 -41.49 21.66 -49.38
C ALA L 20 -40.66 22.92 -49.64
N VAL L 21 -41.22 24.10 -49.39
CA VAL L 21 -40.46 25.33 -49.56
C VAL L 21 -39.39 25.46 -48.50
N VAL L 22 -39.73 25.14 -47.24
CA VAL L 22 -38.76 25.20 -46.15
C VAL L 22 -37.65 24.19 -46.37
N ASP L 23 -37.99 22.98 -46.83
CA ASP L 23 -36.96 21.99 -47.14
C ASP L 23 -36.06 22.46 -48.27
N ASN L 24 -36.58 23.34 -49.14
CA ASN L 24 -35.83 23.94 -50.24
C ASN L 24 -35.34 25.33 -49.88
N TYR L 25 -34.93 25.53 -48.63
CA TYR L 25 -34.62 26.88 -48.17
C TYR L 25 -33.41 27.47 -48.87
N ILE L 26 -32.33 26.69 -49.01
CA ILE L 26 -31.08 27.23 -49.52
C ILE L 26 -31.25 27.76 -50.94
N ARG L 27 -31.96 27.01 -51.78
CA ARG L 27 -32.20 27.47 -53.14
C ARG L 27 -33.30 28.52 -53.25
N SER L 28 -34.04 28.80 -52.16
CA SER L 28 -35.12 29.77 -52.24
C SER L 28 -35.22 30.64 -50.99
N ARG L 29 -34.09 30.94 -50.35
CA ARG L 29 -34.14 31.75 -49.12
C ARG L 29 -34.45 33.21 -49.39
N ARG L 30 -34.30 33.66 -50.64
CA ARG L 30 -34.52 35.05 -50.98
C ARG L 30 -35.80 35.29 -51.76
N ASP L 31 -36.32 34.27 -52.44
CA ASP L 31 -37.60 34.40 -53.13
C ASP L 31 -38.79 34.24 -52.18
N ILE L 32 -38.55 33.73 -50.96
CA ILE L 32 -39.58 33.73 -49.94
C ILE L 32 -39.91 35.15 -49.53
N ARG L 33 -38.92 36.05 -49.54
CA ARG L 33 -39.16 37.44 -49.19
C ARG L 33 -40.08 38.13 -50.20
N SER L 34 -40.27 37.53 -51.38
CA SER L 34 -41.22 38.03 -52.36
C SER L 34 -42.59 37.37 -52.24
N LEU L 35 -42.77 36.45 -51.28
CA LEU L 35 -44.06 35.85 -51.06
C LEU L 35 -45.00 36.86 -50.41
N PRO L 36 -46.31 36.60 -50.44
CA PRO L 36 -47.26 37.48 -49.74
C PRO L 36 -46.96 37.61 -48.26
N GLU L 37 -47.68 38.54 -47.63
CA GLU L 37 -47.52 38.80 -46.20
C GLU L 37 -47.80 37.56 -45.37
N ASN L 38 -48.92 36.88 -45.65
CA ASN L 38 -49.35 35.76 -44.82
C ASN L 38 -48.55 34.48 -45.07
N ILE L 39 -47.89 34.36 -46.21
CA ILE L 39 -47.08 33.18 -46.46
C ILE L 39 -45.68 33.31 -45.87
N GLN L 40 -45.14 34.53 -45.80
CA GLN L 40 -43.82 34.72 -45.21
C GLN L 40 -43.79 34.28 -43.76
N PHE L 41 -44.83 34.63 -43.00
CA PHE L 41 -44.87 34.20 -41.60
C PHE L 41 -44.95 32.68 -41.49
N ASP L 42 -45.77 32.04 -42.31
CA ASP L 42 -45.94 30.59 -42.21
C ASP L 42 -44.66 29.85 -42.60
N VAL L 43 -43.90 30.37 -43.56
CA VAL L 43 -42.60 29.79 -43.86
C VAL L 43 -41.64 30.01 -42.70
N TYR L 44 -41.59 31.24 -42.18
CA TYR L 44 -40.67 31.53 -41.08
C TYR L 44 -41.12 30.89 -39.78
N TYR L 45 -42.41 30.63 -39.63
CA TYR L 45 -42.85 29.81 -38.50
C TYR L 45 -42.36 28.37 -38.64
N LYS L 46 -42.39 27.84 -39.86
CA LYS L 46 -41.96 26.47 -40.08
C LYS L 46 -40.46 26.32 -39.85
N LEU L 47 -39.68 27.38 -40.02
CA LEU L 47 -38.29 27.34 -39.63
C LEU L 47 -38.14 27.21 -38.11
N TYR L 48 -39.06 27.80 -37.35
CA TYR L 48 -39.02 27.60 -35.90
C TYR L 48 -39.51 26.21 -35.53
N GLN L 49 -40.60 25.76 -36.16
CA GLN L 49 -41.18 24.46 -35.81
C GLN L 49 -40.23 23.33 -36.15
N GLN L 50 -39.53 23.42 -37.27
CA GLN L 50 -38.60 22.37 -37.68
C GLN L 50 -37.33 22.34 -36.84
N GLY L 51 -37.12 23.33 -35.98
CA GLY L 51 -35.89 23.45 -35.23
C GLY L 51 -34.81 24.23 -35.92
N ARG L 52 -35.10 24.83 -37.08
CA ARG L 52 -34.14 25.64 -37.81
C ARG L 52 -34.12 27.05 -37.23
N LEU L 53 -33.66 27.15 -35.99
CA LEU L 53 -33.57 28.46 -35.36
C LEU L 53 -32.41 29.27 -35.90
N CYS L 54 -31.34 28.61 -36.35
CA CYS L 54 -30.21 29.34 -36.90
C CYS L 54 -30.54 29.96 -38.24
N GLN L 55 -31.33 29.29 -39.07
CA GLN L 55 -31.77 29.87 -40.33
C GLN L 55 -32.82 30.94 -40.10
N LEU L 56 -33.65 30.79 -39.07
CA LEU L 56 -34.67 31.77 -38.76
C LEU L 56 -34.07 33.00 -38.09
N GLY L 57 -33.05 32.80 -37.24
CA GLY L 57 -32.44 33.93 -36.56
C GLY L 57 -31.83 34.93 -37.51
N SER L 58 -31.22 34.46 -38.59
CA SER L 58 -30.68 35.36 -39.61
C SER L 58 -31.77 36.01 -40.46
N GLU L 59 -33.02 35.58 -40.31
CA GLU L 59 -34.13 36.13 -41.07
C GLU L 59 -35.09 36.97 -40.24
N PHE L 60 -34.84 37.10 -38.94
CA PHE L 60 -35.55 38.08 -38.13
C PHE L 60 -34.65 39.20 -37.66
N CYS L 61 -33.35 39.10 -37.87
CA CYS L 61 -32.44 40.20 -37.59
C CYS L 61 -32.43 41.26 -38.69
N GLU L 62 -33.13 41.03 -39.79
CA GLU L 62 -33.24 42.00 -40.88
C GLU L 62 -34.59 42.68 -40.79
N LEU L 63 -34.57 44.00 -40.59
CA LEU L 63 -35.80 44.77 -40.50
C LEU L 63 -36.60 44.76 -41.80
N GLU L 64 -35.93 44.52 -42.93
CA GLU L 64 -36.62 44.56 -44.22
C GLU L 64 -37.65 43.43 -44.33
N VAL L 65 -37.40 42.31 -43.68
CA VAL L 65 -38.27 41.15 -43.79
C VAL L 65 -39.01 40.92 -42.48
N PHE L 66 -38.45 41.41 -41.36
CA PHE L 66 -39.14 41.29 -40.10
C PHE L 66 -40.31 42.26 -39.99
N ALA L 67 -40.28 43.38 -40.72
CA ALA L 67 -41.41 44.29 -40.72
C ALA L 67 -42.64 43.63 -41.35
N LYS L 68 -42.43 42.84 -42.41
CA LYS L 68 -43.54 42.11 -43.01
C LYS L 68 -44.07 41.03 -42.08
N VAL L 69 -43.18 40.44 -41.27
CA VAL L 69 -43.62 39.46 -40.27
C VAL L 69 -44.44 40.14 -39.19
N LEU L 70 -44.04 41.34 -38.77
CA LEU L 70 -44.75 42.04 -37.71
C LEU L 70 -46.16 42.43 -38.12
N ARG L 71 -46.39 42.66 -39.41
CA ARG L 71 -47.71 43.09 -39.87
C ARG L 71 -48.76 41.99 -39.80
N ALA L 72 -48.35 40.74 -39.57
CA ALA L 72 -49.29 39.63 -39.41
C ALA L 72 -49.85 39.71 -37.99
N LEU L 73 -50.91 40.51 -37.82
CA LEU L 73 -51.49 40.72 -36.51
C LEU L 73 -52.27 39.51 -36.01
N ASP L 74 -52.77 38.66 -36.91
CA ASP L 74 -53.54 37.50 -36.48
C ASP L 74 -52.66 36.51 -35.72
N LYS L 75 -51.45 36.27 -36.21
CA LYS L 75 -50.55 35.28 -35.66
C LYS L 75 -49.43 35.92 -34.85
N ARG L 76 -49.74 37.01 -34.15
CA ARG L 76 -48.73 37.66 -33.32
C ARG L 76 -48.37 36.82 -32.11
N HIS L 77 -49.30 36.01 -31.60
CA HIS L 77 -48.98 35.14 -30.47
C HIS L 77 -47.94 34.10 -30.83
N LEU L 78 -47.89 33.69 -32.11
CA LEU L 78 -46.82 32.82 -32.58
C LEU L 78 -45.53 33.58 -32.79
N LEU L 79 -45.60 34.86 -33.17
CA LEU L 79 -44.40 35.65 -33.39
C LEU L 79 -43.70 35.97 -32.07
N HIS L 80 -44.45 36.19 -31.00
CA HIS L 80 -43.83 36.42 -29.70
C HIS L 80 -43.08 35.20 -29.21
N HIS L 81 -43.52 34.00 -29.58
CA HIS L 81 -42.89 32.79 -29.09
C HIS L 81 -41.74 32.35 -29.98
N CYS L 82 -41.76 32.73 -31.27
CA CYS L 82 -40.59 32.56 -32.12
C CYS L 82 -39.51 33.58 -31.77
N PHE L 83 -39.91 34.84 -31.56
CA PHE L 83 -38.96 35.87 -31.19
C PHE L 83 -38.28 35.55 -29.87
N GLN L 84 -39.04 35.07 -28.89
CA GLN L 84 -38.44 34.67 -27.63
C GLN L 84 -37.56 33.43 -27.80
N ALA L 85 -37.88 32.58 -28.78
CA ALA L 85 -37.06 31.39 -29.02
C ALA L 85 -35.66 31.78 -29.49
N LEU L 86 -35.57 32.80 -30.34
CA LEU L 86 -34.26 33.23 -30.84
C LEU L 86 -33.45 33.96 -29.78
N MET L 87 -34.09 34.81 -28.97
CA MET L 87 -33.36 35.48 -27.91
C MET L 87 -32.86 34.49 -26.87
N ASP L 88 -33.61 33.42 -26.63
CA ASP L 88 -33.09 32.32 -25.82
C ASP L 88 -32.00 31.55 -26.57
N HIS L 89 -32.13 31.48 -27.90
CA HIS L 89 -31.23 30.69 -28.71
C HIS L 89 -29.82 31.27 -28.69
N GLY L 90 -29.71 32.58 -28.54
CA GLY L 90 -28.41 33.23 -28.52
C GLY L 90 -28.33 34.30 -29.60
N VAL L 91 -29.36 34.41 -30.41
CA VAL L 91 -29.40 35.37 -31.51
C VAL L 91 -30.02 36.64 -30.97
N LYS L 92 -29.22 37.71 -30.89
CA LYS L 92 -29.67 38.98 -30.31
C LYS L 92 -30.54 39.71 -31.32
N VAL L 93 -31.75 39.20 -31.51
CA VAL L 93 -32.63 39.72 -32.56
C VAL L 93 -33.11 41.12 -32.19
N ALA L 94 -33.43 41.34 -30.91
CA ALA L 94 -33.91 42.64 -30.48
C ALA L 94 -32.84 43.71 -30.59
N SER L 95 -31.59 43.37 -30.23
CA SER L 95 -30.50 44.33 -30.32
C SER L 95 -30.21 44.69 -31.77
N VAL L 96 -30.20 43.70 -32.66
CA VAL L 96 -29.90 43.94 -34.06
C VAL L 96 -31.01 44.75 -34.71
N LEU L 97 -32.28 44.43 -34.40
CA LEU L 97 -33.39 45.20 -34.96
C LEU L 97 -33.41 46.62 -34.44
N ALA L 98 -32.97 46.84 -33.20
CA ALA L 98 -32.80 48.20 -32.71
C ALA L 98 -31.70 48.92 -33.47
N TYR L 99 -30.59 48.22 -33.74
CA TYR L 99 -29.51 48.84 -34.50
C TYR L 99 -29.85 48.95 -35.99
N SER L 100 -30.58 47.97 -36.53
CA SER L 100 -30.99 48.06 -37.93
C SER L 100 -32.01 49.17 -38.16
N PHE L 101 -32.73 49.59 -37.12
CA PHE L 101 -33.64 50.72 -37.23
C PHE L 101 -32.97 52.03 -36.84
N SER L 102 -31.96 51.98 -35.96
CA SER L 102 -31.19 53.18 -35.65
C SER L 102 -30.43 53.68 -36.87
N ARG L 103 -29.89 52.76 -37.66
CA ARG L 103 -29.22 53.15 -38.90
C ARG L 103 -30.22 53.68 -39.92
N ARG L 104 -31.42 53.09 -39.99
CA ARG L 104 -32.38 53.46 -41.01
C ARG L 104 -32.90 54.88 -40.80
N CYS L 105 -33.18 55.26 -39.55
CA CYS L 105 -33.83 56.55 -39.29
C CYS L 105 -32.93 57.71 -39.68
N SER L 106 -31.61 57.57 -39.46
CA SER L 106 -30.69 58.66 -39.79
C SER L 106 -30.66 58.92 -41.29
N TYR L 107 -30.71 57.87 -42.10
CA TYR L 107 -30.66 58.05 -43.55
C TYR L 107 -31.94 58.70 -44.07
N ILE L 108 -33.10 58.29 -43.55
CA ILE L 108 -34.37 58.87 -43.96
C ILE L 108 -34.59 60.26 -43.40
N ALA L 109 -33.81 60.66 -42.39
CA ALA L 109 -34.01 61.97 -41.76
C ALA L 109 -33.81 63.10 -42.76
N GLU L 110 -32.79 63.01 -43.61
CA GLU L 110 -32.59 63.99 -44.66
C GLU L 110 -33.59 63.82 -45.79
N SER L 111 -34.17 62.63 -45.95
CA SER L 111 -35.03 62.33 -47.09
C SER L 111 -36.41 62.97 -46.89
N ASP L 112 -37.35 62.60 -47.77
CA ASP L 112 -38.66 63.23 -47.77
C ASP L 112 -39.44 62.91 -46.50
N ALA L 113 -40.23 63.88 -46.05
CA ALA L 113 -41.03 63.70 -44.84
C ALA L 113 -42.10 62.63 -45.01
N ALA L 114 -42.63 62.47 -46.22
CA ALA L 114 -43.61 61.42 -46.46
C ALA L 114 -43.00 60.04 -46.28
N VAL L 115 -41.76 59.86 -46.73
CA VAL L 115 -41.05 58.61 -46.47
C VAL L 115 -40.76 58.45 -44.98
N LYS L 116 -40.49 59.56 -44.29
CA LYS L 116 -40.28 59.52 -42.85
C LYS L 116 -41.54 59.06 -42.11
N GLU L 117 -42.71 59.35 -42.67
CA GLU L 117 -43.96 58.88 -42.07
C GLU L 117 -44.04 57.36 -42.10
N LYS L 118 -43.59 56.75 -43.20
CA LYS L 118 -43.59 55.30 -43.29
C LYS L 118 -42.56 54.68 -42.34
N ALA L 119 -41.41 55.32 -42.18
CA ALA L 119 -40.39 54.81 -41.27
C ALA L 119 -40.81 54.95 -39.82
N ILE L 120 -41.62 55.98 -39.50
CA ILE L 120 -42.13 56.12 -38.14
C ILE L 120 -43.16 55.04 -37.85
N GLN L 121 -44.04 54.74 -38.81
CA GLN L 121 -45.05 53.72 -38.61
C GLN L 121 -44.43 52.34 -38.43
N VAL L 122 -43.34 52.06 -39.16
CA VAL L 122 -42.60 50.82 -38.95
C VAL L 122 -41.99 50.80 -37.55
N GLY L 123 -41.48 51.94 -37.10
CA GLY L 123 -40.89 52.02 -35.78
C GLY L 123 -41.88 51.78 -34.65
N PHE L 124 -43.11 52.27 -34.80
CA PHE L 124 -44.13 51.99 -33.80
C PHE L 124 -44.47 50.51 -33.76
N VAL L 125 -44.54 49.86 -34.92
CA VAL L 125 -44.83 48.44 -34.95
C VAL L 125 -43.67 47.63 -34.39
N LEU L 126 -42.44 47.97 -34.78
CA LEU L 126 -41.29 47.26 -34.23
C LEU L 126 -41.03 47.64 -32.78
N GLY L 127 -41.09 48.93 -32.45
CA GLY L 127 -40.89 49.34 -31.08
C GLY L 127 -42.01 48.88 -30.18
N GLY L 128 -43.25 48.89 -30.68
CA GLY L 128 -44.36 48.37 -29.90
C GLY L 128 -44.27 46.88 -29.67
N PHE L 129 -43.76 46.14 -30.64
CA PHE L 129 -43.56 44.71 -30.45
C PHE L 129 -42.50 44.44 -29.40
N LEU L 130 -41.34 45.09 -29.53
CA LEU L 130 -40.29 44.92 -28.54
C LEU L 130 -40.69 45.42 -27.16
N SER L 131 -41.64 46.36 -27.09
CA SER L 131 -42.22 46.73 -25.80
C SER L 131 -43.17 45.64 -25.31
N ASP L 132 -43.95 45.06 -26.23
CA ASP L 132 -44.83 43.95 -25.86
C ASP L 132 -44.01 42.71 -25.48
N ALA L 133 -42.96 42.41 -26.23
CA ALA L 133 -42.13 41.24 -25.95
C ALA L 133 -41.31 41.41 -24.68
N GLY L 134 -41.14 42.64 -24.20
CA GLY L 134 -40.41 42.89 -22.99
C GLY L 134 -38.96 43.27 -23.14
N TRP L 135 -38.52 43.58 -24.36
CA TRP L 135 -37.16 44.08 -24.58
C TRP L 135 -37.18 45.60 -24.55
N TYR L 136 -37.35 46.11 -23.32
CA TYR L 136 -37.56 47.55 -23.13
C TYR L 136 -36.30 48.35 -23.45
N SER L 137 -35.13 47.84 -23.05
CA SER L 137 -33.89 48.52 -23.37
C SER L 137 -33.63 48.55 -24.87
N ASP L 138 -34.20 47.59 -25.59
CA ASP L 138 -34.06 47.50 -27.04
C ASP L 138 -35.22 48.15 -27.79
N ALA L 139 -36.33 48.41 -27.11
CA ALA L 139 -37.43 49.18 -27.67
C ALA L 139 -37.30 50.66 -27.40
N GLU L 140 -36.58 51.05 -26.36
CA GLU L 140 -36.30 52.46 -26.12
C GLU L 140 -35.44 53.04 -27.24
N LYS L 141 -34.45 52.27 -27.69
CA LYS L 141 -33.59 52.72 -28.78
C LYS L 141 -34.39 52.91 -30.06
N VAL L 142 -35.34 52.01 -30.33
CA VAL L 142 -36.21 52.18 -31.48
C VAL L 142 -37.10 53.40 -31.30
N PHE L 143 -37.66 53.57 -30.11
CA PHE L 143 -38.56 54.70 -29.87
C PHE L 143 -37.81 56.02 -29.85
N LEU L 144 -36.57 56.02 -29.32
CA LEU L 144 -35.75 57.23 -29.38
C LEU L 144 -35.46 57.61 -30.82
N SER L 145 -35.18 56.63 -31.67
CA SER L 145 -34.96 56.91 -33.09
C SER L 145 -36.21 57.46 -33.75
N CYS L 146 -37.39 56.96 -33.35
CA CYS L 146 -38.63 57.54 -33.85
C CYS L 146 -38.86 58.93 -33.32
N LEU L 147 -38.34 59.24 -32.12
CA LEU L 147 -38.45 60.58 -31.57
C LEU L 147 -37.61 61.57 -32.36
N GLN L 148 -36.45 61.13 -32.87
CA GLN L 148 -35.60 62.03 -33.65
C GLN L 148 -36.28 62.46 -34.93
N LEU L 149 -36.98 61.55 -35.59
CA LEU L 149 -37.67 61.90 -36.84
C LEU L 149 -38.78 62.91 -36.60
N CYS L 150 -39.54 62.76 -35.51
CA CYS L 150 -40.60 63.71 -35.20
C CYS L 150 -40.06 65.02 -34.67
N THR L 151 -38.89 65.01 -34.04
CA THR L 151 -38.29 66.23 -33.52
C THR L 151 -37.82 67.15 -34.65
N LEU L 152 -37.35 66.58 -35.76
CA LEU L 152 -36.79 67.38 -36.84
C LEU L 152 -37.82 68.31 -37.45
N HIS L 153 -39.05 67.83 -37.64
CA HIS L 153 -40.12 68.62 -38.23
C HIS L 153 -41.04 69.16 -37.15
N ASP L 154 -41.56 70.37 -37.38
CA ASP L 154 -42.42 71.07 -36.43
C ASP L 154 -43.67 71.55 -37.16
N GLU L 155 -44.68 70.69 -37.22
CA GLU L 155 -45.96 71.05 -37.80
C GLU L 155 -47.03 70.15 -37.21
N MET L 156 -48.28 70.33 -37.66
CA MET L 156 -49.41 69.65 -37.05
C MET L 156 -49.37 68.15 -37.29
N LEU L 157 -48.79 67.72 -38.42
CA LEU L 157 -48.81 66.31 -38.76
C LEU L 157 -47.89 65.50 -37.85
N HIS L 158 -46.70 66.00 -37.56
CA HIS L 158 -45.72 65.25 -36.79
C HIS L 158 -45.75 65.53 -35.30
N TRP L 159 -46.61 66.45 -34.84
CA TRP L 159 -46.77 66.65 -33.40
C TRP L 159 -47.60 65.55 -32.77
N PHE L 160 -48.56 64.99 -33.50
CA PHE L 160 -49.34 63.87 -32.98
C PHE L 160 -48.45 62.65 -32.78
N ARG L 161 -47.51 62.40 -33.70
CA ARG L 161 -46.61 61.28 -33.55
C ARG L 161 -45.54 61.54 -32.50
N ALA L 162 -45.13 62.80 -32.33
CA ALA L 162 -44.08 63.11 -31.37
C ALA L 162 -44.53 62.82 -29.94
N VAL L 163 -45.75 63.20 -29.59
CA VAL L 163 -46.28 62.84 -28.28
C VAL L 163 -46.54 61.33 -28.22
N GLU L 164 -46.93 60.73 -29.35
CA GLU L 164 -47.12 59.28 -29.39
C GLU L 164 -45.81 58.54 -29.20
N CYS L 165 -44.71 59.08 -29.72
CA CYS L 165 -43.39 58.52 -29.41
C CYS L 165 -43.08 58.63 -27.92
N CYS L 166 -43.44 59.77 -27.30
CA CYS L 166 -43.04 60.03 -25.93
C CYS L 166 -43.82 59.17 -24.94
N VAL L 167 -45.12 58.99 -25.18
CA VAL L 167 -45.90 58.11 -24.31
C VAL L 167 -45.44 56.67 -24.45
N ARG L 168 -45.02 56.26 -25.65
CA ARG L 168 -44.47 54.92 -25.82
C ARG L 168 -43.08 54.84 -25.21
N LEU L 169 -42.29 55.91 -25.34
CA LEU L 169 -40.96 55.92 -24.74
C LEU L 169 -41.03 55.96 -23.22
N LEU L 170 -42.09 56.54 -22.66
CA LEU L 170 -42.29 56.50 -21.22
C LEU L 170 -42.56 55.08 -20.74
N HIS L 171 -43.31 54.30 -21.53
CA HIS L 171 -43.63 52.93 -21.13
C HIS L 171 -42.39 52.04 -21.12
N VAL L 172 -41.53 52.17 -22.15
CA VAL L 172 -40.34 51.31 -22.23
C VAL L 172 -39.26 51.73 -21.26
N ARG L 173 -39.48 52.78 -20.48
CA ARG L 173 -38.57 53.19 -19.41
C ARG L 173 -39.12 52.89 -18.02
N ASN L 174 -40.45 52.94 -17.84
CA ASN L 174 -41.03 52.53 -16.58
C ASN L 174 -40.81 51.04 -16.33
N GLY L 175 -40.99 50.22 -17.36
CA GLY L 175 -40.73 48.80 -17.23
C GLY L 175 -39.27 48.44 -17.18
N ASN L 176 -38.39 49.34 -17.65
CA ASN L 176 -36.96 49.12 -17.61
C ASN L 176 -36.31 49.72 -16.38
N CYS L 177 -37.12 50.28 -15.46
CA CYS L 177 -36.63 50.89 -14.22
C CYS L 177 -35.66 52.04 -14.50
N LYS L 178 -35.84 52.71 -15.63
CA LYS L 178 -35.10 53.95 -15.90
C LYS L 178 -36.00 55.15 -15.57
N TYR L 179 -36.26 55.29 -14.28
CA TYR L 179 -37.17 56.32 -13.80
C TYR L 179 -36.55 57.71 -13.85
N HIS L 180 -35.22 57.80 -13.71
CA HIS L 180 -34.56 59.09 -13.82
C HIS L 180 -34.64 59.67 -15.23
N LEU L 181 -34.78 58.82 -16.24
CA LEU L 181 -35.03 59.28 -17.60
C LEU L 181 -36.51 59.38 -17.92
N GLY L 182 -37.35 58.60 -17.23
CA GLY L 182 -38.78 58.67 -17.48
C GLY L 182 -39.42 59.92 -16.94
N GLU L 183 -38.80 60.55 -15.95
CA GLU L 183 -39.34 61.80 -15.41
C GLU L 183 -39.16 62.94 -16.41
N GLU L 184 -37.99 63.04 -17.04
CA GLU L 184 -37.74 64.13 -17.97
C GLU L 184 -38.46 63.92 -19.30
N THR L 185 -38.72 62.66 -19.67
CA THR L 185 -39.38 62.39 -20.94
C THR L 185 -40.87 62.72 -20.90
N PHE L 186 -41.45 62.86 -19.71
CA PHE L 186 -42.79 63.42 -19.62
C PHE L 186 -42.76 64.92 -19.80
N LYS L 187 -41.71 65.59 -19.28
CA LYS L 187 -41.55 67.01 -19.51
C LYS L 187 -41.35 67.30 -21.00
N LEU L 188 -40.57 66.45 -21.68
CA LEU L 188 -40.49 66.54 -23.13
C LEU L 188 -41.84 66.26 -23.76
N ALA L 189 -42.58 65.29 -23.24
CA ALA L 189 -43.94 65.05 -23.69
C ALA L 189 -44.87 66.19 -23.29
N GLN L 190 -44.56 66.88 -22.18
CA GLN L 190 -45.37 68.01 -21.75
C GLN L 190 -45.29 69.17 -22.73
N THR L 191 -44.12 69.36 -23.34
CA THR L 191 -43.95 70.43 -24.32
C THR L 191 -44.84 70.21 -25.54
N TYR L 192 -44.94 68.96 -26.01
CA TYR L 192 -45.70 68.69 -27.22
C TYR L 192 -47.20 68.74 -26.98
N MET L 193 -47.67 68.43 -25.76
CA MET L 193 -49.09 68.59 -25.46
C MET L 193 -49.48 70.06 -25.49
N ASP L 194 -48.65 70.94 -24.90
CA ASP L 194 -48.92 72.37 -24.96
C ASP L 194 -48.79 72.89 -26.38
N LYS L 195 -47.81 72.39 -27.14
CA LYS L 195 -47.63 72.82 -28.52
C LYS L 195 -48.83 72.43 -29.38
N LEU L 196 -49.36 71.22 -29.17
CA LEU L 196 -50.55 70.80 -29.92
C LEU L 196 -51.78 71.58 -29.46
N SER L 197 -51.87 71.89 -28.16
CA SER L 197 -53.01 72.64 -27.65
C SER L 197 -52.99 74.08 -28.11
N LYS L 198 -51.82 74.62 -28.42
CA LYS L 198 -51.72 76.02 -28.85
C LYS L 198 -52.39 76.24 -30.20
N HIS L 199 -52.18 75.32 -31.14
CA HIS L 199 -52.70 75.50 -32.50
C HIS L 199 -54.07 74.85 -32.67
N GLY L 200 -54.98 75.14 -31.75
CA GLY L 200 -56.38 74.75 -31.88
C GLY L 200 -56.62 73.26 -32.03
N GLN L 201 -55.88 72.43 -31.31
CA GLN L 201 -56.04 70.99 -31.41
C GLN L 201 -55.96 70.36 -30.03
N GLN L 202 -56.88 69.43 -29.77
CA GLN L 202 -56.94 68.72 -28.49
C GLN L 202 -56.80 67.23 -28.73
N ALA L 203 -55.89 66.60 -27.99
CA ALA L 203 -55.65 65.17 -28.05
C ALA L 203 -56.08 64.52 -26.74
N ASN L 204 -55.84 63.22 -26.62
CA ASN L 204 -56.20 62.45 -25.44
C ASN L 204 -54.98 62.35 -24.53
N LYS L 205 -55.13 62.81 -23.29
CA LYS L 205 -54.05 62.76 -22.31
C LYS L 205 -54.12 61.51 -21.44
N ALA L 206 -55.12 60.65 -21.65
CA ALA L 206 -55.28 59.47 -20.79
C ALA L 206 -54.10 58.52 -20.93
N ALA L 207 -53.62 58.30 -22.17
CA ALA L 207 -52.51 57.39 -22.39
C ALA L 207 -51.24 57.89 -21.72
N LEU L 208 -51.02 59.20 -21.70
CA LEU L 208 -49.80 59.77 -21.15
C LEU L 208 -49.89 60.01 -19.65
N TYR L 209 -51.01 60.54 -19.16
CA TYR L 209 -51.16 60.80 -17.73
C TYR L 209 -51.14 59.50 -16.94
N GLY L 210 -51.84 58.48 -17.44
CA GLY L 210 -51.88 57.20 -16.76
C GLY L 210 -50.63 56.36 -16.89
N GLU L 211 -49.76 56.67 -17.85
CA GLU L 211 -48.53 55.88 -18.00
C GLU L 211 -47.53 56.23 -16.91
N LEU L 212 -47.38 57.52 -16.59
CA LEU L 212 -46.50 57.93 -15.51
C LEU L 212 -47.05 57.55 -14.14
N CYS L 213 -48.33 57.17 -14.07
CA CYS L 213 -48.87 56.66 -12.81
C CYS L 213 -48.15 55.41 -12.37
N ALA L 214 -47.61 54.63 -13.32
CA ALA L 214 -46.70 53.55 -12.97
C ALA L 214 -45.33 54.06 -12.58
N LEU L 215 -44.89 55.17 -13.20
CA LEU L 215 -43.60 55.75 -12.86
C LEU L 215 -43.59 56.24 -11.42
N LEU L 216 -44.66 56.90 -10.99
CA LEU L 216 -44.74 57.38 -9.61
C LEU L 216 -45.01 56.23 -8.65
N PHE L 217 -45.80 55.25 -9.08
CA PHE L 217 -46.05 54.07 -8.25
C PHE L 217 -44.77 53.27 -8.02
N ALA L 218 -43.96 53.10 -9.07
CA ALA L 218 -42.73 52.34 -8.93
C ALA L 218 -41.72 53.06 -8.05
N LYS L 219 -41.69 54.39 -8.11
CA LYS L 219 -40.84 55.18 -7.22
C LYS L 219 -41.46 55.38 -5.84
N SER L 220 -42.59 54.71 -5.56
CA SER L 220 -43.28 54.76 -4.27
C SER L 220 -43.72 56.16 -3.89
N HIS L 221 -44.03 56.99 -4.89
CA HIS L 221 -44.68 58.28 -4.65
C HIS L 221 -46.20 58.12 -4.76
N TYR L 222 -46.74 57.31 -3.84
CA TYR L 222 -48.13 56.89 -3.93
C TYR L 222 -49.08 58.08 -3.80
N ASP L 223 -48.73 59.06 -2.96
CA ASP L 223 -49.56 60.25 -2.83
C ASP L 223 -49.61 61.04 -4.13
N GLU L 224 -48.45 61.17 -4.80
CA GLU L 224 -48.44 61.84 -6.09
C GLU L 224 -48.98 60.97 -7.21
N ALA L 225 -48.83 59.64 -7.09
CA ALA L 225 -49.36 58.73 -8.10
C ALA L 225 -50.88 58.81 -8.17
N TYR L 226 -51.54 58.86 -7.01
CA TYR L 226 -52.99 58.95 -6.98
C TYR L 226 -53.49 60.27 -7.58
N LYS L 227 -52.73 61.35 -7.42
CA LYS L 227 -53.15 62.63 -7.99
C LYS L 227 -53.20 62.56 -9.51
N TRP L 228 -52.24 61.89 -10.13
CA TRP L 228 -52.23 61.77 -11.58
C TRP L 228 -53.21 60.75 -12.10
N CYS L 229 -53.63 59.78 -11.27
CA CYS L 229 -54.68 58.85 -11.67
C CYS L 229 -55.99 59.58 -11.90
N ILE L 230 -56.32 60.54 -11.04
CA ILE L 230 -57.55 61.32 -11.21
C ILE L 230 -57.53 62.06 -12.53
N GLU L 231 -56.39 62.68 -12.87
CA GLU L 231 -56.27 63.36 -14.16
C GLU L 231 -56.35 62.38 -15.32
N ALA L 232 -55.80 61.18 -15.16
CA ALA L 232 -55.90 60.17 -16.20
C ALA L 232 -57.34 59.73 -16.42
N MET L 233 -58.10 59.56 -15.33
CA MET L 233 -59.48 59.12 -15.45
C MET L 233 -60.38 60.20 -16.05
N LYS L 234 -59.99 61.48 -15.95
CA LYS L 234 -60.77 62.53 -16.59
C LYS L 234 -60.75 62.41 -18.09
N GLU L 235 -59.63 61.99 -18.68
CA GLU L 235 -59.43 62.02 -20.12
C GLU L 235 -59.95 60.77 -20.83
N ILE L 236 -60.51 59.81 -20.10
CA ILE L 236 -61.05 58.61 -20.73
C ILE L 236 -62.32 58.97 -21.48
N THR L 237 -62.36 58.65 -22.76
CA THR L 237 -63.54 58.88 -23.61
C THR L 237 -63.94 57.58 -24.28
N ALA L 238 -64.98 57.66 -25.10
CA ALA L 238 -65.48 56.47 -25.80
C ALA L 238 -64.58 56.06 -26.95
N GLY L 239 -63.84 57.00 -27.54
CA GLY L 239 -63.03 56.70 -28.71
C GLY L 239 -61.67 56.10 -28.43
N LEU L 240 -61.27 55.98 -27.17
CA LEU L 240 -59.97 55.40 -26.86
C LEU L 240 -59.97 53.89 -27.14
N PRO L 241 -58.85 53.35 -27.59
CA PRO L 241 -58.74 51.89 -27.75
C PRO L 241 -58.81 51.18 -26.42
N VAL L 242 -59.20 49.90 -26.48
CA VAL L 242 -59.33 49.10 -25.26
C VAL L 242 -57.98 48.97 -24.57
N LYS L 243 -56.90 48.85 -25.35
CA LYS L 243 -55.57 48.73 -24.77
C LYS L 243 -55.21 49.95 -23.94
N VAL L 244 -55.59 51.15 -24.41
CA VAL L 244 -55.34 52.35 -23.63
C VAL L 244 -56.19 52.38 -22.38
N VAL L 245 -57.47 51.99 -22.50
CA VAL L 245 -58.37 52.02 -21.35
C VAL L 245 -57.97 50.98 -20.32
N VAL L 246 -57.53 49.81 -20.77
CA VAL L 246 -57.06 48.79 -19.84
C VAL L 246 -55.84 49.27 -19.07
N ASP L 247 -54.89 49.92 -19.78
CA ASP L 247 -53.66 50.36 -19.14
C ASP L 247 -53.94 51.43 -18.08
N VAL L 248 -54.86 52.34 -18.34
CA VAL L 248 -55.16 53.37 -17.35
C VAL L 248 -56.03 52.85 -16.22
N LEU L 249 -56.84 51.81 -16.47
CA LEU L 249 -57.57 51.18 -15.39
C LEU L 249 -56.67 50.28 -14.54
N ARG L 250 -55.62 49.72 -15.14
CA ARG L 250 -54.67 48.93 -14.37
C ARG L 250 -53.89 49.80 -13.40
N GLN L 251 -53.37 50.93 -13.87
CA GLN L 251 -52.55 51.79 -13.00
C GLN L 251 -53.41 52.54 -11.99
N ALA L 252 -54.66 52.83 -12.34
CA ALA L 252 -55.57 53.43 -11.36
C ALA L 252 -55.84 52.46 -10.22
N SER L 253 -56.04 51.18 -10.53
CA SER L 253 -56.25 50.18 -9.48
C SER L 253 -55.01 50.00 -8.62
N LYS L 254 -53.83 50.03 -9.24
CA LYS L 254 -52.59 49.82 -8.49
C LYS L 254 -52.36 50.96 -7.49
N ALA L 255 -52.64 52.19 -7.89
CA ALA L 255 -52.44 53.32 -7.00
C ALA L 255 -53.54 53.43 -5.95
N CYS L 256 -54.75 52.95 -6.26
CA CYS L 256 -55.83 52.98 -5.27
C CYS L 256 -55.58 51.99 -4.14
N VAL L 257 -54.87 50.90 -4.42
CA VAL L 257 -54.57 49.92 -3.38
C VAL L 257 -53.62 50.51 -2.35
N VAL L 258 -52.54 51.15 -2.80
CA VAL L 258 -51.56 51.71 -1.86
C VAL L 258 -52.06 52.95 -1.16
N LYS L 259 -53.18 53.52 -1.59
CA LYS L 259 -53.87 54.56 -0.85
C LYS L 259 -54.85 53.99 0.16
N ARG L 260 -54.89 52.67 0.30
CA ARG L 260 -55.67 51.96 1.32
C ARG L 260 -57.16 52.20 1.20
N GLU L 261 -57.66 52.39 -0.02
CA GLU L 261 -59.10 52.43 -0.27
C GLU L 261 -59.41 51.36 -1.33
N PHE L 262 -59.64 50.15 -0.83
CA PHE L 262 -59.81 48.98 -1.69
C PHE L 262 -61.23 48.84 -2.25
N LYS L 263 -62.18 49.64 -1.76
CA LYS L 263 -63.53 49.60 -2.33
C LYS L 263 -63.58 50.20 -3.71
N LYS L 264 -62.64 51.07 -4.06
CA LYS L 264 -62.58 51.70 -5.38
C LYS L 264 -61.58 51.05 -6.31
N ALA L 265 -60.54 50.41 -5.77
CA ALA L 265 -59.60 49.67 -6.60
C ALA L 265 -60.27 48.45 -7.22
N GLU L 266 -61.16 47.78 -6.48
CA GLU L 266 -61.86 46.62 -7.01
C GLU L 266 -62.75 47.00 -8.18
N GLN L 267 -63.43 48.15 -8.09
CA GLN L 267 -64.29 48.59 -9.18
C GLN L 267 -63.51 48.86 -10.45
N LEU L 268 -62.25 49.29 -10.31
CA LEU L 268 -61.42 49.63 -11.45
C LEU L 268 -60.68 48.42 -12.03
N ILE L 269 -60.37 47.43 -11.19
CA ILE L 269 -59.62 46.28 -11.66
C ILE L 269 -60.55 45.16 -12.13
N LYS L 270 -61.75 45.07 -11.57
CA LYS L 270 -62.72 44.09 -12.05
C LYS L 270 -63.16 44.43 -13.47
N HIS L 271 -63.37 45.71 -13.75
CA HIS L 271 -63.69 46.13 -15.12
C HIS L 271 -62.49 45.94 -16.03
N ALA L 272 -61.29 46.22 -15.54
CA ALA L 272 -60.09 46.04 -16.35
C ALA L 272 -59.89 44.56 -16.71
N VAL L 273 -60.15 43.67 -15.77
CA VAL L 273 -60.07 42.23 -16.07
C VAL L 273 -61.11 41.84 -17.11
N TYR L 274 -62.35 42.31 -16.93
CA TYR L 274 -63.39 42.01 -17.91
C TYR L 274 -63.11 42.65 -19.25
N LEU L 275 -62.66 43.91 -19.26
CA LEU L 275 -62.46 44.60 -20.52
C LEU L 275 -61.28 44.01 -21.30
N ALA L 276 -60.22 43.60 -20.60
CA ALA L 276 -59.11 42.94 -21.27
C ALA L 276 -59.51 41.56 -21.79
N ARG L 277 -60.30 40.83 -21.00
CA ARG L 277 -60.70 39.48 -21.40
C ARG L 277 -61.70 39.52 -22.56
N ASP L 278 -62.58 40.53 -22.58
CA ASP L 278 -63.60 40.60 -23.62
C ASP L 278 -62.98 40.91 -24.98
N HIS L 279 -61.98 41.78 -25.02
CA HIS L 279 -61.37 42.22 -26.27
C HIS L 279 -60.19 41.33 -26.66
N PHE L 280 -59.21 41.20 -25.78
CA PHE L 280 -57.96 40.53 -26.12
C PHE L 280 -58.01 39.01 -25.92
N GLY L 281 -59.02 38.48 -25.24
CA GLY L 281 -59.10 37.06 -25.01
C GLY L 281 -58.35 36.63 -23.76
N SER L 282 -58.49 35.34 -23.46
CA SER L 282 -57.96 34.77 -22.23
C SER L 282 -56.51 34.30 -22.36
N LYS L 283 -55.91 34.38 -23.54
CA LYS L 283 -54.54 33.94 -23.77
C LYS L 283 -53.73 35.05 -24.43
N HIS L 284 -53.88 36.27 -23.93
CA HIS L 284 -53.22 37.44 -24.49
C HIS L 284 -52.26 38.01 -23.46
N PRO L 285 -51.05 38.43 -23.87
CA PRO L 285 -50.12 39.00 -22.90
C PRO L 285 -50.63 40.26 -22.22
N LYS L 286 -51.51 41.02 -22.87
CA LYS L 286 -52.09 42.19 -22.22
C LYS L 286 -53.09 41.77 -21.15
N TYR L 287 -53.91 40.76 -21.43
CA TYR L 287 -54.81 40.26 -20.40
C TYR L 287 -54.04 39.63 -19.24
N SER L 288 -52.88 39.02 -19.52
CA SER L 288 -52.02 38.55 -18.45
C SER L 288 -51.46 39.70 -17.62
N ASP L 289 -51.18 40.85 -18.26
CA ASP L 289 -50.72 42.01 -17.52
C ASP L 289 -51.80 42.51 -16.57
N THR L 290 -53.05 42.43 -16.98
CA THR L 290 -54.16 42.86 -16.12
C THR L 290 -54.28 41.97 -14.89
N LEU L 291 -54.07 40.66 -15.06
CA LEU L 291 -54.23 39.72 -13.94
C LEU L 291 -53.16 39.96 -12.87
N LEU L 292 -51.93 40.27 -13.27
CA LEU L 292 -50.90 40.56 -12.27
C LEU L 292 -51.27 41.77 -11.42
N ASP L 293 -51.84 42.81 -12.03
CA ASP L 293 -52.38 43.92 -11.26
C ASP L 293 -53.66 43.53 -10.53
N TYR L 294 -54.41 42.56 -11.06
CA TYR L 294 -55.58 42.04 -10.35
C TYR L 294 -55.17 41.14 -9.20
N GLY L 295 -54.12 40.34 -9.41
CA GLY L 295 -53.53 39.59 -8.30
C GLY L 295 -52.70 40.43 -7.36
N PHE L 296 -52.35 41.65 -7.77
CA PHE L 296 -51.74 42.59 -6.84
C PHE L 296 -52.79 43.20 -5.92
N TYR L 297 -54.00 43.41 -6.43
CA TYR L 297 -55.08 43.90 -5.58
C TYR L 297 -55.49 42.85 -4.56
N LEU L 298 -55.68 41.61 -5.00
CA LEU L 298 -56.12 40.56 -4.10
C LEU L 298 -55.06 40.16 -3.09
N LEU L 299 -53.78 40.38 -3.40
CA LEU L 299 -52.73 40.10 -2.43
C LEU L 299 -52.71 41.12 -1.31
N ASN L 300 -53.09 42.35 -1.60
CA ASN L 300 -53.03 43.45 -0.63
C ASN L 300 -54.34 43.70 0.08
N VAL L 301 -55.37 42.90 -0.18
CA VAL L 301 -56.63 42.99 0.56
C VAL L 301 -56.87 41.75 1.40
N ASP L 302 -55.80 41.03 1.75
CA ASP L 302 -55.83 39.81 2.54
C ASP L 302 -56.61 38.68 1.87
N ASN L 303 -56.88 38.81 0.58
CA ASN L 303 -57.51 37.74 -0.19
C ASN L 303 -56.44 36.92 -0.93
N ILE L 304 -55.51 36.36 -0.15
CA ILE L 304 -54.36 35.71 -0.74
C ILE L 304 -54.76 34.41 -1.45
N CYS L 305 -55.73 33.68 -0.88
CA CYS L 305 -56.15 32.41 -1.46
C CYS L 305 -56.70 32.58 -2.87
N GLN L 306 -57.31 33.73 -3.15
CA GLN L 306 -57.75 34.06 -4.50
C GLN L 306 -56.69 34.81 -5.30
N SER L 307 -55.54 35.10 -4.71
CA SER L 307 -54.48 35.81 -5.42
C SER L 307 -53.44 34.88 -6.03
N VAL L 308 -53.26 33.70 -5.47
CA VAL L 308 -52.35 32.73 -6.08
C VAL L 308 -52.93 32.22 -7.39
N ALA L 309 -54.25 31.99 -7.43
CA ALA L 309 -54.90 31.51 -8.65
C ALA L 309 -54.88 32.55 -9.76
N ILE L 310 -54.66 33.82 -9.44
CA ILE L 310 -54.59 34.86 -10.48
C ILE L 310 -53.16 35.02 -10.99
N TYR L 311 -52.16 34.99 -10.10
CA TYR L 311 -50.79 34.98 -10.56
C TYR L 311 -50.46 33.71 -11.33
N GLN L 312 -50.99 32.57 -10.89
CA GLN L 312 -50.78 31.34 -11.65
C GLN L 312 -51.46 31.41 -13.01
N ALA L 313 -52.61 32.09 -13.09
CA ALA L 313 -53.27 32.28 -14.38
C ALA L 313 -52.53 33.31 -15.23
N ALA L 314 -52.00 34.36 -14.60
CA ALA L 314 -51.23 35.36 -15.34
C ALA L 314 -49.89 34.82 -15.81
N LEU L 315 -49.29 33.91 -15.04
CA LEU L 315 -48.03 33.31 -15.47
C LEU L 315 -48.24 32.37 -16.64
N ASP L 316 -49.29 31.54 -16.59
CA ASP L 316 -49.52 30.54 -17.63
C ASP L 316 -49.76 31.19 -18.99
N ILE L 317 -50.33 32.41 -19.00
CA ILE L 317 -50.45 33.13 -20.26
C ILE L 317 -49.08 33.60 -20.73
N ARG L 318 -48.27 34.15 -19.83
CA ARG L 318 -46.94 34.61 -20.20
C ARG L 318 -45.94 33.47 -20.34
N GLN L 319 -46.22 32.30 -19.77
CA GLN L 319 -45.36 31.15 -19.98
C GLN L 319 -45.61 30.49 -21.34
N SER L 320 -46.79 30.69 -21.92
CA SER L 320 -47.13 30.14 -23.22
C SER L 320 -46.98 31.15 -24.35
N VAL L 321 -47.44 32.38 -24.17
CA VAL L 321 -47.26 33.42 -25.18
C VAL L 321 -45.78 33.72 -25.35
N PHE L 322 -45.06 33.86 -24.25
CA PHE L 322 -43.63 34.09 -24.26
C PHE L 322 -42.93 32.82 -23.77
N GLY L 323 -41.72 32.59 -24.27
CA GLY L 323 -40.94 31.47 -23.82
C GLY L 323 -40.28 31.74 -22.49
N GLY L 324 -39.33 30.88 -22.14
CA GLY L 324 -38.52 31.10 -20.97
C GLY L 324 -37.52 32.21 -21.18
N LYS L 325 -36.87 32.61 -20.10
CA LYS L 325 -35.85 33.67 -20.09
C LYS L 325 -36.40 34.95 -20.71
N ASN L 326 -37.51 35.43 -20.17
CA ASN L 326 -38.13 36.67 -20.60
C ASN L 326 -38.52 37.48 -19.36
N ILE L 327 -38.62 38.79 -19.53
CA ILE L 327 -38.98 39.65 -18.42
C ILE L 327 -40.43 39.41 -18.00
N HIS L 328 -41.31 39.13 -18.95
CA HIS L 328 -42.73 38.96 -18.61
C HIS L 328 -42.99 37.62 -17.94
N VAL L 329 -42.17 36.61 -18.22
CA VAL L 329 -42.28 35.36 -17.47
C VAL L 329 -41.47 35.42 -16.19
N ALA L 330 -40.58 36.41 -16.05
CA ALA L 330 -39.85 36.59 -14.80
C ALA L 330 -40.64 37.41 -13.79
N THR L 331 -41.23 38.52 -14.23
CA THR L 331 -42.08 39.28 -13.32
C THR L 331 -43.33 38.53 -12.93
N ALA L 332 -43.76 37.56 -13.74
CA ALA L 332 -44.86 36.68 -13.35
C ALA L 332 -44.40 35.66 -12.32
N HIS L 333 -43.15 35.20 -12.40
CA HIS L 333 -42.62 34.32 -11.36
C HIS L 333 -42.42 35.06 -10.04
N GLU L 334 -41.79 36.23 -10.08
CA GLU L 334 -41.47 36.93 -8.84
C GLU L 334 -42.73 37.44 -8.14
N ASP L 335 -43.80 37.70 -8.89
CA ASP L 335 -45.07 38.02 -8.26
C ASP L 335 -45.71 36.78 -7.66
N LEU L 336 -45.66 35.66 -8.38
CA LEU L 336 -46.24 34.41 -7.87
C LEU L 336 -45.38 33.81 -6.77
N ALA L 337 -44.06 33.99 -6.84
CA ALA L 337 -43.21 33.48 -5.76
C ALA L 337 -43.48 34.21 -4.45
N TYR L 338 -43.80 35.50 -4.53
CA TYR L 338 -44.18 36.23 -3.33
C TYR L 338 -45.55 35.81 -2.82
N SER L 339 -46.52 35.65 -3.73
CA SER L 339 -47.86 35.29 -3.30
C SER L 339 -47.92 33.87 -2.76
N SER L 340 -47.17 32.95 -3.37
CA SER L 340 -47.11 31.60 -2.82
C SER L 340 -46.34 31.58 -1.51
N TYR L 341 -45.35 32.47 -1.34
CA TYR L 341 -44.71 32.61 -0.04
C TYR L 341 -45.69 33.12 1.01
N VAL L 342 -46.53 34.10 0.64
CA VAL L 342 -47.52 34.63 1.57
C VAL L 342 -48.59 33.58 1.85
N HIS L 343 -49.07 32.91 0.80
CA HIS L 343 -50.13 31.91 0.99
C HIS L 343 -49.66 30.74 1.83
N GLN L 344 -48.43 30.28 1.60
CA GLN L 344 -47.88 29.17 2.35
C GLN L 344 -47.04 29.62 3.53
N TYR L 345 -47.24 30.85 4.01
CA TYR L 345 -46.48 31.34 5.15
C TYR L 345 -46.84 30.59 6.43
N SER L 346 -48.14 30.35 6.65
CA SER L 346 -48.55 29.56 7.80
C SER L 346 -48.27 28.08 7.58
N SER L 347 -48.50 27.58 6.36
CA SER L 347 -48.31 26.17 6.08
C SER L 347 -46.84 25.78 6.06
N GLY L 348 -45.97 26.66 5.57
CA GLY L 348 -44.56 26.37 5.51
C GLY L 348 -44.12 25.59 4.29
N LYS L 349 -44.98 25.43 3.29
CA LYS L 349 -44.64 24.71 2.06
C LYS L 349 -44.01 25.70 1.08
N PHE L 350 -42.74 26.03 1.35
CA PHE L 350 -41.97 26.94 0.51
C PHE L 350 -41.12 26.16 -0.50
N ASP L 351 -41.80 25.34 -1.30
CA ASP L 351 -41.16 24.61 -2.38
C ASP L 351 -41.58 25.13 -3.75
N ASN L 352 -42.88 25.29 -3.97
CA ASN L 352 -43.35 25.94 -5.19
C ASN L 352 -42.95 27.41 -5.22
N ALA L 353 -43.01 28.09 -4.07
CA ALA L 353 -42.64 29.50 -4.02
C ALA L 353 -41.15 29.69 -4.26
N LEU L 354 -40.32 28.76 -3.75
CA LEU L 354 -38.88 28.87 -3.98
C LEU L 354 -38.54 28.56 -5.44
N PHE L 355 -39.26 27.61 -6.05
CA PHE L 355 -39.04 27.33 -7.47
C PHE L 355 -39.39 28.53 -8.33
N HIS L 356 -40.50 29.19 -8.03
CA HIS L 356 -40.88 30.40 -8.77
C HIS L 356 -40.01 31.59 -8.41
N ALA L 357 -39.20 31.49 -7.36
CA ALA L 357 -38.28 32.57 -7.00
C ALA L 357 -36.91 32.35 -7.62
N GLU L 358 -36.40 31.11 -7.60
CA GLU L 358 -35.13 30.82 -8.26
C GLU L 358 -35.24 30.95 -9.77
N ARG L 359 -36.40 30.63 -10.34
CA ARG L 359 -36.58 30.78 -11.78
C ARG L 359 -36.53 32.24 -12.20
N ALA L 360 -37.18 33.12 -11.44
CA ALA L 360 -37.11 34.54 -11.75
C ALA L 360 -35.70 35.10 -11.53
N ILE L 361 -34.92 34.49 -10.64
CA ILE L 361 -33.55 34.92 -10.45
C ILE L 361 -32.70 34.53 -11.66
N GLY L 362 -32.88 33.30 -12.15
CA GLY L 362 -32.08 32.85 -13.27
C GLY L 362 -32.45 33.50 -14.58
N ILE L 363 -33.61 34.15 -14.63
CA ILE L 363 -34.02 34.82 -15.87
C ILE L 363 -33.46 36.23 -15.91
N ILE L 364 -33.60 36.98 -14.81
CA ILE L 364 -33.16 38.37 -14.79
C ILE L 364 -31.65 38.46 -14.95
N THR L 365 -30.92 37.56 -14.29
CA THR L 365 -29.46 37.59 -14.39
C THR L 365 -28.99 37.21 -15.80
N HIS L 366 -29.88 36.65 -16.62
CA HIS L 366 -29.50 36.30 -17.99
C HIS L 366 -29.84 37.42 -18.97
N ILE L 367 -30.97 38.10 -18.78
CA ILE L 367 -31.43 39.10 -19.73
C ILE L 367 -31.22 40.53 -19.24
N LEU L 368 -30.81 40.72 -18.00
CA LEU L 368 -30.63 42.06 -17.45
C LEU L 368 -29.28 42.17 -16.78
N PRO L 369 -28.70 43.37 -16.72
CA PRO L 369 -27.40 43.54 -16.07
C PRO L 369 -27.50 43.31 -14.56
N GLU L 370 -26.33 43.05 -13.97
CA GLU L 370 -26.25 42.80 -12.53
C GLU L 370 -26.69 43.99 -11.70
N ASP L 371 -26.57 45.21 -12.24
CA ASP L 371 -26.92 46.42 -11.51
C ASP L 371 -28.33 46.93 -11.84
N HIS L 372 -29.22 46.05 -12.27
CA HIS L 372 -30.57 46.45 -12.63
C HIS L 372 -31.48 46.44 -11.40
N LEU L 373 -32.47 47.33 -11.41
CA LEU L 373 -33.37 47.48 -10.28
C LEU L 373 -34.38 46.35 -10.17
N LEU L 374 -34.69 45.66 -11.28
CA LEU L 374 -35.62 44.54 -11.21
C LEU L 374 -35.05 43.35 -10.45
N LEU L 375 -33.74 43.33 -10.17
CA LEU L 375 -33.19 42.36 -9.24
C LEU L 375 -33.51 42.69 -7.80
N ALA L 376 -33.88 43.93 -7.49
CA ALA L 376 -34.21 44.28 -6.11
C ALA L 376 -35.46 43.53 -5.65
N SER L 377 -36.50 43.50 -6.50
CA SER L 377 -37.71 42.77 -6.13
C SER L 377 -37.54 41.26 -6.30
N SER L 378 -36.74 40.83 -7.28
CA SER L 378 -36.58 39.39 -7.52
C SER L 378 -35.72 38.74 -6.43
N LYS L 379 -34.60 39.38 -6.07
CA LYS L 379 -33.74 38.81 -5.04
C LYS L 379 -34.30 38.97 -3.65
N ARG L 380 -35.22 39.90 -3.44
CA ARG L 380 -35.89 40.02 -2.16
C ARG L 380 -36.80 38.82 -1.91
N VAL L 381 -37.64 38.48 -2.90
CA VAL L 381 -38.63 37.42 -2.72
C VAL L 381 -37.94 36.07 -2.49
N LYS L 382 -36.82 35.84 -3.17
CA LYS L 382 -36.04 34.63 -2.92
C LYS L 382 -35.49 34.62 -1.50
N ALA L 383 -35.08 35.79 -1.00
CA ALA L 383 -34.52 35.85 0.35
C ALA L 383 -35.57 35.62 1.43
N LEU L 384 -36.78 36.14 1.22
CA LEU L 384 -37.86 35.89 2.18
C LEU L 384 -38.20 34.42 2.28
N ILE L 385 -38.19 33.72 1.14
CA ILE L 385 -38.49 32.29 1.17
C ILE L 385 -37.35 31.52 1.82
N LEU L 386 -36.11 31.90 1.54
CA LEU L 386 -34.97 31.20 2.13
C LEU L 386 -34.89 31.40 3.63
N GLU L 387 -35.18 32.61 4.11
CA GLU L 387 -35.10 32.86 5.55
C GLU L 387 -36.21 32.17 6.32
N GLU L 388 -37.22 31.64 5.64
CA GLU L 388 -38.27 30.87 6.30
C GLU L 388 -38.13 29.37 6.12
N ILE L 389 -37.39 28.92 5.10
CA ILE L 389 -37.12 27.49 4.96
C ILE L 389 -36.16 27.02 6.04
N ALA L 390 -35.11 27.81 6.30
CA ALA L 390 -34.10 27.40 7.28
C ALA L 390 -34.68 27.33 8.69
N ILE L 391 -35.52 28.29 9.06
CA ILE L 391 -36.14 28.24 10.38
C ILE L 391 -37.22 27.17 10.45
N ASP L 392 -37.66 26.64 9.32
CA ASP L 392 -38.61 25.53 9.31
C ASP L 392 -37.93 24.18 9.40
N CYS L 393 -36.75 24.03 8.79
CA CYS L 393 -36.03 22.77 8.87
C CYS L 393 -35.28 22.67 10.19
N HIS L 394 -34.84 21.46 10.52
CA HIS L 394 -34.18 21.17 11.78
C HIS L 394 -32.74 20.72 11.55
N ASN L 395 -32.04 21.40 10.66
CA ASN L 395 -30.64 21.11 10.37
C ASN L 395 -29.79 22.31 10.76
N LYS L 396 -28.56 22.05 11.22
CA LYS L 396 -27.71 23.09 11.76
C LYS L 396 -26.81 23.74 10.71
N GLU L 397 -26.18 22.93 9.85
CA GLU L 397 -25.28 23.50 8.85
C GLU L 397 -26.04 24.33 7.82
N THR L 398 -27.24 23.88 7.42
CA THR L 398 -28.04 24.65 6.49
C THR L 398 -28.66 25.88 7.15
N GLU L 399 -28.74 25.89 8.48
CA GLU L 399 -29.28 27.06 9.18
C GLU L 399 -28.40 28.28 8.94
N GLN L 400 -27.08 28.12 9.03
CA GLN L 400 -26.18 29.24 8.82
C GLN L 400 -26.04 29.60 7.35
N ARG L 401 -26.07 28.61 6.45
CA ARG L 401 -25.85 28.88 5.04
C ARG L 401 -27.03 29.63 4.42
N LEU L 402 -28.26 29.20 4.72
CA LEU L 402 -29.43 29.84 4.12
C LEU L 402 -29.61 31.26 4.62
N LEU L 403 -29.39 31.49 5.91
CA LEU L 403 -29.45 32.85 6.44
C LEU L 403 -28.36 33.74 5.86
N GLN L 404 -27.15 33.20 5.72
CA GLN L 404 -26.07 33.96 5.09
C GLN L 404 -26.37 34.26 3.64
N GLU L 405 -26.90 33.27 2.90
CA GLU L 405 -27.23 33.49 1.50
C GLU L 405 -28.37 34.50 1.36
N ALA L 406 -29.38 34.40 2.22
CA ALA L 406 -30.45 35.39 2.23
C ALA L 406 -29.97 36.77 2.66
N HIS L 407 -28.86 36.83 3.41
CA HIS L 407 -28.30 38.13 3.77
C HIS L 407 -27.68 38.81 2.57
N ASP L 408 -27.09 38.03 1.66
CA ASP L 408 -26.48 38.60 0.46
C ASP L 408 -27.51 39.24 -0.44
N LEU L 409 -28.68 38.61 -0.58
CA LEU L 409 -29.71 39.13 -1.47
C LEU L 409 -30.32 40.42 -0.93
N HIS L 410 -30.65 40.44 0.36
CA HIS L 410 -31.23 41.65 0.95
C HIS L 410 -30.26 42.82 0.91
N LEU L 411 -28.98 42.58 1.15
CA LEU L 411 -27.99 43.63 0.96
C LEU L 411 -27.91 44.06 -0.50
N SER L 412 -27.94 43.10 -1.42
CA SER L 412 -27.97 43.42 -2.83
C SER L 412 -29.28 44.11 -3.22
N SER L 413 -30.40 43.63 -2.67
CA SER L 413 -31.68 44.30 -2.93
C SER L 413 -31.71 45.71 -2.36
N LEU L 414 -31.01 45.93 -1.24
CA LEU L 414 -30.96 47.28 -0.68
C LEU L 414 -30.08 48.19 -1.52
N GLN L 415 -28.97 47.67 -2.05
CA GLN L 415 -28.05 48.49 -2.82
C GLN L 415 -28.70 49.01 -4.10
N LEU L 416 -29.40 48.12 -4.82
CA LEU L 416 -30.06 48.54 -6.05
C LEU L 416 -31.23 49.48 -5.76
N ALA L 417 -31.96 49.23 -4.68
CA ALA L 417 -33.05 50.13 -4.30
C ALA L 417 -32.52 51.49 -3.89
N LYS L 418 -31.43 51.52 -3.13
CA LYS L 418 -30.87 52.79 -2.67
C LYS L 418 -30.28 53.59 -3.81
N LYS L 419 -29.70 52.90 -4.81
CA LYS L 419 -29.09 53.58 -5.94
C LYS L 419 -30.12 54.35 -6.77
N ALA L 420 -31.32 53.79 -6.90
CA ALA L 420 -32.36 54.39 -7.74
C ALA L 420 -33.38 55.20 -6.94
N PHE L 421 -33.82 54.69 -5.80
CA PHE L 421 -34.85 55.36 -5.01
C PHE L 421 -34.28 56.29 -3.95
N GLY L 422 -32.97 56.38 -3.82
CA GLY L 422 -32.39 57.15 -2.73
C GLY L 422 -32.43 56.39 -1.42
N GLU L 423 -32.21 57.13 -0.34
CA GLU L 423 -32.19 56.55 1.00
C GLU L 423 -33.55 56.59 1.69
N PHE L 424 -34.25 57.73 1.62
CA PHE L 424 -35.55 57.87 2.28
C PHE L 424 -36.65 57.58 1.25
N ASN L 425 -36.92 56.29 1.07
CA ASN L 425 -37.94 55.83 0.14
C ASN L 425 -38.66 54.63 0.72
N VAL L 426 -39.93 54.46 0.34
CA VAL L 426 -40.74 53.38 0.87
C VAL L 426 -40.19 52.03 0.44
N GLN L 427 -39.80 51.91 -0.83
CA GLN L 427 -39.25 50.64 -1.32
C GLN L 427 -37.93 50.32 -0.62
N THR L 428 -37.08 51.32 -0.41
CA THR L 428 -35.85 51.11 0.34
C THR L 428 -36.16 50.77 1.80
N ALA L 429 -37.15 51.44 2.38
CA ALA L 429 -37.56 51.12 3.75
C ALA L 429 -38.25 49.76 3.83
N LYS L 430 -38.89 49.33 2.74
CA LYS L 430 -39.51 48.01 2.72
C LYS L 430 -38.46 46.92 2.87
N HIS L 431 -37.30 47.09 2.23
CA HIS L 431 -36.22 46.13 2.39
C HIS L 431 -35.58 46.20 3.77
N TYR L 432 -35.70 47.35 4.45
CA TYR L 432 -35.18 47.45 5.81
C TYR L 432 -35.93 46.52 6.76
N GLY L 433 -37.26 46.45 6.62
CA GLY L 433 -38.03 45.54 7.45
C GLY L 433 -37.69 44.08 7.21
N ASN L 434 -37.37 43.73 5.96
CA ASN L 434 -36.91 42.38 5.67
C ASN L 434 -35.57 42.10 6.33
N LEU L 435 -34.69 43.10 6.40
CA LEU L 435 -33.44 42.94 7.11
C LEU L 435 -33.67 42.68 8.60
N GLY L 436 -34.65 43.39 9.19
CA GLY L 436 -34.93 43.19 10.61
C GLY L 436 -35.41 41.78 10.92
N ARG L 437 -36.31 41.25 10.08
CA ARG L 437 -36.74 39.87 10.26
C ARG L 437 -35.60 38.90 9.97
N LEU L 438 -34.68 39.28 9.08
CA LEU L 438 -33.52 38.45 8.79
C LEU L 438 -32.62 38.30 10.01
N TYR L 439 -32.38 39.40 10.74
CA TYR L 439 -31.49 39.35 11.87
C TYR L 439 -32.10 38.60 13.05
N GLN L 440 -33.42 38.65 13.20
CA GLN L 440 -34.08 37.94 14.29
C GLN L 440 -33.87 36.43 14.17
N SER L 441 -33.96 35.90 12.95
CA SER L 441 -33.67 34.48 12.75
C SER L 441 -32.18 34.19 12.85
N MET L 442 -31.34 35.11 12.41
CA MET L 442 -29.89 34.94 12.42
C MET L 442 -29.27 35.41 13.72
N ARG L 443 -30.09 35.92 14.65
CA ARG L 443 -29.70 36.23 16.03
C ARG L 443 -28.71 37.38 16.12
N LYS L 444 -28.74 38.31 15.17
CA LYS L 444 -28.01 39.58 15.29
C LYS L 444 -29.00 40.66 15.71
N PHE L 445 -29.38 40.63 16.99
CA PHE L 445 -30.41 41.52 17.50
C PHE L 445 -29.94 42.96 17.63
N LYS L 446 -28.63 43.22 17.59
CA LYS L 446 -28.13 44.58 17.74
C LYS L 446 -28.58 45.47 16.58
N GLU L 447 -28.52 44.95 15.36
CA GLU L 447 -28.95 45.69 14.19
C GLU L 447 -30.41 45.47 13.84
N ALA L 448 -31.04 44.43 14.40
CA ALA L 448 -32.45 44.16 14.08
C ALA L 448 -33.35 45.28 14.54
N GLU L 449 -33.12 45.81 15.75
CA GLU L 449 -33.92 46.92 16.23
C GLU L 449 -33.66 48.19 15.43
N GLU L 450 -32.42 48.38 14.97
CA GLU L 450 -32.10 49.55 14.16
C GLU L 450 -32.80 49.48 12.80
N MET L 451 -32.72 48.33 12.14
CA MET L 451 -33.35 48.17 10.83
C MET L 451 -34.87 48.30 10.91
N HIS L 452 -35.47 47.67 11.93
CA HIS L 452 -36.92 47.74 12.07
C HIS L 452 -37.40 49.15 12.36
N ILE L 453 -36.68 49.87 13.22
CA ILE L 453 -37.07 51.25 13.53
C ILE L 453 -36.68 52.21 12.41
N LYS L 454 -35.68 51.86 11.59
CA LYS L 454 -35.38 52.67 10.42
C LYS L 454 -36.48 52.52 9.36
N ALA L 455 -36.97 51.29 9.18
CA ALA L 455 -38.08 51.08 8.25
C ALA L 455 -39.33 51.81 8.72
N ILE L 456 -39.61 51.75 10.02
CA ILE L 456 -40.79 52.44 10.56
C ILE L 456 -40.65 53.94 10.39
N GLN L 457 -39.45 54.48 10.62
CA GLN L 457 -39.25 55.92 10.55
C GLN L 457 -39.51 56.47 9.15
N ILE L 458 -38.95 55.81 8.12
CA ILE L 458 -39.12 56.31 6.76
C ILE L 458 -40.54 56.12 6.28
N LYS L 459 -41.13 54.95 6.56
CA LYS L 459 -42.47 54.66 6.06
C LYS L 459 -43.52 55.55 6.71
N GLU L 460 -43.40 55.80 8.01
CA GLU L 460 -44.34 56.72 8.66
C GLU L 460 -44.12 58.16 8.21
N GLN L 461 -42.90 58.51 7.83
CA GLN L 461 -42.61 59.88 7.41
C GLN L 461 -43.27 60.22 6.08
N LEU L 462 -43.36 59.25 5.17
CA LEU L 462 -43.88 59.50 3.84
C LEU L 462 -45.27 58.89 3.62
N LEU L 463 -45.41 57.59 3.87
CA LEU L 463 -46.71 56.95 3.68
C LEU L 463 -47.74 57.47 4.68
N GLY L 464 -47.35 57.62 5.93
CA GLY L 464 -48.23 58.09 6.99
C GLY L 464 -48.27 57.13 8.16
N GLN L 465 -48.92 57.60 9.22
CA GLN L 465 -49.05 56.80 10.43
C GLN L 465 -50.19 55.79 10.36
N GLU L 466 -51.09 55.93 9.40
CA GLU L 466 -52.24 55.05 9.23
C GLU L 466 -52.18 54.39 7.85
N ASP L 467 -51.49 53.26 7.78
CA ASP L 467 -51.33 52.53 6.52
C ASP L 467 -51.12 51.05 6.81
N TYR L 468 -51.33 50.23 5.79
CA TYR L 468 -51.11 48.79 5.93
C TYR L 468 -49.63 48.45 5.97
N GLU L 469 -48.83 49.12 5.13
CA GLU L 469 -47.40 48.80 5.06
C GLU L 469 -46.68 49.16 6.35
N VAL L 470 -47.02 50.29 6.95
CA VAL L 470 -46.32 50.73 8.16
C VAL L 470 -46.60 49.79 9.32
N ALA L 471 -47.82 49.24 9.40
CA ALA L 471 -48.18 48.37 10.51
C ALA L 471 -47.45 47.03 10.44
N LEU L 472 -47.21 46.53 9.23
CA LEU L 472 -46.55 45.23 9.09
C LEU L 472 -45.12 45.28 9.61
N SER L 473 -44.43 46.40 9.41
CA SER L 473 -43.08 46.56 9.95
C SER L 473 -43.12 46.74 11.47
N VAL L 474 -44.19 47.33 12.00
CA VAL L 474 -44.35 47.46 13.44
C VAL L 474 -44.46 46.07 14.09
N GLY L 475 -45.26 45.19 13.49
CA GLY L 475 -45.39 43.84 14.01
C GLY L 475 -44.08 43.06 13.99
N HIS L 476 -43.25 43.32 12.98
CA HIS L 476 -41.93 42.69 12.94
C HIS L 476 -41.05 43.17 14.09
N LEU L 477 -41.10 44.47 14.39
CA LEU L 477 -40.36 44.99 15.53
C LEU L 477 -41.00 44.57 16.84
N ALA L 478 -42.34 44.53 16.89
CA ALA L 478 -43.04 44.13 18.09
C ALA L 478 -42.72 42.68 18.46
N SER L 479 -42.61 41.81 17.46
CA SER L 479 -42.19 40.44 17.71
C SER L 479 -40.73 40.35 18.11
N LEU L 480 -39.91 41.32 17.70
CA LEU L 480 -38.51 41.33 18.10
C LEU L 480 -38.37 41.64 19.58
N TYR L 481 -39.08 42.66 20.06
CA TYR L 481 -39.02 43.01 21.48
C TYR L 481 -39.59 41.91 22.35
N ASN L 482 -40.70 41.29 21.91
CA ASN L 482 -41.44 40.38 22.78
C ASN L 482 -40.71 39.05 22.93
N TYR L 483 -40.49 38.34 21.81
CA TYR L 483 -40.04 36.96 21.88
C TYR L 483 -38.63 36.84 22.43
N ASP L 484 -37.74 37.75 22.07
CA ASP L 484 -36.34 37.61 22.46
C ASP L 484 -35.80 38.78 23.25
N MET L 485 -36.13 40.03 22.87
CA MET L 485 -35.56 41.18 23.56
C MET L 485 -36.17 41.43 24.92
N ASN L 486 -37.38 40.89 25.16
CA ASN L 486 -38.07 40.99 26.45
C ASN L 486 -38.33 42.45 26.85
N GLN L 487 -38.47 43.34 25.88
CA GLN L 487 -38.80 44.74 26.15
C GLN L 487 -40.32 44.91 26.08
N TYR L 488 -40.99 44.39 27.11
CA TYR L 488 -42.44 44.33 27.13
C TYR L 488 -43.09 45.70 27.36
N GLU L 489 -42.33 46.68 27.87
CA GLU L 489 -42.93 47.96 28.20
C GLU L 489 -43.36 48.74 26.97
N ASN L 490 -42.67 48.54 25.84
CA ASN L 490 -43.02 49.20 24.60
C ASN L 490 -43.45 48.27 23.48
N ALA L 491 -43.26 46.95 23.64
CA ALA L 491 -43.76 46.01 22.65
C ALA L 491 -45.28 45.94 22.64
N GLU L 492 -45.88 46.00 23.83
CA GLU L 492 -47.33 45.93 23.93
C GLU L 492 -48.00 47.12 23.23
N LYS L 493 -47.37 48.30 23.33
CA LYS L 493 -47.88 49.46 22.60
C LYS L 493 -47.82 49.23 21.09
N LEU L 494 -46.73 48.61 20.62
CA LEU L 494 -46.60 48.33 19.19
C LEU L 494 -47.64 47.32 18.73
N TYR L 495 -47.90 46.28 19.53
CA TYR L 495 -48.88 45.27 19.15
C TYR L 495 -50.27 45.87 19.03
N LEU L 496 -50.68 46.70 20.00
CA LEU L 496 -52.01 47.31 19.94
C LEU L 496 -52.13 48.28 18.78
N ARG L 497 -51.01 48.89 18.36
CA ARG L 497 -51.06 49.79 17.21
C ARG L 497 -51.36 49.03 15.94
N SER L 498 -50.72 47.88 15.73
CA SER L 498 -50.94 47.11 14.51
C SER L 498 -52.27 46.36 14.54
N ILE L 499 -52.72 45.92 15.71
CA ILE L 499 -53.97 45.19 15.80
C ILE L 499 -55.15 46.11 15.52
N ALA L 500 -55.14 47.32 16.08
CA ALA L 500 -56.25 48.24 15.90
C ALA L 500 -56.38 48.68 14.45
N ILE L 501 -55.25 48.98 13.80
CA ILE L 501 -55.31 49.45 12.41
C ILE L 501 -55.70 48.32 11.47
N GLY L 502 -55.35 47.07 11.81
CA GLY L 502 -55.69 45.96 10.94
C GLY L 502 -57.19 45.74 10.84
N LYS L 503 -57.91 45.90 11.95
CA LYS L 503 -59.36 45.78 11.91
C LYS L 503 -60.01 46.96 11.22
N LYS L 504 -59.38 48.14 11.28
CA LYS L 504 -59.96 49.32 10.65
C LYS L 504 -59.85 49.24 9.14
N LEU L 505 -58.75 48.70 8.63
CA LEU L 505 -58.49 48.68 7.20
C LEU L 505 -59.11 47.46 6.52
N PHE L 506 -58.77 46.25 6.99
CA PHE L 506 -59.30 45.01 6.42
C PHE L 506 -60.48 44.48 7.22
N GLY L 507 -60.34 44.35 8.53
CA GLY L 507 -61.40 43.81 9.37
C GLY L 507 -60.87 42.86 10.41
N GLU L 508 -61.77 42.22 11.16
CA GLU L 508 -61.35 41.28 12.19
C GLU L 508 -60.78 40.00 11.61
N GLY L 509 -60.98 39.75 10.32
CA GLY L 509 -60.50 38.52 9.71
C GLY L 509 -59.18 38.67 9.00
N TYR L 510 -58.44 39.74 9.30
CA TYR L 510 -57.14 39.96 8.69
C TYR L 510 -56.16 38.88 9.15
N SER L 511 -55.42 38.32 8.19
CA SER L 511 -54.53 37.20 8.49
C SER L 511 -53.35 37.59 9.36
N GLY L 512 -52.95 38.86 9.34
CA GLY L 512 -51.81 39.28 10.15
C GLY L 512 -52.10 39.45 11.61
N LEU L 513 -53.37 39.39 12.02
CA LEU L 513 -53.71 39.56 13.43
C LEU L 513 -53.35 38.32 14.24
N GLU L 514 -53.34 37.14 13.61
CA GLU L 514 -52.97 35.93 14.34
C GLU L 514 -51.53 35.97 14.82
N TYR L 515 -50.62 36.45 13.96
CA TYR L 515 -49.23 36.59 14.37
C TYR L 515 -49.04 37.69 15.40
N ASP L 516 -49.98 38.63 15.49
CA ASP L 516 -49.96 39.64 16.54
C ASP L 516 -50.66 39.17 17.81
N TYR L 517 -51.71 38.36 17.68
CA TYR L 517 -52.38 37.81 18.85
C TYR L 517 -51.46 36.83 19.60
N ARG L 518 -50.77 35.97 18.86
CA ARG L 518 -49.87 35.00 19.49
C ARG L 518 -48.73 35.71 20.21
N GLY L 519 -48.18 36.76 19.61
CA GLY L 519 -47.13 37.51 20.27
C GLY L 519 -47.63 38.24 21.51
N LEU L 520 -48.79 38.89 21.40
CA LEU L 520 -49.29 39.70 22.49
C LEU L 520 -49.75 38.83 23.67
N ILE L 521 -50.25 37.63 23.39
CA ILE L 521 -50.53 36.69 24.47
C ILE L 521 -49.23 36.24 25.14
N LYS L 522 -48.20 35.96 24.34
CA LYS L 522 -46.92 35.54 24.92
C LYS L 522 -46.29 36.64 25.77
N LEU L 523 -46.56 37.90 25.45
CA LEU L 523 -46.10 39.00 26.29
C LEU L 523 -46.83 38.99 27.63
N TYR L 524 -48.07 38.49 27.66
CA TYR L 524 -48.87 38.52 28.89
C TYR L 524 -48.58 37.31 29.76
N ASN L 525 -48.35 36.14 29.15
CA ASN L 525 -47.99 34.96 29.92
C ASN L 525 -46.59 35.11 30.52
N SER L 526 -45.72 35.90 29.88
CA SER L 526 -44.38 36.12 30.39
C SER L 526 -44.35 36.99 31.64
N ILE L 527 -45.40 37.79 31.87
CA ILE L 527 -45.45 38.62 33.08
C ILE L 527 -46.42 38.08 34.11
N GLY L 528 -47.13 36.99 33.82
CA GLY L 528 -48.04 36.38 34.76
C GLY L 528 -49.47 36.84 34.69
N ASN L 529 -49.78 37.84 33.89
CA ASN L 529 -51.15 38.34 33.77
C ASN L 529 -52.00 37.35 32.99
N TYR L 530 -52.70 36.46 33.69
CA TYR L 530 -53.49 35.41 33.05
C TYR L 530 -54.94 35.81 32.82
N GLU L 531 -55.39 36.95 33.34
CA GLU L 531 -56.76 37.38 33.14
C GLU L 531 -57.00 37.90 31.73
N LYS L 532 -56.06 38.68 31.19
CA LYS L 532 -56.22 39.21 29.84
C LYS L 532 -55.94 38.15 28.79
N VAL L 533 -55.17 37.11 29.13
CA VAL L 533 -54.90 36.02 28.20
C VAL L 533 -56.18 35.29 27.84
N PHE L 534 -57.05 35.04 28.82
CA PHE L 534 -58.31 34.37 28.56
C PHE L 534 -59.21 35.19 27.63
N GLU L 535 -59.08 36.52 27.69
CA GLU L 535 -59.85 37.37 26.79
C GLU L 535 -59.43 37.16 25.33
N TYR L 536 -58.13 37.08 25.07
CA TYR L 536 -57.67 36.87 23.71
C TYR L 536 -57.95 35.46 23.23
N HIS L 537 -57.78 34.46 24.09
CA HIS L 537 -58.14 33.10 23.72
C HIS L 537 -59.64 32.95 23.50
N ASN L 538 -60.44 33.88 24.04
CA ASN L 538 -61.87 33.91 23.72
C ASN L 538 -62.12 34.47 22.31
N VAL L 539 -61.26 35.37 21.84
CA VAL L 539 -61.42 35.94 20.51
C VAL L 539 -60.45 35.34 19.48
N LEU L 540 -59.37 34.70 19.93
CA LEU L 540 -58.52 33.96 18.98
C LEU L 540 -59.29 32.79 18.39
N SER L 541 -60.08 32.09 19.21
CA SER L 541 -61.00 31.09 18.68
C SER L 541 -62.07 31.73 17.80
N ASN L 542 -62.52 32.94 18.17
CA ASN L 542 -63.43 33.68 17.30
C ASN L 542 -62.75 34.06 15.99
N TRP L 543 -61.46 34.39 16.04
CA TRP L 543 -60.70 34.64 14.82
C TRP L 543 -60.64 33.41 13.94
N ASN L 544 -60.40 32.24 14.56
CA ASN L 544 -60.46 30.99 13.82
C ASN L 544 -61.88 30.70 13.35
N ARG L 545 -62.88 31.01 14.18
CA ARG L 545 -64.26 30.84 13.78
C ARG L 545 -64.62 31.77 12.63
N LEU L 546 -64.14 33.02 12.66
CA LEU L 546 -64.39 33.94 11.57
C LEU L 546 -63.67 33.52 10.31
N ARG L 547 -62.53 32.83 10.44
CA ARG L 547 -61.81 32.33 9.27
C ARG L 547 -62.61 31.26 8.53
N ASP L 548 -63.41 30.47 9.27
CA ASP L 548 -64.20 29.42 8.63
C ASP L 548 -65.22 30.01 7.66
N ARG L 549 -65.91 31.08 8.07
CA ARG L 549 -66.92 31.71 7.23
C ARG L 549 -66.32 32.55 6.11
N GLN L 550 -65.19 33.19 6.35
CA GLN L 550 -64.55 34.05 5.36
C GLN L 550 -63.63 33.31 4.41
N TYR L 551 -63.48 31.99 4.58
CA TYR L 551 -62.60 31.19 3.75
C TYR L 551 -63.06 31.25 2.28
N SER L 552 -64.22 30.66 2.01
CA SER L 552 -65.03 30.87 0.80
C SER L 552 -64.17 30.99 -0.47
N VAL L 553 -63.39 29.95 -0.74
CA VAL L 553 -62.48 29.97 -1.89
C VAL L 553 -63.31 29.80 -3.14
N THR L 554 -63.60 30.91 -3.81
CA THR L 554 -64.18 30.93 -5.15
C THR L 554 -63.21 31.68 -6.06
N ASP L 555 -62.93 31.10 -7.23
CA ASP L 555 -61.93 31.68 -8.11
C ASP L 555 -62.37 33.07 -8.56
N ALA L 556 -61.44 34.01 -8.53
CA ALA L 556 -61.76 35.41 -8.83
C ALA L 556 -61.86 35.68 -10.31
N LEU L 557 -61.51 34.72 -11.17
CA LEU L 557 -61.62 34.93 -12.61
C LEU L 557 -63.08 35.06 -13.04
N GLU L 558 -63.97 34.28 -12.43
CA GLU L 558 -65.40 34.42 -12.69
C GLU L 558 -66.09 35.36 -11.71
N ASP L 559 -65.34 35.95 -10.78
CA ASP L 559 -65.91 36.96 -9.90
C ASP L 559 -66.30 38.21 -10.68
N VAL L 560 -65.51 38.58 -11.68
CA VAL L 560 -65.81 39.74 -12.51
C VAL L 560 -67.04 39.51 -13.37
N SER L 561 -67.43 38.25 -13.59
CA SER L 561 -68.60 37.87 -14.37
C SER L 561 -68.56 38.42 -15.79
N THR L 562 -69.72 38.48 -16.44
CA THR L 562 -69.83 38.99 -17.80
C THR L 562 -70.66 40.27 -17.78
N SER L 563 -70.06 41.36 -18.25
CA SER L 563 -70.66 42.68 -18.36
C SER L 563 -71.25 43.16 -17.04
N PRO L 564 -70.44 43.42 -16.00
CA PRO L 564 -71.00 44.02 -14.78
C PRO L 564 -71.48 45.44 -15.01
N GLN L 565 -70.61 46.27 -15.59
CA GLN L 565 -70.93 47.63 -16.00
C GLN L 565 -70.21 47.91 -17.31
N SER L 566 -70.28 49.15 -17.76
CA SER L 566 -69.51 49.61 -18.92
C SER L 566 -68.45 50.59 -18.45
N THR L 567 -67.66 51.09 -19.41
CA THR L 567 -66.57 52.00 -19.07
C THR L 567 -67.09 53.31 -18.50
N GLU L 568 -68.20 53.82 -19.05
CA GLU L 568 -68.71 55.13 -18.63
C GLU L 568 -69.14 55.12 -17.17
N GLU L 569 -69.80 54.04 -16.73
CA GLU L 569 -70.21 53.96 -15.33
C GLU L 569 -69.01 53.79 -14.41
N VAL L 570 -68.03 52.98 -14.82
CA VAL L 570 -66.88 52.73 -13.97
C VAL L 570 -66.00 53.97 -13.88
N VAL L 571 -65.79 54.68 -15.00
CA VAL L 571 -64.92 55.85 -14.97
C VAL L 571 -65.54 56.97 -14.16
N GLN L 572 -66.88 57.03 -14.08
CA GLN L 572 -67.51 58.10 -13.30
C GLN L 572 -67.68 57.71 -11.84
N SER L 573 -67.93 56.43 -11.56
CA SER L 573 -68.09 55.99 -10.18
C SER L 573 -66.81 56.19 -9.38
N PHE L 574 -65.66 56.13 -10.03
CA PHE L 574 -64.39 56.42 -9.36
C PHE L 574 -64.21 57.91 -9.13
N LEU L 575 -64.83 58.75 -9.96
CA LEU L 575 -64.65 60.20 -9.90
C LEU L 575 -65.78 60.91 -9.17
N ILE L 576 -67.02 60.45 -9.32
CA ILE L 576 -68.13 61.03 -8.56
C ILE L 576 -67.91 60.82 -7.07
N SER L 577 -67.49 59.62 -6.67
CA SER L 577 -67.16 59.34 -5.28
C SER L 577 -65.90 60.06 -4.82
N GLN L 578 -65.13 60.62 -5.75
CA GLN L 578 -63.91 61.34 -5.40
C GLN L 578 -64.20 62.82 -5.16
N GLU M 7 7.84 29.68 -30.90
CA GLU M 7 8.98 30.27 -31.61
C GLU M 7 8.51 31.24 -32.69
N TRP M 8 7.22 31.57 -32.66
CA TRP M 8 6.58 32.48 -33.61
C TRP M 8 6.75 31.96 -35.05
N ILE M 9 6.11 30.82 -35.30
CA ILE M 9 6.07 30.25 -36.64
C ILE M 9 4.95 30.94 -37.42
N PRO M 10 5.22 31.48 -38.61
CA PRO M 10 4.15 32.14 -39.37
C PRO M 10 3.06 31.17 -39.78
N GLU M 11 1.84 31.69 -39.86
CA GLU M 11 0.70 30.88 -40.28
C GLU M 11 0.79 30.55 -41.77
N THR M 12 0.24 29.40 -42.13
CA THR M 12 0.19 29.00 -43.52
C THR M 12 -0.70 29.96 -44.31
N LEU M 13 -0.40 30.12 -45.61
CA LEU M 13 -1.28 30.92 -46.45
C LEU M 13 -2.66 30.29 -46.55
N TYR M 14 -2.75 28.96 -46.42
CA TYR M 14 -4.05 28.32 -46.38
C TYR M 14 -4.84 28.75 -45.15
N ASN M 15 -4.22 28.64 -43.97
CA ASN M 15 -4.91 29.04 -42.73
C ASN M 15 -5.18 30.53 -42.71
N THR M 16 -4.26 31.34 -43.22
CA THR M 16 -4.48 32.78 -43.31
C THR M 16 -5.65 33.10 -44.23
N ALA M 17 -5.77 32.35 -45.34
CA ALA M 17 -6.90 32.56 -46.24
C ALA M 17 -8.20 31.99 -45.71
N ILE M 18 -8.16 30.99 -44.83
CA ILE M 18 -9.37 30.58 -44.13
C ILE M 18 -9.92 31.74 -43.32
N SER M 19 -9.07 32.40 -42.54
CA SER M 19 -9.53 33.47 -41.66
C SER M 19 -10.02 34.68 -42.45
N ALA M 20 -9.45 34.93 -43.63
CA ALA M 20 -9.92 36.04 -44.45
C ALA M 20 -11.28 35.74 -45.07
N VAL M 21 -11.50 34.51 -45.51
CA VAL M 21 -12.79 34.14 -46.09
C VAL M 21 -13.86 34.08 -45.02
N VAL M 22 -13.53 33.54 -43.84
CA VAL M 22 -14.50 33.48 -42.74
C VAL M 22 -14.88 34.88 -42.28
N ASP M 23 -13.91 35.81 -42.24
CA ASP M 23 -14.21 37.19 -41.89
C ASP M 23 -15.11 37.86 -42.92
N ASN M 24 -15.16 37.35 -44.14
CA ASN M 24 -16.06 37.88 -45.16
C ASN M 24 -17.08 36.81 -45.55
N TYR M 25 -17.62 36.12 -44.55
CA TYR M 25 -18.49 34.98 -44.82
C TYR M 25 -19.81 35.38 -45.45
N ILE M 26 -20.42 36.46 -44.95
CA ILE M 26 -21.79 36.80 -45.35
C ILE M 26 -21.85 37.13 -46.84
N ARG M 27 -20.89 37.90 -47.33
CA ARG M 27 -20.88 38.26 -48.74
C ARG M 27 -20.59 37.06 -49.63
N SER M 28 -19.72 36.15 -49.19
CA SER M 28 -19.25 35.05 -50.00
C SER M 28 -19.78 33.69 -49.53
N ARG M 29 -20.93 33.68 -48.85
CA ARG M 29 -21.47 32.42 -48.37
C ARG M 29 -21.97 31.53 -49.50
N ARG M 30 -22.31 32.10 -50.66
CA ARG M 30 -22.75 31.31 -51.80
C ARG M 30 -21.57 30.66 -52.52
N ASP M 31 -20.41 31.32 -52.53
CA ASP M 31 -19.26 30.81 -53.26
C ASP M 31 -18.49 29.77 -52.46
N ILE M 32 -18.58 29.80 -51.13
CA ILE M 32 -17.92 28.79 -50.31
C ILE M 32 -18.52 27.42 -50.57
N ARG M 33 -19.83 27.36 -50.83
CA ARG M 33 -20.49 26.10 -51.13
C ARG M 33 -19.98 25.46 -52.42
N SER M 34 -19.28 26.20 -53.27
CA SER M 34 -18.69 25.67 -54.49
C SER M 34 -17.20 25.39 -54.37
N LEU M 35 -16.65 25.45 -53.16
CA LEU M 35 -15.24 25.15 -52.93
C LEU M 35 -15.01 23.66 -52.85
N PRO M 36 -13.75 23.21 -52.99
CA PRO M 36 -13.43 21.81 -52.74
C PRO M 36 -13.79 21.40 -51.31
N GLU M 37 -14.08 20.11 -51.14
CA GLU M 37 -14.56 19.62 -49.86
C GLU M 37 -13.55 19.82 -48.74
N ASN M 38 -12.25 19.73 -49.05
CA ASN M 38 -11.25 19.93 -48.01
C ASN M 38 -11.21 21.39 -47.55
N ILE M 39 -11.35 22.32 -48.48
CA ILE M 39 -11.46 23.73 -48.09
C ILE M 39 -12.80 23.99 -47.43
N GLN M 40 -13.88 23.46 -48.00
CA GLN M 40 -15.23 23.78 -47.54
C GLN M 40 -15.43 23.33 -46.10
N PHE M 41 -14.90 22.17 -45.73
CA PHE M 41 -14.96 21.76 -44.33
C PHE M 41 -14.12 22.67 -43.45
N ASP M 42 -12.96 23.11 -43.94
CA ASP M 42 -12.09 23.95 -43.14
C ASP M 42 -12.65 25.36 -42.95
N VAL M 43 -13.36 25.88 -43.94
CA VAL M 43 -14.07 27.14 -43.75
C VAL M 43 -15.15 26.97 -42.70
N TYR M 44 -15.91 25.88 -42.77
CA TYR M 44 -16.97 25.63 -41.82
C TYR M 44 -16.43 25.28 -40.44
N TYR M 45 -15.30 24.60 -40.36
CA TYR M 45 -14.70 24.33 -39.06
C TYR M 45 -14.16 25.60 -38.42
N LYS M 46 -13.72 26.56 -39.22
CA LYS M 46 -13.26 27.83 -38.65
C LYS M 46 -14.43 28.64 -38.09
N LEU M 47 -15.61 28.54 -38.71
CA LEU M 47 -16.79 29.20 -38.17
C LEU M 47 -17.13 28.65 -36.80
N TYR M 48 -17.00 27.33 -36.61
CA TYR M 48 -17.20 26.77 -35.28
C TYR M 48 -16.14 27.26 -34.31
N GLN M 49 -14.88 27.29 -34.75
CA GLN M 49 -13.80 27.73 -33.87
C GLN M 49 -13.97 29.18 -33.46
N GLN M 50 -14.43 30.02 -34.39
CA GLN M 50 -14.75 31.41 -34.07
C GLN M 50 -16.01 31.55 -33.25
N GLY M 51 -16.76 30.47 -33.05
CA GLY M 51 -17.99 30.52 -32.28
C GLY M 51 -19.20 30.95 -33.06
N ARG M 52 -19.10 31.08 -34.38
CA ARG M 52 -20.22 31.51 -35.22
C ARG M 52 -21.06 30.28 -35.60
N LEU M 53 -21.73 29.73 -34.58
CA LEU M 53 -22.55 28.55 -34.79
C LEU M 53 -23.80 28.83 -35.61
N CYS M 54 -24.31 30.06 -35.58
CA CYS M 54 -25.49 30.37 -36.38
C CYS M 54 -25.15 30.49 -37.86
N GLN M 55 -23.99 31.06 -38.19
CA GLN M 55 -23.54 31.04 -39.59
C GLN M 55 -23.23 29.64 -40.04
N LEU M 56 -22.60 28.83 -39.17
CA LEU M 56 -22.28 27.46 -39.52
C LEU M 56 -23.52 26.58 -39.52
N GLY M 57 -24.39 26.74 -38.52
CA GLY M 57 -25.55 25.88 -38.39
C GLY M 57 -26.62 26.13 -39.44
N SER M 58 -26.63 27.30 -40.06
CA SER M 58 -27.58 27.59 -41.12
C SER M 58 -27.19 26.93 -42.43
N GLU M 59 -25.99 26.39 -42.53
CA GLU M 59 -25.57 25.61 -43.70
C GLU M 59 -25.56 24.11 -43.45
N PHE M 60 -25.34 23.69 -42.20
CA PHE M 60 -25.42 22.26 -41.89
C PHE M 60 -26.85 21.75 -41.90
N CYS M 61 -27.84 22.64 -41.83
CA CYS M 61 -29.23 22.26 -41.97
C CYS M 61 -29.59 21.85 -43.39
N GLU M 62 -28.72 22.10 -44.35
CA GLU M 62 -28.95 21.74 -45.74
C GLU M 62 -28.28 20.40 -46.02
N LEU M 63 -29.03 19.48 -46.65
CA LEU M 63 -28.51 18.14 -46.86
C LEU M 63 -27.34 18.13 -47.84
N GLU M 64 -27.42 18.93 -48.91
CA GLU M 64 -26.35 18.94 -49.90
C GLU M 64 -25.05 19.48 -49.31
N VAL M 65 -25.12 20.53 -48.51
CA VAL M 65 -23.93 21.09 -47.89
C VAL M 65 -23.34 20.12 -46.88
N PHE M 66 -24.20 19.48 -46.07
CA PHE M 66 -23.68 18.53 -45.10
C PHE M 66 -23.17 17.26 -45.76
N ALA M 67 -23.72 16.88 -46.92
CA ALA M 67 -23.19 15.73 -47.63
C ALA M 67 -21.78 16.00 -48.15
N LYS M 68 -21.45 17.26 -48.41
CA LYS M 68 -20.11 17.60 -48.87
C LYS M 68 -19.10 17.55 -47.74
N VAL M 69 -19.48 18.00 -46.53
CA VAL M 69 -18.55 17.96 -45.40
C VAL M 69 -18.49 16.59 -44.75
N LEU M 70 -19.39 15.68 -45.13
CA LEU M 70 -19.30 14.30 -44.69
C LEU M 70 -18.32 13.48 -45.52
N ARG M 71 -17.90 13.98 -46.68
CA ARG M 71 -16.97 13.28 -47.54
C ARG M 71 -15.52 13.52 -47.14
N ALA M 72 -15.27 14.34 -46.12
CA ALA M 72 -13.94 14.49 -45.53
C ALA M 72 -13.82 13.49 -44.40
N LEU M 73 -13.32 12.29 -44.73
CA LEU M 73 -13.35 11.19 -43.78
C LEU M 73 -12.33 11.35 -42.66
N ASP M 74 -11.18 11.96 -42.95
CA ASP M 74 -10.12 12.05 -41.94
C ASP M 74 -10.49 13.03 -40.83
N LYS M 75 -11.26 14.08 -41.16
CA LYS M 75 -11.65 15.09 -40.19
C LYS M 75 -13.04 14.84 -39.62
N ARG M 76 -13.43 13.57 -39.49
CA ARG M 76 -14.72 13.27 -38.88
C ARG M 76 -14.70 13.50 -37.38
N HIS M 77 -13.52 13.46 -36.75
CA HIS M 77 -13.42 13.77 -35.33
C HIS M 77 -13.70 15.23 -35.04
N LEU M 78 -13.61 16.10 -36.04
CA LEU M 78 -14.01 17.50 -35.90
C LEU M 78 -15.45 17.72 -36.28
N LEU M 79 -15.96 16.97 -37.27
CA LEU M 79 -17.37 17.09 -37.63
C LEU M 79 -18.27 16.55 -36.53
N HIS M 80 -17.84 15.47 -35.87
CA HIS M 80 -18.61 14.96 -34.73
C HIS M 80 -18.62 15.94 -33.57
N HIS M 81 -17.66 16.86 -33.52
CA HIS M 81 -17.58 17.85 -32.47
C HIS M 81 -18.24 19.17 -32.84
N CYS M 82 -18.31 19.49 -34.14
CA CYS M 82 -19.12 20.61 -34.59
C CYS M 82 -20.60 20.27 -34.56
N PHE M 83 -20.94 19.06 -34.98
CA PHE M 83 -22.34 18.64 -34.98
C PHE M 83 -22.91 18.61 -33.57
N GLN M 84 -22.15 18.06 -32.62
CA GLN M 84 -22.62 18.02 -31.24
C GLN M 84 -22.75 19.42 -30.66
N ALA M 85 -21.80 20.31 -30.98
CA ALA M 85 -21.92 21.69 -30.56
C ALA M 85 -23.10 22.40 -31.20
N LEU M 86 -23.52 21.96 -32.38
CA LEU M 86 -24.71 22.53 -33.02
C LEU M 86 -25.99 22.07 -32.34
N MET M 87 -26.08 20.77 -32.00
CA MET M 87 -27.26 20.27 -31.30
C MET M 87 -27.40 20.90 -29.92
N ASP M 88 -26.29 21.08 -29.21
CA ASP M 88 -26.33 21.79 -27.94
C ASP M 88 -26.65 23.26 -28.13
N HIS M 89 -26.29 23.84 -29.27
CA HIS M 89 -26.51 25.25 -29.53
C HIS M 89 -27.98 25.59 -29.64
N GLY M 90 -28.81 24.62 -29.96
CA GLY M 90 -30.25 24.82 -30.04
C GLY M 90 -30.87 24.61 -31.40
N VAL M 91 -30.09 24.26 -32.41
CA VAL M 91 -30.61 23.98 -33.74
C VAL M 91 -30.68 22.47 -33.91
N LYS M 92 -31.81 22.00 -34.45
CA LYS M 92 -32.06 20.56 -34.57
C LYS M 92 -31.55 20.09 -35.92
N VAL M 93 -30.23 20.15 -36.10
CA VAL M 93 -29.65 19.74 -37.38
C VAL M 93 -29.82 18.25 -37.62
N ALA M 94 -29.75 17.42 -36.57
CA ALA M 94 -29.96 15.99 -36.77
C ALA M 94 -31.38 15.69 -37.21
N SER M 95 -32.36 16.36 -36.61
CA SER M 95 -33.75 16.16 -37.01
C SER M 95 -34.02 16.69 -38.41
N VAL M 96 -33.44 17.84 -38.75
CA VAL M 96 -33.65 18.42 -40.07
C VAL M 96 -33.00 17.55 -41.14
N LEU M 97 -31.74 17.16 -40.93
CA LEU M 97 -31.04 16.38 -41.96
C LEU M 97 -31.68 15.01 -42.15
N ALA M 98 -32.17 14.40 -41.08
CA ALA M 98 -32.91 13.16 -41.22
C ALA M 98 -34.22 13.38 -41.96
N TYR M 99 -34.91 14.47 -41.68
CA TYR M 99 -36.17 14.77 -42.38
C TYR M 99 -35.91 15.30 -43.79
N SER M 100 -34.87 16.11 -43.97
CA SER M 100 -34.57 16.61 -45.30
C SER M 100 -34.12 15.50 -46.24
N PHE M 101 -33.39 14.51 -45.72
CA PHE M 101 -33.02 13.38 -46.55
C PHE M 101 -34.23 12.51 -46.89
N SER M 102 -35.04 12.20 -45.89
CA SER M 102 -36.20 11.32 -46.11
C SER M 102 -37.18 11.94 -47.08
N ARG M 103 -37.42 13.25 -46.97
CA ARG M 103 -38.29 13.92 -47.93
C ARG M 103 -37.69 13.91 -49.32
N ARG M 104 -36.38 14.17 -49.43
CA ARG M 104 -35.71 14.12 -50.73
C ARG M 104 -35.59 12.68 -51.24
N CYS M 105 -35.42 11.72 -50.33
CA CYS M 105 -35.31 10.33 -50.74
C CYS M 105 -36.61 9.82 -51.35
N SER M 106 -37.74 10.23 -50.80
CA SER M 106 -39.03 9.78 -51.31
C SER M 106 -39.38 10.39 -52.66
N TYR M 107 -38.63 11.38 -53.13
CA TYR M 107 -38.90 12.04 -54.39
C TYR M 107 -38.21 11.40 -55.58
N ILE M 108 -37.35 10.41 -55.35
CA ILE M 108 -36.65 9.72 -56.42
C ILE M 108 -37.06 8.25 -56.50
N ALA M 109 -38.19 7.91 -55.87
CA ALA M 109 -38.67 6.53 -55.90
C ALA M 109 -39.01 6.09 -57.32
N GLU M 110 -39.62 6.98 -58.10
CA GLU M 110 -39.93 6.72 -59.49
C GLU M 110 -38.79 7.07 -60.43
N SER M 111 -37.68 7.60 -59.91
CA SER M 111 -36.55 7.98 -60.74
C SER M 111 -35.72 6.76 -61.12
N ASP M 112 -34.64 7.01 -61.86
CA ASP M 112 -33.78 5.93 -62.34
C ASP M 112 -32.93 5.38 -61.19
N ALA M 113 -32.35 4.21 -61.44
CA ALA M 113 -31.53 3.54 -60.44
C ALA M 113 -30.13 4.12 -60.32
N ALA M 114 -29.73 4.99 -61.24
CA ALA M 114 -28.42 5.64 -61.11
C ALA M 114 -28.43 6.66 -59.97
N VAL M 115 -29.47 7.50 -59.92
CA VAL M 115 -29.61 8.44 -58.81
C VAL M 115 -29.98 7.70 -57.53
N LYS M 116 -30.84 6.68 -57.66
CA LYS M 116 -31.31 5.94 -56.48
C LYS M 116 -30.20 5.22 -55.75
N GLU M 117 -29.05 5.01 -56.39
CA GLU M 117 -27.91 4.43 -55.69
C GLU M 117 -26.98 5.49 -55.12
N LYS M 118 -26.97 6.69 -55.69
CA LYS M 118 -26.19 7.78 -55.10
C LYS M 118 -26.79 8.23 -53.77
N ALA M 119 -28.12 8.23 -53.67
CA ALA M 119 -28.78 8.64 -52.44
C ALA M 119 -28.50 7.67 -51.31
N ILE M 120 -28.45 6.37 -51.62
CA ILE M 120 -28.09 5.38 -50.60
C ILE M 120 -26.67 5.58 -50.14
N GLN M 121 -25.77 5.97 -51.05
CA GLN M 121 -24.42 6.34 -50.65
C GLN M 121 -24.44 7.56 -49.73
N VAL M 122 -25.28 8.55 -50.04
CA VAL M 122 -25.43 9.71 -49.17
C VAL M 122 -26.08 9.30 -47.85
N GLY M 123 -27.06 8.40 -47.91
CA GLY M 123 -27.75 7.99 -46.71
C GLY M 123 -26.94 7.11 -45.78
N PHE M 124 -25.94 6.41 -46.30
CA PHE M 124 -25.04 5.63 -45.46
C PHE M 124 -23.98 6.47 -44.77
N VAL M 125 -23.50 7.53 -45.43
CA VAL M 125 -22.53 8.39 -44.77
C VAL M 125 -23.23 9.39 -43.86
N LEU M 126 -24.50 9.66 -44.12
CA LEU M 126 -25.26 10.54 -43.24
C LEU M 126 -25.88 9.76 -42.08
N GLY M 127 -26.64 8.72 -42.39
CA GLY M 127 -27.21 7.89 -41.35
C GLY M 127 -26.16 7.19 -40.52
N GLY M 128 -25.06 6.79 -41.14
CA GLY M 128 -23.96 6.23 -40.38
C GLY M 128 -23.27 7.26 -39.52
N PHE M 129 -23.31 8.53 -39.91
CA PHE M 129 -22.78 9.59 -39.07
C PHE M 129 -23.68 9.84 -37.86
N LEU M 130 -25.00 9.93 -38.09
CA LEU M 130 -25.93 10.15 -37.00
C LEU M 130 -25.95 8.97 -36.05
N SER M 131 -25.83 7.75 -36.58
CA SER M 131 -25.69 6.58 -35.72
C SER M 131 -24.40 6.64 -34.92
N ASP M 132 -23.32 7.10 -35.54
CA ASP M 132 -22.07 7.29 -34.82
C ASP M 132 -22.17 8.42 -33.82
N ALA M 133 -22.88 9.51 -34.16
CA ALA M 133 -23.01 10.64 -33.27
C ALA M 133 -23.94 10.37 -32.10
N GLY M 134 -24.80 9.35 -32.20
CA GLY M 134 -25.72 9.04 -31.13
C GLY M 134 -27.15 9.46 -31.37
N TRP M 135 -27.50 9.91 -32.56
CA TRP M 135 -28.88 10.29 -32.86
C TRP M 135 -29.60 9.13 -33.54
N TYR M 136 -29.85 8.10 -32.72
CA TYR M 136 -30.46 6.87 -33.22
C TYR M 136 -31.89 7.08 -33.68
N SER M 137 -32.65 7.93 -32.98
CA SER M 137 -34.01 8.23 -33.42
C SER M 137 -34.03 8.96 -34.75
N ASP M 138 -32.94 9.64 -35.11
CA ASP M 138 -32.82 10.36 -36.36
C ASP M 138 -32.06 9.59 -37.42
N ALA M 139 -31.10 8.75 -37.02
CA ALA M 139 -30.45 7.86 -37.98
C ALA M 139 -31.41 6.79 -38.48
N GLU M 140 -32.37 6.38 -37.65
CA GLU M 140 -33.35 5.39 -38.07
C GLU M 140 -34.23 5.93 -39.18
N LYS M 141 -34.58 7.22 -39.12
CA LYS M 141 -35.39 7.81 -40.18
C LYS M 141 -34.62 7.88 -41.49
N VAL M 142 -33.30 8.07 -41.43
CA VAL M 142 -32.49 8.06 -42.64
C VAL M 142 -32.43 6.64 -43.22
N PHE M 143 -32.17 5.64 -42.37
CA PHE M 143 -32.00 4.28 -42.85
C PHE M 143 -33.29 3.67 -43.34
N LEU M 144 -34.43 4.05 -42.76
CA LEU M 144 -35.72 3.58 -43.26
C LEU M 144 -35.98 4.11 -44.67
N SER M 145 -35.45 5.29 -44.99
CA SER M 145 -35.57 5.81 -46.34
C SER M 145 -34.59 5.11 -47.28
N CYS M 146 -33.39 4.81 -46.80
CA CYS M 146 -32.45 4.03 -47.60
C CYS M 146 -32.98 2.62 -47.86
N LEU M 147 -33.59 2.01 -46.84
CA LEU M 147 -34.18 0.69 -47.02
C LEU M 147 -35.34 0.73 -48.01
N GLN M 148 -36.12 1.80 -47.99
CA GLN M 148 -37.23 1.92 -48.94
C GLN M 148 -36.72 2.03 -50.38
N LEU M 149 -35.53 2.57 -50.59
CA LEU M 149 -34.95 2.61 -51.93
C LEU M 149 -34.55 1.22 -52.41
N CYS M 150 -34.07 0.37 -51.51
CA CYS M 150 -33.60 -0.95 -51.90
C CYS M 150 -34.74 -1.88 -52.26
N THR M 151 -35.93 -1.64 -51.73
CA THR M 151 -37.07 -2.54 -51.91
C THR M 151 -38.10 -1.98 -52.88
N LEU M 152 -37.64 -1.31 -53.94
CA LEU M 152 -38.50 -0.89 -55.04
C LEU M 152 -38.13 -1.56 -56.35
N HIS M 153 -36.86 -1.55 -56.72
CA HIS M 153 -36.38 -2.29 -57.87
C HIS M 153 -35.65 -3.54 -57.39
N ASP M 154 -36.08 -4.70 -57.89
CA ASP M 154 -35.55 -5.98 -57.41
C ASP M 154 -34.39 -6.42 -58.29
N GLU M 155 -33.32 -5.62 -58.26
CA GLU M 155 -32.08 -5.95 -58.94
C GLU M 155 -31.15 -6.69 -57.98
N MET M 156 -30.13 -7.33 -58.56
CA MET M 156 -29.25 -8.19 -57.79
C MET M 156 -28.51 -7.41 -56.71
N LEU M 157 -28.03 -6.21 -57.03
CA LEU M 157 -27.30 -5.41 -56.05
C LEU M 157 -28.20 -4.88 -54.95
N HIS M 158 -29.51 -4.76 -55.19
CA HIS M 158 -30.40 -4.12 -54.23
C HIS M 158 -30.56 -4.94 -52.96
N TRP M 159 -30.66 -6.27 -53.08
CA TRP M 159 -30.72 -7.09 -51.87
C TRP M 159 -29.40 -7.09 -51.12
N PHE M 160 -28.29 -6.84 -51.80
CA PHE M 160 -27.01 -6.71 -51.13
C PHE M 160 -26.95 -5.45 -50.28
N ARG M 161 -27.74 -4.43 -50.62
CA ARG M 161 -27.77 -3.18 -49.88
C ARG M 161 -28.92 -3.11 -48.89
N ALA M 162 -30.03 -3.83 -49.16
CA ALA M 162 -31.15 -3.85 -48.23
C ALA M 162 -30.76 -4.49 -46.91
N VAL M 163 -29.93 -5.53 -46.95
CA VAL M 163 -29.38 -6.07 -45.71
C VAL M 163 -28.42 -5.08 -45.08
N GLU M 164 -27.64 -4.38 -45.90
CA GLU M 164 -26.68 -3.41 -45.37
C GLU M 164 -27.39 -2.24 -44.71
N CYS M 165 -28.61 -1.92 -45.14
CA CYS M 165 -29.47 -1.03 -44.36
C CYS M 165 -29.95 -1.72 -43.09
N CYS M 166 -30.43 -2.96 -43.23
CA CYS M 166 -31.04 -3.69 -42.12
C CYS M 166 -30.05 -4.12 -41.06
N VAL M 167 -28.74 -4.05 -41.33
CA VAL M 167 -27.77 -4.24 -40.26
C VAL M 167 -27.49 -2.94 -39.53
N ARG M 168 -27.61 -1.81 -40.23
CA ARG M 168 -27.49 -0.50 -39.60
C ARG M 168 -28.82 0.00 -39.04
N LEU M 169 -29.93 -0.34 -39.69
CA LEU M 169 -31.24 -0.08 -39.11
C LEU M 169 -31.43 -0.84 -37.80
N LEU M 170 -30.78 -1.98 -37.67
CA LEU M 170 -30.84 -2.75 -36.44
C LEU M 170 -29.88 -2.22 -35.38
N HIS M 171 -28.80 -1.55 -35.79
CA HIS M 171 -27.89 -0.95 -34.82
C HIS M 171 -28.48 0.31 -34.21
N VAL M 172 -29.20 1.11 -35.01
CA VAL M 172 -29.83 2.33 -34.50
C VAL M 172 -31.09 2.05 -33.71
N ARG M 173 -31.56 0.80 -33.66
CA ARG M 173 -32.68 0.43 -32.82
C ARG M 173 -32.24 -0.30 -31.55
N ASN M 174 -31.02 -0.85 -31.53
CA ASN M 174 -30.49 -1.42 -30.30
C ASN M 174 -30.05 -0.32 -29.33
N GLY M 175 -29.40 0.72 -29.85
CA GLY M 175 -29.00 1.83 -29.01
C GLY M 175 -30.15 2.74 -28.63
N ASN M 176 -31.23 2.71 -29.40
CA ASN M 176 -32.44 3.46 -29.08
C ASN M 176 -33.42 2.65 -28.25
N CYS M 177 -33.07 1.41 -27.90
CA CYS M 177 -33.92 0.52 -27.12
C CYS M 177 -35.28 0.30 -27.79
N LYS M 178 -35.28 0.19 -29.11
CA LYS M 178 -36.44 -0.32 -29.83
C LYS M 178 -36.25 -1.80 -30.12
N TYR M 179 -36.17 -2.60 -29.05
CA TYR M 179 -35.96 -4.03 -29.18
C TYR M 179 -37.16 -4.72 -29.83
N HIS M 180 -38.38 -4.25 -29.54
CA HIS M 180 -39.55 -4.87 -30.13
C HIS M 180 -39.67 -4.56 -31.62
N LEU M 181 -38.98 -3.52 -32.11
CA LEU M 181 -38.76 -3.38 -33.54
C LEU M 181 -37.47 -4.05 -33.99
N GLY M 182 -36.57 -4.37 -33.06
CA GLY M 182 -35.32 -4.99 -33.45
C GLY M 182 -35.50 -6.40 -34.02
N GLU M 183 -36.36 -7.20 -33.38
CA GLU M 183 -36.62 -8.54 -33.89
C GLU M 183 -37.31 -8.50 -35.24
N GLU M 184 -38.18 -7.50 -35.46
CA GLU M 184 -38.83 -7.35 -36.75
C GLU M 184 -37.84 -6.96 -37.83
N THR M 185 -36.77 -6.25 -37.46
CA THR M 185 -35.75 -5.87 -38.44
C THR M 185 -34.90 -7.07 -38.85
N PHE M 186 -34.48 -7.88 -37.87
CA PHE M 186 -33.68 -9.05 -38.19
C PHE M 186 -34.47 -10.06 -39.01
N LYS M 187 -35.76 -10.23 -38.70
CA LYS M 187 -36.61 -11.07 -39.53
C LYS M 187 -36.73 -10.50 -40.94
N LEU M 188 -36.78 -9.17 -41.05
CA LEU M 188 -36.78 -8.54 -42.37
C LEU M 188 -35.42 -8.68 -43.04
N ALA M 189 -34.34 -8.72 -42.27
CA ALA M 189 -33.01 -8.86 -42.84
C ALA M 189 -32.84 -10.21 -43.52
N GLN M 190 -33.35 -11.28 -42.89
CA GLN M 190 -33.26 -12.61 -43.49
C GLN M 190 -34.11 -12.75 -44.75
N THR M 191 -35.12 -11.89 -44.93
CA THR M 191 -35.92 -11.96 -46.16
C THR M 191 -35.06 -11.66 -47.37
N TYR M 192 -34.24 -10.62 -47.30
CA TYR M 192 -33.30 -10.33 -48.39
C TYR M 192 -32.03 -11.16 -48.28
N MET M 193 -31.70 -11.68 -47.10
CA MET M 193 -30.52 -12.53 -46.96
C MET M 193 -30.76 -13.89 -47.60
N ASP M 194 -31.93 -14.49 -47.35
CA ASP M 194 -32.26 -15.76 -47.98
C ASP M 194 -32.39 -15.62 -49.49
N LYS M 195 -33.06 -14.56 -49.94
CA LYS M 195 -33.26 -14.36 -51.38
C LYS M 195 -31.95 -14.08 -52.11
N LEU M 196 -31.02 -13.39 -51.45
CA LEU M 196 -29.70 -13.19 -52.05
C LEU M 196 -28.93 -14.50 -52.10
N SER M 197 -29.08 -15.36 -51.09
CA SER M 197 -28.38 -16.63 -51.08
C SER M 197 -28.90 -17.58 -52.15
N LYS M 198 -30.16 -17.40 -52.58
CA LYS M 198 -30.70 -18.23 -53.65
C LYS M 198 -29.98 -18.00 -54.96
N HIS M 199 -29.63 -16.75 -55.26
CA HIS M 199 -29.02 -16.41 -56.55
C HIS M 199 -27.50 -16.46 -56.47
N GLY M 200 -26.97 -17.56 -55.94
CA GLY M 200 -25.54 -17.83 -55.97
C GLY M 200 -24.66 -16.77 -55.33
N GLN M 201 -25.11 -16.20 -54.20
CA GLN M 201 -24.34 -15.14 -53.54
C GLN M 201 -24.65 -15.19 -52.06
N GLN M 202 -23.75 -15.77 -51.29
CA GLN M 202 -23.90 -15.88 -49.83
C GLN M 202 -23.31 -14.63 -49.20
N ALA M 203 -24.17 -13.66 -48.87
CA ALA M 203 -23.72 -12.46 -48.20
C ALA M 203 -23.22 -12.78 -46.79
N ASN M 204 -22.22 -12.03 -46.36
CA ASN M 204 -21.53 -12.33 -45.10
C ASN M 204 -22.43 -11.90 -43.93
N LYS M 205 -22.87 -12.88 -43.14
CA LYS M 205 -23.77 -12.64 -42.01
C LYS M 205 -22.98 -12.43 -40.73
N ALA M 206 -22.01 -11.51 -40.76
CA ALA M 206 -21.14 -11.26 -39.61
C ALA M 206 -21.57 -10.06 -38.79
N ALA M 207 -21.82 -8.91 -39.45
CA ALA M 207 -22.31 -7.74 -38.73
C ALA M 207 -23.77 -7.91 -38.34
N LEU M 208 -24.57 -8.54 -39.20
CA LEU M 208 -25.99 -8.73 -38.91
C LEU M 208 -26.19 -9.62 -37.69
N TYR M 209 -25.44 -10.72 -37.61
CA TYR M 209 -25.54 -11.60 -36.45
C TYR M 209 -24.92 -10.99 -35.21
N GLY M 210 -24.00 -10.04 -35.37
CA GLY M 210 -23.40 -9.39 -34.22
C GLY M 210 -24.34 -8.44 -33.53
N GLU M 211 -25.33 -7.91 -34.25
CA GLU M 211 -26.29 -7.00 -33.64
C GLU M 211 -27.20 -7.74 -32.66
N LEU M 212 -27.62 -8.97 -33.01
CA LEU M 212 -28.37 -9.78 -32.07
C LEU M 212 -27.55 -10.16 -30.84
N CYS M 213 -26.22 -10.21 -30.98
CA CYS M 213 -25.37 -10.40 -29.81
C CYS M 213 -25.46 -9.21 -28.86
N ALA M 214 -25.90 -8.06 -29.34
CA ALA M 214 -26.19 -6.91 -28.50
C ALA M 214 -27.67 -6.68 -28.27
N LEU M 215 -28.52 -7.07 -29.22
CA LEU M 215 -29.96 -6.99 -29.02
C LEU M 215 -30.42 -7.94 -27.92
N LEU M 216 -30.02 -9.21 -28.02
CA LEU M 216 -30.48 -10.21 -27.05
C LEU M 216 -29.74 -10.10 -25.72
N PHE M 217 -28.51 -9.58 -25.73
CA PHE M 217 -27.83 -9.30 -24.48
C PHE M 217 -28.53 -8.17 -23.73
N ALA M 218 -29.02 -7.15 -24.47
CA ALA M 218 -29.71 -6.05 -23.84
C ALA M 218 -31.00 -6.49 -23.17
N LYS M 219 -31.74 -7.40 -23.80
CA LYS M 219 -32.90 -8.01 -23.18
C LYS M 219 -32.54 -9.11 -22.20
N SER M 220 -31.24 -9.36 -22.00
CA SER M 220 -30.74 -10.44 -21.15
C SER M 220 -31.28 -11.80 -21.59
N HIS M 221 -31.23 -12.06 -22.89
CA HIS M 221 -31.41 -13.41 -23.40
C HIS M 221 -30.03 -14.05 -23.61
N TYR M 222 -29.33 -14.22 -22.49
CA TYR M 222 -27.92 -14.62 -22.54
C TYR M 222 -27.74 -15.98 -23.20
N ASP M 223 -28.63 -16.93 -22.90
CA ASP M 223 -28.59 -18.21 -23.60
C ASP M 223 -28.86 -18.04 -25.08
N GLU M 224 -29.80 -17.15 -25.43
CA GLU M 224 -30.08 -16.87 -26.83
C GLU M 224 -29.02 -15.97 -27.45
N ALA M 225 -28.46 -15.04 -26.67
CA ALA M 225 -27.41 -14.17 -27.19
C ALA M 225 -26.14 -14.94 -27.52
N TYR M 226 -25.76 -15.89 -26.65
CA TYR M 226 -24.57 -16.69 -26.90
C TYR M 226 -24.76 -17.60 -28.09
N LYS M 227 -26.01 -18.00 -28.39
CA LYS M 227 -26.27 -18.77 -29.60
C LYS M 227 -25.91 -17.98 -30.85
N TRP M 228 -26.25 -16.70 -30.88
CA TRP M 228 -25.90 -15.83 -31.98
C TRP M 228 -24.51 -15.22 -31.85
N CYS M 229 -23.90 -15.31 -30.66
CA CYS M 229 -22.50 -14.94 -30.53
C CYS M 229 -21.60 -15.89 -31.31
N ILE M 230 -21.89 -17.19 -31.26
CA ILE M 230 -21.13 -18.17 -32.01
C ILE M 230 -21.39 -18.01 -33.50
N GLU M 231 -22.66 -17.81 -33.88
CA GLU M 231 -23.01 -17.68 -35.29
C GLU M 231 -22.40 -16.44 -35.91
N ALA M 232 -22.18 -15.39 -35.11
CA ALA M 232 -21.57 -14.18 -35.66
C ALA M 232 -20.10 -14.39 -35.97
N MET M 233 -19.35 -15.02 -35.06
CA MET M 233 -17.92 -15.14 -35.25
C MET M 233 -17.54 -16.25 -36.21
N LYS M 234 -18.44 -17.18 -36.51
CA LYS M 234 -18.19 -18.13 -37.58
C LYS M 234 -18.10 -17.46 -38.94
N GLU M 235 -18.63 -16.24 -39.07
CA GLU M 235 -18.65 -15.53 -40.34
C GLU M 235 -17.60 -14.43 -40.40
N ILE M 236 -16.71 -14.33 -39.43
CA ILE M 236 -15.65 -13.34 -39.48
C ILE M 236 -14.59 -13.77 -40.49
N THR M 237 -14.26 -12.86 -41.40
CA THR M 237 -13.27 -13.10 -42.45
C THR M 237 -12.24 -11.99 -42.40
N ALA M 238 -10.99 -12.34 -42.76
CA ALA M 238 -9.91 -11.36 -42.71
C ALA M 238 -10.13 -10.21 -43.68
N GLY M 239 -10.94 -10.39 -44.72
CA GLY M 239 -11.25 -9.33 -45.65
C GLY M 239 -12.33 -8.37 -45.20
N LEU M 240 -12.94 -8.62 -44.05
CA LEU M 240 -13.99 -7.75 -43.55
C LEU M 240 -13.40 -6.41 -43.09
N PRO M 241 -14.22 -5.36 -43.08
CA PRO M 241 -13.78 -4.09 -42.47
C PRO M 241 -13.51 -4.29 -40.99
N VAL M 242 -12.53 -3.52 -40.49
CA VAL M 242 -12.17 -3.61 -39.08
C VAL M 242 -13.32 -3.15 -38.19
N LYS M 243 -14.08 -2.14 -38.64
CA LYS M 243 -15.23 -1.67 -37.86
C LYS M 243 -16.25 -2.78 -37.66
N VAL M 244 -16.50 -3.58 -38.70
CA VAL M 244 -17.41 -4.71 -38.57
C VAL M 244 -16.81 -5.77 -37.64
N VAL M 245 -15.52 -6.06 -37.81
CA VAL M 245 -14.87 -7.09 -36.99
C VAL M 245 -14.81 -6.68 -35.54
N VAL M 246 -14.43 -5.42 -35.27
CA VAL M 246 -14.33 -4.94 -33.90
C VAL M 246 -15.67 -5.02 -33.20
N ASP M 247 -16.75 -4.69 -33.92
CA ASP M 247 -18.09 -4.70 -33.33
C ASP M 247 -18.47 -6.10 -32.84
N VAL M 248 -18.16 -7.12 -33.63
CA VAL M 248 -18.51 -8.49 -33.24
C VAL M 248 -17.73 -8.92 -31.99
N LEU M 249 -16.44 -8.61 -31.94
CA LEU M 249 -15.63 -9.01 -30.80
C LEU M 249 -16.08 -8.34 -29.50
N ARG M 250 -16.50 -7.07 -29.57
CA ARG M 250 -17.04 -6.41 -28.39
C ARG M 250 -18.31 -7.09 -27.92
N GLN M 251 -19.25 -7.30 -28.83
CA GLN M 251 -20.53 -7.91 -28.47
C GLN M 251 -20.35 -9.35 -28.02
N ALA M 252 -19.44 -10.08 -28.67
CA ALA M 252 -19.14 -11.45 -28.23
C ALA M 252 -18.57 -11.46 -26.82
N SER M 253 -17.69 -10.51 -26.51
CA SER M 253 -17.16 -10.40 -25.16
C SER M 253 -18.26 -10.07 -24.16
N LYS M 254 -19.19 -9.18 -24.54
CA LYS M 254 -20.29 -8.83 -23.65
C LYS M 254 -21.19 -10.04 -23.39
N ALA M 255 -21.43 -10.85 -24.42
CA ALA M 255 -22.26 -12.04 -24.25
C ALA M 255 -21.54 -13.17 -23.55
N CYS M 256 -20.21 -13.22 -23.65
CA CYS M 256 -19.46 -14.30 -23.00
C CYS M 256 -19.38 -14.08 -21.49
N VAL M 257 -19.19 -12.84 -21.06
CA VAL M 257 -19.05 -12.55 -19.63
C VAL M 257 -20.32 -12.90 -18.88
N VAL M 258 -21.48 -12.53 -19.44
CA VAL M 258 -22.75 -12.80 -18.77
C VAL M 258 -23.13 -14.28 -18.77
N LYS M 259 -22.46 -15.10 -19.57
CA LYS M 259 -22.61 -16.54 -19.49
C LYS M 259 -21.71 -17.17 -18.43
N ARG M 260 -21.13 -16.35 -17.56
CA ARG M 260 -20.27 -16.79 -16.45
C ARG M 260 -19.06 -17.58 -16.95
N GLU M 261 -18.60 -17.27 -18.16
CA GLU M 261 -17.36 -17.83 -18.70
C GLU M 261 -16.43 -16.68 -19.05
N PHE M 262 -15.21 -16.72 -18.53
CA PHE M 262 -14.29 -15.61 -18.64
C PHE M 262 -13.05 -15.92 -19.46
N LYS M 263 -12.70 -17.20 -19.60
CA LYS M 263 -11.50 -17.58 -20.33
C LYS M 263 -11.58 -17.18 -21.79
N LYS M 264 -12.74 -17.43 -22.42
CA LYS M 264 -12.92 -17.07 -23.82
C LYS M 264 -13.18 -15.58 -24.02
N ALA M 265 -13.67 -14.89 -22.99
CA ALA M 265 -14.06 -13.49 -23.16
C ALA M 265 -12.85 -12.56 -23.19
N GLU M 266 -11.82 -12.85 -22.38
CA GLU M 266 -10.68 -11.95 -22.28
C GLU M 266 -9.92 -11.86 -23.60
N GLN M 267 -9.76 -13.00 -24.29
CA GLN M 267 -8.99 -12.99 -25.53
C GLN M 267 -9.71 -12.24 -26.65
N LEU M 268 -11.04 -12.14 -26.58
CA LEU M 268 -11.77 -11.43 -27.62
C LEU M 268 -11.69 -9.92 -27.44
N ILE M 269 -12.03 -9.42 -26.25
CA ILE M 269 -12.10 -7.98 -26.05
C ILE M 269 -10.71 -7.35 -26.06
N LYS M 270 -9.73 -8.02 -25.46
CA LYS M 270 -8.36 -7.50 -25.47
C LYS M 270 -7.82 -7.43 -26.89
N HIS M 271 -8.16 -8.40 -27.73
CA HIS M 271 -7.87 -8.29 -29.15
C HIS M 271 -8.63 -7.12 -29.76
N ALA M 272 -9.89 -6.95 -29.37
CA ALA M 272 -10.71 -5.87 -29.93
C ALA M 272 -10.18 -4.50 -29.53
N VAL M 273 -9.71 -4.36 -28.28
CA VAL M 273 -9.15 -3.09 -27.84
C VAL M 273 -7.91 -2.74 -28.66
N TYR M 274 -7.02 -3.72 -28.85
CA TYR M 274 -5.87 -3.49 -29.71
C TYR M 274 -6.27 -3.28 -31.16
N LEU M 275 -7.23 -4.07 -31.65
CA LEU M 275 -7.62 -3.97 -33.06
C LEU M 275 -8.26 -2.62 -33.36
N ALA M 276 -8.99 -2.05 -32.39
CA ALA M 276 -9.54 -0.71 -32.57
C ALA M 276 -8.48 0.36 -32.38
N ARG M 277 -7.52 0.13 -31.48
CA ARG M 277 -6.46 1.11 -31.26
C ARG M 277 -5.47 1.16 -32.42
N ASP M 278 -5.42 0.12 -33.24
CA ASP M 278 -4.47 0.10 -34.35
C ASP M 278 -5.02 0.87 -35.54
N HIS M 279 -6.18 0.45 -36.08
CA HIS M 279 -6.73 1.08 -37.27
C HIS M 279 -7.22 2.49 -36.95
N PHE M 280 -8.02 2.63 -35.90
CA PHE M 280 -8.70 3.89 -35.62
C PHE M 280 -7.82 4.87 -34.85
N GLY M 281 -7.33 4.46 -33.69
CA GLY M 281 -6.46 5.27 -32.86
C GLY M 281 -6.93 5.29 -31.43
N SER M 282 -6.27 6.11 -30.62
CA SER M 282 -6.60 6.23 -29.21
C SER M 282 -7.59 7.37 -28.93
N LYS M 283 -7.99 8.11 -29.96
CA LYS M 283 -8.94 9.22 -29.82
C LYS M 283 -10.05 9.09 -30.84
N HIS M 284 -10.59 7.88 -30.98
CA HIS M 284 -11.65 7.57 -31.93
C HIS M 284 -12.90 7.13 -31.17
N PRO M 285 -14.09 7.47 -31.66
CA PRO M 285 -15.31 6.98 -31.01
C PRO M 285 -15.40 5.47 -30.95
N LYS M 286 -14.94 4.77 -31.99
CA LYS M 286 -15.00 3.31 -31.97
C LYS M 286 -14.07 2.73 -30.92
N TYR M 287 -12.89 3.34 -30.74
CA TYR M 287 -11.98 2.87 -29.70
C TYR M 287 -12.59 3.04 -28.31
N SER M 288 -13.29 4.17 -28.08
CA SER M 288 -13.97 4.37 -26.81
C SER M 288 -15.12 3.38 -26.62
N ASP M 289 -15.73 2.94 -27.72
CA ASP M 289 -16.80 1.95 -27.63
C ASP M 289 -16.24 0.62 -27.12
N THR M 290 -15.03 0.26 -27.54
CA THR M 290 -14.40 -0.96 -27.04
C THR M 290 -14.07 -0.85 -25.57
N LEU M 291 -13.59 0.32 -25.13
CA LEU M 291 -13.18 0.50 -23.74
C LEU M 291 -14.36 0.32 -22.78
N LEU M 292 -15.52 0.87 -23.13
CA LEU M 292 -16.71 0.65 -22.31
C LEU M 292 -17.07 -0.83 -22.27
N ASP M 293 -16.93 -1.52 -23.40
CA ASP M 293 -17.13 -2.96 -23.40
C ASP M 293 -15.95 -3.69 -22.75
N TYR M 294 -14.77 -3.08 -22.77
CA TYR M 294 -13.62 -3.66 -22.07
C TYR M 294 -13.74 -3.46 -20.57
N GLY M 295 -14.21 -2.28 -20.14
CA GLY M 295 -14.49 -2.08 -18.73
C GLY M 295 -15.67 -2.88 -18.24
N PHE M 296 -16.54 -3.33 -19.14
CA PHE M 296 -17.59 -4.27 -18.77
C PHE M 296 -16.98 -5.59 -18.31
N TYR M 297 -15.92 -6.03 -18.97
CA TYR M 297 -15.19 -7.21 -18.52
C TYR M 297 -14.59 -7.01 -17.14
N LEU M 298 -13.83 -5.92 -16.97
CA LEU M 298 -13.06 -5.74 -15.75
C LEU M 298 -13.94 -5.59 -14.52
N LEU M 299 -15.06 -4.87 -14.66
CA LEU M 299 -15.97 -4.71 -13.53
C LEU M 299 -16.60 -6.03 -13.13
N ASN M 300 -16.93 -6.88 -14.10
CA ASN M 300 -17.61 -8.14 -13.79
C ASN M 300 -16.65 -9.17 -13.21
N VAL M 301 -15.38 -9.15 -13.63
CA VAL M 301 -14.41 -10.16 -13.19
C VAL M 301 -13.69 -9.67 -11.95
N ASP M 302 -14.25 -8.65 -11.30
CA ASP M 302 -13.80 -8.06 -10.03
C ASP M 302 -12.50 -7.29 -10.19
N ASN M 303 -11.99 -7.14 -11.42
CA ASN M 303 -10.84 -6.29 -11.69
C ASN M 303 -11.30 -4.83 -11.68
N ILE M 304 -11.58 -4.34 -10.48
CA ILE M 304 -12.32 -3.10 -10.33
C ILE M 304 -11.38 -1.89 -10.31
N CYS M 305 -10.17 -2.05 -9.77
CA CYS M 305 -9.27 -0.92 -9.60
C CYS M 305 -8.88 -0.30 -10.94
N GLN M 306 -8.62 -1.13 -11.95
CA GLN M 306 -8.30 -0.63 -13.28
C GLN M 306 -9.53 -0.43 -14.15
N SER M 307 -10.71 -0.87 -13.69
CA SER M 307 -11.91 -0.68 -14.49
C SER M 307 -12.34 0.78 -14.51
N VAL M 308 -12.05 1.53 -13.45
CA VAL M 308 -12.39 2.95 -13.42
C VAL M 308 -11.59 3.70 -14.48
N ALA M 309 -10.30 3.38 -14.60
CA ALA M 309 -9.44 4.08 -15.56
C ALA M 309 -9.88 3.81 -17.00
N ILE M 310 -10.33 2.58 -17.29
CA ILE M 310 -10.79 2.26 -18.64
C ILE M 310 -12.06 3.05 -18.97
N TYR M 311 -13.01 3.10 -18.04
CA TYR M 311 -14.20 3.92 -18.25
C TYR M 311 -13.86 5.41 -18.31
N GLN M 312 -12.92 5.85 -17.46
CA GLN M 312 -12.49 7.24 -17.52
C GLN M 312 -11.78 7.53 -18.84
N ALA M 313 -10.97 6.59 -19.33
CA ALA M 313 -10.35 6.75 -20.64
C ALA M 313 -11.41 6.77 -21.74
N ALA M 314 -12.43 5.92 -21.62
CA ALA M 314 -13.51 5.93 -22.61
C ALA M 314 -14.29 7.23 -22.57
N LEU M 315 -14.56 7.76 -21.37
CA LEU M 315 -15.28 9.02 -21.26
C LEU M 315 -14.48 10.18 -21.81
N ASP M 316 -13.16 10.19 -21.56
CA ASP M 316 -12.31 11.28 -22.04
C ASP M 316 -12.29 11.33 -23.57
N ILE M 317 -12.32 10.18 -24.23
CA ILE M 317 -12.43 10.18 -25.69
C ILE M 317 -13.76 10.76 -26.12
N ARG M 318 -14.85 10.35 -25.47
CA ARG M 318 -16.18 10.81 -25.85
C ARG M 318 -16.43 12.25 -25.42
N GLN M 319 -15.80 12.71 -24.34
CA GLN M 319 -15.96 14.10 -23.94
C GLN M 319 -15.26 15.06 -24.89
N SER M 320 -14.33 14.56 -25.72
CA SER M 320 -13.63 15.38 -26.69
C SER M 320 -14.25 15.28 -28.09
N VAL M 321 -14.50 14.07 -28.58
CA VAL M 321 -15.12 13.91 -29.88
C VAL M 321 -16.58 14.34 -29.86
N PHE M 322 -17.32 13.95 -28.83
CA PHE M 322 -18.77 14.07 -28.82
C PHE M 322 -19.28 15.21 -27.94
N GLY M 323 -18.54 16.31 -27.82
CA GLY M 323 -19.05 17.53 -27.24
C GLY M 323 -19.59 17.37 -25.83
N GLY M 324 -20.52 18.26 -25.48
CA GLY M 324 -21.10 18.27 -24.14
C GLY M 324 -22.21 17.29 -23.87
N LYS M 325 -23.35 17.45 -24.53
CA LYS M 325 -24.56 16.69 -24.19
C LYS M 325 -24.88 15.72 -25.32
N ASN M 326 -24.30 14.52 -25.21
CA ASN M 326 -24.52 13.46 -26.18
C ASN M 326 -24.87 12.18 -25.46
N ILE M 327 -25.63 11.30 -26.13
CA ILE M 327 -25.99 10.03 -25.52
C ILE M 327 -24.77 9.14 -25.37
N HIS M 328 -23.74 9.35 -26.20
CA HIS M 328 -22.52 8.58 -26.07
C HIS M 328 -21.67 9.05 -24.91
N VAL M 329 -21.69 10.36 -24.62
CA VAL M 329 -21.08 10.85 -23.39
C VAL M 329 -21.89 10.39 -22.18
N ALA M 330 -23.21 10.38 -22.29
CA ALA M 330 -24.06 9.98 -21.18
C ALA M 330 -23.90 8.51 -20.83
N THR M 331 -23.80 7.64 -21.85
CA THR M 331 -23.57 6.23 -21.58
C THR M 331 -22.19 6.00 -20.97
N ALA M 332 -21.21 6.83 -21.32
CA ALA M 332 -19.91 6.74 -20.66
C ALA M 332 -19.99 7.25 -19.23
N HIS M 333 -20.82 8.25 -18.98
CA HIS M 333 -20.98 8.76 -17.62
C HIS M 333 -21.66 7.74 -16.72
N GLU M 334 -22.78 7.17 -17.18
CA GLU M 334 -23.52 6.21 -16.35
C GLU M 334 -22.75 4.91 -16.16
N ASP M 335 -21.80 4.60 -17.05
CA ASP M 335 -20.97 3.42 -16.85
C ASP M 335 -19.81 3.71 -15.91
N LEU M 336 -19.19 4.90 -16.03
CA LEU M 336 -18.12 5.27 -15.12
C LEU M 336 -18.66 5.53 -13.72
N ALA M 337 -19.87 6.10 -13.61
CA ALA M 337 -20.45 6.36 -12.31
C ALA M 337 -20.72 5.07 -11.55
N TYR M 338 -21.21 4.04 -12.25
CA TYR M 338 -21.42 2.75 -11.60
C TYR M 338 -20.10 2.12 -11.17
N SER M 339 -19.08 2.20 -12.02
CA SER M 339 -17.78 1.66 -11.66
C SER M 339 -17.15 2.43 -10.52
N SER M 340 -17.28 3.76 -10.53
CA SER M 340 -16.82 4.56 -9.40
C SER M 340 -17.64 4.28 -8.16
N TYR M 341 -18.92 3.95 -8.32
CA TYR M 341 -19.72 3.47 -7.19
C TYR M 341 -19.17 2.17 -6.65
N VAL M 342 -18.83 1.23 -7.53
CA VAL M 342 -18.33 -0.06 -7.09
C VAL M 342 -16.94 0.06 -6.47
N HIS M 343 -16.06 0.82 -7.13
CA HIS M 343 -14.69 0.96 -6.64
C HIS M 343 -14.63 1.70 -5.31
N GLN M 344 -15.41 2.77 -5.18
CA GLN M 344 -15.42 3.57 -3.97
C GLN M 344 -16.50 3.12 -2.98
N TYR M 345 -17.09 1.95 -3.20
CA TYR M 345 -18.09 1.43 -2.26
C TYR M 345 -17.48 1.16 -0.89
N SER M 346 -16.27 0.59 -0.87
CA SER M 346 -15.61 0.33 0.40
C SER M 346 -15.24 1.63 1.11
N SER M 347 -14.76 2.62 0.36
CA SER M 347 -14.38 3.90 0.95
C SER M 347 -15.60 4.63 1.51
N GLY M 348 -16.72 4.58 0.79
CA GLY M 348 -17.93 5.25 1.21
C GLY M 348 -18.07 6.67 0.73
N LYS M 349 -17.08 7.21 0.03
CA LYS M 349 -17.14 8.56 -0.49
C LYS M 349 -17.64 8.52 -1.92
N PHE M 350 -18.75 9.20 -2.20
CA PHE M 350 -19.35 9.27 -3.53
C PHE M 350 -19.59 10.73 -3.89
N ASP M 351 -18.56 11.38 -4.41
CA ASP M 351 -18.65 12.72 -4.95
C ASP M 351 -18.33 12.77 -6.43
N ASN M 352 -17.28 12.07 -6.87
CA ASN M 352 -17.03 11.91 -8.29
C ASN M 352 -18.06 10.97 -8.93
N ALA M 353 -18.46 9.93 -8.21
CA ALA M 353 -19.44 8.99 -8.74
C ALA M 353 -20.81 9.63 -8.87
N LEU M 354 -21.22 10.42 -7.88
CA LEU M 354 -22.52 11.08 -7.95
C LEU M 354 -22.52 12.16 -9.02
N PHE M 355 -21.39 12.86 -9.19
CA PHE M 355 -21.30 13.88 -10.22
C PHE M 355 -21.46 13.27 -11.62
N HIS M 356 -20.84 12.11 -11.84
CA HIS M 356 -21.00 11.43 -13.13
C HIS M 356 -22.40 10.89 -13.29
N ALA M 357 -22.98 10.32 -12.23
CA ALA M 357 -24.34 9.78 -12.32
C ALA M 357 -25.36 10.89 -12.52
N GLU M 358 -25.18 12.03 -11.86
CA GLU M 358 -26.08 13.16 -12.07
C GLU M 358 -25.90 13.75 -13.46
N ARG M 359 -24.67 13.75 -13.98
CA ARG M 359 -24.43 14.27 -15.31
C ARG M 359 -25.07 13.37 -16.38
N ALA M 360 -25.03 12.06 -16.17
CA ALA M 360 -25.62 11.14 -17.15
C ALA M 360 -27.12 11.35 -17.28
N ILE M 361 -27.82 11.49 -16.16
CA ILE M 361 -29.26 11.74 -16.22
C ILE M 361 -29.54 13.15 -16.73
N GLY M 362 -28.65 14.10 -16.43
CA GLY M 362 -28.82 15.45 -16.95
C GLY M 362 -28.68 15.55 -18.46
N ILE M 363 -28.02 14.58 -19.08
CA ILE M 363 -27.90 14.54 -20.54
C ILE M 363 -29.03 13.75 -21.16
N ILE M 364 -29.35 12.58 -20.59
CA ILE M 364 -30.37 11.71 -21.16
C ILE M 364 -31.74 12.37 -21.10
N THR M 365 -32.07 13.00 -19.97
CA THR M 365 -33.36 13.68 -19.86
C THR M 365 -33.46 14.85 -20.83
N HIS M 366 -32.33 15.43 -21.21
CA HIS M 366 -32.34 16.57 -22.12
C HIS M 366 -32.60 16.16 -23.57
N ILE M 367 -32.07 15.02 -24.00
CA ILE M 367 -32.11 14.63 -25.41
C ILE M 367 -33.13 13.51 -25.66
N LEU M 368 -33.39 12.68 -24.69
CA LEU M 368 -34.32 11.57 -24.83
C LEU M 368 -35.59 11.82 -24.03
N PRO M 369 -36.70 11.20 -24.42
CA PRO M 369 -37.94 11.37 -23.65
C PRO M 369 -37.82 10.82 -22.24
N GLU M 370 -38.68 11.35 -21.36
CA GLU M 370 -38.67 10.93 -19.96
C GLU M 370 -39.20 9.52 -19.75
N ASP M 371 -39.76 8.89 -20.78
CA ASP M 371 -40.27 7.53 -20.71
C ASP M 371 -39.45 6.61 -21.60
N HIS M 372 -38.14 6.74 -21.56
CA HIS M 372 -37.24 6.02 -22.44
C HIS M 372 -36.39 5.06 -21.62
N LEU M 373 -35.98 3.95 -22.24
CA LEU M 373 -35.39 2.85 -21.49
C LEU M 373 -33.98 3.17 -21.00
N LEU M 374 -33.23 4.00 -21.71
CA LEU M 374 -31.89 4.34 -21.24
C LEU M 374 -31.92 5.12 -19.93
N LEU M 375 -33.06 5.71 -19.57
CA LEU M 375 -33.17 6.33 -18.26
C LEU M 375 -33.24 5.31 -17.14
N ALA M 376 -33.61 4.06 -17.44
CA ALA M 376 -33.66 3.03 -16.40
C ALA M 376 -32.28 2.73 -15.84
N SER M 377 -31.27 2.67 -16.70
CA SER M 377 -29.92 2.39 -16.23
C SER M 377 -29.29 3.61 -15.55
N SER M 378 -29.61 4.81 -16.04
CA SER M 378 -29.02 6.02 -15.46
C SER M 378 -29.66 6.34 -14.11
N LYS M 379 -30.98 6.19 -14.00
CA LYS M 379 -31.65 6.43 -12.72
C LYS M 379 -31.24 5.40 -11.69
N ARG M 380 -31.00 4.17 -12.12
CA ARG M 380 -30.56 3.11 -11.21
C ARG M 380 -29.19 3.44 -10.62
N VAL M 381 -28.27 3.89 -11.46
CA VAL M 381 -26.90 4.13 -11.01
C VAL M 381 -26.86 5.26 -9.98
N LYS M 382 -27.59 6.34 -10.22
CA LYS M 382 -27.64 7.42 -9.26
C LYS M 382 -28.32 7.01 -7.97
N ALA M 383 -29.37 6.18 -8.06
CA ALA M 383 -30.12 5.80 -6.88
C ALA M 383 -29.30 4.90 -5.96
N LEU M 384 -28.47 4.03 -6.54
CA LEU M 384 -27.54 3.25 -5.72
C LEU M 384 -26.56 4.17 -5.00
N ILE M 385 -26.14 5.24 -5.66
CA ILE M 385 -25.24 6.19 -5.04
C ILE M 385 -25.97 7.01 -3.98
N LEU M 386 -27.22 7.41 -4.26
CA LEU M 386 -27.97 8.22 -3.29
C LEU M 386 -28.23 7.47 -2.00
N GLU M 387 -28.61 6.19 -2.09
CA GLU M 387 -28.89 5.44 -0.86
C GLU M 387 -27.64 5.17 -0.05
N GLU M 388 -26.46 5.19 -0.68
CA GLU M 388 -25.22 4.95 0.05
C GLU M 388 -24.59 6.22 0.58
N ILE M 389 -24.92 7.38 0.01
CA ILE M 389 -24.48 8.64 0.62
C ILE M 389 -25.21 8.89 1.92
N ALA M 390 -26.53 8.64 1.94
CA ALA M 390 -27.33 8.94 3.11
C ALA M 390 -26.99 8.03 4.29
N ILE M 391 -26.66 6.77 4.02
CA ILE M 391 -26.23 5.87 5.09
C ILE M 391 -24.92 6.36 5.70
N ASP M 392 -23.99 6.80 4.85
CA ASP M 392 -22.68 7.21 5.35
C ASP M 392 -22.74 8.53 6.10
N CYS M 393 -23.70 9.40 5.78
CA CYS M 393 -23.83 10.63 6.55
C CYS M 393 -24.66 10.40 7.80
N HIS M 394 -24.58 11.36 8.72
CA HIS M 394 -25.17 11.20 10.04
C HIS M 394 -26.51 11.91 10.20
N ASN M 395 -26.88 12.80 9.28
CA ASN M 395 -28.13 13.53 9.42
C ASN M 395 -29.32 12.61 9.14
N LYS M 396 -30.30 12.63 10.04
CA LYS M 396 -31.48 11.78 9.87
C LYS M 396 -32.42 12.35 8.81
N GLU M 397 -32.58 13.66 8.77
CA GLU M 397 -33.45 14.27 7.76
C GLU M 397 -32.92 14.05 6.35
N THR M 398 -31.61 14.17 6.16
CA THR M 398 -31.00 13.83 4.88
C THR M 398 -31.14 12.35 4.59
N GLU M 399 -30.98 11.51 5.61
CA GLU M 399 -31.14 10.06 5.43
C GLU M 399 -32.57 9.71 5.02
N GLN M 400 -33.56 10.35 5.63
CA GLN M 400 -34.95 10.05 5.28
C GLN M 400 -35.37 10.67 3.96
N ARG M 401 -34.57 11.57 3.39
CA ARG M 401 -34.90 12.21 2.13
C ARG M 401 -34.17 11.60 0.94
N LEU M 402 -32.88 11.31 1.08
CA LEU M 402 -32.14 10.72 -0.03
C LEU M 402 -32.59 9.29 -0.31
N LEU M 403 -32.96 8.54 0.74
CA LEU M 403 -33.54 7.23 0.51
C LEU M 403 -34.85 7.32 -0.25
N GLN M 404 -35.69 8.30 0.09
CA GLN M 404 -36.92 8.50 -0.68
C GLN M 404 -36.62 9.07 -2.06
N GLU M 405 -35.58 9.89 -2.18
CA GLU M 405 -35.14 10.35 -3.49
C GLU M 405 -34.66 9.18 -4.34
N ALA M 406 -33.93 8.25 -3.72
CA ALA M 406 -33.57 7.00 -4.37
C ALA M 406 -34.75 6.03 -4.48
N HIS M 407 -35.79 6.24 -3.69
CA HIS M 407 -37.01 5.42 -3.84
C HIS M 407 -37.74 5.79 -5.12
N ASP M 408 -37.70 7.08 -5.49
CA ASP M 408 -38.32 7.52 -6.73
C ASP M 408 -37.64 6.88 -7.94
N LEU M 409 -36.31 6.81 -7.92
CA LEU M 409 -35.56 6.42 -9.10
C LEU M 409 -35.69 4.93 -9.39
N HIS M 410 -35.57 4.09 -8.36
CA HIS M 410 -35.65 2.64 -8.57
C HIS M 410 -37.01 2.21 -9.10
N LEU M 411 -38.09 2.75 -8.53
CA LEU M 411 -39.41 2.38 -9.02
C LEU M 411 -39.71 3.01 -10.37
N SER M 412 -39.18 4.20 -10.64
CA SER M 412 -39.26 4.74 -11.99
C SER M 412 -38.43 3.90 -12.95
N SER M 413 -37.24 3.46 -12.52
CA SER M 413 -36.42 2.59 -13.36
C SER M 413 -37.07 1.23 -13.53
N LEU M 414 -37.70 0.70 -12.48
CA LEU M 414 -38.30 -0.62 -12.56
C LEU M 414 -39.43 -0.66 -13.57
N GLN M 415 -40.24 0.41 -13.63
CA GLN M 415 -41.34 0.45 -14.59
C GLN M 415 -40.82 0.48 -16.02
N LEU M 416 -39.71 1.18 -16.26
CA LEU M 416 -39.12 1.19 -17.59
C LEU M 416 -38.64 -0.20 -18.00
N ALA M 417 -38.05 -0.93 -17.06
CA ALA M 417 -37.63 -2.31 -17.36
C ALA M 417 -38.82 -3.23 -17.45
N LYS M 418 -39.82 -3.05 -16.58
CA LYS M 418 -40.99 -3.92 -16.61
C LYS M 418 -41.81 -3.72 -17.87
N LYS M 419 -41.94 -2.47 -18.33
CA LYS M 419 -42.74 -2.20 -19.53
C LYS M 419 -42.07 -2.76 -20.78
N ALA M 420 -40.75 -2.65 -20.87
CA ALA M 420 -40.02 -3.05 -22.07
C ALA M 420 -39.61 -4.52 -22.01
N PHE M 421 -38.84 -4.89 -20.99
CA PHE M 421 -38.29 -6.24 -20.88
C PHE M 421 -39.29 -7.26 -20.37
N GLY M 422 -40.39 -6.82 -19.76
CA GLY M 422 -41.32 -7.72 -19.12
C GLY M 422 -40.97 -7.98 -17.67
N GLU M 423 -41.88 -8.69 -17.00
CA GLU M 423 -41.68 -8.98 -15.57
C GLU M 423 -40.56 -9.98 -15.36
N PHE M 424 -40.56 -11.06 -16.13
CA PHE M 424 -39.60 -12.15 -15.95
C PHE M 424 -38.38 -11.88 -16.82
N ASN M 425 -37.44 -11.10 -16.29
CA ASN M 425 -36.18 -10.85 -16.98
C ASN M 425 -35.15 -10.44 -15.93
N VAL M 426 -33.88 -10.49 -16.34
CA VAL M 426 -32.79 -10.23 -15.39
C VAL M 426 -32.79 -8.78 -14.93
N GLN M 427 -32.99 -7.83 -15.86
CA GLN M 427 -33.00 -6.42 -15.46
C GLN M 427 -34.13 -6.11 -14.50
N THR M 428 -35.31 -6.67 -14.74
CA THR M 428 -36.42 -6.48 -13.81
C THR M 428 -36.09 -7.07 -12.45
N ALA M 429 -35.50 -8.26 -12.43
CA ALA M 429 -35.07 -8.87 -11.17
C ALA M 429 -33.93 -8.08 -10.54
N LYS M 430 -33.02 -7.56 -11.37
CA LYS M 430 -31.91 -6.77 -10.86
C LYS M 430 -32.39 -5.46 -10.24
N HIS M 431 -33.51 -4.92 -10.72
CA HIS M 431 -34.10 -3.76 -10.07
C HIS M 431 -34.82 -4.14 -8.78
N TYR M 432 -35.31 -5.38 -8.68
CA TYR M 432 -35.89 -5.85 -7.43
C TYR M 432 -34.83 -5.96 -6.34
N GLY M 433 -33.64 -6.43 -6.70
CA GLY M 433 -32.56 -6.53 -5.72
C GLY M 433 -32.14 -5.18 -5.19
N ASN M 434 -32.15 -4.16 -6.04
CA ASN M 434 -31.87 -2.80 -5.58
C ASN M 434 -32.98 -2.27 -4.70
N LEU M 435 -34.24 -2.63 -4.99
CA LEU M 435 -35.32 -2.33 -4.06
C LEU M 435 -35.16 -3.12 -2.77
N GLY M 436 -34.57 -4.32 -2.84
CA GLY M 436 -34.27 -5.05 -1.62
C GLY M 436 -33.25 -4.34 -0.76
N ARG M 437 -32.20 -3.80 -1.37
CA ARG M 437 -31.29 -2.92 -0.65
C ARG M 437 -32.01 -1.68 -0.16
N LEU M 438 -32.88 -1.12 -1.00
CA LEU M 438 -33.55 0.13 -0.68
C LEU M 438 -34.49 -0.02 0.50
N TYR M 439 -35.31 -1.08 0.49
CA TYR M 439 -36.27 -1.28 1.56
C TYR M 439 -35.59 -1.62 2.87
N GLN M 440 -34.43 -2.28 2.81
CA GLN M 440 -33.67 -2.58 4.03
C GLN M 440 -33.19 -1.30 4.71
N SER M 441 -32.75 -0.33 3.93
CA SER M 441 -32.21 0.91 4.48
C SER M 441 -33.30 1.93 4.82
N MET M 442 -34.55 1.69 4.41
CA MET M 442 -35.65 2.58 4.72
C MET M 442 -36.47 2.10 5.91
N ARG M 443 -35.92 1.18 6.71
CA ARG M 443 -36.54 0.58 7.88
C ARG M 443 -37.81 -0.20 7.56
N LYS M 444 -38.04 -0.53 6.29
CA LYS M 444 -39.13 -1.41 5.88
C LYS M 444 -38.55 -2.79 5.63
N PHE M 445 -38.38 -3.54 6.73
CA PHE M 445 -37.64 -4.79 6.66
C PHE M 445 -38.44 -5.90 6.00
N LYS M 446 -39.76 -5.93 6.20
CA LYS M 446 -40.56 -7.02 5.66
C LYS M 446 -40.70 -6.93 4.13
N GLU M 447 -40.68 -5.71 3.58
CA GLU M 447 -40.72 -5.54 2.14
C GLU M 447 -39.39 -5.86 1.48
N ALA M 448 -38.27 -5.70 2.19
CA ALA M 448 -36.97 -6.02 1.62
C ALA M 448 -36.83 -7.52 1.38
N GLU M 449 -37.43 -8.34 2.23
CA GLU M 449 -37.35 -9.79 2.05
C GLU M 449 -38.14 -10.25 0.83
N GLU M 450 -39.38 -9.79 0.70
CA GLU M 450 -40.21 -10.21 -0.43
C GLU M 450 -39.70 -9.71 -1.76
N MET M 451 -38.92 -8.62 -1.77
CA MET M 451 -38.25 -8.19 -2.99
C MET M 451 -37.10 -9.13 -3.34
N HIS M 452 -36.29 -9.49 -2.34
CA HIS M 452 -35.16 -10.38 -2.58
C HIS M 452 -35.62 -11.76 -3.02
N ILE M 453 -36.66 -12.29 -2.39
CA ILE M 453 -37.20 -13.59 -2.80
C ILE M 453 -37.70 -13.52 -4.24
N LYS M 454 -38.39 -12.43 -4.59
CA LYS M 454 -38.81 -12.24 -5.97
C LYS M 454 -37.61 -12.00 -6.88
N ALA M 455 -36.59 -11.31 -6.38
CA ALA M 455 -35.39 -11.07 -7.19
C ALA M 455 -34.65 -12.37 -7.46
N ILE M 456 -34.51 -13.22 -6.45
CA ILE M 456 -33.79 -14.49 -6.63
C ILE M 456 -34.58 -15.43 -7.52
N GLN M 457 -35.89 -15.57 -7.27
CA GLN M 457 -36.70 -16.54 -7.98
C GLN M 457 -36.78 -16.26 -9.48
N ILE M 458 -36.46 -15.04 -9.91
CA ILE M 458 -36.35 -14.71 -11.31
C ILE M 458 -34.91 -14.86 -11.81
N LYS M 459 -33.94 -14.40 -11.01
CA LYS M 459 -32.53 -14.58 -11.37
C LYS M 459 -32.16 -16.05 -11.38
N GLU M 460 -32.64 -16.82 -10.41
CA GLU M 460 -32.36 -18.25 -10.36
C GLU M 460 -33.00 -19.00 -11.52
N GLN M 461 -34.15 -18.53 -12.00
CA GLN M 461 -34.92 -19.30 -12.98
C GLN M 461 -34.28 -19.24 -14.36
N LEU M 462 -34.21 -18.05 -14.96
CA LEU M 462 -33.73 -17.94 -16.33
C LEU M 462 -32.22 -18.14 -16.42
N LEU M 463 -31.47 -17.51 -15.52
CA LEU M 463 -30.01 -17.61 -15.57
C LEU M 463 -29.55 -19.01 -15.15
N GLY M 464 -30.06 -19.52 -14.05
CA GLY M 464 -29.66 -20.82 -13.56
C GLY M 464 -29.40 -20.83 -12.07
N GLN M 465 -28.97 -21.98 -11.54
CA GLN M 465 -28.73 -22.10 -10.11
C GLN M 465 -27.46 -21.36 -9.69
N GLU M 466 -26.38 -21.51 -10.46
CA GLU M 466 -25.08 -20.93 -10.14
C GLU M 466 -24.79 -19.81 -11.12
N ASP M 467 -24.88 -18.57 -10.66
CA ASP M 467 -24.65 -17.40 -11.51
C ASP M 467 -24.12 -16.26 -10.67
N TYR M 468 -23.46 -15.32 -11.34
CA TYR M 468 -22.95 -14.13 -10.67
C TYR M 468 -24.10 -13.27 -10.15
N GLU M 469 -25.12 -13.06 -10.97
CA GLU M 469 -26.21 -12.15 -10.60
C GLU M 469 -27.02 -12.69 -9.43
N VAL M 470 -27.34 -13.99 -9.45
CA VAL M 470 -28.17 -14.54 -8.38
C VAL M 470 -27.39 -14.58 -7.07
N ALA M 471 -26.09 -14.90 -7.13
CA ALA M 471 -25.31 -14.99 -5.90
C ALA M 471 -25.06 -13.63 -5.28
N LEU M 472 -25.00 -12.58 -6.10
CA LEU M 472 -24.75 -11.25 -5.58
C LEU M 472 -25.95 -10.75 -4.77
N SER M 473 -27.16 -11.18 -5.15
CA SER M 473 -28.36 -10.77 -4.42
C SER M 473 -28.67 -11.68 -3.25
N VAL M 474 -28.15 -12.92 -3.24
CA VAL M 474 -28.29 -13.79 -2.07
C VAL M 474 -27.58 -13.16 -0.87
N GLY M 475 -26.38 -12.62 -1.09
CA GLY M 475 -25.65 -11.99 -0.01
C GLY M 475 -26.40 -10.82 0.61
N HIS M 476 -27.12 -10.06 -0.22
CA HIS M 476 -27.99 -9.02 0.32
C HIS M 476 -29.13 -9.61 1.13
N LEU M 477 -29.74 -10.68 0.63
CA LEU M 477 -30.77 -11.38 1.40
C LEU M 477 -30.17 -12.01 2.65
N ALA M 478 -28.97 -12.58 2.53
CA ALA M 478 -28.27 -13.12 3.70
C ALA M 478 -27.94 -12.02 4.70
N SER M 479 -27.51 -10.85 4.21
CA SER M 479 -27.24 -9.73 5.10
C SER M 479 -28.51 -9.21 5.74
N LEU M 480 -29.64 -9.31 5.05
CA LEU M 480 -30.91 -8.90 5.63
C LEU M 480 -31.33 -9.83 6.76
N TYR M 481 -31.28 -11.14 6.52
CA TYR M 481 -31.62 -12.12 7.55
C TYR M 481 -30.68 -12.06 8.75
N ASN M 482 -29.48 -11.50 8.58
CA ASN M 482 -28.45 -11.56 9.62
C ASN M 482 -28.41 -10.30 10.47
N TYR M 483 -28.26 -9.14 9.84
CA TYR M 483 -27.88 -7.94 10.60
C TYR M 483 -29.05 -7.37 11.41
N ASP M 484 -30.24 -7.31 10.83
CA ASP M 484 -31.29 -6.49 11.44
C ASP M 484 -32.57 -7.23 11.76
N MET M 485 -33.03 -8.18 10.94
CA MET M 485 -34.28 -8.86 11.25
C MET M 485 -34.08 -10.17 12.00
N ASN M 486 -32.83 -10.53 12.32
CA ASN M 486 -32.51 -11.60 13.27
C ASN M 486 -33.05 -12.96 12.85
N GLN M 487 -32.98 -13.25 11.55
CA GLN M 487 -33.27 -14.59 11.05
C GLN M 487 -31.95 -15.35 10.82
N TYR M 488 -31.32 -15.69 11.93
CA TYR M 488 -29.99 -16.31 11.87
C TYR M 488 -30.03 -17.74 11.35
N GLU M 489 -31.17 -18.41 11.43
CA GLU M 489 -31.24 -19.80 10.97
C GLU M 489 -31.24 -19.88 9.44
N ASN M 490 -31.71 -18.85 8.77
CA ASN M 490 -31.77 -18.84 7.31
C ASN M 490 -30.56 -18.19 6.66
N ALA M 491 -29.92 -17.25 7.35
CA ALA M 491 -28.78 -16.54 6.78
C ALA M 491 -27.54 -17.43 6.65
N GLU M 492 -27.47 -18.52 7.41
CA GLU M 492 -26.27 -19.35 7.38
C GLU M 492 -26.11 -20.05 6.04
N LYS M 493 -27.20 -20.61 5.49
CA LYS M 493 -27.09 -21.30 4.22
C LYS M 493 -26.94 -20.32 3.06
N LEU M 494 -27.49 -19.11 3.19
CA LEU M 494 -27.39 -18.13 2.11
C LEU M 494 -25.99 -17.53 2.03
N TYR M 495 -25.37 -17.28 3.18
CA TYR M 495 -24.00 -16.77 3.17
C TYR M 495 -23.03 -17.76 2.54
N LEU M 496 -23.20 -19.05 2.86
CA LEU M 496 -22.35 -20.07 2.26
C LEU M 496 -22.65 -20.24 0.77
N ARG M 497 -23.92 -20.13 0.39
CA ARG M 497 -24.29 -20.26 -1.02
C ARG M 497 -23.68 -19.14 -1.85
N SER M 498 -23.70 -17.90 -1.33
CA SER M 498 -23.09 -16.79 -2.04
C SER M 498 -21.58 -16.96 -2.16
N ILE M 499 -20.95 -17.45 -1.09
CA ILE M 499 -19.50 -17.63 -1.10
C ILE M 499 -19.10 -18.76 -2.03
N ALA M 500 -19.88 -19.86 -2.04
CA ALA M 500 -19.55 -21.00 -2.88
C ALA M 500 -19.58 -20.63 -4.37
N ILE M 501 -20.59 -19.84 -4.78
CA ILE M 501 -20.64 -19.38 -6.16
C ILE M 501 -19.52 -18.38 -6.43
N GLY M 502 -19.23 -17.51 -5.47
CA GLY M 502 -18.15 -16.56 -5.63
C GLY M 502 -16.80 -17.23 -5.73
N LYS M 503 -16.58 -18.29 -4.95
CA LYS M 503 -15.34 -19.05 -5.06
C LYS M 503 -15.24 -19.76 -6.40
N LYS M 504 -16.37 -20.24 -6.92
CA LYS M 504 -16.35 -21.04 -8.15
C LYS M 504 -15.90 -20.20 -9.35
N LEU M 505 -16.42 -18.97 -9.47
CA LEU M 505 -16.13 -18.14 -10.63
C LEU M 505 -15.01 -17.15 -10.42
N PHE M 506 -14.67 -16.83 -9.17
CA PHE M 506 -13.72 -15.78 -8.89
C PHE M 506 -12.59 -16.21 -7.95
N GLY M 507 -12.73 -17.35 -7.28
CA GLY M 507 -11.72 -17.75 -6.32
C GLY M 507 -11.78 -16.91 -5.05
N GLU M 508 -10.63 -16.81 -4.38
CA GLU M 508 -10.55 -16.04 -3.15
C GLU M 508 -10.35 -14.55 -3.38
N GLY M 509 -10.15 -14.12 -4.62
CA GLY M 509 -9.95 -12.72 -4.94
C GLY M 509 -11.20 -11.90 -5.11
N TYR M 510 -12.37 -12.50 -4.89
CA TYR M 510 -13.62 -11.77 -5.06
C TYR M 510 -13.82 -10.78 -3.92
N SER M 511 -14.09 -9.53 -4.28
CA SER M 511 -14.15 -8.45 -3.28
C SER M 511 -15.40 -8.51 -2.43
N GLY M 512 -16.44 -9.19 -2.87
CA GLY M 512 -17.65 -9.29 -2.07
C GLY M 512 -17.60 -10.28 -0.94
N LEU M 513 -16.52 -11.06 -0.84
CA LEU M 513 -16.38 -12.00 0.27
C LEU M 513 -16.18 -11.27 1.59
N GLU M 514 -15.64 -10.05 1.55
CA GLU M 514 -15.46 -9.27 2.77
C GLU M 514 -16.80 -8.96 3.41
N TYR M 515 -17.80 -8.58 2.61
CA TYR M 515 -19.13 -8.35 3.13
C TYR M 515 -19.84 -9.65 3.52
N ASP M 516 -19.34 -10.78 3.04
CA ASP M 516 -19.89 -12.08 3.42
C ASP M 516 -19.20 -12.65 4.65
N TYR M 517 -17.87 -12.52 4.73
CA TYR M 517 -17.15 -12.97 5.91
C TYR M 517 -17.51 -12.14 7.14
N ARG M 518 -17.64 -10.82 6.97
CA ARG M 518 -18.06 -9.97 8.07
C ARG M 518 -19.48 -10.28 8.51
N GLY M 519 -20.35 -10.64 7.56
CA GLY M 519 -21.68 -11.08 7.94
C GLY M 519 -21.67 -12.39 8.71
N LEU M 520 -20.79 -13.31 8.30
CA LEU M 520 -20.67 -14.58 9.03
C LEU M 520 -20.15 -14.37 10.44
N ILE M 521 -19.26 -13.39 10.63
CA ILE M 521 -18.79 -13.04 11.97
C ILE M 521 -19.94 -12.54 12.82
N LYS M 522 -20.77 -11.66 12.24
CA LYS M 522 -21.95 -11.17 12.94
C LYS M 522 -23.00 -12.27 13.11
N LEU M 523 -22.97 -13.28 12.22
CA LEU M 523 -23.96 -14.36 12.29
C LEU M 523 -23.84 -15.15 13.58
N TYR M 524 -22.61 -15.46 14.00
CA TYR M 524 -22.38 -16.34 15.13
C TYR M 524 -22.19 -15.60 16.45
N ASN M 525 -21.94 -14.29 16.42
CA ASN M 525 -21.77 -13.54 17.66
C ASN M 525 -23.08 -13.37 18.43
N SER M 526 -24.22 -13.69 17.82
CA SER M 526 -25.51 -13.56 18.49
C SER M 526 -26.20 -14.89 18.77
N ILE M 527 -25.68 -16.00 18.27
CA ILE M 527 -26.29 -17.30 18.49
C ILE M 527 -25.36 -18.30 19.15
N GLY M 528 -24.04 -18.13 19.06
CA GLY M 528 -23.12 -19.10 19.62
C GLY M 528 -22.13 -19.62 18.59
N ASN M 529 -21.48 -20.74 18.91
CA ASN M 529 -20.46 -21.35 18.06
C ASN M 529 -19.34 -20.35 17.78
N TYR M 530 -18.67 -19.95 18.86
CA TYR M 530 -17.60 -18.97 18.79
C TYR M 530 -16.31 -19.53 18.20
N GLU M 531 -16.23 -20.86 18.02
CA GLU M 531 -15.04 -21.44 17.38
C GLU M 531 -14.94 -21.02 15.92
N LYS M 532 -16.07 -20.95 15.22
CA LYS M 532 -16.06 -20.52 13.82
C LYS M 532 -15.82 -19.02 13.68
N VAL M 533 -16.08 -18.23 14.72
CA VAL M 533 -15.80 -16.80 14.67
C VAL M 533 -14.31 -16.57 14.52
N PHE M 534 -13.50 -17.29 15.28
CA PHE M 534 -12.05 -17.21 15.13
C PHE M 534 -11.62 -17.70 13.75
N GLU M 535 -12.24 -18.78 13.28
CA GLU M 535 -11.90 -19.33 11.96
C GLU M 535 -12.25 -18.35 10.85
N TYR M 536 -13.47 -17.81 10.87
CA TYR M 536 -13.90 -16.90 9.82
C TYR M 536 -13.16 -15.58 9.90
N HIS M 537 -12.78 -15.14 11.10
CA HIS M 537 -11.90 -13.98 11.22
C HIS M 537 -10.54 -14.27 10.61
N ASN M 538 -10.03 -15.49 10.81
CA ASN M 538 -8.80 -15.90 10.15
C ASN M 538 -9.00 -15.98 8.64
N VAL M 539 -10.15 -16.50 8.19
CA VAL M 539 -10.46 -16.51 6.76
C VAL M 539 -10.58 -15.08 6.23
N LEU M 540 -11.22 -14.21 7.00
CA LEU M 540 -11.25 -12.79 6.66
C LEU M 540 -9.84 -12.21 6.66
N SER M 541 -9.02 -12.59 7.64
CA SER M 541 -7.61 -12.20 7.62
C SER M 541 -6.88 -12.83 6.43
N ASN M 542 -7.18 -14.09 6.12
CA ASN M 542 -6.59 -14.73 4.95
C ASN M 542 -7.04 -14.05 3.67
N TRP M 543 -8.31 -13.65 3.61
CA TRP M 543 -8.79 -12.89 2.46
C TRP M 543 -8.14 -11.51 2.38
N ASN M 544 -7.80 -10.93 3.53
CA ASN M 544 -7.33 -9.55 3.56
C ASN M 544 -5.99 -9.39 2.85
N ARG M 545 -5.00 -10.22 3.21
CA ARG M 545 -3.69 -10.10 2.58
C ARG M 545 -3.64 -10.75 1.20
N LEU M 546 -4.54 -11.69 0.91
CA LEU M 546 -4.64 -12.21 -0.45
C LEU M 546 -5.28 -11.18 -1.38
N ARG M 547 -6.17 -10.34 -0.86
CA ARG M 547 -6.73 -9.26 -1.65
C ARG M 547 -5.66 -8.26 -2.05
N ASP M 548 -4.64 -8.07 -1.21
CA ASP M 548 -3.54 -7.15 -1.50
C ASP M 548 -2.40 -7.86 -2.24
N ARG M 549 -2.76 -8.56 -3.32
CA ARG M 549 -1.76 -9.26 -4.14
C ARG M 549 -1.97 -9.08 -5.64
N GLN M 550 -3.16 -8.72 -6.11
CA GLN M 550 -3.45 -8.71 -7.54
C GLN M 550 -3.94 -7.37 -8.08
N TYR M 551 -4.51 -6.50 -7.25
CA TYR M 551 -5.01 -5.22 -7.77
C TYR M 551 -3.88 -4.26 -8.11
N SER M 552 -2.65 -4.55 -7.69
CA SER M 552 -1.51 -3.70 -7.96
C SER M 552 -0.92 -3.93 -9.34
N VAL M 553 -1.54 -4.80 -10.16
CA VAL M 553 -1.07 -4.99 -11.52
C VAL M 553 -1.29 -3.69 -12.31
N THR M 554 -0.50 -3.51 -13.36
CA THR M 554 -0.49 -2.27 -14.14
C THR M 554 -1.86 -2.01 -14.76
N ASP M 555 -2.02 -0.79 -15.27
CA ASP M 555 -3.29 -0.38 -15.86
C ASP M 555 -3.59 -1.23 -17.10
N ALA M 556 -4.88 -1.51 -17.29
CA ALA M 556 -5.32 -2.40 -18.35
C ALA M 556 -5.20 -1.80 -19.75
N LEU M 557 -4.91 -0.50 -19.85
CA LEU M 557 -4.74 0.12 -21.16
C LEU M 557 -3.55 -0.46 -21.91
N GLU M 558 -2.44 -0.68 -21.20
CA GLU M 558 -1.26 -1.28 -21.79
C GLU M 558 -1.22 -2.80 -21.61
N ASP M 559 -2.26 -3.38 -21.01
CA ASP M 559 -2.32 -4.84 -20.86
C ASP M 559 -2.39 -5.52 -22.22
N VAL M 560 -3.13 -4.93 -23.16
CA VAL M 560 -3.21 -5.49 -24.50
C VAL M 560 -1.88 -5.38 -25.24
N SER M 561 -1.01 -4.46 -24.83
CA SER M 561 0.32 -4.24 -25.40
C SER M 561 0.17 -3.90 -26.89
N THR M 562 1.17 -4.25 -27.69
CA THR M 562 1.15 -4.01 -29.12
C THR M 562 1.39 -5.32 -29.86
N SER M 563 0.47 -5.66 -30.75
CA SER M 563 0.51 -6.90 -31.52
C SER M 563 0.69 -8.15 -30.65
N PRO M 564 -0.27 -8.44 -29.75
CA PRO M 564 -0.14 -9.66 -28.94
C PRO M 564 -0.52 -10.92 -29.71
N GLN M 565 -1.55 -10.80 -30.55
CA GLN M 565 -2.08 -11.92 -31.33
C GLN M 565 -2.47 -11.38 -32.69
N SER M 566 -3.19 -12.19 -33.47
CA SER M 566 -3.56 -11.82 -34.83
C SER M 566 -5.01 -12.21 -35.09
N THR M 567 -5.61 -11.53 -36.06
CA THR M 567 -6.97 -11.85 -36.47
C THR M 567 -7.01 -13.19 -37.21
N GLU M 568 -8.23 -13.73 -37.32
CA GLU M 568 -8.51 -15.06 -37.86
C GLU M 568 -7.84 -16.18 -37.05
N GLU M 569 -7.30 -15.86 -35.89
CA GLU M 569 -6.71 -16.79 -34.94
C GLU M 569 -7.36 -16.68 -33.57
N VAL M 570 -7.71 -15.47 -33.14
CA VAL M 570 -8.47 -15.30 -31.91
C VAL M 570 -9.87 -15.88 -32.07
N VAL M 571 -10.46 -15.70 -33.26
CA VAL M 571 -11.76 -16.30 -33.56
C VAL M 571 -11.67 -17.82 -33.51
N GLN M 572 -10.64 -18.38 -34.14
CA GLN M 572 -10.47 -19.83 -34.15
C GLN M 572 -10.18 -20.36 -32.75
N SER M 573 -9.39 -19.65 -31.97
CA SER M 573 -9.13 -20.05 -30.59
C SER M 573 -10.42 -20.02 -29.76
N PHE M 574 -11.27 -19.03 -30.03
CA PHE M 574 -12.55 -18.96 -29.33
C PHE M 574 -13.51 -20.05 -29.80
N LEU M 575 -13.51 -20.34 -31.10
CA LEU M 575 -14.48 -21.27 -31.65
C LEU M 575 -14.22 -22.70 -31.20
N ILE M 576 -12.94 -23.10 -31.13
CA ILE M 576 -12.62 -24.47 -30.73
C ILE M 576 -12.95 -24.70 -29.26
N SER M 577 -12.84 -23.67 -28.43
CA SER M 577 -13.13 -23.81 -27.00
C SER M 577 -14.55 -23.35 -26.69
N THR N 1 -47.96 36.67 -67.27
CA THR N 1 -48.17 37.10 -65.90
C THR N 1 -48.30 35.91 -64.96
N SER N 2 -48.33 36.19 -63.65
CA SER N 2 -48.47 35.15 -62.64
C SER N 2 -49.17 35.74 -61.43
N LEU N 3 -49.28 34.95 -60.38
CA LEU N 3 -49.90 35.36 -59.12
C LEU N 3 -48.88 35.80 -58.08
N LYS N 4 -47.63 35.97 -58.48
CA LYS N 4 -46.62 36.54 -57.59
C LYS N 4 -47.02 37.97 -57.23
N PRO N 5 -46.80 38.40 -55.99
CA PRO N 5 -47.08 39.80 -55.63
C PRO N 5 -46.23 40.76 -56.46
N ARG N 6 -46.84 41.87 -56.85
CA ARG N 6 -46.21 42.84 -57.72
C ARG N 6 -46.68 44.23 -57.30
N VAL N 7 -46.40 45.22 -58.14
CA VAL N 7 -46.87 46.58 -57.93
C VAL N 7 -48.05 46.86 -58.86
N VAL N 8 -49.14 47.36 -58.30
CA VAL N 8 -50.35 47.66 -59.05
C VAL N 8 -50.80 49.07 -58.70
N ASP N 9 -51.62 49.64 -59.57
CA ASP N 9 -52.21 50.96 -59.36
C ASP N 9 -53.67 50.78 -58.98
N PHE N 10 -54.01 51.19 -57.75
CA PHE N 10 -55.36 50.95 -57.24
C PHE N 10 -56.40 51.80 -57.98
N ASP N 11 -56.04 53.04 -58.34
CA ASP N 11 -57.02 53.96 -58.91
C ASP N 11 -57.54 53.47 -60.26
N GLU N 12 -56.65 52.92 -61.10
CA GLU N 12 -57.08 52.47 -62.42
C GLU N 12 -57.87 51.17 -62.33
N THR N 13 -57.62 50.35 -61.32
CA THR N 13 -58.29 49.06 -61.20
C THR N 13 -59.48 49.08 -60.26
N TRP N 14 -59.63 50.13 -59.45
CA TRP N 14 -60.79 50.20 -58.57
C TRP N 14 -62.08 50.32 -59.37
N ASN N 15 -62.14 51.28 -60.30
CA ASN N 15 -63.28 51.39 -61.20
C ASN N 15 -63.39 50.18 -62.12
N LYS N 16 -62.27 49.50 -62.38
CA LYS N 16 -62.31 48.26 -63.16
C LYS N 16 -63.05 47.17 -62.41
N LEU N 17 -63.00 47.19 -61.06
CA LEU N 17 -63.86 46.32 -60.27
C LEU N 17 -65.29 46.84 -60.22
N LEU N 18 -65.48 48.16 -60.31
CA LEU N 18 -66.82 48.75 -60.31
C LEU N 18 -67.60 48.47 -61.58
N THR N 19 -66.95 47.91 -62.61
CA THR N 19 -67.67 47.59 -63.85
C THR N 19 -68.75 46.54 -63.61
N THR N 20 -68.46 45.53 -62.80
CA THR N 20 -69.38 44.42 -62.60
C THR N 20 -69.85 44.22 -61.17
N ILE N 21 -69.19 44.83 -60.18
CA ILE N 21 -69.65 44.68 -58.80
C ILE N 21 -71.02 45.33 -58.61
N LYS N 22 -71.33 46.34 -59.43
CA LYS N 22 -72.68 46.90 -59.43
C LYS N 22 -73.69 45.87 -59.92
N ALA N 23 -73.30 45.04 -60.90
CA ALA N 23 -74.17 44.02 -61.44
C ALA N 23 -74.38 42.85 -60.49
N VAL N 24 -73.58 42.73 -59.43
CA VAL N 24 -73.75 41.63 -58.49
C VAL N 24 -74.72 41.98 -57.37
N VAL N 25 -74.69 43.21 -56.86
CA VAL N 25 -75.52 43.57 -55.71
C VAL N 25 -76.98 43.80 -56.06
N MET N 26 -77.36 43.69 -57.34
CA MET N 26 -78.77 43.53 -57.72
C MET N 26 -78.99 42.31 -58.62
N LEU N 27 -78.00 41.43 -58.73
CA LEU N 27 -78.09 40.19 -59.50
C LEU N 27 -78.43 40.45 -60.98
N GLU N 28 -77.53 41.18 -61.64
CA GLU N 28 -77.57 41.30 -63.09
C GLU N 28 -76.66 40.24 -63.72
N TYR N 29 -76.67 40.18 -65.05
CA TYR N 29 -75.89 39.18 -65.76
C TYR N 29 -74.42 39.56 -65.76
N VAL N 30 -73.58 38.67 -65.24
CA VAL N 30 -72.14 38.84 -65.22
C VAL N 30 -71.50 37.68 -65.96
N GLU N 31 -70.62 37.98 -66.90
CA GLU N 31 -69.95 36.94 -67.68
C GLU N 31 -69.06 36.10 -66.77
N ARG N 32 -69.07 34.78 -66.99
CA ARG N 32 -68.30 33.87 -66.16
C ARG N 32 -66.81 34.16 -66.26
N ALA N 33 -66.32 34.45 -67.46
CA ALA N 33 -64.92 34.83 -67.61
C ALA N 33 -64.62 36.15 -66.91
N THR N 34 -65.52 37.12 -67.03
CA THR N 34 -65.32 38.40 -66.37
C THR N 34 -65.48 38.29 -64.86
N TRP N 35 -66.42 37.46 -64.40
CA TRP N 35 -66.60 37.24 -62.97
C TRP N 35 -65.42 36.54 -62.33
N ASN N 36 -64.65 35.78 -63.10
CA ASN N 36 -63.51 35.06 -62.55
C ASN N 36 -62.20 35.82 -62.68
N ASP N 37 -62.20 36.95 -63.39
CA ASP N 37 -61.06 37.86 -63.32
C ASP N 37 -61.15 38.80 -62.12
N ARG N 38 -62.30 38.84 -61.44
CA ARG N 38 -62.41 39.60 -60.20
C ARG N 38 -61.51 39.02 -59.12
N PHE N 39 -61.50 37.68 -58.99
CA PHE N 39 -60.72 37.05 -57.94
C PHE N 39 -59.23 37.17 -58.21
N SER N 40 -58.84 37.06 -59.48
CA SER N 40 -57.46 37.33 -59.86
C SER N 40 -57.09 38.80 -59.66
N ASP N 41 -58.08 39.69 -59.60
CA ASP N 41 -57.83 41.10 -59.33
C ASP N 41 -57.91 41.43 -57.85
N ILE N 42 -58.86 40.82 -57.12
CA ILE N 42 -58.95 41.10 -55.69
C ILE N 42 -57.76 40.49 -54.96
N TYR N 43 -57.23 39.36 -55.44
CA TYR N 43 -56.03 38.80 -54.86
C TYR N 43 -54.81 39.67 -55.17
N ALA N 44 -54.78 40.24 -56.37
CA ALA N 44 -53.66 41.11 -56.76
C ALA N 44 -53.67 42.44 -56.01
N LEU N 45 -54.76 42.78 -55.33
CA LEU N 45 -54.81 43.99 -54.53
C LEU N 45 -54.61 43.73 -53.04
N CYS N 46 -54.95 42.53 -52.55
CA CYS N 46 -54.67 42.20 -51.16
C CYS N 46 -53.18 42.16 -50.89
N VAL N 47 -52.37 41.83 -51.88
CA VAL N 47 -50.92 41.83 -51.78
C VAL N 47 -50.36 42.75 -52.86
N ALA N 48 -49.46 43.64 -52.46
CA ALA N 48 -48.88 44.59 -53.39
C ALA N 48 -47.54 45.07 -52.84
N TYR N 49 -46.73 45.63 -53.73
CA TYR N 49 -45.43 46.14 -53.34
C TYR N 49 -45.37 47.65 -53.53
N PRO N 50 -44.76 48.40 -52.59
CA PRO N 50 -44.13 47.94 -51.36
C PRO N 50 -45.10 47.87 -50.19
N GLU N 51 -46.38 48.16 -50.42
CA GLU N 51 -47.40 48.10 -49.38
C GLU N 51 -48.64 47.45 -49.96
N PRO N 52 -49.21 46.46 -49.29
CA PRO N 52 -50.46 45.85 -49.78
C PRO N 52 -51.60 46.86 -49.77
N LEU N 53 -52.33 46.91 -50.88
CA LEU N 53 -53.43 47.86 -51.04
C LEU N 53 -54.78 47.28 -50.67
N GLY N 54 -54.83 46.02 -50.23
CA GLY N 54 -56.08 45.44 -49.81
C GLY N 54 -56.58 45.96 -48.47
N GLU N 55 -55.69 46.51 -47.65
CA GLU N 55 -56.11 47.05 -46.36
C GLU N 55 -56.96 48.30 -46.53
N ARG N 56 -56.66 49.11 -47.53
CA ARG N 56 -57.42 50.33 -47.81
C ARG N 56 -58.41 50.15 -48.96
N LEU N 57 -58.47 48.95 -49.55
CA LEU N 57 -59.57 48.62 -50.45
C LEU N 57 -60.84 48.31 -49.66
N TYR N 58 -60.68 47.85 -48.41
CA TYR N 58 -61.84 47.53 -47.58
C TYR N 58 -62.68 48.77 -47.30
N THR N 59 -62.04 49.90 -47.02
CA THR N 59 -62.78 51.14 -46.80
C THR N 59 -63.32 51.72 -48.09
N GLU N 60 -62.75 51.37 -49.25
CA GLU N 60 -63.30 51.80 -50.52
C GLU N 60 -64.54 51.02 -50.89
N THR N 61 -64.60 49.73 -50.53
CA THR N 61 -65.81 48.95 -50.71
C THR N 61 -66.87 49.33 -49.69
N LYS N 62 -66.44 49.68 -48.47
CA LYS N 62 -67.39 50.08 -47.43
C LYS N 62 -68.13 51.35 -47.82
N ILE N 63 -67.42 52.34 -48.38
CA ILE N 63 -68.09 53.56 -48.82
C ILE N 63 -68.92 53.30 -50.07
N PHE N 64 -68.50 52.34 -50.91
CA PHE N 64 -69.31 51.98 -52.07
C PHE N 64 -70.57 51.25 -51.64
N LEU N 65 -70.47 50.38 -50.63
CA LEU N 65 -71.63 49.62 -50.20
C LEU N 65 -72.70 50.52 -49.60
N GLU N 66 -72.30 51.50 -48.79
CA GLU N 66 -73.28 52.44 -48.22
C GLU N 66 -73.82 53.38 -49.29
N ASN N 67 -73.04 53.68 -50.32
CA ASN N 67 -73.53 54.51 -51.41
C ASN N 67 -74.67 53.82 -52.15
N HIS N 68 -74.54 52.51 -52.38
CA HIS N 68 -75.62 51.75 -53.00
C HIS N 68 -76.87 51.71 -52.11
N VAL N 69 -76.66 51.56 -50.79
CA VAL N 69 -77.80 51.54 -49.87
C VAL N 69 -78.47 52.90 -49.82
N ARG N 70 -77.69 53.98 -49.75
CA ARG N 70 -78.27 55.32 -49.77
C ARG N 70 -78.95 55.61 -51.10
N HIS N 71 -78.36 55.14 -52.20
CA HIS N 71 -79.02 55.25 -53.50
C HIS N 71 -80.30 54.42 -53.54
N LEU N 72 -80.38 53.37 -52.72
CA LEU N 72 -81.57 52.54 -52.63
C LEU N 72 -82.52 53.02 -51.54
N HIS N 73 -82.00 53.63 -50.47
CA HIS N 73 -82.85 54.15 -49.41
C HIS N 73 -83.71 55.32 -49.88
N LYS N 74 -83.27 56.04 -50.92
CA LYS N 74 -84.10 57.08 -51.49
C LYS N 74 -85.33 56.49 -52.20
N ARG N 75 -85.19 55.30 -52.79
CA ARG N 75 -86.30 54.69 -53.51
C ARG N 75 -87.44 54.30 -52.57
N VAL N 76 -87.12 53.73 -51.42
CA VAL N 76 -88.16 53.31 -50.49
C VAL N 76 -88.85 54.53 -49.85
N LEU N 77 -88.12 55.64 -49.72
CA LEU N 77 -88.72 56.84 -49.14
C LEU N 77 -89.81 57.42 -50.03
N GLU N 78 -89.59 57.42 -51.35
CA GLU N 78 -90.52 58.01 -52.29
C GLU N 78 -91.61 57.05 -52.76
N SER N 79 -91.53 55.77 -52.40
CA SER N 79 -92.52 54.78 -52.83
C SER N 79 -93.60 54.67 -51.77
N GLU N 80 -94.55 55.61 -51.84
CA GLU N 80 -95.66 55.63 -50.89
C GLU N 80 -96.64 54.49 -51.17
N GLU N 81 -97.27 54.01 -50.10
CA GLU N 81 -98.36 53.02 -50.12
C GLU N 81 -97.84 51.64 -50.51
N GLN N 82 -96.54 51.55 -50.87
CA GLN N 82 -95.93 50.28 -51.24
C GLN N 82 -94.65 50.02 -50.47
N VAL N 83 -94.53 50.57 -49.26
CA VAL N 83 -93.29 50.49 -48.49
C VAL N 83 -92.95 49.08 -48.04
N LEU N 84 -93.87 48.13 -48.16
CA LEU N 84 -93.61 46.75 -47.78
C LEU N 84 -93.34 45.84 -48.98
N VAL N 85 -94.08 46.02 -50.08
CA VAL N 85 -93.95 45.10 -51.20
C VAL N 85 -92.62 45.31 -51.93
N MET N 86 -92.18 46.57 -52.08
CA MET N 86 -90.92 46.81 -52.76
C MET N 86 -89.72 46.62 -51.84
N TYR N 87 -89.92 46.77 -50.52
CA TYR N 87 -88.85 46.48 -49.57
C TYR N 87 -88.45 45.01 -49.62
N HIS N 88 -89.44 44.12 -49.66
CA HIS N 88 -89.14 42.70 -49.85
C HIS N 88 -88.66 42.42 -51.26
N ARG N 89 -89.17 43.17 -52.25
CA ARG N 89 -88.70 43.02 -53.62
C ARG N 89 -87.23 43.42 -53.75
N TYR N 90 -86.83 44.52 -53.10
CA TYR N 90 -85.45 44.96 -53.16
C TYR N 90 -84.52 44.13 -52.29
N TRP N 91 -85.05 43.39 -51.33
CA TRP N 91 -84.25 42.59 -50.42
C TRP N 91 -83.99 41.18 -50.96
N GLU N 92 -84.80 40.72 -51.91
CA GLU N 92 -84.66 39.35 -52.41
C GLU N 92 -83.33 39.16 -53.12
N GLU N 93 -82.99 40.06 -54.04
CA GLU N 93 -81.70 39.96 -54.72
C GLU N 93 -80.54 40.42 -53.85
N TYR N 94 -80.81 41.32 -52.89
CA TYR N 94 -79.74 41.81 -52.02
C TYR N 94 -79.25 40.72 -51.07
N SER N 95 -80.18 39.95 -50.49
CA SER N 95 -79.79 38.86 -49.61
C SER N 95 -79.00 37.80 -50.36
N LYS N 96 -79.44 37.45 -51.57
CA LYS N 96 -78.66 36.56 -52.42
C LYS N 96 -77.38 37.24 -52.88
N GLY N 97 -77.46 38.54 -53.19
CA GLY N 97 -76.26 39.28 -53.55
C GLY N 97 -75.28 39.41 -52.40
N ALA N 98 -75.78 39.54 -51.17
CA ALA N 98 -74.90 39.60 -50.01
C ALA N 98 -74.10 38.31 -49.85
N ASP N 99 -74.76 37.16 -50.03
CA ASP N 99 -74.03 35.89 -50.01
C ASP N 99 -73.06 35.79 -51.18
N TYR N 100 -73.47 36.29 -52.35
CA TYR N 100 -72.55 36.33 -53.49
C TYR N 100 -71.46 37.37 -53.27
N MET N 101 -71.73 38.40 -52.48
CA MET N 101 -70.69 39.38 -52.15
C MET N 101 -69.63 38.76 -51.26
N ASP N 102 -70.00 37.80 -50.42
CA ASP N 102 -69.02 37.09 -49.61
C ASP N 102 -68.04 36.32 -50.47
N CYS N 103 -68.54 35.66 -51.52
CA CYS N 103 -67.65 34.97 -52.44
C CYS N 103 -66.79 35.95 -53.24
N LEU N 104 -67.35 37.11 -53.60
CA LEU N 104 -66.59 38.09 -54.35
C LEU N 104 -65.40 38.61 -53.56
N TYR N 105 -65.55 38.73 -52.24
CA TYR N 105 -64.50 39.23 -51.37
C TYR N 105 -64.03 38.13 -50.42
N ARG N 106 -63.82 36.93 -50.97
CA ARG N 106 -63.39 35.80 -50.14
C ARG N 106 -62.01 36.05 -49.56
N TYR N 107 -61.08 36.58 -50.38
CA TYR N 107 -59.72 36.81 -49.89
C TYR N 107 -59.67 37.94 -48.88
N LEU N 108 -60.57 38.92 -48.97
CA LEU N 108 -60.67 39.93 -47.93
C LEU N 108 -61.06 39.30 -46.60
N ASN N 109 -62.06 38.41 -46.62
CA ASN N 109 -62.55 37.82 -45.38
C ASN N 109 -61.55 36.85 -44.78
N THR N 110 -61.03 35.94 -45.59
CA THR N 110 -60.22 34.84 -45.06
C THR N 110 -58.76 35.17 -44.90
N GLN N 111 -58.28 36.31 -45.38
CA GLN N 111 -56.88 36.66 -45.26
C GLN N 111 -56.62 38.07 -44.73
N PHE N 112 -57.61 38.96 -44.73
CA PHE N 112 -57.44 40.29 -44.17
C PHE N 112 -58.41 40.59 -43.04
N ILE N 113 -59.70 40.30 -43.24
CA ILE N 113 -60.70 40.67 -42.24
C ILE N 113 -60.59 39.77 -41.01
N LYS N 114 -60.52 38.46 -41.22
CA LYS N 114 -60.32 37.55 -40.09
C LYS N 114 -58.91 37.68 -39.51
N LYS N 115 -57.96 38.21 -40.29
CA LYS N 115 -56.63 38.50 -39.75
C LYS N 115 -56.71 39.60 -38.69
N ASN N 116 -57.50 40.63 -38.94
CA ASN N 116 -57.65 41.72 -37.98
C ASN N 116 -58.91 41.57 -37.15
N PRO N 135 -63.53 45.47 -34.67
CA PRO N 135 -62.77 46.46 -35.45
C PRO N 135 -63.19 46.49 -36.92
N LEU N 136 -63.04 45.37 -37.62
CA LEU N 136 -63.41 45.25 -39.01
C LEU N 136 -64.53 44.22 -39.16
N MET N 137 -65.37 44.43 -40.17
CA MET N 137 -66.54 43.60 -40.39
C MET N 137 -66.38 42.84 -41.70
N GLU N 138 -66.83 41.58 -41.71
CA GLU N 138 -66.74 40.76 -42.90
C GLU N 138 -67.58 41.34 -44.02
N ILE N 139 -67.04 41.32 -45.25
CA ILE N 139 -67.71 41.94 -46.39
C ILE N 139 -69.04 41.28 -46.67
N GLY N 140 -69.07 39.94 -46.64
CA GLY N 140 -70.33 39.23 -46.85
C GLY N 140 -71.36 39.57 -45.80
N GLU N 141 -70.92 39.77 -44.56
CA GLU N 141 -71.79 40.22 -43.49
C GLU N 141 -71.86 41.74 -43.39
N LEU N 142 -71.07 42.47 -44.18
CA LEU N 142 -71.16 43.92 -44.19
C LEU N 142 -72.39 44.41 -44.93
N ALA N 143 -72.94 43.60 -45.83
CA ALA N 143 -74.18 43.99 -46.49
C ALA N 143 -75.39 43.80 -45.59
N LEU N 144 -75.34 42.83 -44.68
CA LEU N 144 -76.49 42.57 -43.81
C LEU N 144 -76.71 43.69 -42.82
N ASP N 145 -75.66 44.13 -42.12
CA ASP N 145 -75.81 45.19 -41.14
C ASP N 145 -75.93 46.57 -41.79
N MET N 146 -75.38 46.74 -43.00
CA MET N 146 -75.64 47.98 -43.74
C MET N 146 -77.11 48.11 -44.07
N TRP N 147 -77.76 47.00 -44.43
CA TRP N 147 -79.21 46.96 -44.54
C TRP N 147 -79.85 47.24 -43.18
N ARG N 148 -79.29 46.67 -42.12
CA ARG N 148 -79.86 46.85 -40.78
C ARG N 148 -79.67 48.28 -40.28
N LYS N 149 -78.49 48.85 -40.45
CA LYS N 149 -78.19 50.15 -39.85
C LYS N 149 -78.87 51.29 -40.59
N LEU N 150 -78.85 51.28 -41.92
CA LEU N 150 -79.24 52.46 -42.67
C LEU N 150 -80.74 52.59 -42.89
N MET N 151 -81.44 51.49 -43.18
CA MET N 151 -82.86 51.57 -43.50
C MET N 151 -83.76 50.85 -42.52
N VAL N 152 -83.30 49.78 -41.86
CA VAL N 152 -84.17 49.03 -40.96
C VAL N 152 -84.50 49.87 -39.73
N GLU N 153 -83.49 50.52 -39.15
CA GLU N 153 -83.72 51.36 -37.97
C GLU N 153 -84.66 52.53 -38.24
N PRO N 154 -84.55 53.29 -39.33
CA PRO N 154 -85.62 54.26 -39.64
C PRO N 154 -86.98 53.61 -39.87
N LEU N 155 -87.00 52.39 -40.42
CA LEU N 155 -88.25 51.69 -40.69
C LEU N 155 -88.74 50.86 -39.52
N GLN N 156 -88.01 50.85 -38.40
CA GLN N 156 -88.42 50.09 -37.22
C GLN N 156 -89.39 50.89 -36.36
N ASP O 2 -57.45 0.43 -56.21
CA ASP O 2 -58.03 1.44 -57.10
C ASP O 2 -56.96 2.02 -58.01
N VAL O 3 -57.39 2.57 -59.15
CA VAL O 3 -56.49 3.14 -60.15
C VAL O 3 -56.93 4.57 -60.42
N PHE O 4 -56.01 5.51 -60.27
CA PHE O 4 -56.24 6.91 -60.58
C PHE O 4 -55.35 7.29 -61.76
N LEU O 5 -55.95 7.90 -62.79
CA LEU O 5 -55.23 8.20 -64.01
C LEU O 5 -55.84 9.43 -64.67
N MET O 6 -55.09 9.97 -65.62
CA MET O 6 -55.53 11.13 -66.40
C MET O 6 -55.40 10.82 -67.89
N ILE O 7 -56.24 11.45 -68.69
CA ILE O 7 -56.25 11.28 -70.14
C ILE O 7 -56.01 12.64 -70.79
N ARG O 8 -55.16 12.67 -71.80
CA ARG O 8 -54.82 13.90 -72.49
C ARG O 8 -54.88 13.68 -74.00
N ARG O 9 -55.51 14.62 -74.71
CA ARG O 9 -55.63 14.53 -76.16
C ARG O 9 -54.85 15.64 -76.86
N HIS O 10 -55.18 16.90 -76.59
CA HIS O 10 -54.35 18.05 -76.95
C HIS O 10 -53.97 18.87 -75.73
N LYS O 11 -54.95 19.33 -74.97
CA LYS O 11 -54.72 20.02 -73.72
C LYS O 11 -55.67 19.58 -72.61
N THR O 12 -56.62 18.69 -72.91
CA THR O 12 -57.56 18.23 -71.90
C THR O 12 -56.88 17.30 -70.90
N THR O 13 -57.46 17.22 -69.70
CA THR O 13 -56.97 16.31 -68.68
C THR O 13 -58.14 15.96 -67.77
N ILE O 14 -58.56 14.69 -67.81
CA ILE O 14 -59.69 14.21 -67.02
C ILE O 14 -59.14 13.40 -65.85
N PHE O 15 -59.39 13.87 -64.63
CA PHE O 15 -58.89 13.19 -63.43
C PHE O 15 -59.95 12.22 -62.92
N THR O 16 -60.15 11.17 -63.69
CA THR O 16 -61.11 10.12 -63.36
C THR O 16 -60.39 8.93 -62.73
N ASP O 17 -61.18 8.02 -62.18
CA ASP O 17 -60.65 6.84 -61.52
C ASP O 17 -61.46 5.61 -61.93
N ALA O 18 -60.82 4.45 -61.80
CA ALA O 18 -61.47 3.18 -62.08
C ALA O 18 -60.78 2.11 -61.25
N LYS O 19 -61.47 0.99 -61.07
CA LYS O 19 -60.92 -0.10 -60.27
C LYS O 19 -59.77 -0.79 -61.00
N GLU O 20 -59.00 -1.58 -60.25
CA GLU O 20 -57.89 -2.30 -60.84
C GLU O 20 -58.35 -3.41 -61.78
N SER O 21 -59.58 -3.90 -61.62
CA SER O 21 -60.17 -4.87 -62.53
C SER O 21 -61.11 -4.23 -63.54
N SER O 22 -61.25 -2.91 -63.51
CA SER O 22 -62.12 -2.21 -64.45
C SER O 22 -61.53 -2.25 -65.86
N THR O 23 -62.42 -2.31 -66.84
CA THR O 23 -62.03 -2.43 -68.23
C THR O 23 -62.04 -1.08 -68.94
N VAL O 24 -61.41 -1.04 -70.11
CA VAL O 24 -61.38 0.17 -70.92
C VAL O 24 -62.75 0.53 -71.46
N PHE O 25 -63.65 -0.47 -71.57
CA PHE O 25 -64.96 -0.25 -72.17
C PHE O 25 -65.77 0.80 -71.41
N GLU O 26 -65.92 0.63 -70.10
CA GLU O 26 -66.62 1.63 -69.30
C GLU O 26 -65.76 2.86 -69.03
N LEU O 27 -64.43 2.72 -69.06
CA LEU O 27 -63.58 3.90 -68.96
C LEU O 27 -63.75 4.81 -70.17
N LYS O 28 -63.89 4.21 -71.36
CA LYS O 28 -64.13 5.00 -72.57
C LYS O 28 -65.51 5.67 -72.52
N ARG O 29 -66.51 4.99 -71.94
CA ARG O 29 -67.82 5.60 -71.77
C ARG O 29 -67.80 6.74 -70.76
N ILE O 30 -66.85 6.72 -69.81
CA ILE O 30 -66.69 7.84 -68.89
C ILE O 30 -66.25 9.09 -69.66
N VAL O 31 -65.40 8.91 -70.67
CA VAL O 31 -64.95 10.03 -71.49
C VAL O 31 -66.12 10.65 -72.23
N GLU O 32 -67.05 9.82 -72.70
CA GLU O 32 -68.24 10.31 -73.38
C GLU O 32 -69.12 11.18 -72.48
N GLY O 33 -69.04 10.99 -71.17
CA GLY O 33 -69.84 11.81 -70.27
C GLY O 33 -69.48 13.28 -70.31
N ILE O 34 -68.21 13.59 -70.51
CA ILE O 34 -67.74 14.98 -70.56
C ILE O 34 -67.45 15.43 -71.98
N LEU O 35 -66.71 14.62 -72.75
CA LEU O 35 -66.32 15.00 -74.10
C LEU O 35 -67.45 14.88 -75.11
N LYS O 36 -68.57 14.23 -74.73
CA LYS O 36 -69.78 14.08 -75.54
C LYS O 36 -69.47 13.74 -77.00
N ARG O 37 -68.56 12.78 -77.17
CA ARG O 37 -68.14 12.31 -78.48
C ARG O 37 -68.28 10.80 -78.54
N PRO O 38 -68.48 10.24 -79.75
CA PRO O 38 -68.62 8.78 -79.89
C PRO O 38 -67.38 8.06 -79.38
N PRO O 39 -67.57 6.91 -78.73
CA PRO O 39 -66.43 6.20 -78.12
C PRO O 39 -65.60 5.41 -79.13
N ASP O 40 -66.26 4.93 -80.19
CA ASP O 40 -65.56 4.11 -81.18
C ASP O 40 -64.50 4.91 -81.94
N GLU O 41 -64.78 6.18 -82.24
CA GLU O 41 -63.79 7.02 -82.88
C GLU O 41 -62.60 7.27 -81.97
N GLN O 42 -62.86 7.45 -80.67
CA GLN O 42 -61.80 7.75 -79.72
C GLN O 42 -60.88 6.54 -79.54
N ARG O 43 -59.58 6.79 -79.51
CA ARG O 43 -58.58 5.77 -79.22
C ARG O 43 -57.59 6.34 -78.20
N LEU O 44 -57.09 5.50 -77.32
CA LEU O 44 -56.19 5.91 -76.25
C LEU O 44 -54.78 5.38 -76.50
N TYR O 45 -53.80 6.09 -75.94
CA TYR O 45 -52.39 5.83 -76.23
C TYR O 45 -51.58 5.96 -74.95
N LYS O 46 -51.19 4.84 -74.36
CA LYS O 46 -50.15 4.84 -73.35
C LYS O 46 -48.82 4.49 -74.02
N ASP O 47 -47.77 5.27 -73.70
CA ASP O 47 -46.39 5.16 -74.15
C ASP O 47 -46.28 4.64 -75.60
N ASP O 48 -47.08 5.23 -76.50
CA ASP O 48 -47.17 4.84 -77.90
C ASP O 48 -47.53 3.36 -78.05
N GLN O 49 -48.74 3.03 -77.59
CA GLN O 49 -49.23 1.66 -77.66
C GLN O 49 -50.75 1.67 -77.59
N LEU O 50 -51.39 0.95 -78.51
CA LEU O 50 -52.84 0.87 -78.55
C LEU O 50 -53.37 -0.09 -77.48
N LEU O 51 -54.55 0.23 -76.96
CA LEU O 51 -55.20 -0.59 -75.93
C LEU O 51 -56.51 -1.13 -76.48
N ASP O 52 -56.72 -2.43 -76.31
CA ASP O 52 -58.00 -3.03 -76.66
C ASP O 52 -59.03 -2.74 -75.59
N ASP O 53 -60.28 -2.56 -76.02
CA ASP O 53 -61.36 -2.27 -75.08
C ASP O 53 -61.71 -3.48 -74.21
N GLY O 54 -61.44 -4.69 -74.69
CA GLY O 54 -61.79 -5.87 -73.91
C GLY O 54 -60.97 -6.02 -72.64
N LYS O 55 -59.66 -5.79 -72.72
CA LYS O 55 -58.79 -6.03 -71.57
C LYS O 55 -59.00 -4.95 -70.51
N THR O 56 -58.71 -5.33 -69.26
CA THR O 56 -58.90 -4.45 -68.13
C THR O 56 -57.80 -3.38 -68.07
N LEU O 57 -58.04 -2.36 -67.24
CA LEU O 57 -57.04 -1.30 -67.07
C LEU O 57 -55.78 -1.83 -66.41
N GLY O 58 -55.92 -2.72 -65.44
CA GLY O 58 -54.76 -3.30 -64.78
C GLY O 58 -53.98 -4.28 -65.63
N GLU O 59 -54.58 -4.82 -66.68
CA GLU O 59 -53.90 -5.73 -67.58
C GLU O 59 -52.90 -5.03 -68.50
N CYS O 60 -53.06 -3.72 -68.71
CA CYS O 60 -52.20 -2.96 -69.60
C CYS O 60 -51.01 -2.33 -68.90
N GLY O 61 -50.92 -2.46 -67.58
CA GLY O 61 -49.82 -1.89 -66.82
C GLY O 61 -50.21 -0.77 -65.88
N PHE O 62 -51.47 -0.35 -65.86
CA PHE O 62 -51.94 0.68 -64.93
C PHE O 62 -52.29 0.08 -63.58
N THR O 63 -51.27 -0.45 -62.91
CA THR O 63 -51.46 -1.02 -61.59
C THR O 63 -51.55 0.09 -60.54
N SER O 64 -51.98 -0.30 -59.34
CA SER O 64 -52.15 0.68 -58.26
C SER O 64 -50.82 1.24 -57.79
N GLN O 65 -49.71 0.52 -58.00
CA GLN O 65 -48.41 1.02 -57.54
C GLN O 65 -47.95 2.22 -58.35
N THR O 66 -48.42 2.36 -59.59
CA THR O 66 -48.05 3.48 -60.45
C THR O 66 -49.22 4.40 -60.74
N ALA O 67 -50.35 4.22 -60.08
CA ALA O 67 -51.56 5.03 -60.30
C ALA O 67 -52.03 5.66 -59.01
N ARG O 68 -51.09 6.13 -58.19
CA ARG O 68 -51.44 6.78 -56.94
C ARG O 68 -52.13 8.12 -57.22
N PRO O 69 -53.05 8.55 -56.35
CA PRO O 69 -53.76 9.81 -56.59
C PRO O 69 -52.84 11.01 -56.65
N GLN O 70 -51.77 11.02 -55.87
CA GLN O 70 -50.82 12.13 -55.88
C GLN O 70 -49.93 12.15 -57.11
N ALA O 71 -49.62 10.98 -57.68
CA ALA O 71 -48.82 10.88 -58.89
C ALA O 71 -49.54 9.97 -59.88
N PRO O 72 -50.61 10.45 -60.49
CA PRO O 72 -51.38 9.61 -61.41
C PRO O 72 -50.61 9.29 -62.68
N ALA O 73 -50.89 8.12 -63.23
CA ALA O 73 -50.30 7.72 -64.51
C ALA O 73 -51.11 8.34 -65.64
N THR O 74 -50.40 8.89 -66.62
CA THR O 74 -51.05 9.56 -67.75
C THR O 74 -51.15 8.62 -68.94
N VAL O 75 -52.20 8.81 -69.73
CA VAL O 75 -52.40 8.07 -70.97
C VAL O 75 -52.93 9.05 -72.02
N GLY O 76 -52.38 8.95 -73.24
CA GLY O 76 -52.76 9.86 -74.29
C GLY O 76 -54.09 9.50 -74.91
N LEU O 77 -54.68 10.49 -75.59
CA LEU O 77 -55.95 10.33 -76.27
C LEU O 77 -55.81 10.82 -77.70
N ALA O 78 -56.39 10.08 -78.64
CA ALA O 78 -56.35 10.44 -80.04
C ALA O 78 -57.73 10.27 -80.65
N PHE O 79 -58.13 11.24 -81.47
CA PHE O 79 -59.43 11.17 -82.13
C PHE O 79 -59.31 10.47 -83.48
N LEU O 88 -50.93 11.73 -81.82
CA LEU O 88 -50.88 12.36 -80.51
C LEU O 88 -50.34 13.79 -80.59
N CYS O 89 -51.04 14.71 -79.92
CA CYS O 89 -50.65 16.11 -79.87
C CYS O 89 -50.72 16.60 -78.42
N ILE O 90 -50.15 15.82 -77.51
CA ILE O 90 -50.16 16.17 -76.10
C ILE O 90 -49.26 17.38 -75.88
N GLU O 91 -49.83 18.45 -75.32
CA GLU O 91 -49.09 19.66 -75.07
C GLU O 91 -48.51 19.64 -73.66
N PRO O 92 -47.20 19.78 -73.49
CA PRO O 92 -46.63 19.87 -72.14
C PRO O 92 -47.17 21.07 -71.40
N PHE O 93 -47.31 20.92 -70.07
CA PHE O 93 -47.90 21.96 -69.24
C PHE O 93 -47.09 23.24 -69.29
N SER O 94 -45.86 23.19 -68.76
CA SER O 94 -44.93 24.31 -68.75
C SER O 94 -43.61 23.81 -68.21
N SER O 95 -42.58 24.64 -68.37
CA SER O 95 -41.29 24.38 -67.76
C SER O 95 -41.22 25.13 -66.45
N PRO O 96 -41.15 24.45 -65.30
CA PRO O 96 -41.02 25.17 -64.04
C PRO O 96 -39.70 25.90 -63.97
N PRO O 97 -39.64 27.02 -63.23
CA PRO O 97 -38.39 27.78 -63.16
C PRO O 97 -37.26 26.97 -62.54
N GLU O 98 -36.25 26.65 -63.34
CA GLU O 98 -35.17 25.79 -62.91
C GLU O 98 -34.33 26.49 -61.86
N LEU O 99 -34.35 25.97 -60.64
CA LEU O 99 -33.55 26.55 -59.57
C LEU O 99 -32.06 26.34 -59.84
N PRO O 100 -31.23 27.31 -59.47
CA PRO O 100 -29.78 27.12 -59.61
C PRO O 100 -29.32 25.96 -58.74
N ASP O 101 -28.31 25.23 -59.25
CA ASP O 101 -27.78 24.09 -58.51
C ASP O 101 -27.06 24.53 -57.24
N VAL O 102 -26.68 25.80 -57.15
CA VAL O 102 -26.09 26.42 -55.95
C VAL O 102 -24.76 25.78 -55.60
N MET O 103 -24.76 24.47 -55.34
CA MET O 103 -23.51 23.75 -55.09
C MET O 103 -22.62 23.77 -56.33
N LYS O 104 -23.21 23.83 -57.52
CA LYS O 104 -22.42 23.98 -58.73
C LYS O 104 -21.77 25.37 -58.76
N PRO O 105 -20.49 25.47 -59.13
CA PRO O 105 -19.85 26.79 -59.20
C PRO O 105 -20.48 27.65 -60.28
N GLN O 106 -20.86 28.87 -59.91
CA GLN O 106 -21.51 29.78 -60.83
C GLN O 106 -20.49 30.68 -61.53
N MET P 1 -71.42 18.11 -62.55
CA MET P 1 -70.77 16.90 -62.07
C MET P 1 -69.26 17.04 -62.24
N TYR P 2 -68.85 17.69 -63.32
CA TYR P 2 -67.45 17.97 -63.59
C TYR P 2 -67.24 19.47 -63.71
N VAL P 3 -66.02 19.92 -63.41
CA VAL P 3 -65.66 21.33 -63.44
C VAL P 3 -64.55 21.52 -64.46
N LYS P 4 -64.78 22.38 -65.44
CA LYS P 4 -63.78 22.70 -66.46
C LYS P 4 -62.80 23.71 -65.88
N LEU P 5 -61.55 23.28 -65.71
CA LEU P 5 -60.49 24.12 -65.15
C LEU P 5 -59.53 24.49 -66.28
N ILE P 6 -59.32 25.79 -66.51
CA ILE P 6 -58.35 26.24 -67.49
C ILE P 6 -57.25 26.98 -66.73
N SER P 7 -56.04 26.93 -67.27
CA SER P 7 -54.87 27.52 -66.66
C SER P 7 -54.48 28.79 -67.39
N SER P 8 -53.34 29.38 -66.99
CA SER P 8 -52.82 30.54 -67.69
C SER P 8 -52.34 30.18 -69.09
N ASP P 9 -51.93 28.94 -69.29
CA ASP P 9 -51.44 28.47 -70.58
C ASP P 9 -52.54 27.92 -71.47
N GLY P 10 -53.79 27.95 -71.02
CA GLY P 10 -54.89 27.45 -71.80
C GLY P 10 -55.12 25.96 -71.70
N HIS P 11 -54.40 25.26 -70.84
CA HIS P 11 -54.61 23.83 -70.66
C HIS P 11 -55.97 23.56 -70.05
N GLU P 12 -56.54 22.41 -70.39
CA GLU P 12 -57.86 22.01 -69.93
C GLU P 12 -57.72 20.92 -68.86
N PHE P 13 -58.35 21.14 -67.72
CA PHE P 13 -58.16 20.34 -66.51
C PHE P 13 -59.49 19.95 -65.89
N ILE P 14 -60.39 19.39 -66.71
CA ILE P 14 -61.71 19.01 -66.23
C ILE P 14 -61.57 17.95 -65.14
N VAL P 15 -62.12 18.24 -63.97
CA VAL P 15 -62.07 17.35 -62.82
C VAL P 15 -63.47 17.27 -62.22
N LYS P 16 -63.71 16.21 -61.44
CA LYS P 16 -65.00 16.03 -60.80
C LYS P 16 -65.26 17.16 -59.82
N ARG P 17 -66.55 17.50 -59.66
CA ARG P 17 -66.93 18.64 -58.84
C ARG P 17 -66.58 18.42 -57.37
N GLU P 18 -66.80 17.20 -56.86
CA GLU P 18 -66.51 16.94 -55.45
C GLU P 18 -65.03 17.06 -55.14
N HIS P 19 -64.16 16.83 -56.13
CA HIS P 19 -62.74 17.06 -55.93
C HIS P 19 -62.41 18.55 -55.92
N ALA P 20 -63.03 19.33 -56.82
CA ALA P 20 -62.73 20.74 -56.94
C ALA P 20 -63.37 21.59 -55.85
N LEU P 21 -64.30 21.03 -55.07
CA LEU P 21 -64.89 21.77 -53.96
C LEU P 21 -64.04 21.71 -52.70
N THR P 22 -62.90 21.00 -52.73
CA THR P 22 -62.01 21.00 -51.59
C THR P 22 -61.44 22.39 -51.32
N SER P 23 -61.02 23.08 -52.37
CA SER P 23 -60.47 24.41 -52.22
C SER P 23 -61.59 25.44 -52.11
N GLY P 24 -61.40 26.41 -51.22
CA GLY P 24 -62.44 27.39 -50.96
C GLY P 24 -62.68 28.33 -52.13
N THR P 25 -61.61 28.76 -52.81
CA THR P 25 -61.76 29.75 -53.87
C THR P 25 -62.53 29.18 -55.06
N ILE P 26 -62.27 27.92 -55.43
CA ILE P 26 -63.02 27.30 -56.52
C ILE P 26 -64.48 27.16 -56.14
N LYS P 27 -64.77 26.91 -54.85
CA LYS P 27 -66.15 26.92 -54.39
C LYS P 27 -66.80 28.28 -54.61
N ALA P 28 -66.03 29.37 -54.50
CA ALA P 28 -66.53 30.69 -54.85
C ALA P 28 -66.63 30.87 -56.37
N MET P 29 -65.75 30.22 -57.13
CA MET P 29 -65.87 30.22 -58.59
C MET P 29 -67.16 29.56 -59.03
N LEU P 30 -67.52 28.44 -58.42
CA LEU P 30 -68.73 27.73 -58.81
C LEU P 30 -69.99 28.41 -58.25
N SER P 31 -69.82 29.30 -57.28
CA SER P 31 -70.95 30.02 -56.72
C SER P 31 -71.11 31.38 -57.40
N GLY P 32 -72.27 32.01 -57.16
CA GLY P 32 -72.58 33.28 -57.76
C GLY P 32 -72.95 33.15 -59.22
N PRO P 33 -72.59 34.17 -60.03
CA PRO P 33 -72.89 34.11 -61.46
C PRO P 33 -72.05 33.09 -62.23
N GLY P 34 -71.04 32.49 -61.60
CA GLY P 34 -70.28 31.45 -62.28
C GLY P 34 -71.11 30.22 -62.60
N GLN P 35 -72.07 29.89 -61.75
CA GLN P 35 -72.98 28.77 -62.01
C GLN P 35 -73.97 29.11 -63.11
N THR P 41 -70.36 21.12 -66.79
CA THR P 41 -69.03 21.71 -66.82
C THR P 41 -69.11 23.24 -66.76
N ASN P 42 -68.42 23.83 -65.78
CA ASN P 42 -68.42 25.27 -65.58
C ASN P 42 -67.05 25.82 -65.91
N GLU P 43 -67.02 26.87 -66.73
CA GLU P 43 -65.77 27.52 -67.10
C GLU P 43 -65.26 28.39 -65.96
N VAL P 44 -63.98 28.25 -65.63
CA VAL P 44 -63.34 29.04 -64.58
C VAL P 44 -62.04 29.59 -65.14
N ASN P 45 -61.70 30.82 -64.76
CA ASN P 45 -60.50 31.48 -65.26
C ASN P 45 -59.43 31.50 -64.17
N PHE P 46 -58.24 31.01 -64.51
CA PHE P 46 -57.08 30.97 -63.62
C PHE P 46 -55.88 31.62 -64.30
N ARG P 47 -56.10 32.85 -64.80
CA ARG P 47 -55.14 33.53 -65.65
C ARG P 47 -53.78 33.75 -64.99
N GLU P 48 -53.72 33.72 -63.66
CA GLU P 48 -52.44 33.89 -62.98
C GLU P 48 -51.77 32.57 -62.61
N ILE P 49 -52.50 31.47 -62.62
CA ILE P 49 -51.97 30.16 -62.23
C ILE P 49 -51.51 29.45 -63.50
N PRO P 50 -50.22 29.18 -63.66
CA PRO P 50 -49.76 28.42 -64.83
C PRO P 50 -50.18 26.96 -64.73
N SER P 51 -50.06 26.27 -65.87
CA SER P 51 -50.53 24.89 -65.96
C SER P 51 -49.64 23.91 -65.23
N HIS P 52 -48.34 24.20 -65.12
CA HIS P 52 -47.44 23.24 -64.48
C HIS P 52 -47.64 23.21 -62.97
N VAL P 53 -48.15 24.28 -62.37
CA VAL P 53 -48.44 24.26 -60.94
C VAL P 53 -49.90 23.90 -60.68
N LEU P 54 -50.79 24.18 -61.63
CA LEU P 54 -52.20 23.84 -61.45
C LEU P 54 -52.46 22.36 -61.66
N SER P 55 -51.61 21.68 -62.43
CA SER P 55 -51.72 20.23 -62.53
C SER P 55 -51.48 19.56 -61.19
N LYS P 56 -50.49 20.06 -60.42
CA LYS P 56 -50.24 19.52 -59.10
C LYS P 56 -51.36 19.86 -58.13
N VAL P 57 -52.04 20.99 -58.34
CA VAL P 57 -53.22 21.32 -57.54
C VAL P 57 -54.30 20.28 -57.76
N CYS P 58 -54.56 19.92 -59.03
CA CYS P 58 -55.60 18.96 -59.34
C CYS P 58 -55.23 17.55 -58.88
N MET P 59 -53.94 17.21 -58.91
CA MET P 59 -53.50 15.93 -58.35
C MET P 59 -53.76 15.88 -56.86
N TYR P 60 -53.70 17.02 -56.17
CA TYR P 60 -53.99 17.06 -54.74
C TYR P 60 -55.48 16.80 -54.48
N PHE P 61 -56.34 17.28 -55.37
CA PHE P 61 -57.78 17.10 -55.17
C PHE P 61 -58.16 15.63 -55.13
N THR P 62 -57.64 14.85 -56.08
CA THR P 62 -57.84 13.40 -56.05
C THR P 62 -57.12 12.78 -54.86
N TYR P 63 -56.01 13.38 -54.43
CA TYR P 63 -55.32 12.91 -53.24
C TYR P 63 -56.06 13.29 -51.96
N LYS P 64 -56.64 14.50 -51.93
CA LYS P 64 -57.35 14.94 -50.74
C LYS P 64 -58.61 14.13 -50.50
N VAL P 65 -59.44 13.99 -51.54
CA VAL P 65 -60.76 13.38 -51.37
C VAL P 65 -60.64 11.89 -51.09
N ARG P 66 -59.72 11.21 -51.79
CA ARG P 66 -59.56 9.78 -51.60
C ARG P 66 -59.07 9.46 -50.19
N TYR P 67 -58.22 10.32 -49.61
CA TYR P 67 -57.56 10.03 -48.35
C TYR P 67 -58.27 10.62 -47.14
N THR P 68 -59.51 11.13 -47.30
CA THR P 68 -60.26 11.61 -46.16
C THR P 68 -60.50 10.48 -45.17
N ASN P 69 -60.35 10.80 -43.88
CA ASN P 69 -60.53 9.94 -42.71
C ASN P 69 -60.01 8.52 -42.93
N SER P 70 -58.87 8.39 -43.58
CA SER P 70 -58.29 7.08 -43.87
C SER P 70 -57.60 6.52 -42.63
N SER P 71 -57.79 5.22 -42.40
CA SER P 71 -57.19 4.58 -41.23
C SER P 71 -55.69 4.36 -41.42
N THR P 72 -55.25 4.11 -42.65
CA THR P 72 -53.85 3.81 -42.90
C THR P 72 -53.00 5.08 -42.86
N GLU P 73 -51.69 4.88 -42.85
CA GLU P 73 -50.75 6.00 -42.87
C GLU P 73 -50.77 6.66 -44.23
N ILE P 74 -51.19 7.93 -44.27
CA ILE P 74 -51.32 8.66 -45.52
C ILE P 74 -49.94 9.03 -46.05
N PRO P 75 -49.60 8.67 -47.27
CA PRO P 75 -48.34 9.13 -47.86
C PRO P 75 -48.36 10.64 -48.09
N GLU P 76 -47.19 11.25 -47.94
CA GLU P 76 -47.07 12.69 -48.09
C GLU P 76 -47.19 13.08 -49.57
N PHE P 77 -47.87 14.18 -49.81
CA PHE P 77 -48.04 14.65 -51.19
C PHE P 77 -46.72 15.18 -51.73
N PRO P 78 -46.19 14.61 -52.81
CA PRO P 78 -44.89 15.07 -53.34
C PRO P 78 -45.02 16.39 -54.06
N ILE P 79 -44.23 17.38 -53.63
CA ILE P 79 -44.18 18.69 -54.25
C ILE P 79 -42.72 19.00 -54.53
N ALA P 80 -42.34 18.98 -55.81
CA ALA P 80 -40.94 19.08 -56.20
C ALA P 80 -40.35 20.44 -55.81
N PRO P 81 -39.03 20.51 -55.59
CA PRO P 81 -38.43 21.78 -55.19
C PRO P 81 -38.59 22.90 -56.21
N GLU P 82 -38.58 22.59 -57.51
CA GLU P 82 -38.67 23.63 -58.52
C GLU P 82 -40.08 24.21 -58.63
N ILE P 83 -41.08 23.50 -58.15
CA ILE P 83 -42.47 23.96 -58.23
C ILE P 83 -43.00 24.42 -56.88
N ALA P 84 -42.33 24.08 -55.77
CA ALA P 84 -42.90 24.24 -54.43
C ALA P 84 -43.22 25.70 -54.13
N LEU P 85 -42.35 26.62 -54.52
CA LEU P 85 -42.61 28.03 -54.25
C LEU P 85 -43.81 28.53 -55.04
N GLU P 86 -43.87 28.19 -56.32
CA GLU P 86 -44.99 28.62 -57.15
C GLU P 86 -46.28 27.92 -56.74
N LEU P 87 -46.19 26.65 -56.35
CA LEU P 87 -47.36 25.92 -55.86
C LEU P 87 -47.86 26.49 -54.55
N LEU P 88 -46.96 27.02 -53.73
CA LEU P 88 -47.36 27.60 -52.45
C LEU P 88 -48.23 28.83 -52.64
N MET P 89 -47.91 29.67 -53.62
CA MET P 89 -48.74 30.82 -53.92
C MET P 89 -50.12 30.40 -54.41
N ALA P 90 -50.17 29.36 -55.25
CA ALA P 90 -51.45 28.85 -55.72
C ALA P 90 -52.23 28.18 -54.60
N ALA P 91 -51.54 27.59 -53.63
CA ALA P 91 -52.24 26.97 -52.50
C ALA P 91 -52.92 28.02 -51.64
N ASN P 92 -52.28 29.18 -51.45
CA ASN P 92 -52.90 30.26 -50.68
C ASN P 92 -54.06 30.87 -51.46
N PHE P 93 -53.85 31.18 -52.74
CA PHE P 93 -54.87 31.87 -53.52
C PHE P 93 -56.10 30.99 -53.70
N LEU P 94 -55.91 29.70 -53.93
CA LEU P 94 -57.03 28.79 -54.08
C LEU P 94 -57.65 28.38 -52.76
N ASP P 95 -57.02 28.73 -51.63
CA ASP P 95 -57.45 28.29 -50.30
C ASP P 95 -57.58 26.77 -50.27
N CYS P 96 -56.59 26.11 -50.84
CA CYS P 96 -56.61 24.66 -51.01
C CYS P 96 -55.92 23.96 -49.85
N LEU Q 10 -42.89 29.53 13.67
CA LEU Q 10 -43.72 30.67 13.27
C LEU Q 10 -43.75 31.73 14.37
N THR Q 11 -42.94 32.78 14.19
CA THR Q 11 -42.83 33.85 15.18
C THR Q 11 -43.35 35.18 14.65
N ARG Q 12 -42.84 35.66 13.53
CA ARG Q 12 -43.18 36.97 13.02
C ARG Q 12 -44.20 36.86 11.88
N ASN Q 13 -44.46 37.97 11.22
CA ASN Q 13 -45.41 38.03 10.11
C ASN Q 13 -44.66 37.92 8.78
N LYS Q 14 -45.42 38.04 7.70
CA LYS Q 14 -44.85 38.00 6.36
C LYS Q 14 -44.08 39.28 6.06
N GLY Q 15 -43.09 39.17 5.17
CA GLY Q 15 -42.31 40.30 4.77
C GLY Q 15 -43.10 41.28 3.92
N PRO Q 16 -42.77 42.57 4.02
CA PRO Q 16 -43.48 43.60 3.24
C PRO Q 16 -43.06 43.63 1.78
N LEU R 10 -21.18 -0.50 6.19
CA LEU R 10 -21.04 -1.50 5.13
C LEU R 10 -21.63 -2.83 5.58
N THR R 11 -22.95 -2.89 5.67
CA THR R 11 -23.67 -4.07 6.13
C THR R 11 -24.18 -4.94 4.97
N ARG R 12 -23.81 -4.61 3.74
CA ARG R 12 -24.30 -5.35 2.57
C ARG R 12 -23.24 -5.25 1.48
N ASN R 13 -23.62 -5.67 0.27
CA ASN R 13 -22.73 -5.70 -0.89
C ASN R 13 -23.13 -4.61 -1.88
N LYS R 14 -22.40 -4.55 -2.99
CA LYS R 14 -22.66 -3.56 -4.02
C LYS R 14 -23.94 -3.90 -4.78
N GLY R 15 -24.46 -2.90 -5.50
CA GLY R 15 -25.66 -3.08 -6.28
C GLY R 15 -25.39 -3.72 -7.62
N PRO R 16 -26.24 -4.70 -8.00
CA PRO R 16 -26.10 -5.39 -9.28
C PRO R 16 -26.54 -4.52 -10.46
N ASP S 2 15.37 45.91 -43.65
CA ASP S 2 15.39 45.34 -44.99
C ASP S 2 14.16 45.80 -45.76
N VAL S 3 14.34 46.12 -47.04
CA VAL S 3 13.30 46.67 -47.89
C VAL S 3 13.03 45.69 -49.03
N PHE S 4 11.76 45.35 -49.22
CA PHE S 4 11.32 44.43 -50.26
C PHE S 4 10.57 45.19 -51.35
N LEU S 5 10.80 44.78 -52.59
CA LEU S 5 10.39 45.57 -53.74
C LEU S 5 9.75 44.67 -54.80
N MET S 6 9.16 45.31 -55.79
CA MET S 6 8.46 44.67 -56.91
C MET S 6 9.00 45.17 -58.24
N ILE S 7 10.32 45.11 -58.43
CA ILE S 7 10.93 45.60 -59.66
C ILE S 7 10.30 44.90 -60.85
N ARG S 8 9.58 45.66 -61.68
CA ARG S 8 8.77 45.06 -62.72
C ARG S 8 8.86 45.86 -64.01
N ARG S 9 8.79 45.15 -65.13
CA ARG S 9 8.72 45.76 -66.45
C ARG S 9 7.84 44.88 -67.32
N HIS S 10 6.79 45.46 -67.90
CA HIS S 10 5.82 44.74 -68.72
C HIS S 10 5.23 43.62 -67.88
N LYS S 11 5.40 42.34 -68.25
CA LYS S 11 4.83 41.25 -67.47
C LYS S 11 5.75 40.81 -66.35
N THR S 12 7.06 40.91 -66.54
CA THR S 12 8.03 40.46 -65.53
C THR S 12 7.89 41.31 -64.27
N THR S 13 7.88 40.64 -63.10
CA THR S 13 7.58 41.27 -61.82
C THR S 13 8.55 40.75 -60.75
N ILE S 14 9.85 40.90 -61.00
CA ILE S 14 10.89 40.40 -60.11
C ILE S 14 10.63 40.77 -58.65
N PHE S 15 10.87 39.82 -57.75
CA PHE S 15 10.72 39.99 -56.31
C PHE S 15 12.09 39.87 -55.66
N THR S 16 12.70 40.99 -55.30
CA THR S 16 14.00 41.01 -54.64
C THR S 16 13.92 41.92 -53.42
N ASP S 17 15.04 41.99 -52.69
CA ASP S 17 15.13 42.79 -51.48
C ASP S 17 16.47 43.48 -51.40
N ALA S 18 16.52 44.55 -50.60
CA ALA S 18 17.74 45.30 -50.36
C ALA S 18 17.59 46.08 -49.07
N LYS S 19 18.72 46.49 -48.50
CA LYS S 19 18.70 47.21 -47.24
C LYS S 19 18.14 48.63 -47.44
N GLU S 20 17.65 49.21 -46.34
CA GLU S 20 17.05 50.53 -46.39
C GLU S 20 18.08 51.60 -46.76
N SER S 21 19.30 51.48 -46.24
CA SER S 21 20.36 52.44 -46.50
C SER S 21 21.22 52.05 -47.70
N SER S 22 20.86 50.98 -48.41
CA SER S 22 21.67 50.52 -49.53
C SER S 22 21.53 51.46 -50.73
N THR S 23 22.47 51.32 -51.66
CA THR S 23 22.51 52.16 -52.84
C THR S 23 21.51 51.67 -53.88
N VAL S 24 20.88 52.61 -54.60
CA VAL S 24 19.97 52.24 -55.68
C VAL S 24 20.72 51.53 -56.81
N PHE S 25 22.00 51.85 -56.99
CA PHE S 25 22.76 51.27 -58.09
C PHE S 25 22.89 49.75 -57.95
N GLU S 26 23.13 49.26 -56.74
CA GLU S 26 23.33 47.83 -56.55
C GLU S 26 22.04 47.04 -56.78
N LEU S 27 20.88 47.69 -56.72
CA LEU S 27 19.64 47.03 -57.13
C LEU S 27 19.64 46.76 -58.63
N LYS S 28 20.23 47.66 -59.41
CA LYS S 28 20.39 47.41 -60.84
C LYS S 28 21.39 46.29 -61.10
N ARG S 29 22.31 46.06 -60.17
CA ARG S 29 23.18 44.88 -60.25
C ARG S 29 22.41 43.61 -59.97
N ILE S 30 21.37 43.68 -59.11
CA ILE S 30 20.56 42.50 -58.82
C ILE S 30 19.77 42.09 -60.06
N VAL S 31 19.13 43.04 -60.72
CA VAL S 31 18.43 42.75 -61.96
C VAL S 31 19.40 42.37 -63.07
N GLU S 32 20.64 42.87 -63.00
CA GLU S 32 21.66 42.48 -63.98
C GLU S 32 21.94 40.98 -63.90
N GLY S 33 21.79 40.38 -62.73
CA GLY S 33 21.93 38.94 -62.58
C GLY S 33 20.70 38.15 -62.89
N ILE S 34 19.61 38.80 -63.32
CA ILE S 34 18.35 38.13 -63.62
C ILE S 34 18.09 38.11 -65.12
N LEU S 35 17.97 39.29 -65.74
CA LEU S 35 17.75 39.38 -67.18
C LEU S 35 19.04 39.52 -67.98
N LYS S 36 20.20 39.51 -67.30
CA LYS S 36 21.50 39.66 -67.95
C LYS S 36 21.57 40.94 -68.77
N ARG S 37 21.14 42.04 -68.17
CA ARG S 37 21.14 43.34 -68.83
C ARG S 37 22.04 44.32 -68.07
N PRO S 38 22.78 45.16 -68.79
CA PRO S 38 23.70 46.08 -68.11
C PRO S 38 22.93 47.12 -67.30
N PRO S 39 23.51 47.61 -66.19
CA PRO S 39 22.79 48.59 -65.37
C PRO S 39 22.43 49.88 -66.09
N ASP S 40 23.28 50.34 -67.02
CA ASP S 40 22.94 51.54 -67.76
C ASP S 40 21.86 51.29 -68.81
N GLU S 41 21.76 50.05 -69.29
CA GLU S 41 20.69 49.69 -70.23
C GLU S 41 19.32 49.79 -69.57
N GLN S 42 19.23 49.36 -68.30
CA GLN S 42 17.96 49.36 -67.58
C GLN S 42 17.75 50.65 -66.82
N ARG S 43 16.51 51.15 -66.86
CA ARG S 43 16.15 52.43 -66.27
C ARG S 43 14.96 52.22 -65.34
N LEU S 44 15.08 52.73 -64.11
CA LEU S 44 14.06 52.52 -63.09
C LEU S 44 13.09 53.69 -63.10
N TYR S 45 11.83 53.41 -63.46
CA TYR S 45 10.77 54.42 -63.38
C TYR S 45 9.99 54.23 -62.08
N LYS S 46 10.67 54.53 -60.97
CA LYS S 46 10.07 54.41 -59.65
C LYS S 46 8.92 55.39 -59.50
N ASP S 47 7.71 54.85 -59.39
CA ASP S 47 6.48 55.64 -59.17
C ASP S 47 6.34 56.73 -60.22
N ASP S 48 6.58 56.36 -61.48
CA ASP S 48 6.57 57.22 -62.66
C ASP S 48 7.22 58.57 -62.41
N GLN S 49 8.35 58.57 -61.71
CA GLN S 49 9.11 59.79 -61.46
C GLN S 49 10.59 59.51 -61.69
N LEU S 50 11.38 60.57 -61.78
CA LEU S 50 12.80 60.45 -62.07
C LEU S 50 13.53 59.78 -60.91
N LEU S 51 14.56 59.02 -61.25
CA LEU S 51 15.38 58.33 -60.25
C LEU S 51 16.76 58.10 -60.85
N ASP S 52 17.77 58.76 -60.30
CA ASP S 52 19.11 58.67 -60.84
C ASP S 52 19.73 57.30 -60.55
N ASP S 53 20.81 57.00 -61.28
CA ASP S 53 21.50 55.73 -61.14
C ASP S 53 22.24 55.64 -59.81
N GLY S 54 22.54 56.77 -59.17
CA GLY S 54 23.22 56.76 -57.89
C GLY S 54 22.24 56.71 -56.73
N LYS S 55 22.26 57.74 -55.89
CA LYS S 55 21.34 57.89 -54.77
C LYS S 55 21.39 56.72 -53.80
N THR S 56 20.33 56.56 -53.00
CA THR S 56 20.22 55.46 -52.05
C THR S 56 18.76 55.23 -51.75
N LEU S 57 18.46 54.07 -51.16
CA LEU S 57 17.06 53.72 -50.88
C LEU S 57 16.52 54.46 -49.67
N GLY S 58 17.38 55.06 -48.85
CA GLY S 58 16.90 55.82 -47.70
C GLY S 58 16.09 57.03 -48.11
N GLU S 59 16.59 57.78 -49.09
CA GLU S 59 15.90 58.94 -49.63
C GLU S 59 15.26 58.67 -50.98
N CYS S 60 15.20 57.40 -51.40
CA CYS S 60 14.59 57.06 -52.67
C CYS S 60 13.10 57.40 -52.68
N GLY S 61 12.42 57.17 -51.57
CA GLY S 61 11.00 57.45 -51.48
C GLY S 61 10.23 56.44 -50.64
N PHE S 62 10.87 55.31 -50.33
CA PHE S 62 10.27 54.30 -49.49
C PHE S 62 11.25 53.87 -48.40
N THR S 63 10.72 53.60 -47.22
CA THR S 63 11.48 53.10 -46.09
C THR S 63 11.11 51.63 -45.84
N SER S 64 11.64 51.08 -44.75
CA SER S 64 11.32 49.70 -44.40
C SER S 64 9.86 49.55 -43.97
N GLN S 65 9.25 50.63 -43.48
CA GLN S 65 7.87 50.54 -43.01
C GLN S 65 6.88 50.46 -44.17
N THR S 66 7.08 51.27 -45.21
CA THR S 66 6.13 51.36 -46.31
C THR S 66 6.45 50.43 -47.47
N ALA S 67 7.54 49.66 -47.38
CA ALA S 67 7.88 48.65 -48.36
C ALA S 67 7.99 47.29 -47.68
N ARG S 68 7.04 47.03 -46.78
CA ARG S 68 7.00 45.80 -46.01
C ARG S 68 6.70 44.64 -46.98
N PRO S 69 7.32 43.47 -46.79
CA PRO S 69 7.21 42.42 -47.81
C PRO S 69 5.80 41.88 -48.02
N GLN S 70 4.86 42.10 -47.11
CA GLN S 70 3.49 41.65 -47.36
C GLN S 70 2.87 42.44 -48.51
N ALA S 71 3.13 43.74 -48.55
CA ALA S 71 2.70 44.60 -49.66
C ALA S 71 3.89 45.45 -50.09
N PRO S 72 4.86 44.86 -50.79
CA PRO S 72 6.08 45.60 -51.12
C PRO S 72 5.83 46.70 -52.14
N ALA S 73 6.68 47.72 -52.10
CA ALA S 73 6.56 48.85 -53.01
C ALA S 73 6.97 48.46 -54.42
N THR S 74 6.24 48.97 -55.40
CA THR S 74 6.50 48.65 -56.80
C THR S 74 7.54 49.61 -57.37
N VAL S 75 8.32 49.10 -58.32
CA VAL S 75 9.34 49.87 -59.03
C VAL S 75 9.24 49.55 -60.51
N GLY S 76 9.11 50.58 -61.33
CA GLY S 76 9.07 50.38 -62.77
C GLY S 76 10.44 50.07 -63.34
N LEU S 77 10.44 49.62 -64.59
CA LEU S 77 11.68 49.32 -65.30
C LEU S 77 11.42 49.38 -66.79
N ALA S 78 12.47 49.71 -67.55
CA ALA S 78 12.40 49.72 -68.99
C ALA S 78 13.81 49.61 -69.55
N PHE S 79 13.90 49.24 -70.83
CA PHE S 79 15.16 49.12 -71.54
C PHE S 79 15.18 50.06 -72.73
N ARG S 80 16.31 50.71 -72.96
CA ARG S 80 16.46 51.60 -74.10
C ARG S 80 16.51 50.80 -75.39
N ALA S 81 15.60 51.11 -76.31
CA ALA S 81 15.49 50.42 -77.60
C ALA S 81 15.76 51.42 -78.72
N ASP S 82 16.67 51.06 -79.62
CA ASP S 82 17.07 51.91 -80.74
C ASP S 82 17.56 53.27 -80.26
N ASP S 83 18.40 53.25 -79.23
CA ASP S 83 19.02 54.44 -78.64
C ASP S 83 17.98 55.38 -78.01
N THR S 84 16.77 54.89 -77.77
CA THR S 84 15.71 55.68 -77.13
C THR S 84 15.17 54.89 -75.94
N PHE S 85 15.08 55.57 -74.80
CA PHE S 85 14.54 54.95 -73.59
C PHE S 85 13.02 54.95 -73.67
N GLU S 86 12.43 53.75 -73.78
CA GLU S 86 10.98 53.64 -73.84
C GLU S 86 10.36 53.96 -72.49
N ALA S 87 9.12 54.43 -72.53
CA ALA S 87 8.40 54.73 -71.31
C ALA S 87 8.02 53.45 -70.57
N LEU S 88 7.68 53.60 -69.30
CA LEU S 88 7.27 52.45 -68.50
C LEU S 88 5.96 51.89 -69.03
N CYS S 89 5.86 50.57 -69.04
CA CYS S 89 4.68 49.87 -69.54
C CYS S 89 4.27 48.78 -68.57
N ILE S 90 4.18 49.13 -67.29
CA ILE S 90 3.76 48.20 -66.26
C ILE S 90 2.24 48.08 -66.30
N GLU S 91 1.75 46.86 -66.45
CA GLU S 91 0.30 46.67 -66.50
C GLU S 91 -0.22 46.13 -65.18
N PRO S 92 -1.47 46.44 -64.83
CA PRO S 92 -2.08 45.82 -63.65
C PRO S 92 -2.19 44.32 -63.82
N PHE S 93 -2.14 43.61 -62.69
CA PHE S 93 -2.18 42.15 -62.72
C PHE S 93 -3.47 41.64 -63.34
N SER S 94 -4.59 41.91 -62.68
CA SER S 94 -5.92 41.57 -63.17
C SER S 94 -6.94 42.26 -62.29
N SER S 95 -8.20 42.21 -62.72
CA SER S 95 -9.29 42.77 -61.94
C SER S 95 -10.08 41.62 -61.32
N PRO S 96 -9.97 41.40 -60.02
CA PRO S 96 -10.71 40.29 -59.39
C PRO S 96 -12.20 40.56 -59.36
N PRO S 97 -13.03 39.56 -59.67
CA PRO S 97 -14.48 39.69 -59.63
C PRO S 97 -15.00 39.87 -58.20
N MET T 1 18.79 30.19 -60.64
CA MET T 1 18.42 30.24 -59.23
C MET T 1 17.01 30.81 -59.06
N TYR T 2 16.77 31.98 -59.66
CA TYR T 2 15.47 32.62 -59.53
C TYR T 2 14.41 31.85 -60.32
N VAL T 3 13.28 31.58 -59.68
CA VAL T 3 12.20 30.80 -60.28
C VAL T 3 11.22 31.75 -60.94
N LYS T 4 10.90 31.47 -62.21
CA LYS T 4 10.12 32.38 -63.04
C LYS T 4 8.66 31.90 -63.07
N LEU T 5 7.94 32.21 -61.98
CA LEU T 5 6.53 31.85 -61.89
C LEU T 5 5.72 32.64 -62.91
N ILE T 6 4.84 31.94 -63.62
CA ILE T 6 4.02 32.52 -64.68
C ILE T 6 2.56 32.28 -64.35
N SER T 7 1.75 33.33 -64.45
CA SER T 7 0.32 33.23 -64.17
C SER T 7 -0.41 32.71 -65.40
N SER T 8 -1.75 32.78 -65.37
CA SER T 8 -2.55 32.26 -66.47
C SER T 8 -2.35 33.07 -67.75
N ASP T 9 -2.27 34.39 -67.63
CA ASP T 9 -2.20 35.29 -68.78
C ASP T 9 -0.77 35.67 -69.13
N GLY T 10 0.19 34.79 -68.87
CA GLY T 10 1.57 35.06 -69.23
C GLY T 10 2.21 36.22 -68.52
N HIS T 11 1.98 36.36 -67.21
CA HIS T 11 2.50 37.47 -66.43
C HIS T 11 3.50 36.89 -65.43
N GLU T 12 4.79 37.14 -65.66
CA GLU T 12 5.83 36.48 -64.88
C GLU T 12 6.00 37.11 -63.51
N PHE T 13 6.44 36.28 -62.55
CA PHE T 13 6.59 36.68 -61.15
C PHE T 13 7.90 36.14 -60.59
N ILE T 14 9.01 36.42 -61.28
CA ILE T 14 10.34 35.92 -60.94
C ILE T 14 10.64 36.12 -59.46
N VAL T 15 10.96 35.02 -58.77
CA VAL T 15 11.16 35.01 -57.33
C VAL T 15 12.26 34.00 -57.01
N LYS T 16 12.95 34.22 -55.89
CA LYS T 16 14.03 33.34 -55.47
C LYS T 16 13.51 31.92 -55.23
N ARG T 17 14.39 30.94 -55.48
CA ARG T 17 13.99 29.54 -55.34
C ARG T 17 13.66 29.21 -53.89
N GLU T 18 14.45 29.72 -52.94
CA GLU T 18 14.21 29.42 -51.53
C GLU T 18 12.84 29.91 -51.08
N HIS T 19 12.41 31.06 -51.59
CA HIS T 19 11.05 31.53 -51.32
C HIS T 19 10.01 30.62 -51.96
N ALA T 20 10.26 30.18 -53.19
CA ALA T 20 9.27 29.41 -53.94
C ALA T 20 9.23 27.93 -53.55
N LEU T 21 10.19 27.44 -52.79
CA LEU T 21 10.18 26.05 -52.35
C LEU T 21 9.42 25.85 -51.05
N THR T 22 8.89 26.92 -50.44
CA THR T 22 7.97 26.74 -49.33
C THR T 22 6.64 26.15 -49.81
N SER T 23 6.27 26.45 -51.05
CA SER T 23 5.09 25.83 -51.65
C SER T 23 5.37 24.35 -51.92
N GLY T 24 4.46 23.50 -51.46
CA GLY T 24 4.63 22.07 -51.68
C GLY T 24 4.52 21.68 -53.14
N THR T 25 3.60 22.31 -53.87
CA THR T 25 3.42 22.00 -55.28
C THR T 25 4.54 22.55 -56.14
N ILE T 26 4.95 23.80 -55.89
CA ILE T 26 6.03 24.39 -56.68
C ILE T 26 7.32 23.62 -56.48
N LYS T 27 7.55 23.12 -55.25
CA LYS T 27 8.67 22.21 -55.03
C LYS T 27 8.50 20.94 -55.84
N ALA T 28 7.27 20.41 -55.91
CA ALA T 28 7.01 19.23 -56.73
C ALA T 28 6.93 19.56 -58.21
N MET T 29 6.48 20.76 -58.56
CA MET T 29 6.40 21.15 -59.97
C MET T 29 7.79 21.30 -60.57
N LEU T 30 8.75 21.79 -59.79
CA LEU T 30 10.12 21.91 -60.26
C LEU T 30 10.81 20.55 -60.30
N SER T 31 10.50 19.69 -59.34
CA SER T 31 11.12 18.37 -59.28
C SER T 31 10.68 17.50 -60.45
N GLY T 32 11.53 16.55 -60.82
CA GLY T 32 11.25 15.66 -61.91
C GLY T 32 11.73 16.24 -63.24
N PRO T 33 10.94 16.04 -64.29
CA PRO T 33 11.30 16.62 -65.59
C PRO T 33 11.01 18.11 -65.68
N GLY T 34 10.78 18.74 -64.53
CA GLY T 34 10.77 20.17 -64.41
C GLY T 34 12.14 20.79 -64.26
N GLN T 35 13.19 19.97 -64.38
CA GLN T 35 14.59 20.39 -64.42
C GLN T 35 15.03 21.14 -63.16
N PHE T 36 14.31 20.93 -62.06
CA PHE T 36 14.68 21.45 -60.74
C PHE T 36 14.88 22.97 -60.75
N ASN T 42 13.35 26.27 -63.11
CA ASN T 42 13.66 27.67 -63.33
C ASN T 42 12.40 28.46 -63.66
N GLU T 43 11.47 27.83 -64.37
CA GLU T 43 10.20 28.47 -64.73
C GLU T 43 9.06 27.51 -64.43
N VAL T 44 8.05 28.01 -63.73
CA VAL T 44 6.85 27.25 -63.41
C VAL T 44 5.66 27.98 -64.01
N ASN T 45 4.90 27.28 -64.85
CA ASN T 45 3.77 27.87 -65.54
C ASN T 45 2.48 27.39 -64.88
N PHE T 46 1.67 28.33 -64.40
CA PHE T 46 0.38 28.03 -63.78
C PHE T 46 -0.71 28.30 -64.80
N ARG T 47 -1.41 27.25 -65.23
CA ARG T 47 -2.42 27.40 -66.26
C ARG T 47 -3.70 28.04 -65.71
N GLU T 48 -4.01 27.82 -64.43
CA GLU T 48 -5.28 28.24 -63.85
C GLU T 48 -5.18 29.47 -62.98
N ILE T 49 -4.06 29.68 -62.28
CA ILE T 49 -3.92 30.78 -61.34
C ILE T 49 -3.81 32.09 -62.11
N PRO T 50 -4.71 33.05 -61.88
CA PRO T 50 -4.62 34.36 -62.53
C PRO T 50 -3.55 35.23 -61.87
N SER T 51 -3.34 36.41 -62.48
CA SER T 51 -2.21 37.26 -62.09
C SER T 51 -2.46 37.95 -60.75
N HIS T 52 -3.69 38.41 -60.51
CA HIS T 52 -3.96 39.22 -59.33
C HIS T 52 -3.82 38.44 -58.02
N VAL T 53 -3.85 37.12 -58.09
CA VAL T 53 -3.77 36.29 -56.89
C VAL T 53 -2.38 35.66 -56.79
N LEU T 54 -1.75 35.39 -57.94
CA LEU T 54 -0.40 34.84 -57.92
C LEU T 54 0.59 35.85 -57.36
N SER T 55 0.34 37.14 -57.58
CA SER T 55 1.18 38.18 -56.97
C SER T 55 1.13 38.09 -55.45
N LYS T 56 -0.06 37.87 -54.89
CA LYS T 56 -0.20 37.79 -53.44
C LYS T 56 0.38 36.48 -52.91
N VAL T 57 0.42 35.44 -53.74
CA VAL T 57 1.11 34.22 -53.35
C VAL T 57 2.60 34.46 -53.23
N CYS T 58 3.20 35.11 -54.23
CA CYS T 58 4.63 35.41 -54.19
C CYS T 58 4.96 36.36 -53.05
N MET T 59 4.06 37.30 -52.74
CA MET T 59 4.26 38.17 -51.58
C MET T 59 4.28 37.36 -50.29
N TYR T 60 3.51 36.27 -50.23
CA TYR T 60 3.54 35.41 -49.05
C TYR T 60 4.88 34.70 -48.92
N PHE T 61 5.48 34.31 -50.04
CA PHE T 61 6.75 33.58 -49.99
C PHE T 61 7.84 34.41 -49.33
N THR T 62 7.91 35.69 -49.66
CA THR T 62 8.82 36.60 -48.94
C THR T 62 8.40 36.77 -47.50
N TYR T 63 7.09 36.81 -47.24
CA TYR T 63 6.59 36.93 -45.86
C TYR T 63 6.85 35.66 -45.05
N LYS T 64 6.77 34.50 -45.69
CA LYS T 64 6.98 33.25 -44.97
C LYS T 64 8.45 33.06 -44.60
N VAL T 65 9.35 33.29 -45.57
CA VAL T 65 10.76 32.98 -45.36
C VAL T 65 11.38 33.94 -44.35
N ARG T 66 11.10 35.24 -44.50
CA ARG T 66 11.70 36.23 -43.60
C ARG T 66 11.23 36.04 -42.17
N TYR T 67 9.94 35.82 -41.96
CA TYR T 67 9.37 35.80 -40.63
C TYR T 67 9.39 34.42 -39.99
N THR T 68 9.99 33.44 -40.66
CA THR T 68 10.15 32.10 -40.08
C THR T 68 10.94 32.20 -38.78
N ASN T 69 10.43 31.52 -37.74
CA ASN T 69 10.95 31.44 -36.37
C ASN T 69 11.61 32.73 -35.89
N SER T 70 10.94 33.86 -36.14
CA SER T 70 11.45 35.16 -35.76
C SER T 70 11.18 35.44 -34.27
N SER T 71 12.00 36.33 -33.72
CA SER T 71 11.88 36.68 -32.30
C SER T 71 10.70 37.61 -32.04
N THR T 72 10.40 38.52 -32.95
CA THR T 72 9.37 39.51 -32.74
C THR T 72 7.98 38.93 -33.00
N GLU T 73 6.96 39.75 -32.80
CA GLU T 73 5.59 39.34 -33.06
C GLU T 73 5.28 39.53 -34.54
N ILE T 74 4.81 38.46 -35.19
CA ILE T 74 4.58 38.46 -36.62
C ILE T 74 3.28 39.20 -36.95
N PRO T 75 3.30 40.21 -37.81
CA PRO T 75 2.05 40.83 -38.24
C PRO T 75 1.22 39.88 -39.07
N GLU T 76 -0.10 40.06 -39.00
CA GLU T 76 -1.02 39.26 -39.80
C GLU T 76 -0.85 39.58 -41.28
N PHE T 77 -0.91 38.55 -42.11
CA PHE T 77 -0.77 38.73 -43.55
C PHE T 77 -2.01 39.43 -44.09
N PRO T 78 -1.88 40.60 -44.72
CA PRO T 78 -3.06 41.31 -45.24
C PRO T 78 -3.56 40.67 -46.53
N ILE T 79 -4.79 40.18 -46.51
CA ILE T 79 -5.44 39.59 -47.67
C ILE T 79 -6.64 40.44 -48.02
N ALA T 80 -6.71 40.90 -49.25
CA ALA T 80 -7.87 41.67 -49.70
C ALA T 80 -9.09 40.77 -49.73
N PRO T 81 -10.23 41.20 -49.17
CA PRO T 81 -11.43 40.35 -49.18
C PRO T 81 -11.92 40.01 -50.58
N GLU T 82 -11.61 40.83 -51.59
CA GLU T 82 -12.01 40.50 -52.95
C GLU T 82 -11.26 39.27 -53.47
N ILE T 83 -10.01 39.09 -53.07
CA ILE T 83 -9.19 37.97 -53.52
C ILE T 83 -9.00 36.92 -52.44
N ALA T 84 -9.69 37.07 -51.31
CA ALA T 84 -9.52 36.12 -50.20
C ALA T 84 -9.97 34.72 -50.60
N LEU T 85 -11.05 34.63 -51.37
CA LEU T 85 -11.54 33.33 -51.81
C LEU T 85 -10.59 32.69 -52.82
N GLU T 86 -10.17 33.47 -53.82
CA GLU T 86 -9.30 32.93 -54.86
C GLU T 86 -7.90 32.63 -54.32
N LEU T 87 -7.46 33.38 -53.31
CA LEU T 87 -6.21 33.03 -52.64
C LEU T 87 -6.35 31.74 -51.86
N LEU T 88 -7.55 31.47 -51.33
CA LEU T 88 -7.77 30.24 -50.60
C LEU T 88 -7.77 29.03 -51.52
N MET T 89 -8.33 29.19 -52.72
CA MET T 89 -8.33 28.07 -53.67
C MET T 89 -6.93 27.79 -54.20
N ALA T 90 -6.08 28.82 -54.25
CA ALA T 90 -4.69 28.67 -54.69
C ALA T 90 -3.75 28.42 -53.52
N ALA T 91 -4.26 28.23 -52.31
CA ALA T 91 -3.44 27.97 -51.15
C ALA T 91 -3.35 26.49 -50.80
N ASN T 92 -4.24 25.65 -51.31
CA ASN T 92 -4.06 24.21 -51.20
C ASN T 92 -3.49 23.60 -52.47
N PHE T 93 -3.85 24.16 -53.64
CA PHE T 93 -3.27 23.69 -54.89
C PHE T 93 -1.76 23.87 -54.90
N LEU T 94 -1.28 25.00 -54.39
CA LEU T 94 0.14 25.23 -54.24
C LEU T 94 0.70 24.63 -52.96
N ASP T 95 -0.16 24.25 -52.02
CA ASP T 95 0.22 23.67 -50.74
C ASP T 95 1.23 24.59 -50.04
N CYS T 96 0.89 25.87 -50.02
CA CYS T 96 1.79 26.88 -49.45
C CYS T 96 1.12 27.62 -48.30
N TRP U 27 79.61 14.56 20.74
CA TRP U 27 78.97 13.31 21.09
C TRP U 27 77.59 13.18 20.43
N ASN U 28 77.52 12.39 19.37
CA ASN U 28 76.26 12.11 18.72
C ASN U 28 75.47 11.12 19.58
N ALA U 29 74.27 11.51 19.99
CA ALA U 29 73.48 10.70 20.91
C ALA U 29 72.06 10.52 20.38
N VAL U 30 71.44 9.40 20.76
CA VAL U 30 70.12 9.00 20.30
C VAL U 30 69.19 8.94 21.50
N ALA U 31 68.06 9.63 21.43
CA ALA U 31 67.11 9.68 22.52
C ALA U 31 65.69 9.48 21.99
N LEU U 32 65.00 8.47 22.51
CA LEU U 32 63.61 8.20 22.17
C LEU U 32 62.72 9.04 23.08
N TRP U 33 61.98 9.98 22.50
CA TRP U 33 61.03 10.75 23.28
C TRP U 33 59.67 10.07 23.25
N ALA U 34 58.99 10.09 24.38
CA ALA U 34 57.66 9.53 24.50
C ALA U 34 56.92 10.24 25.61
N TRP U 35 55.59 10.15 25.57
CA TRP U 35 54.76 10.71 26.62
C TRP U 35 54.79 9.79 27.82
N ASP U 36 54.94 10.38 29.01
CA ASP U 36 55.20 9.62 30.23
C ASP U 36 53.96 8.94 30.79
N ILE U 37 52.85 8.89 30.03
CA ILE U 37 51.70 8.10 30.45
C ILE U 37 52.05 6.61 30.37
N VAL U 38 51.68 5.87 31.42
CA VAL U 38 51.93 4.42 31.44
C VAL U 38 50.75 3.63 30.88
N VAL U 39 49.59 4.25 30.71
CA VAL U 39 48.43 3.56 30.15
C VAL U 39 48.66 3.25 28.67
N ASP U 40 49.42 4.10 27.98
CA ASP U 40 49.84 4.06 26.58
C ASP U 40 48.75 3.58 25.62
N ASN U 41 47.50 3.94 25.90
CA ASN U 41 46.36 3.72 25.02
C ASN U 41 45.31 4.76 25.33
N CYS U 42 44.93 5.54 24.33
CA CYS U 42 43.84 6.51 24.48
C CYS U 42 42.54 5.72 24.62
N ALA U 43 41.98 5.69 25.83
CA ALA U 43 40.82 4.85 26.11
C ALA U 43 39.56 5.31 25.38
N ILE U 44 39.57 6.49 24.79
CA ILE U 44 38.40 6.95 24.04
C ILE U 44 38.42 6.39 22.63
N CYS U 45 39.55 6.46 21.95
CA CYS U 45 39.69 6.02 20.58
C CYS U 45 40.42 4.67 20.46
N ARG U 46 40.84 4.08 21.58
CA ARG U 46 41.43 2.75 21.64
C ARG U 46 42.75 2.64 20.88
N ASN U 47 43.26 3.74 20.34
CA ASN U 47 44.53 3.72 19.63
C ASN U 47 45.68 3.87 20.61
N HIS U 48 46.90 3.72 20.10
CA HIS U 48 48.09 3.95 20.90
C HIS U 48 48.17 5.43 21.27
N ILE U 49 48.71 5.70 22.47
CA ILE U 49 48.80 7.08 22.92
C ILE U 49 49.81 7.87 22.11
N MET U 50 50.74 7.20 21.43
CA MET U 50 51.75 7.89 20.63
C MET U 50 51.30 8.09 19.19
N ASP U 51 50.46 7.20 18.67
CA ASP U 51 49.95 7.33 17.32
C ASP U 51 48.91 8.45 17.26
N LEU U 52 48.52 8.80 16.03
CA LEU U 52 47.46 9.77 15.84
C LEU U 52 46.13 9.20 16.31
N CYS U 53 45.23 10.10 16.68
CA CYS U 53 43.92 9.65 17.12
C CYS U 53 43.10 9.15 15.92
N ILE U 54 41.92 8.62 16.22
CA ILE U 54 41.08 8.11 15.14
C ILE U 54 40.56 9.25 14.28
N GLU U 55 40.46 10.46 14.83
CA GLU U 55 40.06 11.60 14.02
C GLU U 55 41.18 12.03 13.07
N CYS U 56 42.42 12.03 13.56
CA CYS U 56 43.55 12.43 12.74
C CYS U 56 44.05 11.32 11.82
N GLN U 57 43.57 10.10 11.98
CA GLN U 57 43.89 9.02 11.04
C GLN U 57 42.81 8.81 9.99
N ALA U 58 41.64 9.42 10.16
CA ALA U 58 40.52 9.19 9.24
C ALA U 58 40.47 10.26 8.15
N ASN U 59 40.31 11.52 8.54
CA ASN U 59 40.23 12.62 7.58
C ASN U 59 41.54 13.40 7.46
N GLN U 60 42.08 13.88 8.56
CA GLN U 60 43.29 14.69 8.53
C GLN U 60 44.55 13.86 8.37
N ALA U 61 44.44 12.58 8.04
CA ALA U 61 45.62 11.76 7.79
C ALA U 61 46.40 12.26 6.59
N SER U 62 45.69 12.61 5.52
CA SER U 62 46.33 13.15 4.32
C SER U 62 46.29 14.66 4.27
N ALA U 63 45.56 15.32 5.17
CA ALA U 63 45.45 16.78 5.15
C ALA U 63 46.46 17.44 6.10
N THR U 64 46.32 17.21 7.41
CA THR U 64 47.20 17.85 8.39
C THR U 64 47.19 17.00 9.65
N SER U 65 48.27 16.26 9.89
CA SER U 65 48.42 15.45 11.11
C SER U 65 49.79 15.71 11.73
N GLU U 66 49.89 16.76 12.56
CA GLU U 66 51.07 16.98 13.38
C GLU U 66 50.69 17.54 14.74
N GLU U 67 49.45 18.00 14.88
CA GLU U 67 48.98 18.67 16.09
C GLU U 67 48.20 17.76 17.02
N CYS U 68 48.23 16.46 16.78
CA CYS U 68 47.47 15.49 17.59
C CYS U 68 48.29 15.16 18.84
N THR U 69 48.21 16.05 19.83
CA THR U 69 48.90 15.89 21.09
C THR U 69 47.97 15.26 22.12
N VAL U 70 48.49 15.03 23.32
CA VAL U 70 47.72 14.43 24.40
C VAL U 70 47.54 15.45 25.51
N ALA U 71 46.45 15.27 26.26
CA ALA U 71 46.10 16.17 27.36
C ALA U 71 45.84 15.32 28.60
N TRP U 72 46.43 15.72 29.72
CA TRP U 72 46.26 14.99 30.97
C TRP U 72 45.03 15.51 31.70
N GLY U 73 44.87 15.11 32.96
CA GLY U 73 43.78 15.58 33.78
C GLY U 73 44.13 15.45 35.24
N VAL U 74 43.23 15.97 36.09
CA VAL U 74 43.44 15.87 37.53
C VAL U 74 43.44 14.42 37.97
N CYS U 75 42.64 13.58 37.32
CA CYS U 75 42.65 12.14 37.57
C CYS U 75 43.87 11.44 36.97
N ASN U 76 44.77 12.19 36.33
CA ASN U 76 46.01 11.66 35.77
C ASN U 76 45.74 10.56 34.74
N HIS U 77 44.81 10.82 33.83
CA HIS U 77 44.50 9.92 32.73
C HIS U 77 44.63 10.71 31.44
N ALA U 78 45.75 10.54 30.74
CA ALA U 78 46.01 11.28 29.52
C ALA U 78 45.30 10.64 28.34
N PHE U 79 44.72 11.49 27.49
CA PHE U 79 44.04 11.05 26.28
C PHE U 79 44.49 11.96 25.15
N HIS U 80 44.24 11.52 23.91
CA HIS U 80 44.46 12.40 22.78
C HIS U 80 43.59 13.64 22.93
N PHE U 81 44.19 14.81 22.70
CA PHE U 81 43.48 16.06 22.96
C PHE U 81 42.25 16.20 22.07
N HIS U 82 42.33 15.72 20.84
CA HIS U 82 41.15 15.70 19.98
C HIS U 82 40.09 14.76 20.53
N CYS U 83 40.50 13.60 21.03
CA CYS U 83 39.54 12.62 21.55
C CYS U 83 38.85 13.13 22.80
N ILE U 84 39.62 13.68 23.74
CA ILE U 84 39.03 14.12 25.00
C ILE U 84 38.13 15.34 24.75
N SER U 85 38.50 16.22 23.83
CA SER U 85 37.60 17.30 23.44
C SER U 85 36.38 16.75 22.69
N ARG U 86 36.59 15.72 21.87
CA ARG U 86 35.47 15.00 21.28
C ARG U 86 34.62 14.34 22.36
N TRP U 87 35.26 13.80 23.39
CA TRP U 87 34.53 13.17 24.49
C TRP U 87 33.79 14.20 25.33
N LEU U 88 34.40 15.38 25.55
CA LEU U 88 33.80 16.39 26.39
C LEU U 88 32.58 17.06 25.77
N LYS U 89 32.35 16.87 24.46
CA LYS U 89 31.21 17.49 23.81
C LYS U 89 29.89 16.87 24.24
N THR U 90 29.90 15.66 24.80
CA THR U 90 28.70 15.01 25.29
C THR U 90 28.73 14.75 26.78
N ARG U 91 29.83 14.20 27.30
CA ARG U 91 29.97 13.89 28.72
C ARG U 91 31.23 14.57 29.24
N GLN U 92 31.11 15.27 30.36
CA GLN U 92 32.22 16.02 30.94
C GLN U 92 32.92 15.26 32.07
N VAL U 93 32.95 13.93 31.99
CA VAL U 93 33.63 13.10 32.96
C VAL U 93 34.75 12.34 32.28
N CYS U 94 35.74 11.93 33.06
CA CYS U 94 36.83 11.12 32.53
C CYS U 94 36.29 9.75 32.13
N PRO U 95 36.64 9.24 30.94
CA PRO U 95 36.05 7.98 30.48
C PRO U 95 36.35 6.79 31.38
N LEU U 96 37.55 6.73 31.95
CA LEU U 96 37.92 5.56 32.75
C LEU U 96 37.23 5.57 34.11
N ASP U 97 37.51 6.59 34.92
CA ASP U 97 36.85 6.77 36.21
C ASP U 97 35.94 7.99 36.17
N ASN U 98 34.70 7.81 36.62
CA ASN U 98 33.68 8.84 36.50
C ASN U 98 33.93 9.96 37.52
N ARG U 99 34.96 10.75 37.23
CA ARG U 99 35.28 11.94 37.99
C ARG U 99 35.07 13.17 37.13
N GLU U 100 34.97 14.32 37.80
CA GLU U 100 34.94 15.58 37.07
C GLU U 100 36.26 15.78 36.33
N TRP U 101 36.17 16.16 35.06
CA TRP U 101 37.33 16.21 34.18
C TRP U 101 37.85 17.64 34.09
N GLU U 102 39.10 17.85 34.48
CA GLU U 102 39.76 19.15 34.38
C GLU U 102 41.17 18.94 33.89
N PHE U 103 41.53 19.61 32.80
CA PHE U 103 42.87 19.50 32.25
C PHE U 103 43.90 20.10 33.20
N GLN U 104 45.05 19.44 33.31
CA GLN U 104 46.16 19.98 34.08
C GLN U 104 47.43 20.17 33.27
N LYS U 105 47.57 19.48 32.13
CA LYS U 105 48.80 19.55 31.35
C LYS U 105 48.48 19.22 29.91
N TYR U 106 49.09 19.96 29.00
CA TYR U 106 48.97 19.74 27.57
C TYR U 106 50.35 19.40 27.00
N GLY U 107 50.43 19.31 25.68
CA GLY U 107 51.70 19.07 24.98
C GLY U 107 51.84 20.13 23.89
N HIS U 108 52.98 20.80 23.87
CA HIS U 108 53.24 21.83 22.88
C HIS U 108 54.61 22.46 23.03
N THR V 1 -11.65 29.08 -66.75
CA THR V 1 -10.58 28.10 -66.62
C THR V 1 -9.82 28.27 -65.31
N SER V 2 -10.44 28.95 -64.34
CA SER V 2 -9.83 29.15 -63.04
C SER V 2 -9.77 27.84 -62.28
N LEU V 3 -8.99 27.84 -61.20
CA LEU V 3 -8.74 26.63 -60.42
C LEU V 3 -9.88 26.31 -59.44
N LYS V 4 -11.05 26.91 -59.63
CA LYS V 4 -12.22 26.48 -58.89
C LYS V 4 -12.68 25.13 -59.43
N PRO V 5 -13.48 24.39 -58.65
CA PRO V 5 -14.03 23.13 -59.15
C PRO V 5 -14.81 23.32 -60.43
N ARG V 6 -14.71 22.34 -61.32
CA ARG V 6 -15.45 22.38 -62.58
C ARG V 6 -15.70 20.96 -63.03
N VAL V 7 -16.72 20.78 -63.86
CA VAL V 7 -17.05 19.46 -64.38
C VAL V 7 -16.10 19.12 -65.52
N VAL V 8 -15.52 17.92 -65.45
CA VAL V 8 -14.59 17.44 -66.46
C VAL V 8 -14.99 16.02 -66.83
N ASP V 9 -14.51 15.58 -67.99
CA ASP V 9 -14.61 14.18 -68.39
C ASP V 9 -13.29 13.48 -68.07
N PHE V 10 -13.40 12.30 -67.43
CA PHE V 10 -12.20 11.62 -66.98
C PHE V 10 -11.45 10.98 -68.14
N ASP V 11 -12.18 10.46 -69.13
CA ASP V 11 -11.55 9.73 -70.22
C ASP V 11 -10.63 10.63 -71.04
N GLU V 12 -11.05 11.88 -71.29
CA GLU V 12 -10.18 12.80 -72.01
C GLU V 12 -9.03 13.29 -71.13
N THR V 13 -9.30 13.54 -69.85
CA THR V 13 -8.26 14.04 -68.96
C THR V 13 -7.24 12.96 -68.63
N TRP V 14 -7.69 11.73 -68.41
CA TRP V 14 -6.77 10.64 -68.12
C TRP V 14 -5.89 10.30 -69.32
N ASN V 15 -6.45 10.40 -70.53
CA ASN V 15 -5.65 10.14 -71.72
C ASN V 15 -4.55 11.17 -71.89
N LYS V 16 -4.76 12.39 -71.40
CA LYS V 16 -3.70 13.39 -71.42
C LYS V 16 -2.65 13.09 -70.36
N LEU V 17 -3.08 12.58 -69.20
CA LEU V 17 -2.12 12.11 -68.21
C LEU V 17 -1.42 10.84 -68.66
N LEU V 18 -2.13 9.97 -69.37
CA LEU V 18 -1.56 8.67 -69.73
C LEU V 18 -0.37 8.81 -70.66
N THR V 19 -0.43 9.72 -71.62
CA THR V 19 0.70 9.95 -72.50
C THR V 19 1.90 10.54 -71.78
N THR V 20 1.70 11.13 -70.60
CA THR V 20 2.76 11.72 -69.81
C THR V 20 3.19 10.81 -68.66
N ILE V 21 2.25 10.09 -68.04
CA ILE V 21 2.58 9.26 -66.90
C ILE V 21 3.47 8.08 -67.31
N LYS V 22 3.30 7.58 -68.53
CA LYS V 22 4.17 6.50 -69.00
C LYS V 22 5.54 7.00 -69.40
N ALA V 23 5.66 8.24 -69.86
CA ALA V 23 6.96 8.84 -70.13
C ALA V 23 7.74 9.14 -68.87
N VAL V 24 7.06 9.46 -67.76
CA VAL V 24 7.74 9.73 -66.50
C VAL V 24 8.33 8.45 -65.93
N VAL V 25 7.56 7.36 -65.95
CA VAL V 25 8.02 6.10 -65.37
C VAL V 25 9.04 5.39 -66.24
N MET V 26 9.29 5.88 -67.45
CA MET V 26 10.38 5.38 -68.29
C MET V 26 11.44 6.44 -68.50
N LEU V 27 11.33 7.56 -67.77
CA LEU V 27 12.29 8.66 -67.79
C LEU V 27 12.57 9.18 -69.20
N GLU V 28 11.52 9.35 -70.00
CA GLU V 28 11.64 9.99 -71.29
C GLU V 28 11.55 11.50 -71.11
N TYR V 29 11.47 12.24 -72.22
CA TYR V 29 11.45 13.68 -72.20
C TYR V 29 10.03 14.20 -72.35
N VAL V 30 9.59 15.01 -71.39
CA VAL V 30 8.35 15.75 -71.48
C VAL V 30 8.65 17.22 -71.27
N GLU V 31 7.87 18.08 -71.92
CA GLU V 31 8.16 19.51 -71.92
C GLU V 31 7.90 20.10 -70.53
N ARG V 32 8.54 21.24 -70.28
CA ARG V 32 8.31 21.98 -69.04
C ARG V 32 6.86 22.43 -68.94
N ALA V 33 6.30 22.95 -70.05
CA ALA V 33 4.90 23.34 -70.06
C ALA V 33 3.98 22.15 -69.87
N THR V 34 4.29 21.02 -70.51
CA THR V 34 3.44 19.84 -70.40
C THR V 34 3.44 19.28 -68.99
N TRP V 35 4.62 19.14 -68.38
CA TRP V 35 4.69 18.61 -67.03
C TRP V 35 4.04 19.56 -66.03
N ASN V 36 4.16 20.87 -66.25
CA ASN V 36 3.46 21.83 -65.41
C ASN V 36 1.97 21.89 -65.75
N ASP V 37 1.57 21.48 -66.95
CA ASP V 37 0.15 21.42 -67.28
C ASP V 37 -0.53 20.24 -66.60
N ARG V 38 0.18 19.12 -66.46
CA ARG V 38 -0.42 17.93 -65.85
C ARG V 38 -0.73 18.13 -64.38
N PHE V 39 -0.05 19.06 -63.71
CA PHE V 39 -0.40 19.37 -62.32
C PHE V 39 -1.79 19.97 -62.23
N SER V 40 -2.15 20.83 -63.20
CA SER V 40 -3.49 21.37 -63.27
C SER V 40 -4.52 20.34 -63.69
N ASP V 41 -4.09 19.18 -64.18
CA ASP V 41 -5.01 18.10 -64.53
C ASP V 41 -5.21 17.14 -63.36
N ILE V 42 -4.16 16.88 -62.58
CA ILE V 42 -4.33 16.09 -61.36
C ILE V 42 -5.21 16.82 -60.38
N TYR V 43 -5.01 18.14 -60.25
CA TYR V 43 -5.88 18.94 -59.39
C TYR V 43 -7.31 18.96 -59.91
N ALA V 44 -7.49 19.08 -61.22
CA ALA V 44 -8.83 19.15 -61.79
C ALA V 44 -9.59 17.84 -61.70
N LEU V 45 -8.93 16.74 -61.32
CA LEU V 45 -9.61 15.46 -61.16
C LEU V 45 -9.97 15.19 -59.71
N CYS V 46 -9.09 15.54 -58.77
CA CYS V 46 -9.37 15.38 -57.35
C CYS V 46 -10.40 16.37 -56.84
N VAL V 47 -10.68 17.41 -57.60
CA VAL V 47 -11.54 18.48 -57.12
C VAL V 47 -12.73 18.70 -58.04
N ALA V 48 -13.01 17.76 -58.92
CA ALA V 48 -14.06 17.95 -59.91
C ALA V 48 -15.42 18.00 -59.30
N TYR V 49 -16.41 18.45 -60.07
CA TYR V 49 -17.79 18.49 -59.62
C TYR V 49 -18.61 17.69 -60.62
N PRO V 50 -19.55 16.86 -60.15
CA PRO V 50 -20.13 16.78 -58.80
C PRO V 50 -19.35 15.89 -57.86
N GLU V 51 -18.84 14.77 -58.38
CA GLU V 51 -18.11 13.81 -57.56
C GLU V 51 -16.62 13.94 -57.83
N PRO V 52 -15.79 14.19 -56.83
CA PRO V 52 -14.34 14.27 -57.07
C PRO V 52 -13.80 12.92 -57.55
N LEU V 53 -13.05 12.96 -58.64
CA LEU V 53 -12.50 11.75 -59.24
C LEU V 53 -11.13 11.42 -58.66
N GLY V 54 -11.05 11.37 -57.35
CA GLY V 54 -9.83 10.94 -56.69
C GLY V 54 -9.71 9.43 -56.71
N GLU V 55 -10.84 8.73 -56.54
CA GLU V 55 -10.83 7.28 -56.59
C GLU V 55 -10.59 6.77 -58.01
N ARG V 56 -11.22 7.40 -59.00
CA ARG V 56 -11.00 7.00 -60.39
C ARG V 56 -9.56 7.26 -60.82
N LEU V 57 -8.99 8.38 -60.38
CA LEU V 57 -7.59 8.67 -60.69
C LEU V 57 -6.67 7.67 -60.01
N TYR V 58 -7.00 7.25 -58.80
CA TYR V 58 -6.17 6.30 -58.08
C TYR V 58 -6.23 4.92 -58.73
N THR V 59 -7.43 4.43 -59.04
CA THR V 59 -7.56 3.09 -59.61
C THR V 59 -6.96 3.01 -61.00
N GLU V 60 -7.22 4.01 -61.84
CA GLU V 60 -6.65 3.99 -63.18
C GLU V 60 -5.12 4.09 -63.14
N THR V 61 -4.58 4.87 -62.21
CA THR V 61 -3.14 4.88 -61.99
C THR V 61 -2.65 3.52 -61.49
N LYS V 62 -3.35 2.95 -60.52
CA LYS V 62 -2.96 1.64 -59.98
C LYS V 62 -3.04 0.57 -61.06
N ILE V 63 -4.08 0.62 -61.90
CA ILE V 63 -4.19 -0.31 -63.02
C ILE V 63 -3.07 -0.07 -64.02
N PHE V 64 -2.71 1.20 -64.25
CA PHE V 64 -1.67 1.50 -65.23
C PHE V 64 -0.32 0.98 -64.79
N LEU V 65 0.05 1.21 -63.53
CA LEU V 65 1.33 0.69 -63.03
C LEU V 65 1.33 -0.83 -62.96
N GLU V 66 0.23 -1.42 -62.50
CA GLU V 66 0.13 -2.88 -62.44
C GLU V 66 0.22 -3.49 -63.83
N ASN V 67 -0.22 -2.76 -64.85
CA ASN V 67 -0.03 -3.18 -66.24
C ASN V 67 1.31 -2.72 -66.81
N HIS V 68 2.14 -2.04 -66.01
CA HIS V 68 3.43 -1.55 -66.47
C HIS V 68 4.59 -2.35 -65.90
N VAL V 69 4.55 -2.67 -64.61
CA VAL V 69 5.63 -3.48 -64.03
C VAL V 69 5.58 -4.90 -64.57
N ARG V 70 4.38 -5.45 -64.80
CA ARG V 70 4.30 -6.75 -65.44
C ARG V 70 4.73 -6.67 -66.91
N HIS V 71 4.54 -5.51 -67.53
CA HIS V 71 5.12 -5.29 -68.86
C HIS V 71 6.64 -5.31 -68.78
N LEU V 72 7.20 -4.69 -67.74
CA LEU V 72 8.64 -4.78 -67.51
C LEU V 72 9.04 -6.17 -67.05
N HIS V 73 8.14 -6.89 -66.38
CA HIS V 73 8.45 -8.24 -65.92
C HIS V 73 8.61 -9.20 -67.09
N LYS V 74 7.77 -9.05 -68.12
CA LYS V 74 7.91 -9.89 -69.31
C LYS V 74 9.21 -9.59 -70.05
N ARG V 75 9.56 -8.31 -70.16
CA ARG V 75 10.76 -7.93 -70.90
C ARG V 75 12.04 -8.34 -70.18
N VAL V 76 11.97 -8.67 -68.90
CA VAL V 76 13.12 -9.17 -68.17
C VAL V 76 13.12 -10.69 -68.10
N LEU V 77 11.95 -11.30 -67.88
CA LEU V 77 11.88 -12.76 -67.79
C LEU V 77 12.16 -13.40 -69.15
N GLU V 78 11.91 -12.68 -70.25
CA GLU V 78 12.19 -13.21 -71.57
C GLU V 78 13.69 -13.42 -71.78
N SER V 79 14.51 -12.56 -71.19
CA SER V 79 15.96 -12.75 -71.21
C SER V 79 16.39 -13.59 -70.03
N GLU V 80 17.28 -14.55 -70.28
CA GLU V 80 17.68 -15.48 -69.22
C GLU V 80 19.12 -15.23 -68.80
N GLU V 81 19.98 -14.88 -69.76
CA GLU V 81 21.37 -14.60 -69.47
C GLU V 81 21.59 -13.25 -68.81
N GLN V 82 20.69 -12.29 -69.02
CA GLN V 82 20.87 -10.92 -68.55
C GLN V 82 19.67 -10.49 -67.72
N VAL V 83 19.26 -11.34 -66.78
CA VAL V 83 18.19 -10.96 -65.85
C VAL V 83 18.64 -9.79 -64.98
N LEU V 84 19.86 -9.86 -64.46
CA LEU V 84 20.36 -8.81 -63.57
C LEU V 84 20.57 -7.50 -64.32
N VAL V 85 21.01 -7.57 -65.58
CA VAL V 85 21.26 -6.35 -66.34
C VAL V 85 19.94 -5.66 -66.69
N MET V 86 18.94 -6.42 -67.14
CA MET V 86 17.67 -5.81 -67.52
C MET V 86 16.88 -5.39 -66.29
N TYR V 87 17.06 -6.07 -65.16
CA TYR V 87 16.39 -5.65 -63.94
C TYR V 87 16.88 -4.27 -63.51
N HIS V 88 18.21 -4.11 -63.39
CA HIS V 88 18.74 -2.83 -62.93
C HIS V 88 18.57 -1.74 -63.97
N ARG V 89 18.62 -2.08 -65.26
CA ARG V 89 18.37 -1.07 -66.28
C ARG V 89 16.95 -0.54 -66.19
N TYR V 90 15.99 -1.41 -65.92
CA TYR V 90 14.61 -0.98 -65.73
C TYR V 90 14.35 -0.45 -64.33
N TRP V 91 15.17 -0.84 -63.34
CA TRP V 91 14.96 -0.35 -61.98
C TRP V 91 15.39 1.09 -61.83
N GLU V 92 16.52 1.47 -62.43
CA GLU V 92 16.96 2.86 -62.37
C GLU V 92 16.04 3.78 -63.18
N GLU V 93 15.33 3.25 -64.18
CA GLU V 93 14.33 4.00 -64.92
C GLU V 93 12.99 4.04 -64.20
N TYR V 94 12.80 3.23 -63.17
CA TYR V 94 11.54 3.14 -62.46
C TYR V 94 11.63 3.64 -61.03
N SER V 95 12.77 3.49 -60.36
CA SER V 95 12.93 4.07 -59.03
C SER V 95 12.89 5.59 -59.09
N LYS V 96 13.59 6.19 -60.06
CA LYS V 96 13.49 7.62 -60.28
C LYS V 96 12.17 7.99 -60.97
N GLY V 97 11.63 7.09 -61.77
CA GLY V 97 10.33 7.35 -62.39
C GLY V 97 9.22 7.42 -61.37
N ALA V 98 9.23 6.54 -60.38
CA ALA V 98 8.23 6.58 -59.33
C ALA V 98 8.37 7.84 -58.46
N ASP V 99 9.61 8.21 -58.13
CA ASP V 99 9.83 9.39 -57.30
C ASP V 99 9.43 10.66 -58.03
N TYR V 100 9.69 10.73 -59.34
CA TYR V 100 9.16 11.83 -60.14
C TYR V 100 7.64 11.78 -60.20
N MET V 101 7.08 10.57 -60.20
CA MET V 101 5.64 10.39 -60.25
C MET V 101 4.96 10.76 -58.94
N ASP V 102 5.63 10.53 -57.81
CA ASP V 102 5.10 10.95 -56.52
C ASP V 102 5.04 12.47 -56.39
N CYS V 103 5.79 13.20 -57.23
CA CYS V 103 5.69 14.65 -57.29
C CYS V 103 4.53 15.10 -58.16
N LEU V 104 4.32 14.43 -59.29
CA LEU V 104 3.19 14.78 -60.15
C LEU V 104 1.87 14.52 -59.46
N TYR V 105 1.79 13.45 -58.67
CA TYR V 105 0.60 13.10 -57.91
C TYR V 105 0.64 13.64 -56.49
N ARG V 106 1.26 14.80 -56.28
CA ARG V 106 1.37 15.37 -54.95
C ARG V 106 0.00 15.74 -54.39
N TYR V 107 -0.87 16.31 -55.22
CA TYR V 107 -2.19 16.70 -54.74
C TYR V 107 -3.04 15.48 -54.40
N LEU V 108 -2.99 14.43 -55.23
CA LEU V 108 -3.72 13.21 -54.92
C LEU V 108 -3.21 12.58 -53.63
N ASN V 109 -1.90 12.61 -53.42
CA ASN V 109 -1.31 12.03 -52.22
C ASN V 109 -1.76 12.75 -50.96
N THR V 110 -1.79 14.08 -50.99
CA THR V 110 -2.01 14.86 -49.79
C THR V 110 -3.47 15.27 -49.58
N GLN V 111 -4.36 15.03 -50.54
CA GLN V 111 -5.75 15.41 -50.40
C GLN V 111 -6.73 14.26 -50.56
N PHE V 112 -6.30 13.11 -51.09
CA PHE V 112 -7.16 11.94 -51.17
C PHE V 112 -6.59 10.73 -50.45
N ILE V 113 -5.32 10.40 -50.71
CA ILE V 113 -4.77 9.16 -50.17
C ILE V 113 -4.47 9.31 -48.68
N LYS V 114 -3.85 10.43 -48.28
CA LYS V 114 -3.56 10.64 -46.87
C LYS V 114 -4.83 10.87 -46.06
N LYS V 115 -5.88 11.40 -46.70
CA LYS V 115 -7.14 11.62 -46.01
C LYS V 115 -7.87 10.31 -45.77
N ASN V 116 -7.89 9.43 -46.76
CA ASN V 116 -8.56 8.14 -46.64
C ASN V 116 -7.59 7.07 -46.14
N PRO V 135 -6.20 2.00 -45.71
CA PRO V 135 -5.84 0.95 -46.68
C PRO V 135 -5.12 1.51 -47.90
N LEU V 136 -5.43 2.74 -48.28
CA LEU V 136 -4.80 3.35 -49.44
C LEU V 136 -3.35 3.70 -49.13
N MET V 137 -2.49 3.54 -50.13
CA MET V 137 -1.08 3.89 -50.01
C MET V 137 -0.72 4.90 -51.09
N GLU V 138 0.40 5.59 -50.86
CA GLU V 138 0.79 6.72 -51.68
C GLU V 138 1.04 6.29 -53.12
N ILE V 139 0.95 7.25 -54.03
CA ILE V 139 1.20 6.96 -55.44
C ILE V 139 2.66 6.56 -55.64
N GLY V 140 3.58 7.27 -54.99
CA GLY V 140 4.98 6.89 -55.05
C GLY V 140 5.34 5.71 -54.18
N GLU V 141 4.39 5.22 -53.36
CA GLU V 141 4.59 4.03 -52.55
C GLU V 141 4.03 2.78 -53.21
N LEU V 142 2.84 2.86 -53.83
CA LEU V 142 2.33 1.70 -54.55
C LEU V 142 3.15 1.42 -55.80
N ALA V 143 3.79 2.45 -56.37
CA ALA V 143 4.69 2.22 -57.49
C ALA V 143 5.85 1.32 -57.07
N LEU V 144 6.41 1.55 -55.90
CA LEU V 144 7.40 0.65 -55.33
C LEU V 144 6.77 -0.60 -54.72
N ASP V 145 5.44 -0.63 -54.58
CA ASP V 145 4.74 -1.83 -54.15
C ASP V 145 4.25 -2.66 -55.32
N MET V 146 3.90 -2.03 -56.44
CA MET V 146 3.67 -2.80 -57.66
C MET V 146 4.97 -3.39 -58.19
N TRP V 147 6.10 -2.72 -57.93
CA TRP V 147 7.39 -3.31 -58.28
C TRP V 147 7.74 -4.46 -57.35
N ARG V 148 7.36 -4.35 -56.07
CA ARG V 148 7.60 -5.46 -55.15
C ARG V 148 6.77 -6.67 -55.52
N LYS V 149 5.46 -6.49 -55.70
CA LYS V 149 4.55 -7.61 -55.86
C LYS V 149 4.56 -8.20 -57.27
N LEU V 150 5.09 -7.50 -58.26
CA LEU V 150 5.00 -7.95 -59.64
C LEU V 150 6.34 -8.02 -60.36
N MET V 151 7.42 -7.57 -59.76
CA MET V 151 8.69 -7.53 -60.48
C MET V 151 9.84 -8.21 -59.74
N VAL V 152 9.88 -8.10 -58.41
CA VAL V 152 10.96 -8.70 -57.65
C VAL V 152 10.52 -9.91 -56.83
N GLU V 153 9.26 -9.97 -56.42
CA GLU V 153 8.77 -11.14 -55.70
C GLU V 153 8.45 -12.28 -56.67
N PRO V 154 7.82 -12.05 -57.83
CA PRO V 154 7.81 -13.11 -58.84
C PRO V 154 9.19 -13.54 -59.30
N LEU V 155 10.11 -12.60 -59.44
CA LEU V 155 11.50 -12.91 -59.74
C LEU V 155 12.33 -13.04 -58.46
N GLN V 156 11.87 -13.86 -57.53
CA GLN V 156 12.58 -13.99 -56.26
C GLN V 156 13.67 -15.05 -56.36
N ALA V 157 13.30 -16.28 -56.68
CA ALA V 157 14.27 -17.36 -56.79
C ALA V 157 15.13 -17.25 -58.04
N ILE V 158 14.81 -16.35 -58.96
CA ILE V 158 15.63 -16.16 -60.14
C ILE V 158 16.63 -15.03 -59.94
N LEU V 159 16.29 -14.01 -59.16
CA LEU V 159 17.21 -12.90 -58.93
C LEU V 159 18.31 -13.27 -57.94
N ILE V 160 17.93 -13.77 -56.77
CA ILE V 160 18.92 -14.05 -55.73
C ILE V 160 19.83 -15.20 -56.17
N ARG V 161 19.29 -16.19 -56.89
CA ARG V 161 20.13 -17.26 -57.39
C ARG V 161 21.17 -16.73 -58.37
N MET V 162 20.77 -15.79 -59.24
CA MET V 162 21.74 -15.17 -60.12
C MET V 162 22.57 -14.13 -59.40
N LEU V 163 22.03 -13.49 -58.37
CA LEU V 163 22.81 -12.53 -57.58
C LEU V 163 23.93 -13.21 -56.82
N LEU V 164 23.61 -14.28 -56.09
CA LEU V 164 24.61 -14.95 -55.28
C LEU V 164 25.62 -15.70 -56.13
N ARG V 165 25.21 -16.13 -57.33
CA ARG V 165 26.16 -16.72 -58.27
C ARG V 165 27.18 -15.67 -58.74
N GLU V 166 26.72 -14.45 -59.00
CA GLU V 166 27.63 -13.40 -59.43
C GLU V 166 28.49 -12.89 -58.29
N ILE V 167 27.99 -12.94 -57.06
CA ILE V 167 28.81 -12.58 -55.91
C ILE V 167 29.90 -13.63 -55.68
N LYS V 168 29.55 -14.91 -55.83
CA LYS V 168 30.54 -15.98 -55.70
C LYS V 168 31.60 -15.89 -56.79
N ASN V 169 31.26 -15.31 -57.93
CA ASN V 169 32.27 -15.05 -58.95
C ASN V 169 33.29 -14.03 -58.46
N ASP V 170 32.84 -13.01 -57.73
CA ASP V 170 33.77 -12.05 -57.16
C ASP V 170 34.66 -12.70 -56.10
N ARG V 171 34.09 -13.61 -55.30
CA ARG V 171 34.90 -14.32 -54.31
C ARG V 171 35.87 -15.29 -54.95
N GLY V 172 35.64 -15.67 -56.21
CA GLY V 172 36.55 -16.52 -56.94
C GLY V 172 37.60 -15.77 -57.73
N GLY V 173 37.69 -14.46 -57.58
CA GLY V 173 38.69 -13.65 -58.26
C GLY V 173 38.16 -12.90 -59.48
N GLU V 174 37.01 -13.29 -60.01
CA GLU V 174 36.45 -12.61 -61.16
C GLU V 174 35.92 -11.24 -60.76
N ASP V 175 35.75 -10.37 -61.75
CA ASP V 175 35.25 -9.02 -61.53
C ASP V 175 33.91 -8.84 -62.21
N PRO V 176 32.80 -8.97 -61.49
CA PRO V 176 31.48 -8.77 -62.09
C PRO V 176 31.12 -7.29 -62.14
N ASN V 177 29.90 -7.02 -62.59
CA ASN V 177 29.41 -5.64 -62.67
C ASN V 177 29.06 -5.17 -61.27
N GLN V 178 29.83 -4.20 -60.76
CA GLN V 178 29.62 -3.73 -59.39
C GLN V 178 28.36 -2.89 -59.28
N LYS V 179 28.11 -2.02 -60.26
CA LYS V 179 26.94 -1.15 -60.20
C LYS V 179 25.64 -1.93 -60.36
N VAL V 180 25.64 -2.96 -61.20
CA VAL V 180 24.43 -3.74 -61.44
C VAL V 180 24.05 -4.55 -60.20
N ILE V 181 25.03 -5.24 -59.62
CA ILE V 181 24.75 -6.09 -58.47
C ILE V 181 24.41 -5.25 -57.24
N HIS V 182 25.13 -4.14 -57.03
CA HIS V 182 24.79 -3.25 -55.94
C HIS V 182 23.44 -2.59 -56.13
N GLY V 183 23.10 -2.24 -57.38
CA GLY V 183 21.81 -1.65 -57.65
C GLY V 183 20.66 -2.62 -57.40
N VAL V 184 20.82 -3.88 -57.80
CA VAL V 184 19.78 -4.87 -57.58
C VAL V 184 19.62 -5.15 -56.08
N ILE V 185 20.74 -5.21 -55.36
CA ILE V 185 20.67 -5.40 -53.90
C ILE V 185 20.03 -4.18 -53.26
N ASN V 186 20.35 -2.98 -53.74
CA ASN V 186 19.75 -1.76 -53.22
C ASN V 186 18.25 -1.72 -53.49
N SER V 187 17.80 -2.39 -54.55
CA SER V 187 16.38 -2.39 -54.87
C SER V 187 15.55 -3.17 -53.86
N PHE V 188 16.17 -3.95 -52.99
CA PHE V 188 15.41 -4.65 -51.96
C PHE V 188 15.09 -3.78 -50.76
N VAL V 189 15.86 -2.71 -50.54
CA VAL V 189 15.56 -1.76 -49.48
C VAL V 189 14.86 -0.51 -50.00
N HIS V 190 15.02 -0.17 -51.28
CA HIS V 190 14.41 1.04 -51.80
C HIS V 190 12.93 0.84 -52.14
N VAL V 191 12.46 -0.40 -52.24
CA VAL V 191 11.05 -0.67 -52.44
C VAL V 191 10.38 -0.79 -51.07
N GLU V 192 11.14 -0.49 -50.02
CA GLU V 192 10.67 -0.62 -48.65
C GLU V 192 10.81 0.67 -47.87
N GLN V 193 11.22 1.77 -48.52
CA GLN V 193 11.48 3.00 -47.80
C GLN V 193 10.18 3.64 -47.31
N TYR V 194 9.07 3.34 -47.97
CA TYR V 194 7.78 3.83 -47.49
C TYR V 194 7.16 2.94 -46.42
N LYS V 195 7.75 1.78 -46.15
CA LYS V 195 7.30 0.95 -45.04
C LYS V 195 7.94 1.43 -43.75
N LYS V 196 7.12 1.65 -42.73
CA LYS V 196 7.59 2.20 -41.47
C LYS V 196 7.77 1.16 -40.38
N LYS V 197 7.14 0.00 -40.49
CA LYS V 197 7.29 -1.05 -39.49
C LYS V 197 8.72 -1.54 -39.42
N PHE V 198 9.19 -2.15 -40.51
CA PHE V 198 10.58 -2.58 -40.64
C PHE V 198 11.02 -2.36 -42.08
N PRO V 199 11.74 -1.26 -42.37
CA PRO V 199 12.22 -1.05 -43.75
C PRO V 199 13.16 -2.14 -44.23
N LEU V 200 14.01 -2.67 -43.35
CA LEU V 200 14.89 -3.76 -43.75
C LEU V 200 14.34 -5.10 -43.28
N LYS V 201 13.18 -5.48 -43.79
CA LYS V 201 12.62 -6.81 -43.54
C LYS V 201 12.47 -7.62 -44.80
N PHE V 202 12.08 -6.98 -45.90
CA PHE V 202 12.10 -7.65 -47.21
C PHE V 202 13.52 -8.02 -47.60
N TYR V 203 14.44 -7.06 -47.48
CA TYR V 203 15.83 -7.33 -47.84
C TYR V 203 16.47 -8.36 -46.92
N GLN V 204 16.14 -8.30 -45.62
CA GLN V 204 16.72 -9.21 -44.65
C GLN V 204 16.17 -10.63 -44.75
N GLU V 205 15.10 -10.84 -45.53
CA GLU V 205 14.51 -12.16 -45.67
C GLU V 205 14.49 -12.69 -47.09
N ILE V 206 14.75 -11.85 -48.08
CA ILE V 206 14.77 -12.27 -49.48
C ILE V 206 16.20 -12.37 -50.02
N PHE V 207 17.07 -11.44 -49.65
CA PHE V 207 18.45 -11.47 -50.09
C PHE V 207 19.43 -11.87 -49.00
N GLU V 208 19.41 -11.17 -47.86
CA GLU V 208 20.45 -11.39 -46.86
C GLU V 208 20.36 -12.78 -46.24
N SER V 209 19.15 -13.24 -45.94
CA SER V 209 19.00 -14.59 -45.38
C SER V 209 19.50 -15.68 -46.32
N PRO V 210 19.16 -15.68 -47.62
CA PRO V 210 19.89 -16.59 -48.53
C PRO V 210 21.37 -16.28 -48.64
N PHE V 211 21.76 -15.01 -48.55
CA PHE V 211 23.18 -14.67 -48.61
C PHE V 211 23.92 -15.16 -47.37
N LEU V 212 23.38 -14.88 -46.18
CA LEU V 212 24.05 -15.27 -44.95
C LEU V 212 24.13 -16.79 -44.82
N THR V 213 23.07 -17.49 -45.22
CA THR V 213 23.10 -18.95 -45.16
C THR V 213 24.15 -19.51 -46.11
N GLU V 214 24.22 -19.00 -47.35
CA GLU V 214 25.16 -19.56 -48.31
C GLU V 214 26.59 -19.09 -48.06
N THR V 215 26.79 -17.86 -47.59
CA THR V 215 28.15 -17.45 -47.26
C THR V 215 28.68 -18.15 -46.02
N GLY V 216 27.79 -18.65 -45.16
CA GLY V 216 28.23 -19.50 -44.07
C GLY V 216 28.76 -20.83 -44.59
N GLU V 217 28.09 -21.41 -45.58
CA GLU V 217 28.55 -22.67 -46.15
C GLU V 217 29.76 -22.47 -47.05
N TYR V 218 29.85 -21.31 -47.73
CA TYR V 218 30.98 -21.07 -48.62
C TYR V 218 32.29 -20.96 -47.84
N TYR V 219 32.27 -20.28 -46.70
CA TYR V 219 33.43 -20.17 -45.84
C TYR V 219 33.53 -21.30 -44.81
N LYS V 220 32.53 -22.17 -44.72
CA LYS V 220 32.73 -23.41 -43.99
C LYS V 220 33.60 -24.37 -44.78
N GLN V 221 33.38 -24.45 -46.09
CA GLN V 221 34.23 -25.26 -46.95
C GLN V 221 35.57 -24.57 -47.20
N GLU V 222 35.56 -23.24 -47.30
CA GLU V 222 36.79 -22.50 -47.55
C GLU V 222 37.75 -22.62 -46.36
N ALA V 223 37.24 -22.49 -45.13
CA ALA V 223 38.09 -22.64 -43.96
C ALA V 223 38.62 -24.05 -43.83
N SER V 224 37.78 -25.05 -44.13
CA SER V 224 38.26 -26.43 -44.12
C SER V 224 39.27 -26.69 -45.22
N ASN V 225 39.15 -25.99 -46.36
CA ASN V 225 40.09 -26.19 -47.45
C ASN V 225 41.44 -25.56 -47.17
N LEU V 226 41.46 -24.42 -46.48
CA LEU V 226 42.73 -23.72 -46.26
C LEU V 226 43.62 -24.45 -45.27
N LEU V 227 43.04 -25.09 -44.25
CA LEU V 227 43.84 -25.78 -43.26
C LEU V 227 44.52 -27.01 -43.83
N GLN V 228 43.89 -27.67 -44.80
CA GLN V 228 44.48 -28.87 -45.39
C GLN V 228 45.73 -28.57 -46.22
N GLU V 229 45.90 -27.33 -46.66
CA GLU V 229 47.05 -26.94 -47.46
C GLU V 229 48.05 -26.08 -46.70
N SER V 230 47.60 -25.28 -45.75
CA SER V 230 48.46 -24.34 -45.04
C SER V 230 48.45 -24.64 -43.54
N ASN V 231 49.60 -24.46 -42.91
CA ASN V 231 49.70 -24.65 -41.47
C ASN V 231 49.19 -23.40 -40.76
N CYS V 232 49.09 -23.48 -39.42
CA CYS V 232 48.47 -22.43 -38.65
C CYS V 232 49.26 -21.13 -38.68
N SER V 233 50.57 -21.19 -38.97
CA SER V 233 51.38 -19.98 -39.01
C SER V 233 50.97 -19.10 -40.18
N GLN V 234 50.85 -19.67 -41.38
CA GLN V 234 50.40 -18.93 -42.55
C GLN V 234 48.90 -18.98 -42.74
N TYR V 235 48.17 -19.75 -41.93
CA TYR V 235 46.72 -19.72 -41.96
C TYR V 235 46.17 -18.37 -41.51
N MET V 236 46.91 -17.68 -40.63
CA MET V 236 46.48 -16.38 -40.14
C MET V 236 46.43 -15.36 -41.26
N GLU V 237 47.46 -15.33 -42.10
CA GLU V 237 47.50 -14.36 -43.20
C GLU V 237 46.44 -14.65 -44.24
N LYS V 238 46.13 -15.93 -44.47
CA LYS V 238 45.12 -16.28 -45.48
C LYS V 238 43.72 -15.91 -44.99
N VAL V 239 43.44 -16.12 -43.70
CA VAL V 239 42.15 -15.73 -43.16
C VAL V 239 42.01 -14.21 -43.16
N LEU V 240 43.03 -13.51 -42.66
CA LEU V 240 43.01 -12.05 -42.73
C LEU V 240 43.11 -11.54 -44.15
N GLY V 241 43.63 -12.35 -45.08
CA GLY V 241 43.58 -11.99 -46.49
C GLY V 241 42.19 -12.11 -47.08
N ARG V 242 41.29 -12.84 -46.41
CA ARG V 242 39.90 -12.97 -46.84
C ARG V 242 39.00 -11.95 -46.18
N LEU V 243 39.12 -11.76 -44.87
CA LEU V 243 38.32 -10.77 -44.17
C LEU V 243 38.62 -9.35 -44.65
N LYS V 244 39.87 -9.07 -45.00
CA LYS V 244 40.20 -7.78 -45.60
C LYS V 244 39.51 -7.62 -46.95
N ASP V 245 39.48 -8.70 -47.75
CA ASP V 245 38.77 -8.65 -49.02
C ASP V 245 37.25 -8.71 -48.80
N GLU V 246 36.80 -9.49 -47.82
CA GLU V 246 35.37 -9.59 -47.56
C GLU V 246 34.80 -8.25 -47.11
N GLU V 247 35.53 -7.53 -46.26
CA GLU V 247 35.09 -6.20 -45.85
C GLU V 247 35.03 -5.23 -47.02
N ILE V 248 35.82 -5.46 -48.06
CA ILE V 248 35.78 -4.63 -49.26
C ILE V 248 34.65 -5.06 -50.19
N ARG V 249 34.51 -6.37 -50.43
CA ARG V 249 33.47 -6.83 -51.34
C ARG V 249 32.08 -6.71 -50.74
N CYS V 250 31.98 -6.63 -49.41
CA CYS V 250 30.67 -6.46 -48.78
C CYS V 250 30.17 -5.03 -48.91
N ARG V 251 31.07 -4.06 -48.91
CA ARG V 251 30.68 -2.66 -49.02
C ARG V 251 30.55 -2.20 -50.47
N LYS V 252 30.90 -3.06 -51.43
CA LYS V 252 30.65 -2.75 -52.83
C LYS V 252 29.28 -3.23 -53.31
N TYR V 253 28.70 -4.22 -52.64
CA TYR V 253 27.44 -4.81 -53.07
C TYR V 253 26.31 -4.61 -52.06
N LEU V 254 26.53 -4.98 -50.81
CA LEU V 254 25.44 -5.13 -49.86
C LEU V 254 25.06 -3.80 -49.21
N HIS V 255 23.93 -3.82 -48.51
CA HIS V 255 23.48 -2.68 -47.73
C HIS V 255 24.42 -2.48 -46.54
N PRO V 256 24.59 -1.23 -46.08
CA PRO V 256 25.50 -0.99 -44.94
C PRO V 256 25.08 -1.68 -43.65
N SER V 257 23.81 -2.08 -43.51
CA SER V 257 23.40 -2.76 -42.29
C SER V 257 23.87 -4.20 -42.22
N SER V 258 24.22 -4.80 -43.37
CA SER V 258 24.71 -6.17 -43.40
C SER V 258 26.21 -6.27 -43.28
N TYR V 259 26.92 -5.16 -43.09
CA TYR V 259 28.37 -5.20 -43.00
C TYR V 259 28.83 -6.01 -41.79
N THR V 260 28.18 -5.82 -40.64
CA THR V 260 28.59 -6.51 -39.43
C THR V 260 28.02 -7.93 -39.34
N LYS V 261 26.88 -8.19 -40.00
CA LYS V 261 26.30 -9.53 -39.96
C LYS V 261 27.04 -10.50 -40.88
N VAL V 262 27.54 -10.01 -42.02
CA VAL V 262 28.28 -10.87 -42.93
C VAL V 262 29.62 -11.27 -42.32
N ILE V 263 30.35 -10.30 -41.77
CA ILE V 263 31.64 -10.59 -41.18
C ILE V 263 31.49 -11.48 -39.96
N HIS V 264 30.42 -11.27 -39.18
CA HIS V 264 30.13 -12.16 -38.07
C HIS V 264 29.88 -13.59 -38.53
N GLU V 265 29.41 -13.76 -39.76
CA GLU V 265 29.27 -15.08 -40.36
C GLU V 265 30.54 -15.54 -41.05
N CYS V 266 31.38 -14.59 -41.49
CA CYS V 266 32.65 -14.92 -42.12
C CYS V 266 33.76 -15.18 -41.11
N GLN V 267 33.46 -15.09 -39.81
CA GLN V 267 34.37 -15.49 -38.76
C GLN V 267 33.84 -16.65 -37.92
N GLN V 268 32.52 -16.75 -37.75
CA GLN V 268 31.95 -17.87 -37.01
C GLN V 268 32.20 -19.19 -37.72
N ARG V 269 32.12 -19.20 -39.05
CA ARG V 269 32.35 -20.40 -39.85
C ARG V 269 33.77 -20.50 -40.39
N MET V 270 34.62 -19.52 -40.11
CA MET V 270 35.99 -19.51 -40.60
C MET V 270 37.04 -19.47 -39.50
N VAL V 271 36.78 -18.77 -38.40
CA VAL V 271 37.70 -18.67 -37.27
C VAL V 271 37.16 -19.42 -36.06
N ALA V 272 35.91 -19.14 -35.68
CA ALA V 272 35.30 -19.84 -34.55
C ALA V 272 34.98 -21.30 -34.88
N ASP V 273 34.99 -21.67 -36.15
CA ASP V 273 34.73 -23.06 -36.52
C ASP V 273 35.89 -23.96 -36.10
N HIS V 274 37.11 -23.56 -36.43
CA HIS V 274 38.31 -24.25 -35.95
C HIS V 274 38.86 -23.56 -34.71
N LEU V 275 38.02 -23.47 -33.68
CA LEU V 275 38.45 -22.84 -32.44
C LEU V 275 39.51 -23.65 -31.73
N GLN V 276 39.34 -24.97 -31.68
CA GLN V 276 40.34 -25.83 -31.03
C GLN V 276 41.62 -25.89 -31.85
N PHE V 277 41.53 -25.74 -33.17
CA PHE V 277 42.73 -25.72 -34.00
C PHE V 277 43.60 -24.52 -33.69
N LEU V 278 42.98 -23.36 -33.48
CA LEU V 278 43.74 -22.18 -33.06
C LEU V 278 44.33 -22.37 -31.67
N HIS V 279 43.56 -22.95 -30.76
CA HIS V 279 44.01 -23.16 -29.39
C HIS V 279 45.01 -24.30 -29.26
N ALA V 280 45.22 -25.09 -30.32
CA ALA V 280 46.19 -26.16 -30.28
C ALA V 280 47.60 -25.68 -30.64
N GLU V 281 47.75 -24.41 -31.03
CA GLU V 281 49.04 -23.88 -31.43
C GLU V 281 49.35 -22.55 -30.74
N CYS V 282 48.39 -22.00 -29.98
CA CYS V 282 48.65 -20.77 -29.23
C CYS V 282 49.75 -20.98 -28.21
N HIS V 283 49.95 -22.22 -27.77
CA HIS V 283 51.08 -22.55 -26.91
C HIS V 283 52.40 -22.27 -27.63
N ASN V 284 52.55 -22.77 -28.85
CA ASN V 284 53.82 -22.63 -29.57
C ASN V 284 54.04 -21.19 -30.02
N ILE V 285 52.96 -20.45 -30.27
CA ILE V 285 53.07 -19.12 -30.86
C ILE V 285 53.71 -18.14 -29.88
N ILE V 286 53.25 -18.15 -28.62
CA ILE V 286 53.64 -17.11 -27.69
C ILE V 286 54.96 -17.46 -27.01
N ARG V 287 55.23 -18.75 -26.81
CA ARG V 287 56.47 -19.15 -26.14
C ARG V 287 57.70 -18.86 -26.99
N GLN V 288 57.57 -18.80 -28.31
CA GLN V 288 58.68 -18.45 -29.19
C GLN V 288 58.70 -16.97 -29.54
N GLU V 289 57.77 -16.18 -28.98
CA GLU V 289 57.65 -14.76 -29.24
C GLU V 289 57.50 -14.48 -30.74
N LYS V 290 56.62 -15.24 -31.38
CA LYS V 290 56.33 -15.08 -32.80
C LYS V 290 55.48 -13.83 -32.99
N LYS V 291 56.18 -12.68 -33.06
CA LYS V 291 55.55 -11.36 -33.03
C LYS V 291 54.54 -11.16 -34.14
N ASN V 292 54.90 -11.51 -35.37
CA ASN V 292 53.99 -11.34 -36.50
C ASN V 292 52.86 -12.37 -36.43
N ASP V 293 53.18 -13.58 -36.00
CA ASP V 293 52.21 -14.67 -35.98
C ASP V 293 51.32 -14.62 -34.74
N MET V 294 51.60 -13.69 -33.83
CA MET V 294 50.78 -13.52 -32.64
C MET V 294 49.80 -12.37 -32.74
N ALA V 295 50.18 -11.28 -33.41
CA ALA V 295 49.22 -10.19 -33.64
C ALA V 295 48.06 -10.65 -34.52
N ASN V 296 48.37 -11.41 -35.58
CA ASN V 296 47.31 -11.98 -36.41
C ASN V 296 46.51 -13.03 -35.66
N MET V 297 47.15 -13.77 -34.76
CA MET V 297 46.45 -14.75 -33.95
C MET V 297 45.49 -14.07 -32.98
N TYR V 298 45.85 -12.89 -32.48
CA TYR V 298 45.00 -12.17 -31.53
C TYR V 298 43.77 -11.59 -32.20
N VAL V 299 43.93 -10.96 -33.36
CA VAL V 299 42.79 -10.30 -34.01
C VAL V 299 41.76 -11.31 -34.49
N LEU V 300 42.12 -12.58 -34.63
CA LEU V 300 41.14 -13.60 -34.96
C LEU V 300 40.29 -13.97 -33.75
N LEU V 301 40.85 -13.91 -32.54
CA LEU V 301 40.11 -14.24 -31.34
C LEU V 301 39.34 -13.07 -30.75
N ARG V 302 39.61 -11.84 -31.23
CA ARG V 302 38.84 -10.70 -30.75
C ARG V 302 37.37 -10.82 -31.12
N ALA V 303 37.08 -11.24 -32.35
CA ALA V 303 35.70 -11.38 -32.78
C ALA V 303 35.02 -12.57 -32.12
N VAL V 304 35.74 -13.68 -31.97
CA VAL V 304 35.15 -14.88 -31.36
C VAL V 304 34.96 -14.63 -29.87
N SER V 305 33.78 -15.01 -29.37
CA SER V 305 33.42 -14.69 -27.98
C SER V 305 34.27 -15.46 -26.99
N THR V 306 34.42 -16.77 -27.18
CA THR V 306 35.11 -17.62 -26.21
C THR V 306 36.48 -18.06 -26.67
N GLY V 307 37.00 -17.51 -27.76
CA GLY V 307 38.32 -17.87 -28.23
C GLY V 307 39.43 -17.07 -27.60
N LEU V 308 39.13 -15.81 -27.25
CA LEU V 308 40.14 -14.95 -26.65
C LEU V 308 40.62 -15.41 -25.27
N PRO V 309 39.75 -15.79 -24.32
CA PRO V 309 40.26 -16.06 -22.95
C PRO V 309 41.28 -17.18 -22.86
N HIS V 310 41.28 -18.13 -23.81
CA HIS V 310 42.30 -19.18 -23.79
C HIS V 310 43.68 -18.60 -24.04
N MET V 311 43.79 -17.63 -24.95
CA MET V 311 45.07 -17.00 -25.22
C MET V 311 45.54 -16.17 -24.02
N ILE V 312 44.60 -15.53 -23.32
CA ILE V 312 44.95 -14.70 -22.17
C ILE V 312 45.53 -15.55 -21.04
N GLN V 313 44.86 -16.66 -20.73
CA GLN V 313 45.36 -17.56 -19.68
C GLN V 313 46.68 -18.20 -20.10
N GLU V 314 46.80 -18.54 -21.39
CA GLU V 314 48.03 -19.17 -21.86
C GLU V 314 49.21 -18.19 -21.82
N LEU V 315 48.96 -16.91 -22.09
CA LEU V 315 50.02 -15.92 -21.99
C LEU V 315 50.42 -15.70 -20.54
N GLN V 316 49.45 -15.76 -19.62
CA GLN V 316 49.75 -15.60 -18.20
C GLN V 316 50.72 -16.67 -17.71
N ASN V 317 50.71 -17.85 -18.34
CA ASN V 317 51.70 -18.86 -18.01
C ASN V 317 53.07 -18.53 -18.59
N HIS V 318 53.11 -17.77 -19.68
CA HIS V 318 54.39 -17.51 -20.33
C HIS V 318 55.23 -16.50 -19.54
N ILE V 319 54.61 -15.45 -19.01
CA ILE V 319 55.33 -14.56 -18.10
C ILE V 319 55.70 -15.30 -16.82
N HIS V 320 54.77 -16.13 -16.31
CA HIS V 320 55.04 -16.91 -15.11
C HIS V 320 56.18 -17.91 -15.32
N ASP V 321 56.45 -18.31 -16.56
CA ASP V 321 57.57 -19.19 -16.86
C ASP V 321 58.83 -18.44 -17.26
N GLU V 322 58.71 -17.39 -18.06
CA GLU V 322 59.88 -16.58 -18.39
C GLU V 322 60.36 -15.78 -17.20
N GLY V 323 59.45 -15.34 -16.33
CA GLY V 323 59.86 -14.59 -15.15
C GLY V 323 60.62 -15.44 -14.15
N LEU V 324 60.22 -16.70 -14.00
CA LEU V 324 60.88 -17.59 -13.04
C LEU V 324 62.31 -17.89 -13.43
N ARG V 325 62.63 -17.84 -14.73
CA ARG V 325 64.01 -18.03 -15.16
C ARG V 325 64.90 -16.90 -14.66
N ALA V 326 64.35 -15.70 -14.49
CA ALA V 326 65.13 -14.57 -13.99
C ALA V 326 65.54 -14.79 -12.54
N THR V 327 64.64 -15.33 -11.72
CA THR V 327 64.94 -15.51 -10.31
C THR V 327 65.52 -16.89 -10.03
N SER V 328 65.69 -17.72 -11.05
CA SER V 328 66.24 -19.06 -10.86
C SER V 328 67.73 -19.00 -10.60
N ASN V 329 68.49 -18.47 -11.55
CA ASN V 329 69.95 -18.35 -11.41
C ASN V 329 70.32 -16.98 -10.85
N LEU V 330 69.85 -16.73 -9.63
CA LEU V 330 70.11 -15.46 -8.95
C LEU V 330 71.58 -15.39 -8.53
N THR V 331 72.14 -14.19 -8.56
CA THR V 331 73.53 -13.99 -8.18
C THR V 331 73.58 -13.36 -6.79
N GLN V 332 74.33 -13.99 -5.88
CA GLN V 332 74.29 -13.57 -4.48
C GLN V 332 75.19 -12.36 -4.24
N GLU V 333 76.13 -12.09 -5.14
CA GLU V 333 77.03 -10.95 -4.94
C GLU V 333 76.27 -9.63 -5.15
N ASN V 334 75.25 -9.65 -6.00
CA ASN V 334 74.29 -8.55 -6.13
C ASN V 334 72.91 -9.18 -6.12
N MET V 335 72.43 -9.52 -4.92
CA MET V 335 71.18 -10.24 -4.76
C MET V 335 69.95 -9.34 -4.98
N PRO V 336 69.82 -8.17 -4.30
CA PRO V 336 68.59 -7.39 -4.50
C PRO V 336 68.57 -6.63 -5.82
N THR V 337 69.74 -6.24 -6.32
CA THR V 337 69.80 -5.45 -7.55
C THR V 337 69.32 -6.26 -8.75
N LEU V 338 69.73 -7.52 -8.85
CA LEU V 338 69.34 -8.34 -10.00
C LEU V 338 67.86 -8.71 -9.95
N PHE V 339 67.29 -8.86 -8.75
CA PHE V 339 65.88 -9.22 -8.65
C PHE V 339 64.98 -8.13 -9.21
N VAL V 340 65.25 -6.87 -8.87
CA VAL V 340 64.47 -5.77 -9.40
C VAL V 340 64.75 -5.57 -10.89
N GLU V 341 66.04 -5.60 -11.27
CA GLU V 341 66.41 -5.33 -12.65
C GLU V 341 65.85 -6.39 -13.61
N SER V 342 65.87 -7.65 -13.21
CA SER V 342 65.37 -8.72 -14.07
C SER V 342 63.86 -8.62 -14.25
N VAL V 343 63.15 -8.17 -13.21
CA VAL V 343 61.71 -7.97 -13.34
C VAL V 343 61.40 -6.86 -14.34
N LEU V 344 62.16 -5.76 -14.28
CA LEU V 344 62.02 -4.70 -15.27
C LEU V 344 62.37 -5.19 -16.67
N GLU V 345 63.30 -6.15 -16.77
CA GLU V 345 63.56 -6.78 -18.06
C GLU V 345 62.33 -7.56 -18.54
N VAL V 346 61.69 -8.29 -17.62
CA VAL V 346 60.47 -9.01 -17.97
C VAL V 346 59.31 -8.03 -18.18
N HIS V 347 59.17 -7.05 -17.28
CA HIS V 347 58.05 -6.11 -17.38
C HIS V 347 58.22 -5.16 -18.55
N GLY V 348 59.44 -4.64 -18.74
CA GLY V 348 59.68 -3.69 -19.81
C GLY V 348 59.60 -4.29 -21.20
N LYS V 349 59.72 -5.62 -21.31
CA LYS V 349 59.57 -6.29 -22.59
C LYS V 349 58.14 -6.73 -22.84
N PHE V 350 57.48 -7.32 -21.84
CA PHE V 350 56.14 -7.84 -22.04
C PHE V 350 55.11 -6.72 -22.20
N VAL V 351 55.35 -5.56 -21.57
CA VAL V 351 54.50 -4.40 -21.83
C VAL V 351 54.62 -3.98 -23.28
N GLN V 352 55.84 -4.01 -23.82
CA GLN V 352 56.04 -3.67 -25.23
C GLN V 352 55.30 -4.63 -26.15
N LEU V 353 55.41 -5.93 -25.88
CA LEU V 353 54.73 -6.93 -26.72
C LEU V 353 53.22 -6.74 -26.72
N ILE V 354 52.64 -6.48 -25.56
CA ILE V 354 51.21 -6.17 -25.47
C ILE V 354 50.88 -4.85 -26.18
N ASN V 355 51.86 -3.96 -26.33
CA ASN V 355 51.60 -2.65 -26.91
C ASN V 355 52.12 -2.44 -28.32
N THR V 356 52.98 -3.32 -28.85
CA THR V 356 53.52 -3.10 -30.19
C THR V 356 52.91 -4.00 -31.26
N VAL V 357 52.43 -5.19 -30.91
CA VAL V 357 51.73 -6.06 -31.84
C VAL V 357 50.30 -6.30 -31.42
N LEU V 358 50.04 -6.43 -30.13
CA LEU V 358 48.69 -6.44 -29.61
C LEU V 358 48.22 -5.01 -29.36
N ASN V 359 46.92 -4.83 -29.24
CA ASN V 359 46.42 -3.52 -28.85
C ASN V 359 46.52 -3.35 -27.33
N GLY V 360 46.18 -2.16 -26.86
CA GLY V 360 46.23 -1.90 -25.44
C GLY V 360 45.11 -2.57 -24.69
N ASP V 361 45.11 -3.91 -24.70
CA ASP V 361 44.05 -4.69 -24.08
C ASP V 361 44.32 -4.82 -22.59
N GLN V 362 43.38 -4.38 -21.76
CA GLN V 362 43.53 -4.49 -20.32
C GLN V 362 43.44 -5.94 -19.86
N HIS V 363 42.89 -6.83 -20.68
CA HIS V 363 42.83 -8.24 -20.33
C HIS V 363 44.23 -8.86 -20.32
N PHE V 364 45.04 -8.57 -21.33
CA PHE V 364 46.41 -9.05 -21.33
C PHE V 364 47.25 -8.34 -20.28
N MET V 365 46.99 -7.05 -20.06
CA MET V 365 47.70 -6.31 -19.02
C MET V 365 47.36 -6.86 -17.64
N SER V 366 46.10 -7.23 -17.43
CA SER V 366 45.74 -7.91 -16.18
C SER V 366 46.41 -9.27 -16.08
N ALA V 367 46.54 -9.97 -17.21
CA ALA V 367 47.26 -11.24 -17.21
C ALA V 367 48.73 -11.04 -16.87
N LEU V 368 49.35 -10.01 -17.44
CA LEU V 368 50.75 -9.71 -17.10
C LEU V 368 50.88 -9.29 -15.64
N ASP V 369 49.93 -8.50 -15.14
CA ASP V 369 49.96 -8.11 -13.73
C ASP V 369 49.78 -9.31 -12.82
N LYS V 370 48.87 -10.23 -13.18
CA LYS V 370 48.66 -11.43 -12.38
C LYS V 370 49.87 -12.35 -12.46
N ALA V 371 50.47 -12.48 -13.65
CA ALA V 371 51.61 -13.37 -13.81
C ALA V 371 52.84 -12.82 -13.09
N LEU V 372 53.10 -11.51 -13.22
CA LEU V 372 54.23 -10.92 -12.52
C LEU V 372 54.04 -10.91 -11.01
N THR V 373 52.78 -10.94 -10.54
CA THR V 373 52.54 -11.07 -9.11
C THR V 373 53.01 -12.42 -8.60
N SER V 374 52.75 -13.49 -9.35
CA SER V 374 53.10 -14.83 -8.89
C SER V 374 54.61 -15.02 -8.83
N VAL V 375 55.35 -14.54 -9.83
CA VAL V 375 56.80 -14.73 -9.84
C VAL V 375 57.46 -13.90 -8.75
N VAL V 376 56.95 -12.68 -8.51
CA VAL V 376 57.51 -11.86 -7.45
C VAL V 376 57.21 -12.47 -6.08
N ASN V 377 55.95 -12.87 -5.86
CA ASN V 377 55.56 -13.52 -4.61
C ASN V 377 55.84 -15.02 -4.65
N TYR V 378 57.08 -15.37 -4.97
CA TYR V 378 57.48 -16.78 -5.05
C TYR V 378 57.82 -17.29 -3.65
N ARG V 379 57.07 -18.27 -3.18
CA ARG V 379 57.29 -18.87 -1.87
C ARG V 379 57.92 -20.25 -2.07
N GLU V 380 59.10 -20.43 -1.50
CA GLU V 380 59.74 -21.74 -1.51
C GLU V 380 58.98 -22.70 -0.62
N PRO V 381 59.06 -24.01 -0.87
CA PRO V 381 58.36 -24.98 -0.02
C PRO V 381 58.81 -24.90 1.43
N LYS V 382 57.85 -24.67 2.32
CA LYS V 382 58.10 -24.52 3.76
C LYS V 382 59.10 -23.41 4.04
N SER V 383 59.00 -22.32 3.29
CA SER V 383 59.88 -21.17 3.47
C SER V 383 59.11 -19.90 3.12
N VAL V 384 59.58 -18.77 3.65
CA VAL V 384 58.94 -17.50 3.40
C VAL V 384 59.41 -16.93 2.07
N CYS V 385 58.60 -16.06 1.49
CA CYS V 385 58.96 -15.41 0.23
C CYS V 385 60.09 -14.42 0.47
N LYS V 386 61.08 -14.44 -0.43
CA LYS V 386 62.25 -13.58 -0.30
C LYS V 386 62.00 -12.17 -0.82
N ALA V 387 60.88 -11.93 -1.51
CA ALA V 387 60.64 -10.63 -2.12
C ALA V 387 60.57 -9.47 -1.14
N PRO V 388 59.84 -9.55 0.00
CA PRO V 388 59.78 -8.37 0.88
C PRO V 388 61.13 -7.89 1.40
N GLU V 389 62.04 -8.81 1.70
CA GLU V 389 63.38 -8.40 2.12
C GLU V 389 64.29 -8.11 0.93
N LEU V 390 64.03 -8.69 -0.23
CA LEU V 390 64.79 -8.36 -1.43
C LEU V 390 64.58 -6.91 -1.83
N LEU V 391 63.34 -6.43 -1.79
CA LEU V 391 63.05 -5.08 -2.21
C LEU V 391 63.49 -4.05 -1.18
N ALA V 392 63.43 -4.40 0.11
CA ALA V 392 63.91 -3.49 1.15
C ALA V 392 65.42 -3.29 1.04
N LYS V 393 66.17 -4.37 0.79
CA LYS V 393 67.61 -4.24 0.62
C LYS V 393 67.97 -3.47 -0.63
N TYR V 394 67.16 -3.59 -1.68
CA TYR V 394 67.45 -2.87 -2.93
C TYR V 394 67.37 -1.37 -2.73
N CYS V 395 66.40 -0.89 -1.95
CA CYS V 395 66.27 0.54 -1.71
C CYS V 395 67.47 1.07 -0.93
N ASP V 396 67.82 0.42 0.18
CA ASP V 396 68.93 0.91 1.00
C ASP V 396 70.25 0.82 0.25
N ASN V 397 70.46 -0.26 -0.52
CA ASN V 397 71.66 -0.37 -1.33
C ASN V 397 71.72 0.70 -2.41
N LEU V 398 70.60 1.35 -2.71
CA LEU V 398 70.54 2.39 -3.72
C LEU V 398 70.44 3.79 -3.12
N LEU V 399 69.96 3.93 -1.89
CA LEU V 399 69.85 5.22 -1.24
C LEU V 399 71.06 5.59 -0.40
N LYS V 400 72.05 4.69 -0.26
CA LYS V 400 73.27 5.04 0.44
C LYS V 400 74.12 6.01 -0.39
N LYS V 401 74.93 6.79 0.31
CA LYS V 401 75.97 7.60 -0.31
C LYS V 401 77.30 6.87 -0.37
N SER V 402 77.35 5.62 0.08
CA SER V 402 78.58 4.85 0.08
C SER V 402 79.01 4.53 -1.35
N ALA V 403 80.32 4.30 -1.51
CA ALA V 403 80.96 4.03 -2.80
C ALA V 403 80.68 5.25 -3.70
N LYS V 404 80.16 5.04 -4.90
CA LYS V 404 79.86 6.13 -5.82
C LYS V 404 78.40 6.06 -6.24
N GLY V 405 77.56 6.90 -5.62
CA GLY V 405 76.20 7.08 -6.06
C GLY V 405 76.16 7.75 -7.42
N MET V 406 75.09 7.46 -8.16
CA MET V 406 75.07 7.87 -9.56
C MET V 406 74.72 9.34 -9.71
N THR V 407 73.48 9.71 -9.40
CA THR V 407 72.96 11.07 -9.36
C THR V 407 71.52 10.99 -8.88
N GLU V 408 71.04 12.04 -8.21
CA GLU V 408 69.63 12.12 -7.88
C GLU V 408 68.77 12.19 -9.15
N ASN V 409 69.36 12.64 -10.25
CA ASN V 409 68.71 12.64 -11.55
C ASN V 409 68.43 11.21 -11.98
N GLU V 410 69.37 10.30 -11.70
CA GLU V 410 69.25 8.91 -12.11
C GLU V 410 68.68 8.01 -11.03
N VAL V 411 68.86 8.37 -9.75
CA VAL V 411 68.24 7.63 -8.66
C VAL V 411 66.72 7.68 -8.78
N GLU V 412 66.18 8.86 -9.09
CA GLU V 412 64.73 9.00 -9.24
C GLU V 412 64.19 8.14 -10.36
N ASP V 413 64.99 7.91 -11.41
CA ASP V 413 64.56 7.01 -12.48
C ASP V 413 64.55 5.56 -12.00
N ARG V 414 65.57 5.16 -11.23
CA ARG V 414 65.62 3.79 -10.72
C ARG V 414 64.50 3.54 -9.71
N LEU V 415 64.23 4.52 -8.84
CA LEU V 415 63.18 4.34 -7.85
C LEU V 415 61.80 4.33 -8.49
N THR V 416 61.61 5.08 -9.58
CA THR V 416 60.33 5.04 -10.28
C THR V 416 60.08 3.66 -10.88
N SER V 417 61.10 3.04 -11.45
CA SER V 417 60.97 1.68 -11.94
C SER V 417 60.84 0.67 -10.80
N PHE V 418 61.27 1.03 -9.59
CA PHE V 418 61.14 0.13 -8.46
C PHE V 418 59.67 -0.03 -8.04
N ILE V 419 58.86 1.02 -8.20
CA ILE V 419 57.47 0.98 -7.78
C ILE V 419 56.69 -0.08 -8.55
N THR V 420 57.10 -0.36 -9.80
CA THR V 420 56.47 -1.42 -10.56
C THR V 420 56.66 -2.78 -9.89
N VAL V 421 57.87 -3.03 -9.38
CA VAL V 421 58.12 -4.27 -8.65
C VAL V 421 57.34 -4.29 -7.34
N PHE V 422 57.34 -3.16 -6.62
CA PHE V 422 56.67 -3.09 -5.34
C PHE V 422 55.16 -3.22 -5.47
N LYS V 423 54.62 -2.82 -6.63
CA LYS V 423 53.17 -2.86 -6.81
C LYS V 423 52.64 -4.30 -6.79
N TYR V 424 53.45 -5.27 -7.17
CA TYR V 424 53.04 -6.67 -7.24
C TYR V 424 53.27 -7.42 -5.94
N ILE V 425 53.76 -6.76 -4.89
CA ILE V 425 54.02 -7.43 -3.63
C ILE V 425 52.70 -7.76 -2.94
N ASP V 426 52.54 -9.02 -2.55
CA ASP V 426 51.33 -9.43 -1.83
C ASP V 426 51.34 -8.89 -0.41
N ASP V 427 52.33 -9.31 0.38
CA ASP V 427 52.46 -8.88 1.77
C ASP V 427 53.35 -7.65 1.80
N LYS V 428 52.75 -6.48 1.57
CA LYS V 428 53.52 -5.23 1.62
C LYS V 428 53.82 -4.83 3.06
N ASP V 429 52.98 -5.25 4.00
CA ASP V 429 53.16 -4.84 5.40
C ASP V 429 54.46 -5.39 5.98
N VAL V 430 54.80 -6.64 5.68
CA VAL V 430 56.04 -7.21 6.19
C VAL V 430 57.24 -6.54 5.54
N PHE V 431 57.09 -6.05 4.30
CA PHE V 431 58.17 -5.30 3.67
C PHE V 431 58.46 -4.01 4.42
N GLN V 432 57.42 -3.37 4.96
CA GLN V 432 57.61 -2.16 5.75
C GLN V 432 58.45 -2.45 7.01
N LYS V 433 58.22 -3.60 7.63
CA LYS V 433 59.02 -3.99 8.79
C LYS V 433 60.49 -4.13 8.42
N PHE V 434 60.77 -4.75 7.27
CA PHE V 434 62.15 -4.79 6.77
C PHE V 434 62.63 -3.40 6.39
N TYR V 435 61.75 -2.57 5.82
CA TYR V 435 62.18 -1.24 5.40
C TYR V 435 62.36 -0.30 6.59
N ALA V 436 61.43 -0.32 7.56
CA ALA V 436 61.50 0.62 8.67
C ALA V 436 62.74 0.40 9.51
N ARG V 437 63.08 -0.86 9.79
CA ARG V 437 64.32 -1.15 10.52
C ARG V 437 65.53 -0.73 9.71
N MET V 438 65.50 -0.99 8.40
CA MET V 438 66.64 -0.65 7.55
C MET V 438 66.72 0.84 7.25
N LEU V 439 65.57 1.53 7.24
CA LEU V 439 65.59 2.98 7.16
C LEU V 439 66.12 3.60 8.45
N ALA V 440 65.81 2.98 9.59
CA ALA V 440 66.28 3.50 10.87
C ALA V 440 67.80 3.47 10.95
N LYS V 441 68.42 2.38 10.48
CA LYS V 441 69.88 2.31 10.47
C LYS V 441 70.48 3.36 9.56
N ARG V 442 69.86 3.59 8.40
CA ARG V 442 70.40 4.54 7.44
C ARG V 442 70.31 5.97 7.95
N LEU V 443 69.17 6.33 8.56
CA LEU V 443 68.90 7.74 8.86
C LEU V 443 69.74 8.26 10.02
N ILE V 444 69.88 7.47 11.10
CA ILE V 444 70.52 8.00 12.30
C ILE V 444 72.04 7.94 12.24
N HIS V 445 72.61 7.11 11.37
CA HIS V 445 74.06 7.03 11.25
C HIS V 445 74.64 8.13 10.36
N GLY V 446 73.79 8.98 9.78
CA GLY V 446 74.25 10.09 8.99
C GLY V 446 74.57 9.77 7.54
N LEU V 447 74.43 8.52 7.12
CA LEU V 447 74.70 8.13 5.74
C LEU V 447 73.40 8.17 4.94
N SER V 448 73.43 8.91 3.83
CA SER V 448 72.29 9.07 2.95
C SER V 448 72.76 9.78 1.70
N MET V 449 72.18 9.41 0.55
CA MET V 449 72.51 10.08 -0.70
C MET V 449 72.09 11.55 -0.64
N SER V 450 70.87 11.80 -0.15
CA SER V 450 70.34 13.14 0.08
C SER V 450 69.05 13.01 0.87
N MET V 451 68.75 14.05 1.65
CA MET V 451 67.48 14.07 2.38
C MET V 451 66.30 14.20 1.44
N ASP V 452 66.49 14.86 0.29
CA ASP V 452 65.41 14.99 -0.68
C ASP V 452 65.04 13.63 -1.28
N SER V 453 66.05 12.78 -1.54
CA SER V 453 65.77 11.45 -2.06
C SER V 453 65.03 10.60 -1.03
N GLU V 454 65.39 10.73 0.25
CA GLU V 454 64.66 10.03 1.30
C GLU V 454 63.22 10.51 1.38
N GLU V 455 63.01 11.83 1.28
CA GLU V 455 61.66 12.38 1.27
C GLU V 455 60.88 11.92 0.04
N ALA V 456 61.54 11.90 -1.12
CA ALA V 456 60.86 11.49 -2.35
C ALA V 456 60.48 10.03 -2.31
N MET V 457 61.33 9.18 -1.72
CA MET V 457 61.03 7.76 -1.65
C MET V 457 59.81 7.49 -0.77
N ILE V 458 59.74 8.12 0.39
CA ILE V 458 58.60 7.91 1.28
C ILE V 458 57.34 8.55 0.67
N ASN V 459 57.49 9.69 0.00
CA ASN V 459 56.36 10.32 -0.65
C ASN V 459 55.82 9.45 -1.79
N LYS V 460 56.70 8.80 -2.55
CA LYS V 460 56.26 7.96 -3.65
C LYS V 460 55.62 6.67 -3.15
N LEU V 461 56.09 6.14 -2.02
CA LEU V 461 55.42 5.00 -1.41
C LEU V 461 54.06 5.39 -0.86
N LYS V 462 53.90 6.65 -0.44
CA LYS V 462 52.61 7.11 0.07
C LYS V 462 51.53 7.10 -1.01
N GLN V 463 51.87 7.48 -2.23
CA GLN V 463 50.92 7.50 -3.33
C GLN V 463 50.85 6.16 -4.06
N ALA V 464 51.57 5.16 -3.58
CA ALA V 464 51.54 3.84 -4.19
C ALA V 464 50.93 2.78 -3.28
N CYS V 465 50.93 3.00 -1.97
CA CYS V 465 50.39 2.03 -1.02
C CYS V 465 49.55 2.68 0.07
N GLY V 466 49.45 4.01 0.10
CA GLY V 466 48.65 4.69 1.08
C GLY V 466 49.47 5.42 2.12
N TYR V 467 48.82 6.35 2.83
CA TYR V 467 49.50 7.13 3.84
C TYR V 467 49.79 6.31 5.08
N GLU V 468 48.87 5.41 5.45
CA GLU V 468 49.05 4.61 6.66
C GLU V 468 50.22 3.65 6.52
N PHE V 469 50.54 3.25 5.28
CA PHE V 469 51.73 2.44 5.05
C PHE V 469 53.00 3.22 5.38
N THR V 470 53.05 4.50 5.01
CA THR V 470 54.20 5.34 5.25
C THR V 470 53.98 6.33 6.39
N SER V 471 53.02 6.06 7.28
CA SER V 471 52.79 6.95 8.42
C SER V 471 53.99 6.98 9.35
N LYS V 472 54.56 5.81 9.63
CA LYS V 472 55.72 5.74 10.51
C LYS V 472 56.98 6.21 9.79
N LEU V 473 57.13 5.86 8.50
CA LEU V 473 58.31 6.24 7.76
C LEU V 473 58.39 7.75 7.57
N HIS V 474 57.26 8.39 7.29
CA HIS V 474 57.25 9.84 7.13
C HIS V 474 57.58 10.53 8.45
N ARG V 475 57.23 9.93 9.58
CA ARG V 475 57.61 10.49 10.88
C ARG V 475 59.11 10.36 11.09
N MET V 476 59.72 9.29 10.57
CA MET V 476 61.15 9.11 10.70
C MET V 476 61.91 10.22 9.99
N TYR V 477 61.48 10.57 8.77
CA TYR V 477 62.10 11.69 8.06
C TYR V 477 61.82 13.02 8.75
N THR V 478 60.59 13.19 9.26
CA THR V 478 60.23 14.43 9.94
C THR V 478 61.06 14.64 11.21
N ASP V 479 61.37 13.56 11.92
CA ASP V 479 62.19 13.67 13.13
C ASP V 479 63.58 14.20 12.81
N MET V 480 64.09 13.89 11.61
CA MET V 480 65.37 14.43 11.18
C MET V 480 65.23 15.90 10.80
N SER V 481 64.06 16.30 10.32
CA SER V 481 63.80 17.71 10.06
C SER V 481 63.70 18.50 11.36
N VAL V 482 63.09 17.90 12.38
CA VAL V 482 62.99 18.53 13.69
C VAL V 482 64.36 18.60 14.35
N SER V 483 65.24 17.64 14.01
CA SER V 483 66.57 17.52 14.58
C SER V 483 67.39 18.81 14.43
N ALA V 484 67.37 19.39 13.24
CA ALA V 484 68.02 20.68 13.03
C ALA V 484 67.33 21.76 13.84
N ASP V 485 66.00 21.71 13.90
CA ASP V 485 65.22 22.69 14.64
C ASP V 485 65.36 22.47 16.13
N LEU V 486 65.58 21.21 16.55
CA LEU V 486 65.75 20.94 17.97
C LEU V 486 67.15 21.34 18.45
N ASN V 487 68.17 21.10 17.63
CA ASN V 487 69.54 21.28 18.08
C ASN V 487 69.89 22.75 18.23
N ASN V 488 69.51 23.59 17.26
CA ASN V 488 69.88 25.00 17.33
C ASN V 488 69.15 25.71 18.47
N LYS V 489 67.90 25.31 18.75
CA LYS V 489 67.21 25.83 19.92
C LYS V 489 67.90 25.38 21.21
N PHE V 490 68.41 24.16 21.23
CA PHE V 490 69.20 23.71 22.37
C PHE V 490 70.49 24.51 22.49
N ASN V 491 71.16 24.77 21.37
CA ASN V 491 72.32 25.66 21.40
C ASN V 491 71.92 27.09 21.68
N ASN V 492 70.68 27.47 21.35
CA ASN V 492 70.17 28.77 21.81
C ASN V 492 69.90 28.73 23.30
N PHE V 493 69.43 27.59 23.81
CA PHE V 493 69.14 27.48 25.24
C PHE V 493 70.42 27.55 26.07
N ILE V 494 71.50 26.90 25.61
CA ILE V 494 72.75 26.91 26.37
C ILE V 494 73.38 28.29 26.40
N LYS V 495 73.09 29.14 25.41
CA LYS V 495 73.62 30.49 25.43
C LYS V 495 72.74 31.43 26.26
N ASN V 496 71.44 31.16 26.33
CA ASN V 496 70.53 31.94 27.17
C ASN V 496 70.42 31.34 28.57
N GLN V 497 71.56 31.13 29.21
CA GLN V 497 71.63 30.57 30.55
C GLN V 497 72.16 31.61 31.52
N ASP V 498 71.55 31.68 32.70
CA ASP V 498 71.97 32.64 33.71
C ASP V 498 73.40 32.36 34.16
N THR V 499 73.73 31.09 34.37
CA THR V 499 75.08 30.70 34.73
C THR V 499 75.81 30.14 33.51
N VAL V 500 77.14 30.23 33.54
CA VAL V 500 77.96 29.77 32.43
C VAL V 500 78.04 28.25 32.50
N ILE V 501 77.30 27.58 31.61
CA ILE V 501 77.27 26.12 31.54
C ILE V 501 77.82 25.72 30.18
N ASP V 502 78.89 24.93 30.18
CA ASP V 502 79.49 24.40 28.97
C ASP V 502 79.55 22.89 29.04
N LEU V 503 79.12 22.22 27.96
CA LEU V 503 79.12 20.77 27.95
C LEU V 503 80.51 20.18 27.75
N GLY V 504 81.37 20.89 27.04
CA GLY V 504 82.73 20.43 26.80
C GLY V 504 82.88 19.46 25.65
N ILE V 505 81.79 19.10 24.97
CA ILE V 505 81.83 18.15 23.85
C ILE V 505 80.87 18.65 22.79
N SER V 506 81.14 18.26 21.54
CA SER V 506 80.27 18.58 20.41
C SER V 506 79.02 17.71 20.50
N PHE V 507 78.10 18.14 21.36
CA PHE V 507 76.91 17.35 21.67
C PHE V 507 75.89 17.51 20.55
N GLN V 508 75.63 16.44 19.81
CA GLN V 508 74.61 16.42 18.77
C GLN V 508 73.50 15.47 19.17
N ILE V 509 72.27 15.95 19.14
CA ILE V 509 71.11 15.22 19.61
C ILE V 509 70.01 15.26 18.57
N TYR V 510 69.15 14.25 18.60
CA TYR V 510 67.89 14.27 17.86
C TYR V 510 66.90 13.37 18.58
N VAL V 511 65.70 13.89 18.82
CA VAL V 511 64.66 13.14 19.51
C VAL V 511 63.91 12.28 18.52
N LEU V 512 63.54 11.08 18.93
CA LEU V 512 62.90 10.11 18.05
C LEU V 512 61.58 9.68 18.67
N GLN V 513 60.52 9.70 17.87
CA GLN V 513 59.21 9.25 18.34
C GLN V 513 59.26 7.77 18.68
N ALA V 514 58.75 7.43 19.86
CA ALA V 514 58.80 6.04 20.31
C ALA V 514 57.77 5.18 19.59
N GLY V 515 56.64 5.75 19.20
CA GLY V 515 55.60 4.99 18.52
C GLY V 515 55.81 4.79 17.05
N ALA V 516 56.89 5.32 16.48
CA ALA V 516 57.17 5.18 15.06
C ALA V 516 58.47 4.42 14.79
N TRP V 517 59.54 4.75 15.51
CA TRP V 517 60.82 4.11 15.25
C TRP V 517 60.84 2.69 15.79
N PRO V 518 61.52 1.77 15.10
CA PRO V 518 61.65 0.39 15.58
C PRO V 518 62.87 0.14 16.46
N LEU V 519 63.55 1.19 16.92
CA LEU V 519 64.78 1.05 17.68
C LEU V 519 64.53 0.78 19.16
N THR V 520 63.27 0.67 19.58
CA THR V 520 62.97 0.39 20.99
C THR V 520 63.53 -0.95 21.42
N GLN V 521 63.07 -2.03 20.77
CA GLN V 521 63.51 -3.40 21.03
C GLN V 521 63.23 -3.73 22.50
N ALA V 522 64.23 -4.07 23.30
CA ALA V 522 64.04 -4.34 24.72
C ALA V 522 65.27 -3.88 25.48
N PRO V 523 65.33 -2.60 25.86
CA PRO V 523 66.50 -2.11 26.61
C PRO V 523 66.53 -2.62 28.04
N SER V 524 66.85 -3.90 28.21
CA SER V 524 66.91 -4.50 29.53
C SER V 524 68.23 -4.22 30.26
N SER V 525 69.20 -3.60 29.59
CA SER V 525 70.49 -3.31 30.20
C SER V 525 70.50 -1.87 30.69
N THR V 526 70.71 -1.69 31.99
CA THR V 526 70.82 -0.35 32.54
C THR V 526 72.19 0.26 32.19
N PHE V 527 72.30 1.56 32.41
CA PHE V 527 73.54 2.26 32.10
C PHE V 527 73.72 3.43 33.05
N ALA V 528 74.98 3.80 33.28
CA ALA V 528 75.33 4.94 34.12
C ALA V 528 76.55 5.61 33.50
N ILE V 529 76.32 6.64 32.71
CA ILE V 529 77.42 7.37 32.06
C ILE V 529 78.22 8.12 33.12
N PRO V 530 79.55 8.19 33.00
CA PRO V 530 80.32 9.00 33.95
C PRO V 530 80.16 10.50 33.73
N GLN V 531 80.94 11.29 34.48
CA GLN V 531 80.75 12.74 34.53
C GLN V 531 81.16 13.46 33.26
N GLU V 532 81.80 12.78 32.30
CA GLU V 532 82.15 13.44 31.04
C GLU V 532 80.90 13.85 30.29
N LEU V 533 79.91 12.96 30.22
CA LEU V 533 78.67 13.22 29.51
C LEU V 533 77.47 13.36 30.44
N GLU V 534 77.68 13.24 31.76
CA GLU V 534 76.58 13.39 32.71
C GLU V 534 76.03 14.81 32.69
N LYS V 535 76.91 15.81 32.55
CA LYS V 535 76.46 17.18 32.46
C LYS V 535 75.62 17.42 31.21
N SER V 536 76.05 16.84 30.09
CA SER V 536 75.31 17.03 28.83
C SER V 536 73.95 16.38 28.87
N VAL V 537 73.86 15.15 29.37
CA VAL V 537 72.58 14.44 29.40
C VAL V 537 71.64 15.08 30.41
N GLN V 538 72.16 15.59 31.53
CA GLN V 538 71.29 16.17 32.55
C GLN V 538 70.72 17.51 32.10
N MET V 539 71.56 18.36 31.51
CA MET V 539 71.11 19.69 31.12
C MET V 539 70.10 19.64 29.97
N PHE V 540 70.25 18.66 29.07
CA PHE V 540 69.31 18.53 27.97
C PHE V 540 67.90 18.19 28.46
N GLU V 541 67.79 17.50 29.60
CA GLU V 541 66.48 17.20 30.15
C GLU V 541 65.74 18.46 30.57
N LEU V 542 66.46 19.42 31.17
CA LEU V 542 65.83 20.69 31.54
C LEU V 542 65.34 21.45 30.32
N PHE V 543 66.13 21.45 29.24
CA PHE V 543 65.70 22.12 28.01
C PHE V 543 64.50 21.43 27.40
N TYR V 544 64.53 20.11 27.32
CA TYR V 544 63.48 19.40 26.60
C TYR V 544 62.18 19.35 27.39
N SER V 545 62.26 19.44 28.72
CA SER V 545 61.05 19.44 29.53
C SER V 545 60.30 20.76 29.43
N GLN V 546 61.02 21.86 29.20
CA GLN V 546 60.37 23.17 29.10
C GLN V 546 59.99 23.52 27.66
N HIS V 547 60.76 23.04 26.68
CA HIS V 547 60.40 23.29 25.29
C HIS V 547 59.16 22.48 24.89
N PHE V 548 59.10 21.23 25.32
CA PHE V 548 57.97 20.35 25.06
C PHE V 548 57.44 19.82 26.39
N SER V 549 56.13 19.93 26.59
CA SER V 549 55.50 19.62 27.86
C SER V 549 54.93 18.20 27.83
N GLY V 550 55.21 17.43 28.88
CA GLY V 550 54.67 16.10 29.01
C GLY V 550 55.43 15.00 28.33
N ARG V 551 56.61 15.29 27.76
CA ARG V 551 57.40 14.31 27.04
C ARG V 551 58.60 13.90 27.87
N LYS V 552 58.79 12.60 28.02
CA LYS V 552 59.93 12.05 28.74
C LYS V 552 60.92 11.45 27.74
N LEU V 553 62.19 11.54 28.07
CA LEU V 553 63.26 11.12 27.18
C LEU V 553 63.80 9.77 27.60
N THR V 554 63.80 8.82 26.67
CA THR V 554 64.43 7.52 26.85
C THR V 554 65.65 7.47 25.96
N TRP V 555 66.82 7.22 26.55
CA TRP V 555 68.09 7.33 25.85
C TRP V 555 68.54 5.94 25.41
N LEU V 556 68.75 5.77 24.10
CA LEU V 556 69.29 4.53 23.55
C LEU V 556 70.81 4.64 23.59
N HIS V 557 71.38 4.24 24.73
CA HIS V 557 72.81 4.43 24.97
C HIS V 557 73.69 3.60 24.04
N TYR V 558 73.13 2.59 23.37
CA TYR V 558 73.90 1.73 22.49
C TYR V 558 73.79 2.13 21.02
N LEU V 559 73.17 3.28 20.73
CA LEU V 559 73.32 3.92 19.42
C LEU V 559 74.09 5.23 19.47
N CYS V 560 74.48 5.70 20.65
CA CYS V 560 75.16 6.98 20.78
C CYS V 560 76.64 6.79 20.51
N THR V 561 77.12 7.39 19.42
CA THR V 561 78.52 7.32 19.03
C THR V 561 79.16 8.70 19.25
N GLY V 562 80.31 8.70 19.91
CA GLY V 562 80.98 9.95 20.23
C GLY V 562 82.43 9.94 19.82
N GLU V 563 82.92 11.12 19.45
CA GLU V 563 84.32 11.33 19.10
C GLU V 563 85.02 11.89 20.33
N VAL V 564 85.74 11.02 21.03
CA VAL V 564 86.45 11.38 22.26
C VAL V 564 87.90 11.70 21.92
N LYS V 565 88.49 12.65 22.63
CA LYS V 565 89.87 13.04 22.42
C LYS V 565 90.79 11.93 22.91
N MET V 566 91.34 11.17 21.97
CA MET V 566 92.25 10.07 22.27
C MET V 566 93.66 10.62 22.18
N ASN V 567 94.22 11.04 23.31
CA ASN V 567 95.54 11.68 23.32
C ASN V 567 96.42 11.21 24.48
N TYR V 568 96.16 10.04 25.05
CA TYR V 568 97.00 9.54 26.13
C TYR V 568 98.35 9.04 25.64
N LEU V 569 98.48 8.76 24.35
CA LEU V 569 99.72 8.27 23.76
C LEU V 569 100.41 9.40 22.99
N GLY V 570 101.49 9.05 22.30
CA GLY V 570 102.28 10.07 21.63
C GLY V 570 101.55 10.76 20.50
N LYS V 571 100.82 10.00 19.68
CA LYS V 571 100.09 10.57 18.57
C LYS V 571 98.61 10.66 18.88
N PRO V 572 97.98 11.82 18.73
CA PRO V 572 96.53 11.97 19.01
C PRO V 572 95.65 11.37 17.91
N TYR V 573 95.43 10.07 17.98
CA TYR V 573 94.57 9.39 17.03
C TYR V 573 93.10 9.75 17.28
N VAL V 574 92.30 9.60 16.23
CA VAL V 574 90.87 9.86 16.29
C VAL V 574 90.14 8.57 15.95
N ALA V 575 89.26 8.13 16.84
CA ALA V 575 88.54 6.88 16.69
C ALA V 575 87.05 7.09 16.94
N MET V 576 86.24 6.29 16.26
CA MET V 576 84.78 6.32 16.41
C MET V 576 84.36 5.16 17.30
N VAL V 577 83.81 5.47 18.47
CA VAL V 577 83.35 4.46 19.42
C VAL V 577 81.96 4.85 19.91
N THR V 578 81.22 3.85 20.37
CA THR V 578 79.90 4.07 20.93
C THR V 578 80.00 4.40 22.42
N THR V 579 78.86 4.81 23.00
CA THR V 579 78.81 5.08 24.43
C THR V 579 79.04 3.79 25.23
N TYR V 580 78.58 2.66 24.70
CA TYR V 580 78.93 1.37 25.31
C TYR V 580 80.44 1.15 25.27
N GLN V 581 81.08 1.52 24.16
CA GLN V 581 82.53 1.48 24.08
C GLN V 581 83.18 2.63 24.83
N MET V 582 82.49 3.76 24.97
CA MET V 582 83.06 4.91 25.65
C MET V 582 83.25 4.64 27.14
N ALA V 583 82.33 3.90 27.75
CA ALA V 583 82.42 3.65 29.19
C ALA V 583 83.67 2.84 29.53
N VAL V 584 84.00 1.85 28.70
CA VAL V 584 85.24 1.11 28.89
C VAL V 584 86.45 2.01 28.65
N LEU V 585 86.40 2.83 27.59
CA LEU V 585 87.54 3.67 27.25
C LEU V 585 87.72 4.80 28.26
N LEU V 586 86.63 5.42 28.70
CA LEU V 586 86.74 6.57 29.60
C LEU V 586 87.38 6.20 30.93
N ALA V 587 87.07 5.02 31.45
CA ALA V 587 87.73 4.55 32.66
C ALA V 587 89.24 4.42 32.45
N PHE V 588 89.66 4.10 31.23
CA PHE V 588 91.08 3.95 30.95
C PHE V 588 91.77 5.27 30.64
N ASN V 589 91.02 6.28 30.16
CA ASN V 589 91.63 7.57 29.84
C ASN V 589 92.16 8.24 31.10
N ASN V 590 91.41 8.19 32.20
CA ASN V 590 91.85 8.82 33.44
C ASN V 590 92.99 8.03 34.07
N SER V 591 92.87 6.71 34.12
CA SER V 591 93.89 5.85 34.69
C SER V 591 94.16 4.70 33.72
N GLU V 592 95.42 4.53 33.33
CA GLU V 592 95.78 3.53 32.33
C GLU V 592 95.67 2.10 32.82
N THR V 593 95.53 1.89 34.13
CA THR V 593 95.45 0.55 34.72
C THR V 593 94.10 0.41 35.41
N VAL V 594 93.16 -0.25 34.75
CA VAL V 594 91.81 -0.47 35.28
C VAL V 594 91.52 -1.96 35.21
N SER V 595 91.09 -2.53 36.33
CA SER V 595 90.75 -3.95 36.37
C SER V 595 89.37 -4.20 35.75
N TYR V 596 89.18 -5.44 35.30
CA TYR V 596 87.90 -5.81 34.70
C TYR V 596 86.80 -5.90 35.75
N LYS V 597 87.15 -6.17 37.01
CA LYS V 597 86.15 -6.24 38.07
C LYS V 597 85.48 -4.89 38.27
N GLU V 598 86.25 -3.80 38.24
CA GLU V 598 85.67 -2.48 38.36
C GLU V 598 84.90 -2.08 37.10
N LEU V 599 85.37 -2.52 35.93
CA LEU V 599 84.72 -2.15 34.68
C LEU V 599 83.32 -2.74 34.58
N GLN V 600 83.15 -3.99 35.01
CA GLN V 600 81.84 -4.65 34.90
C GLN V 600 80.84 -4.11 35.91
N ASP V 601 81.30 -3.38 36.93
CA ASP V 601 80.40 -2.83 37.94
C ASP V 601 80.15 -1.34 37.75
N SER V 602 81.12 -0.60 37.19
CA SER V 602 80.92 0.83 36.97
C SER V 602 79.90 1.09 35.88
N THR V 603 79.89 0.26 34.84
CA THR V 603 78.97 0.47 33.72
C THR V 603 77.54 0.09 34.09
N GLN V 604 77.37 -0.84 35.04
CA GLN V 604 76.05 -1.28 35.50
C GLN V 604 75.19 -1.81 34.35
N MET V 605 75.82 -2.58 33.46
CA MET V 605 75.13 -3.14 32.30
C MET V 605 75.48 -4.64 32.21
N ASN V 606 74.91 -5.29 31.18
CA ASN V 606 74.92 -6.75 31.14
C ASN V 606 76.33 -7.32 30.98
N GLU V 607 76.51 -8.55 31.45
CA GLU V 607 77.83 -9.16 31.51
C GLU V 607 78.21 -9.89 30.22
N LYS V 608 77.23 -10.47 29.52
CA LYS V 608 77.56 -11.25 28.33
C LYS V 608 78.04 -10.37 27.18
N GLU V 609 77.54 -9.15 27.09
CA GLU V 609 77.94 -8.26 26.01
C GLU V 609 79.29 -7.60 26.28
N LEU V 610 79.73 -7.60 27.54
CA LEU V 610 81.06 -7.07 27.88
C LEU V 610 82.17 -7.93 27.28
N THR V 611 81.90 -9.21 27.04
CA THR V 611 82.89 -10.07 26.41
C THR V 611 83.22 -9.60 25.00
N LYS V 612 82.21 -9.19 24.24
CA LYS V 612 82.40 -8.68 22.90
C LYS V 612 82.57 -7.16 22.87
N THR V 613 82.30 -6.46 23.97
CA THR V 613 82.49 -5.02 24.00
C THR V 613 83.97 -4.66 23.86
N ILE V 614 84.82 -5.26 24.69
CA ILE V 614 86.23 -4.97 24.64
C ILE V 614 86.97 -5.80 23.60
N LYS V 615 86.34 -6.90 23.13
CA LYS V 615 86.95 -7.69 22.08
C LYS V 615 87.08 -6.90 20.79
N SER V 616 86.10 -6.04 20.49
CA SER V 616 86.19 -5.18 19.32
C SER V 616 87.34 -4.17 19.44
N LEU V 617 87.61 -3.70 20.66
CA LEU V 617 88.73 -2.79 20.85
C LEU V 617 90.07 -3.47 20.62
N LEU V 618 90.20 -4.73 21.06
CA LEU V 618 91.40 -5.50 20.79
C LEU V 618 91.53 -5.92 19.33
N ASP V 619 90.45 -5.84 18.56
CA ASP V 619 90.57 -6.08 17.12
C ASP V 619 91.42 -5.00 16.45
N VAL V 620 91.25 -3.75 16.89
CA VAL V 620 92.08 -2.65 16.42
C VAL V 620 93.20 -2.33 17.41
N LYS V 621 93.33 -3.12 18.48
CA LYS V 621 94.38 -2.98 19.48
C LYS V 621 94.29 -1.63 20.21
N MET V 622 93.10 -1.35 20.75
CA MET V 622 92.95 -0.19 21.62
C MET V 622 93.55 -0.45 22.99
N ILE V 623 93.33 -1.65 23.54
CA ILE V 623 93.75 -2.01 24.89
C ILE V 623 94.55 -3.29 24.83
N ASN V 624 95.72 -3.30 25.46
CA ASN V 624 96.52 -4.53 25.51
C ASN V 624 95.81 -5.57 26.36
N HIS V 625 96.01 -6.84 25.99
CA HIS V 625 95.52 -7.98 26.76
C HIS V 625 96.53 -8.24 27.87
N ASP V 626 96.38 -7.47 28.96
CA ASP V 626 97.32 -7.57 30.06
C ASP V 626 97.23 -8.92 30.76
N SER V 627 96.06 -9.53 30.78
CA SER V 627 95.90 -10.85 31.37
C SER V 627 96.50 -11.92 30.45
N GLU V 628 96.68 -13.11 31.00
CA GLU V 628 97.24 -14.22 30.25
C GLU V 628 96.19 -15.15 29.66
N LYS V 629 94.98 -15.16 30.20
CA LYS V 629 93.93 -16.01 29.66
C LYS V 629 93.45 -15.47 28.31
N GLU V 630 93.31 -16.39 27.34
CA GLU V 630 92.81 -15.99 26.03
C GLU V 630 91.37 -15.51 26.10
N ASP V 631 90.52 -16.21 26.85
CA ASP V 631 89.15 -15.79 27.03
C ASP V 631 89.08 -14.62 28.00
N ILE V 632 88.33 -13.59 27.64
CA ILE V 632 88.18 -12.40 28.46
C ILE V 632 87.06 -12.63 29.44
N ASP V 633 87.36 -12.46 30.74
CA ASP V 633 86.40 -12.70 31.80
C ASP V 633 86.53 -11.60 32.85
N ALA V 634 85.90 -11.83 34.01
CA ALA V 634 85.91 -10.84 35.07
C ALA V 634 87.30 -10.64 35.67
N GLU V 635 88.11 -11.70 35.72
CA GLU V 635 89.43 -11.61 36.33
C GLU V 635 90.44 -10.88 35.44
N SER V 636 90.19 -10.82 34.13
CA SER V 636 91.18 -10.33 33.19
C SER V 636 91.35 -8.81 33.25
N SER V 637 92.19 -8.34 34.18
CA SER V 637 92.50 -6.93 34.25
C SER V 637 93.36 -6.52 33.07
N PHE V 638 93.03 -5.38 32.47
CA PHE V 638 93.65 -4.92 31.23
C PHE V 638 94.31 -3.55 31.43
N SER V 639 95.16 -3.20 30.47
CA SER V 639 95.83 -1.91 30.44
C SER V 639 95.95 -1.43 29.00
N LEU V 640 96.02 -0.11 28.83
CA LEU V 640 96.04 0.49 27.50
C LEU V 640 97.32 0.15 26.74
N ASN V 641 97.28 0.41 25.44
CA ASN V 641 98.37 0.08 24.53
C ASN V 641 99.13 1.35 24.16
N MET V 642 100.39 1.42 24.57
CA MET V 642 101.27 2.52 24.19
C MET V 642 101.89 2.32 22.80
N ASN V 643 101.80 1.13 22.23
CA ASN V 643 102.42 0.81 20.96
C ASN V 643 101.44 0.85 19.79
N PHE V 644 100.25 1.38 19.99
CA PHE V 644 99.25 1.40 18.93
C PHE V 644 99.66 2.36 17.82
N SER V 645 99.47 1.93 16.57
CA SER V 645 99.75 2.75 15.41
C SER V 645 98.65 2.53 14.39
N SER V 646 98.25 3.63 13.72
CA SER V 646 97.21 3.58 12.70
C SER V 646 97.69 4.31 11.45
N LYS V 647 97.26 3.80 10.29
CA LYS V 647 97.65 4.42 9.03
C LYS V 647 96.96 5.77 8.84
N ARG V 648 95.73 5.91 9.31
CA ARG V 648 94.95 7.12 9.16
C ARG V 648 94.75 7.78 10.52
N THR V 649 94.79 9.12 10.53
CA THR V 649 94.53 9.86 11.77
C THR V 649 93.10 9.66 12.25
N LYS V 650 92.14 9.67 11.34
CA LYS V 650 90.73 9.50 11.65
C LYS V 650 90.26 8.16 11.11
N PHE V 651 89.71 7.32 12.00
CA PHE V 651 89.24 6.01 11.59
C PHE V 651 88.03 5.63 12.44
N LYS V 652 87.24 4.69 11.93
CA LYS V 652 86.07 4.18 12.61
C LYS V 652 86.33 2.75 13.07
N ILE V 653 86.03 2.46 14.33
CA ILE V 653 86.23 1.14 14.90
C ILE V 653 84.97 0.33 14.68
N THR V 654 85.11 -0.82 14.01
CA THR V 654 83.97 -1.68 13.72
C THR V 654 84.00 -2.93 14.59
ZN ZN W . 22.85 -18.66 41.91
ZN ZN X . -50.64 1.27 -4.98
ZN ZN Y . -48.93 5.71 -10.39
ZN ZN Z . -51.65 19.15 -12.00
ZN ZN AA . -28.21 29.67 -33.83
ZN ZN BA . 44.19 13.81 16.71
ZN ZN CA . 42.51 9.03 21.08
ZN ZN DA . 40.48 9.46 34.98
#